data_4E5T
#
_entry.id   4E5T
#
_cell.length_a   98.900
_cell.length_b   156.880
_cell.length_c   218.240
_cell.angle_alpha   90.000
_cell.angle_beta   90.000
_cell.angle_gamma   90.000
#
_symmetry.space_group_name_H-M   'P 21 21 21'
#
loop_
_entity.id
_entity.type
_entity.pdbx_description
1 polymer 'Mandelate racemase / muconate lactonizing enzyme, C-terminal domain protein'
2 non-polymer 'MAGNESIUM ION'
3 water water
#
_entity_poly.entity_id   1
_entity_poly.type   'polypeptide(L)'
_entity_poly.pdbx_seq_one_letter_code
;SMRLSDIETFVVGNPPPRHGGRYFIFVKLVTACGITGYGEIYNATFGPDLVAKMAEDVFARQFAGEDPHHIEKLWHKTYG
AGYTQRPDVTVMGVLSGLEMACWDIIGKAAGKPAYELLGGKVHERLRSYTYLYPTDGDVYPDPDKPNVYNDADMAAEAAA
KAVDQGFTAVKFDPAGAYTIYDGHQPSLEDLERSEAFCKQIRAAVGTKADLLFGTHGQFTVSGAKRLARRLEAYDPLWFE
EPIPPEKPEDMAEVARYTSIPVATGERLCTKYEFSRVLETGAASILQMNLGRVGGLLEAKKIAAMAECHSAQIAPHLYCG
PLVALANIQLATCSPNFLVLESIRTFDGFFAELLTTPIRWENGYIIPSQEPGLGHDLNEDVARANPYTGSDLHLGFQETP
ALPL
;
_entity_poly.pdbx_strand_id   A,B,C,D,E,F,G,H
#
# COMPACT_ATOMS: atom_id res chain seq x y z
N MET A 2 18.72 -47.73 -11.01
CA MET A 2 17.71 -47.33 -11.99
C MET A 2 18.13 -46.08 -12.78
N ARG A 3 18.10 -46.18 -14.10
CA ARG A 3 18.46 -45.05 -14.94
C ARG A 3 17.64 -44.97 -16.23
N LEU A 4 17.21 -43.76 -16.58
CA LEU A 4 16.49 -43.56 -17.85
C LEU A 4 17.47 -43.75 -18.98
N SER A 5 17.00 -44.43 -20.03
CA SER A 5 17.90 -44.90 -21.08
C SER A 5 17.50 -44.41 -22.45
N ASP A 6 16.20 -44.41 -22.69
CA ASP A 6 15.69 -44.26 -24.04
C ASP A 6 14.38 -43.49 -24.06
N ILE A 7 14.22 -42.71 -25.11
CA ILE A 7 13.01 -41.95 -25.34
C ILE A 7 12.51 -42.27 -26.75
N GLU A 8 11.19 -42.40 -26.88
CA GLU A 8 10.56 -42.32 -28.18
C GLU A 8 9.53 -41.18 -28.08
N THR A 9 9.36 -40.44 -29.17
CA THR A 9 8.31 -39.41 -29.23
C THR A 9 7.29 -39.82 -30.27
N PHE A 10 6.08 -39.32 -30.07
CA PHE A 10 4.97 -39.60 -30.97
C PHE A 10 4.25 -38.29 -31.23
N VAL A 11 4.08 -37.96 -32.49
CA VAL A 11 3.24 -36.86 -32.88
C VAL A 11 2.03 -37.49 -33.51
N VAL A 12 0.87 -37.31 -32.88
CA VAL A 12 -0.34 -38.01 -33.30
C VAL A 12 -1.43 -37.03 -33.72
N GLY A 13 -1.83 -37.09 -34.99
CA GLY A 13 -2.93 -36.26 -35.47
C GLY A 13 -4.26 -36.72 -34.88
N ASN A 14 -5.13 -35.77 -34.57
CA ASN A 14 -6.42 -36.08 -33.94
C ASN A 14 -7.46 -36.16 -35.04
N PRO A 15 -8.20 -37.27 -35.10
CA PRO A 15 -9.19 -37.37 -36.17
C PRO A 15 -10.46 -36.59 -35.86
N PRO A 16 -11.30 -36.37 -36.89
CA PRO A 16 -12.66 -35.84 -36.75
C PRO A 16 -13.40 -36.52 -35.60
N PRO A 17 -14.13 -35.72 -34.81
CA PRO A 17 -14.39 -34.32 -35.10
C PRO A 17 -13.34 -33.39 -34.48
N ARG A 18 -12.15 -33.94 -34.20
CA ARG A 18 -11.01 -33.16 -33.73
C ARG A 18 -11.29 -32.31 -32.49
N HIS A 19 -12.15 -32.80 -31.60
CA HIS A 19 -12.31 -32.14 -30.30
C HIS A 19 -10.99 -32.31 -29.54
N GLY A 20 -10.59 -31.26 -28.83
CA GLY A 20 -9.34 -31.28 -28.09
C GLY A 20 -8.14 -30.90 -28.94
N GLY A 21 -8.39 -30.40 -30.15
CA GLY A 21 -7.32 -29.88 -30.98
C GLY A 21 -6.74 -30.78 -32.07
N ARG A 22 -5.77 -30.22 -32.80
CA ARG A 22 -5.32 -30.79 -34.07
C ARG A 22 -4.36 -31.97 -33.93
N TYR A 23 -3.56 -32.00 -32.86
CA TYR A 23 -2.57 -33.05 -32.69
C TYR A 23 -2.15 -33.20 -31.23
N PHE A 24 -1.58 -34.35 -30.88
CA PHE A 24 -1.07 -34.59 -29.52
C PHE A 24 0.40 -34.92 -29.59
N ILE A 25 1.16 -34.56 -28.56
CA ILE A 25 2.57 -34.94 -28.54
C ILE A 25 2.89 -35.87 -27.36
N PHE A 26 3.22 -37.11 -27.67
CA PHE A 26 3.44 -38.09 -26.61
C PHE A 26 4.91 -38.38 -26.46
N VAL A 27 5.32 -38.72 -25.24
CA VAL A 27 6.67 -39.23 -25.02
C VAL A 27 6.63 -40.61 -24.37
N LYS A 28 7.64 -41.42 -24.70
CA LYS A 28 7.83 -42.74 -24.08
C LYS A 28 9.23 -42.84 -23.44
N LEU A 29 9.32 -42.90 -22.11
CA LEU A 29 10.61 -43.05 -21.43
C LEU A 29 10.89 -44.48 -21.02
N VAL A 30 12.08 -44.98 -21.33
CA VAL A 30 12.41 -46.35 -20.96
C VAL A 30 13.66 -46.43 -20.10
N THR A 31 13.53 -47.04 -18.93
CA THR A 31 14.68 -47.36 -18.10
C THR A 31 15.49 -48.54 -18.68
N ALA A 32 16.70 -48.68 -18.18
CA ALA A 32 17.65 -49.69 -18.62
C ALA A 32 17.15 -51.11 -18.40
N CYS A 33 16.24 -51.24 -17.44
CA CYS A 33 15.78 -52.53 -16.99
C CYS A 33 14.40 -52.84 -17.58
N GLY A 34 13.83 -51.86 -18.28
CA GLY A 34 12.60 -52.10 -19.02
C GLY A 34 11.33 -51.35 -18.64
N ILE A 35 11.31 -50.72 -17.46
CA ILE A 35 10.13 -49.96 -17.04
C ILE A 35 9.85 -48.78 -17.97
N THR A 36 8.58 -48.66 -18.37
CA THR A 36 8.18 -47.69 -19.38
C THR A 36 7.25 -46.62 -18.81
N GLY A 37 7.63 -45.35 -18.98
CA GLY A 37 6.73 -44.24 -18.67
C GLY A 37 6.18 -43.54 -19.89
N TYR A 38 4.98 -42.99 -19.77
CA TYR A 38 4.38 -42.21 -20.84
C TYR A 38 4.10 -40.77 -20.40
N GLY A 39 4.14 -39.84 -21.35
CA GLY A 39 3.91 -38.46 -21.04
C GLY A 39 3.43 -37.70 -22.25
N GLU A 40 2.80 -36.55 -21.99
CA GLU A 40 2.31 -35.67 -23.06
C GLU A 40 2.88 -34.25 -22.94
N ILE A 41 3.26 -33.70 -24.07
CA ILE A 41 3.77 -32.34 -24.12
C ILE A 41 2.68 -31.45 -24.66
N TYR A 42 2.36 -30.39 -23.92
CA TYR A 42 1.38 -29.40 -24.37
C TYR A 42 2.10 -28.14 -24.75
N ASN A 43 2.32 -27.94 -26.04
CA ASN A 43 2.96 -26.73 -26.51
C ASN A 43 2.76 -26.51 -28.01
N ALA A 44 2.58 -25.25 -28.41
CA ALA A 44 2.31 -24.93 -29.79
C ALA A 44 3.03 -23.67 -30.27
N THR A 45 4.15 -23.34 -29.64
CA THR A 45 4.94 -22.22 -30.08
C THR A 45 5.68 -22.64 -31.34
N PHE A 46 5.69 -23.93 -31.61
CA PHE A 46 6.45 -24.48 -32.72
C PHE A 46 5.76 -25.70 -33.26
N GLY A 47 5.95 -25.94 -34.56
CA GLY A 47 5.47 -27.16 -35.18
C GLY A 47 5.81 -28.40 -34.36
N PRO A 48 4.84 -29.34 -34.26
CA PRO A 48 4.98 -30.56 -33.46
C PRO A 48 6.17 -31.43 -33.83
N ASP A 49 6.59 -31.44 -35.08
CA ASP A 49 7.83 -32.12 -35.43
C ASP A 49 8.98 -31.57 -34.58
N LEU A 50 9.08 -30.24 -34.47
CA LEU A 50 10.17 -29.61 -33.77
C LEU A 50 10.13 -29.82 -32.26
N VAL A 51 8.95 -29.64 -31.66
CA VAL A 51 8.80 -29.84 -30.21
C VAL A 51 9.26 -31.24 -29.85
N ALA A 52 8.89 -32.21 -30.67
CA ALA A 52 9.34 -33.60 -30.52
C ALA A 52 10.85 -33.69 -30.50
N LYS A 53 11.50 -33.06 -31.46
CA LYS A 53 12.97 -32.99 -31.48
C LYS A 53 13.52 -32.27 -30.25
N MET A 54 12.79 -31.29 -29.74
CA MET A 54 13.18 -30.60 -28.50
C MET A 54 13.15 -31.58 -27.32
N ALA A 55 12.05 -32.31 -27.21
CA ALA A 55 11.91 -33.31 -26.16
C ALA A 55 13.12 -34.24 -26.21
N GLU A 56 13.47 -34.68 -27.42
CA GLU A 56 14.62 -35.52 -27.63
C GLU A 56 15.93 -34.89 -27.20
N ASP A 57 16.17 -33.65 -27.63
CA ASP A 57 17.36 -32.88 -27.26
C ASP A 57 17.46 -32.73 -25.74
N VAL A 58 16.37 -32.31 -25.10
CA VAL A 58 16.38 -32.21 -23.64
C VAL A 58 16.70 -33.55 -22.94
N PHE A 59 15.99 -34.62 -23.31
CA PHE A 59 16.21 -35.95 -22.72
C PHE A 59 17.67 -36.42 -22.83
N ALA A 60 18.30 -36.16 -23.96
CA ALA A 60 19.70 -36.50 -24.10
C ALA A 60 20.55 -35.61 -23.19
N ARG A 61 20.25 -34.30 -23.20
CA ARG A 61 21.06 -33.33 -22.47
C ARG A 61 20.85 -33.43 -20.95
N GLN A 62 19.63 -33.68 -20.53
CA GLN A 62 19.31 -33.67 -19.11
C GLN A 62 18.97 -35.00 -18.44
N PHE A 63 18.29 -35.91 -19.15
CA PHE A 63 17.70 -37.07 -18.45
C PHE A 63 18.46 -38.39 -18.53
N ALA A 64 19.00 -38.70 -19.70
CA ALA A 64 19.68 -39.97 -19.93
C ALA A 64 20.72 -40.25 -18.84
N GLY A 65 20.62 -41.42 -18.20
CA GLY A 65 21.56 -41.76 -17.14
C GLY A 65 21.11 -41.33 -15.74
N GLU A 66 19.88 -40.86 -15.61
CA GLU A 66 19.43 -40.32 -14.33
C GLU A 66 18.35 -41.18 -13.71
N ASP A 67 18.29 -41.14 -12.37
CA ASP A 67 17.24 -41.81 -11.63
C ASP A 67 15.98 -40.95 -11.70
N PRO A 68 14.96 -41.44 -12.39
CA PRO A 68 13.71 -40.69 -12.60
C PRO A 68 13.03 -40.34 -11.28
N HIS A 69 13.51 -40.91 -10.18
CA HIS A 69 12.99 -40.57 -8.87
C HIS A 69 13.41 -39.16 -8.52
N HIS A 70 14.50 -38.72 -9.15
CA HIS A 70 15.15 -37.45 -8.84
C HIS A 70 14.54 -36.27 -9.59
N ILE A 71 13.25 -36.06 -9.32
CA ILE A 71 12.48 -35.06 -10.03
C ILE A 71 13.08 -33.69 -9.88
N GLU A 72 13.46 -33.33 -8.66
CA GLU A 72 13.92 -31.96 -8.37
C GLU A 72 15.15 -31.63 -9.20
N LYS A 73 16.14 -32.52 -9.13
CA LYS A 73 17.35 -32.42 -9.92
C LYS A 73 17.04 -32.33 -11.43
N LEU A 74 16.24 -33.24 -11.95
CA LEU A 74 15.96 -33.23 -13.38
C LEU A 74 15.33 -31.90 -13.81
N TRP A 75 14.32 -31.47 -13.06
CA TRP A 75 13.64 -30.19 -13.30
C TRP A 75 14.59 -28.99 -13.26
N HIS A 76 15.33 -28.84 -12.18
CA HIS A 76 16.27 -27.75 -12.07
C HIS A 76 17.36 -27.77 -13.16
N LYS A 77 17.91 -28.95 -13.45
CA LYS A 77 18.87 -29.10 -14.56
C LYS A 77 18.29 -28.56 -15.87
N THR A 78 17.00 -28.77 -16.09
CA THR A 78 16.37 -28.43 -17.35
C THR A 78 16.01 -26.95 -17.43
N TYR A 79 15.42 -26.49 -16.35
CA TYR A 79 14.99 -25.12 -16.14
C TYR A 79 16.15 -24.11 -16.14
N GLY A 80 17.34 -24.57 -15.75
CA GLY A 80 18.46 -23.67 -15.61
C GLY A 80 19.47 -23.84 -16.73
N ALA A 81 19.19 -24.79 -17.62
CA ALA A 81 20.03 -25.03 -18.77
C ALA A 81 20.14 -23.76 -19.62
N GLY A 82 21.34 -23.47 -20.11
CA GLY A 82 21.56 -22.27 -20.90
C GLY A 82 21.37 -20.96 -20.16
N TYR A 83 21.51 -21.02 -18.83
CA TYR A 83 21.38 -19.86 -17.94
C TYR A 83 20.12 -19.03 -18.24
N THR A 84 18.97 -19.61 -17.96
CA THR A 84 17.73 -18.92 -18.22
C THR A 84 16.95 -18.81 -16.92
N GLN A 85 16.52 -19.95 -16.38
CA GLN A 85 15.86 -20.01 -15.08
C GLN A 85 14.78 -18.95 -14.95
N ARG A 86 13.91 -18.91 -15.95
CA ARG A 86 12.73 -18.07 -15.94
C ARG A 86 11.66 -18.78 -16.76
N PRO A 87 10.40 -18.71 -16.31
CA PRO A 87 9.26 -19.42 -16.90
C PRO A 87 9.12 -19.22 -18.41
N ASP A 88 9.35 -20.29 -19.16
CA ASP A 88 9.34 -20.26 -20.61
C ASP A 88 8.48 -21.47 -20.97
N VAL A 89 7.36 -21.25 -21.68
CA VAL A 89 6.43 -22.36 -21.96
C VAL A 89 6.97 -23.38 -22.94
N THR A 90 7.82 -22.94 -23.88
CA THR A 90 8.41 -23.84 -24.85
C THR A 90 9.23 -24.92 -24.16
N VAL A 91 10.09 -24.52 -23.23
CA VAL A 91 10.84 -25.49 -22.45
C VAL A 91 9.93 -26.21 -21.49
N MET A 92 9.19 -25.44 -20.69
CA MET A 92 8.40 -26.06 -19.62
C MET A 92 7.39 -27.12 -20.11
N GLY A 93 6.94 -27.02 -21.36
CA GLY A 93 6.02 -28.00 -21.92
C GLY A 93 6.74 -29.31 -22.20
N VAL A 94 7.88 -29.21 -22.86
CA VAL A 94 8.77 -30.34 -23.02
C VAL A 94 9.12 -30.97 -21.68
N LEU A 95 9.45 -30.14 -20.70
CA LEU A 95 9.75 -30.62 -19.36
C LEU A 95 8.56 -31.32 -18.70
N SER A 96 7.37 -30.73 -18.83
CA SER A 96 6.15 -31.32 -18.26
C SER A 96 5.91 -32.72 -18.78
N GLY A 97 6.06 -32.91 -20.09
CA GLY A 97 6.00 -34.22 -20.71
C GLY A 97 6.89 -35.27 -20.06
N LEU A 98 8.21 -35.04 -20.08
CA LEU A 98 9.16 -35.97 -19.49
C LEU A 98 8.90 -36.20 -17.97
N GLU A 99 8.53 -35.15 -17.25
CA GLU A 99 8.36 -35.28 -15.81
C GLU A 99 7.19 -36.21 -15.46
N MET A 100 6.04 -36.06 -16.13
CA MET A 100 4.93 -37.02 -16.05
C MET A 100 5.41 -38.46 -16.17
N ALA A 101 6.23 -38.70 -17.18
CA ALA A 101 6.56 -40.06 -17.54
C ALA A 101 7.51 -40.67 -16.51
N CYS A 102 8.23 -39.80 -15.80
CA CYS A 102 9.01 -40.26 -14.66
C CYS A 102 8.08 -40.70 -13.52
N TRP A 103 7.00 -39.96 -13.29
CA TRP A 103 6.02 -40.32 -12.26
C TRP A 103 5.31 -41.61 -12.60
N ASP A 104 5.03 -41.79 -13.88
CA ASP A 104 4.56 -43.06 -14.40
C ASP A 104 5.52 -44.20 -14.03
N ILE A 105 6.82 -43.97 -14.24
CA ILE A 105 7.82 -44.99 -13.89
C ILE A 105 7.95 -45.15 -12.39
N ILE A 106 7.97 -44.02 -11.67
CA ILE A 106 8.12 -44.03 -10.23
C ILE A 106 7.02 -44.86 -9.58
N GLY A 107 5.79 -44.66 -10.05
CA GLY A 107 4.64 -45.39 -9.53
C GLY A 107 4.57 -46.84 -9.99
N LYS A 108 4.90 -47.08 -11.25
CA LYS A 108 5.03 -48.44 -11.74
C LYS A 108 6.05 -49.24 -10.90
N ALA A 109 7.15 -48.60 -10.53
CA ALA A 109 8.17 -49.31 -9.78
C ALA A 109 7.73 -49.56 -8.36
N ALA A 110 6.87 -48.70 -7.85
CA ALA A 110 6.48 -48.79 -6.45
C ALA A 110 5.18 -49.55 -6.35
N GLY A 111 4.62 -49.90 -7.51
CA GLY A 111 3.35 -50.61 -7.55
C GLY A 111 2.18 -49.78 -7.07
N LYS A 112 2.31 -48.46 -7.12
CA LYS A 112 1.24 -47.60 -6.62
C LYS A 112 0.82 -46.56 -7.65
N PRO A 113 -0.40 -46.06 -7.53
CA PRO A 113 -0.77 -44.94 -8.41
C PRO A 113 0.02 -43.75 -7.93
N ALA A 114 0.39 -42.86 -8.85
CA ALA A 114 1.14 -41.65 -8.52
C ALA A 114 0.49 -40.92 -7.35
N TYR A 115 -0.83 -40.78 -7.41
CA TYR A 115 -1.55 -40.05 -6.38
C TYR A 115 -1.47 -40.65 -4.98
N GLU A 116 -0.94 -41.87 -4.87
CA GLU A 116 -0.71 -42.47 -3.57
C GLU A 116 0.73 -42.22 -3.14
N LEU A 117 1.45 -41.41 -3.94
CA LEU A 117 2.81 -41.01 -3.62
C LEU A 117 2.91 -39.50 -3.36
N LEU A 118 1.82 -38.79 -3.63
CA LEU A 118 1.81 -37.34 -3.51
C LEU A 118 0.67 -36.89 -2.62
N GLY A 119 0.48 -37.57 -1.50
CA GLY A 119 -0.52 -37.15 -0.53
C GLY A 119 -1.70 -38.09 -0.37
N GLY A 120 -1.85 -39.03 -1.29
CA GLY A 120 -2.92 -40.02 -1.14
C GLY A 120 -4.28 -39.65 -1.70
N LYS A 121 -5.08 -40.67 -2.01
CA LYS A 121 -6.39 -40.47 -2.62
C LYS A 121 -7.26 -39.65 -1.69
N VAL A 122 -7.95 -38.68 -2.27
CA VAL A 122 -8.90 -37.87 -1.53
C VAL A 122 -10.30 -38.07 -2.11
N HIS A 123 -10.37 -38.33 -3.41
CA HIS A 123 -11.66 -38.49 -4.06
C HIS A 123 -11.85 -39.89 -4.66
N GLU A 124 -13.08 -40.39 -4.55
CA GLU A 124 -13.39 -41.67 -5.15
C GLU A 124 -13.92 -41.42 -6.55
N ARG A 125 -14.41 -40.20 -6.76
CA ARG A 125 -14.89 -39.75 -8.06
C ARG A 125 -14.51 -38.29 -8.28
N LEU A 126 -14.21 -37.94 -9.52
CA LEU A 126 -13.78 -36.59 -9.85
C LEU A 126 -14.84 -35.88 -10.67
N ARG A 127 -15.49 -34.89 -10.07
CA ARG A 127 -16.48 -34.07 -10.81
C ARG A 127 -15.95 -33.57 -12.17
N SER A 128 -16.79 -33.66 -13.20
CA SER A 128 -16.33 -33.43 -14.57
C SER A 128 -17.17 -32.39 -15.30
N TYR A 129 -16.59 -31.77 -16.32
CA TYR A 129 -17.34 -30.84 -17.17
C TYR A 129 -16.89 -30.91 -18.63
N THR A 130 -17.73 -30.39 -19.51
CA THR A 130 -17.43 -30.43 -20.93
C THR A 130 -17.77 -29.10 -21.60
N TYR A 131 -17.03 -28.78 -22.65
CA TYR A 131 -17.46 -27.73 -23.56
C TYR A 131 -18.76 -28.22 -24.15
N LEU A 132 -19.60 -27.30 -24.63
CA LEU A 132 -20.79 -27.71 -25.37
C LEU A 132 -20.41 -27.88 -26.85
N TYR A 133 -20.54 -29.10 -27.36
CA TYR A 133 -20.25 -29.39 -28.76
C TYR A 133 -21.56 -29.78 -29.49
N PRO A 134 -21.55 -29.80 -30.84
CA PRO A 134 -22.73 -30.35 -31.55
C PRO A 134 -22.75 -31.88 -31.60
N LYS A 145 -25.00 -19.19 -41.17
CA LYS A 145 -25.09 -20.52 -40.61
C LYS A 145 -25.00 -20.47 -39.08
N PRO A 146 -26.12 -20.74 -38.39
CA PRO A 146 -26.21 -20.78 -36.91
C PRO A 146 -25.96 -22.17 -36.27
N ASN A 147 -25.36 -22.17 -35.09
CA ASN A 147 -25.00 -23.41 -34.39
C ASN A 147 -24.90 -23.26 -32.89
N VAL A 148 -24.17 -24.19 -32.28
CA VAL A 148 -24.04 -24.28 -30.83
C VAL A 148 -23.10 -23.21 -30.26
N TYR A 149 -22.16 -22.76 -31.07
CA TYR A 149 -21.16 -21.79 -30.64
C TYR A 149 -21.60 -20.35 -30.84
N ASN A 150 -22.76 -20.14 -31.48
CA ASN A 150 -23.18 -18.79 -31.85
C ASN A 150 -24.64 -18.46 -31.56
N ASP A 151 -25.44 -19.48 -31.29
CA ASP A 151 -26.87 -19.29 -31.04
C ASP A 151 -27.25 -19.79 -29.65
N ALA A 152 -27.64 -18.87 -28.77
CA ALA A 152 -27.98 -19.21 -27.38
C ALA A 152 -28.91 -20.41 -27.22
N ASP A 153 -29.97 -20.47 -28.03
CA ASP A 153 -30.95 -21.54 -27.85
C ASP A 153 -30.35 -22.91 -28.19
N MET A 154 -29.55 -22.98 -29.25
CA MET A 154 -28.92 -24.26 -29.62
C MET A 154 -27.88 -24.72 -28.60
N ALA A 155 -27.29 -23.76 -27.90
CA ALA A 155 -26.33 -24.09 -26.86
C ALA A 155 -27.08 -24.61 -25.66
N ALA A 156 -28.27 -24.06 -25.44
CA ALA A 156 -29.06 -24.44 -24.28
C ALA A 156 -29.54 -25.87 -24.44
N GLU A 157 -29.94 -26.21 -25.66
CA GLU A 157 -30.36 -27.57 -25.96
C GLU A 157 -29.18 -28.51 -25.84
N ALA A 158 -28.02 -28.05 -26.28
CA ALA A 158 -26.80 -28.83 -26.16
C ALA A 158 -26.53 -29.17 -24.70
N ALA A 159 -26.87 -28.23 -23.82
CA ALA A 159 -26.55 -28.32 -22.41
C ALA A 159 -27.46 -29.28 -21.67
N ALA A 160 -28.75 -29.27 -22.02
CA ALA A 160 -29.72 -30.13 -21.36
C ALA A 160 -29.35 -31.59 -21.61
N LYS A 161 -28.97 -31.87 -22.85
CA LYS A 161 -28.38 -33.13 -23.24
C LYS A 161 -27.25 -33.55 -22.30
N ALA A 162 -26.27 -32.67 -22.13
CA ALA A 162 -25.12 -32.96 -21.25
C ALA A 162 -25.57 -33.27 -19.81
N VAL A 163 -26.52 -32.50 -19.31
CA VAL A 163 -27.10 -32.73 -18.01
C VAL A 163 -27.78 -34.09 -17.95
N ASP A 164 -28.50 -34.45 -19.02
CA ASP A 164 -29.09 -35.79 -19.17
C ASP A 164 -28.09 -36.94 -19.17
N GLN A 165 -26.89 -36.72 -19.71
CA GLN A 165 -25.81 -37.68 -19.62
C GLN A 165 -25.22 -37.67 -18.23
N GLY A 166 -25.53 -36.64 -17.46
CA GLY A 166 -25.16 -36.63 -16.06
C GLY A 166 -24.07 -35.66 -15.71
N PHE A 167 -23.64 -34.88 -16.70
CA PHE A 167 -22.73 -33.76 -16.50
C PHE A 167 -23.36 -32.74 -15.58
N THR A 168 -22.55 -32.18 -14.68
CA THR A 168 -23.05 -31.15 -13.77
C THR A 168 -22.41 -29.80 -14.01
N ALA A 169 -21.76 -29.64 -15.15
CA ALA A 169 -21.08 -28.40 -15.48
C ALA A 169 -20.78 -28.40 -16.96
N VAL A 170 -21.07 -27.29 -17.61
CA VAL A 170 -20.81 -27.11 -19.03
C VAL A 170 -20.09 -25.77 -19.27
N LYS A 171 -19.26 -25.70 -20.30
CA LYS A 171 -18.51 -24.46 -20.58
C LYS A 171 -18.72 -23.98 -22.02
N PHE A 172 -18.78 -22.66 -22.21
CA PHE A 172 -19.02 -22.06 -23.51
C PHE A 172 -18.27 -20.73 -23.62
N ASP A 173 -17.78 -20.43 -24.82
CA ASP A 173 -17.20 -19.11 -25.06
C ASP A 173 -17.94 -18.35 -26.13
N PRO A 174 -19.04 -17.67 -25.75
CA PRO A 174 -19.86 -16.95 -26.71
C PRO A 174 -19.37 -15.52 -26.88
N ALA A 175 -18.21 -15.21 -26.33
CA ALA A 175 -17.82 -13.82 -26.08
C ALA A 175 -17.09 -13.18 -27.23
N GLY A 176 -17.09 -13.85 -28.39
CA GLY A 176 -16.47 -13.30 -29.58
C GLY A 176 -15.01 -13.67 -29.77
N ALA A 177 -14.50 -13.44 -30.97
CA ALA A 177 -13.17 -13.93 -31.37
C ALA A 177 -12.07 -13.41 -30.48
N TYR A 178 -11.01 -14.21 -30.35
CA TYR A 178 -9.79 -13.78 -29.69
C TYR A 178 -8.70 -13.50 -30.73
N THR A 179 -8.06 -12.35 -30.61
CA THR A 179 -7.11 -11.86 -31.62
C THR A 179 -5.69 -11.63 -31.12
N ILE A 180 -4.75 -11.51 -32.05
CA ILE A 180 -3.35 -11.29 -31.72
C ILE A 180 -3.10 -9.90 -31.14
N TYR A 181 -4.14 -9.08 -31.10
CA TYR A 181 -3.98 -7.71 -30.63
C TYR A 181 -4.75 -7.47 -29.33
N ASP A 182 -5.11 -8.56 -28.67
CA ASP A 182 -5.83 -8.51 -27.40
C ASP A 182 -4.94 -7.88 -26.31
N GLY A 183 -5.53 -7.30 -25.27
CA GLY A 183 -6.98 -7.27 -25.04
C GLY A 183 -7.72 -6.20 -25.82
N HIS A 184 -8.98 -6.49 -26.11
CA HIS A 184 -9.82 -5.53 -26.81
C HIS A 184 -11.10 -5.24 -26.02
N GLN A 185 -12.05 -4.57 -26.65
CA GLN A 185 -13.28 -4.19 -25.96
C GLN A 185 -14.50 -4.96 -26.52
N PRO A 186 -15.38 -5.46 -25.63
CA PRO A 186 -16.50 -6.23 -26.17
C PRO A 186 -17.42 -5.36 -26.97
N SER A 187 -17.91 -5.88 -28.08
CA SER A 187 -18.94 -5.16 -28.82
C SER A 187 -20.24 -5.32 -28.06
N LEU A 188 -21.22 -4.48 -28.36
CA LEU A 188 -22.54 -4.63 -27.76
C LEU A 188 -23.19 -5.96 -28.16
N GLU A 189 -22.93 -6.41 -29.38
CA GLU A 189 -23.30 -7.76 -29.82
C GLU A 189 -22.65 -8.86 -28.96
N ASP A 190 -21.34 -8.73 -28.74
CA ASP A 190 -20.59 -9.62 -27.87
C ASP A 190 -21.27 -9.67 -26.51
N LEU A 191 -21.73 -8.53 -26.01
CA LEU A 191 -22.40 -8.49 -24.70
C LEU A 191 -23.79 -9.12 -24.73
N GLU A 192 -24.54 -8.84 -25.79
CA GLU A 192 -25.90 -9.38 -25.95
C GLU A 192 -25.83 -10.90 -25.97
N ARG A 193 -25.05 -11.42 -26.91
CA ARG A 193 -24.91 -12.86 -27.08
C ARG A 193 -24.52 -13.55 -25.78
N SER A 194 -23.46 -13.05 -25.15
CA SER A 194 -22.94 -13.64 -23.92
C SER A 194 -24.02 -13.81 -22.85
N GLU A 195 -24.73 -12.74 -22.54
CA GLU A 195 -25.78 -12.84 -21.55
C GLU A 195 -26.96 -13.68 -22.05
N ALA A 196 -27.17 -13.69 -23.37
CA ALA A 196 -28.22 -14.54 -23.93
C ALA A 196 -27.87 -16.00 -23.69
N PHE A 197 -26.59 -16.35 -23.91
CA PHE A 197 -26.12 -17.70 -23.66
C PHE A 197 -26.33 -18.05 -22.19
N CYS A 198 -25.94 -17.15 -21.30
CA CYS A 198 -26.12 -17.40 -19.89
C CYS A 198 -27.58 -17.58 -19.48
N LYS A 199 -28.44 -16.68 -19.94
CA LYS A 199 -29.87 -16.70 -19.58
C LYS A 199 -30.57 -17.99 -20.01
N GLN A 200 -30.41 -18.36 -21.29
CA GLN A 200 -31.06 -19.54 -21.86
C GLN A 200 -30.53 -20.88 -21.31
N ILE A 201 -29.23 -20.92 -21.08
CA ILE A 201 -28.57 -22.15 -20.62
C ILE A 201 -28.98 -22.42 -19.17
N ARG A 202 -29.07 -21.36 -18.38
CA ARG A 202 -29.48 -21.47 -16.98
C ARG A 202 -30.94 -21.91 -16.86
N ALA A 203 -31.77 -21.40 -17.78
CA ALA A 203 -33.18 -21.78 -17.83
C ALA A 203 -33.35 -23.24 -18.30
N ALA A 204 -32.38 -23.71 -19.06
CA ALA A 204 -32.42 -25.07 -19.56
C ALA A 204 -32.00 -26.06 -18.47
N VAL A 205 -31.07 -25.64 -17.61
CA VAL A 205 -30.45 -26.55 -16.65
C VAL A 205 -30.77 -26.27 -15.19
N GLY A 206 -31.39 -25.12 -14.91
CA GLY A 206 -31.77 -24.77 -13.56
C GLY A 206 -30.62 -24.94 -12.59
N THR A 207 -30.86 -25.55 -11.43
CA THR A 207 -29.78 -25.80 -10.48
C THR A 207 -28.93 -27.02 -10.83
N LYS A 208 -29.28 -27.72 -11.89
CA LYS A 208 -28.65 -29.01 -12.15
C LYS A 208 -27.18 -28.94 -12.59
N ALA A 209 -26.75 -27.77 -13.06
CA ALA A 209 -25.37 -27.65 -13.56
C ALA A 209 -24.83 -26.22 -13.54
N ASP A 210 -23.53 -26.07 -13.29
CA ASP A 210 -22.90 -24.75 -13.26
C ASP A 210 -22.50 -24.30 -14.66
N LEU A 211 -22.64 -23.02 -14.94
CA LEU A 211 -22.22 -22.46 -16.20
C LEU A 211 -20.75 -22.08 -16.05
N LEU A 212 -19.90 -22.47 -17.00
CA LEU A 212 -18.50 -22.01 -16.96
C LEU A 212 -18.23 -21.06 -18.14
N PHE A 213 -18.02 -19.78 -17.83
CA PHE A 213 -17.81 -18.82 -18.90
C PHE A 213 -16.35 -18.92 -19.39
N GLY A 214 -16.15 -19.59 -20.52
CA GLY A 214 -14.81 -19.95 -20.94
C GLY A 214 -14.15 -19.02 -21.94
N THR A 215 -13.95 -17.77 -21.54
CA THR A 215 -13.27 -16.75 -22.35
C THR A 215 -11.80 -17.07 -22.62
N HIS A 216 -11.27 -16.46 -23.68
CA HIS A 216 -9.89 -16.72 -24.10
C HIS A 216 -9.02 -15.46 -24.03
N GLY A 217 -9.08 -14.74 -22.91
CA GLY A 217 -8.27 -13.54 -22.74
C GLY A 217 -8.64 -12.35 -23.61
N GLN A 218 -9.87 -12.33 -24.14
CA GLN A 218 -10.29 -11.33 -25.12
C GLN A 218 -10.06 -9.91 -24.65
N PHE A 219 -10.44 -9.65 -23.42
CA PHE A 219 -10.72 -8.28 -23.02
C PHE A 219 -9.62 -7.59 -22.23
N THR A 220 -9.67 -6.27 -22.25
CA THR A 220 -8.91 -5.47 -21.33
C THR A 220 -9.71 -5.50 -20.06
N VAL A 221 -9.10 -5.02 -18.98
CA VAL A 221 -9.75 -5.00 -17.69
C VAL A 221 -11.11 -4.29 -17.72
N SER A 222 -11.16 -3.11 -18.31
CA SER A 222 -12.43 -2.39 -18.41
C SER A 222 -13.48 -3.20 -19.19
N GLY A 223 -13.07 -3.82 -20.28
CA GLY A 223 -14.01 -4.54 -21.11
C GLY A 223 -14.52 -5.75 -20.36
N ALA A 224 -13.64 -6.35 -19.57
CA ALA A 224 -13.99 -7.52 -18.80
C ALA A 224 -15.00 -7.17 -17.71
N LYS A 225 -14.87 -5.97 -17.12
CA LYS A 225 -15.86 -5.54 -16.12
C LYS A 225 -17.23 -5.21 -16.75
N ARG A 226 -17.21 -4.64 -17.95
CA ARG A 226 -18.44 -4.38 -18.69
C ARG A 226 -19.26 -5.67 -18.88
N LEU A 227 -18.55 -6.77 -19.10
CA LEU A 227 -19.20 -8.04 -19.37
C LEU A 227 -19.63 -8.74 -18.08
N ALA A 228 -18.72 -8.78 -17.12
CA ALA A 228 -18.99 -9.37 -15.82
C ALA A 228 -20.26 -8.81 -15.17
N ARG A 229 -20.45 -7.49 -15.32
CA ARG A 229 -21.64 -6.79 -14.83
C ARG A 229 -22.93 -7.45 -15.35
N ARG A 230 -22.92 -7.84 -16.63
CA ARG A 230 -24.11 -8.44 -17.24
C ARG A 230 -24.33 -9.92 -16.91
N LEU A 231 -23.27 -10.64 -16.57
CA LEU A 231 -23.35 -12.08 -16.34
C LEU A 231 -23.68 -12.48 -14.91
N GLU A 232 -23.46 -11.56 -13.96
CA GLU A 232 -23.53 -11.89 -12.53
C GLU A 232 -24.83 -12.56 -12.08
N ALA A 233 -25.95 -12.15 -12.67
CA ALA A 233 -27.28 -12.61 -12.26
C ALA A 233 -27.52 -14.12 -12.46
N TYR A 234 -26.74 -14.72 -13.35
CA TYR A 234 -26.95 -16.10 -13.74
C TYR A 234 -26.03 -17.04 -12.97
N ASP A 235 -25.34 -16.47 -11.99
CA ASP A 235 -24.40 -17.18 -11.13
C ASP A 235 -23.41 -18.08 -11.86
N PRO A 236 -22.62 -17.50 -12.78
CA PRO A 236 -21.63 -18.37 -13.44
C PRO A 236 -20.59 -18.80 -12.42
N LEU A 237 -20.15 -20.06 -12.48
CA LEU A 237 -19.19 -20.63 -11.55
C LEU A 237 -17.80 -20.02 -11.73
N TRP A 238 -17.51 -19.54 -12.95
CA TRP A 238 -16.33 -18.72 -13.19
C TRP A 238 -16.29 -17.99 -14.51
N PHE A 239 -15.43 -16.98 -14.49
CA PHE A 239 -15.02 -16.19 -15.64
C PHE A 239 -13.59 -16.67 -15.92
N GLU A 240 -13.40 -17.41 -17.01
CA GLU A 240 -12.07 -17.93 -17.38
C GLU A 240 -11.27 -16.91 -18.19
N GLU A 241 -10.05 -16.60 -17.72
CA GLU A 241 -9.08 -15.79 -18.46
C GLU A 241 -9.74 -14.60 -19.10
N PRO A 242 -10.22 -13.65 -18.29
CA PRO A 242 -10.94 -12.53 -18.88
C PRO A 242 -10.01 -11.59 -19.61
N ILE A 243 -8.72 -11.63 -19.26
CA ILE A 243 -7.72 -10.75 -19.87
C ILE A 243 -6.43 -11.53 -20.10
N PRO A 244 -5.48 -10.93 -20.84
CA PRO A 244 -4.24 -11.65 -21.16
C PRO A 244 -3.34 -12.02 -19.97
N PRO A 245 -2.49 -13.03 -20.18
CA PRO A 245 -1.70 -13.66 -19.10
C PRO A 245 -0.59 -12.81 -18.50
N GLU A 246 -0.02 -11.84 -19.24
CA GLU A 246 1.20 -11.11 -18.82
C GLU A 246 1.21 -10.35 -17.47
N LYS A 247 0.09 -9.71 -17.13
CA LYS A 247 -0.03 -8.95 -15.87
C LYS A 247 -1.14 -9.48 -14.96
N PRO A 248 -0.83 -10.41 -14.04
CA PRO A 248 -1.85 -10.81 -13.06
C PRO A 248 -2.36 -9.65 -12.21
N GLU A 249 -1.53 -8.62 -11.99
CA GLU A 249 -1.95 -7.46 -11.18
C GLU A 249 -3.24 -6.84 -11.74
N ASP A 250 -3.33 -6.81 -13.06
CA ASP A 250 -4.48 -6.23 -13.75
C ASP A 250 -5.67 -7.14 -13.67
N MET A 251 -5.43 -8.45 -13.64
CA MET A 251 -6.53 -9.39 -13.64
C MET A 251 -7.22 -9.24 -12.30
N ALA A 252 -6.43 -8.91 -11.29
CA ALA A 252 -6.94 -8.83 -9.94
C ALA A 252 -7.98 -7.71 -9.80
N GLU A 253 -7.90 -6.72 -10.69
CA GLU A 253 -8.87 -5.63 -10.67
C GLU A 253 -10.24 -6.15 -11.17
N VAL A 254 -10.23 -7.00 -12.18
CA VAL A 254 -11.45 -7.65 -12.62
C VAL A 254 -12.03 -8.53 -11.54
N ALA A 255 -11.18 -9.32 -10.91
CA ALA A 255 -11.60 -10.28 -9.90
C ALA A 255 -12.23 -9.59 -8.67
N ARG A 256 -11.62 -8.51 -8.21
CA ARG A 256 -12.15 -7.70 -7.11
C ARG A 256 -13.51 -7.10 -7.46
N TYR A 257 -13.70 -6.75 -8.72
CA TYR A 257 -14.93 -6.07 -9.11
C TYR A 257 -16.15 -6.96 -9.01
N THR A 258 -16.01 -8.22 -9.43
CA THR A 258 -17.18 -9.09 -9.63
C THR A 258 -17.30 -10.18 -8.60
N SER A 259 -18.52 -10.67 -8.44
CA SER A 259 -18.81 -11.80 -7.56
C SER A 259 -18.51 -13.11 -8.28
N ILE A 260 -18.47 -13.05 -9.61
CA ILE A 260 -18.08 -14.21 -10.40
C ILE A 260 -16.64 -14.56 -10.06
N PRO A 261 -16.38 -15.83 -9.72
CA PRO A 261 -14.98 -16.21 -9.50
C PRO A 261 -14.21 -16.14 -10.82
N VAL A 262 -12.94 -15.72 -10.76
CA VAL A 262 -12.10 -15.64 -11.95
C VAL A 262 -11.23 -16.89 -12.04
N ALA A 263 -11.13 -17.48 -13.23
CA ALA A 263 -10.35 -18.71 -13.35
C ALA A 263 -9.28 -18.54 -14.39
N THR A 264 -8.07 -19.05 -14.14
CA THR A 264 -6.97 -18.86 -15.08
C THR A 264 -5.83 -19.83 -14.86
N GLY A 265 -4.97 -19.96 -15.86
CA GLY A 265 -3.77 -20.76 -15.73
C GLY A 265 -3.33 -21.56 -16.94
N GLU A 266 -4.21 -21.75 -17.93
CA GLU A 266 -3.90 -22.64 -19.05
C GLU A 266 -2.69 -22.16 -19.84
N ARG A 267 -2.41 -20.88 -19.72
CA ARG A 267 -1.25 -20.33 -20.41
C ARG A 267 -0.11 -20.05 -19.46
N LEU A 268 -0.18 -20.57 -18.25
CA LEU A 268 0.87 -20.31 -17.27
C LEU A 268 1.78 -21.51 -16.98
N CYS A 269 2.97 -21.24 -16.47
CA CYS A 269 3.88 -22.32 -16.16
C CYS A 269 4.83 -21.98 -15.00
N THR A 270 5.29 -23.03 -14.31
CA THR A 270 6.11 -22.94 -13.09
C THR A 270 5.32 -22.47 -11.87
N LYS A 271 5.89 -22.72 -10.69
CA LYS A 271 5.24 -22.30 -9.46
C LYS A 271 5.27 -20.79 -9.30
N TYR A 272 6.26 -20.16 -9.92
CA TYR A 272 6.51 -18.72 -9.75
C TYR A 272 5.35 -17.92 -10.28
N GLU A 273 4.85 -18.31 -11.45
CA GLU A 273 3.79 -17.54 -12.09
C GLU A 273 2.49 -17.65 -11.33
N PHE A 274 2.20 -18.85 -10.83
CA PHE A 274 1.00 -19.11 -10.04
C PHE A 274 1.10 -18.49 -8.66
N SER A 275 2.34 -18.34 -8.18
CA SER A 275 2.58 -17.59 -6.96
C SER A 275 2.05 -16.16 -7.11
N ARG A 276 2.42 -15.49 -8.19
CA ARG A 276 1.93 -14.14 -8.43
C ARG A 276 0.40 -14.05 -8.59
N VAL A 277 -0.19 -14.99 -9.34
CA VAL A 277 -1.64 -15.06 -9.50
C VAL A 277 -2.30 -15.10 -8.12
N LEU A 278 -1.87 -16.07 -7.31
CA LEU A 278 -2.45 -16.25 -5.99
C LEU A 278 -2.32 -15.00 -5.13
N GLU A 279 -1.11 -14.49 -5.03
CA GLU A 279 -0.84 -13.39 -4.11
C GLU A 279 -1.51 -12.07 -4.52
N THR A 280 -1.58 -11.82 -5.82
CA THR A 280 -2.21 -10.59 -6.29
C THR A 280 -3.70 -10.73 -6.21
N GLY A 281 -4.19 -11.96 -6.04
CA GLY A 281 -5.61 -12.23 -6.09
C GLY A 281 -6.17 -12.10 -7.50
N ALA A 282 -5.43 -12.61 -8.49
CA ALA A 282 -5.87 -12.57 -9.89
C ALA A 282 -6.90 -13.66 -10.21
N ALA A 283 -6.84 -14.77 -9.50
CA ALA A 283 -7.84 -15.82 -9.66
C ALA A 283 -7.99 -16.59 -8.36
N SER A 284 -9.18 -17.18 -8.17
CA SER A 284 -9.46 -18.08 -7.05
C SER A 284 -9.58 -19.53 -7.53
N ILE A 285 -9.58 -19.71 -8.84
CA ILE A 285 -9.57 -21.04 -9.46
C ILE A 285 -8.39 -21.15 -10.44
N LEU A 286 -7.46 -22.04 -10.11
CA LEU A 286 -6.26 -22.28 -10.94
C LEU A 286 -6.54 -23.35 -11.96
N GLN A 287 -6.10 -23.13 -13.19
CA GLN A 287 -6.29 -24.11 -14.25
C GLN A 287 -4.99 -24.56 -14.91
N MET A 288 -4.10 -25.20 -14.14
CA MET A 288 -2.88 -25.72 -14.74
C MET A 288 -3.22 -26.73 -15.80
N ASN A 289 -2.52 -26.66 -16.92
CA ASN A 289 -2.41 -27.80 -17.82
C ASN A 289 -1.15 -28.54 -17.41
N LEU A 290 -1.27 -29.83 -17.09
CA LEU A 290 -0.07 -30.57 -16.69
C LEU A 290 0.92 -30.84 -17.82
N GLY A 291 0.54 -30.55 -19.06
CA GLY A 291 1.42 -30.71 -20.19
C GLY A 291 2.35 -29.52 -20.35
N ARG A 292 2.14 -28.54 -19.49
CA ARG A 292 2.75 -27.23 -19.64
C ARG A 292 3.29 -26.68 -18.35
N VAL A 293 2.51 -26.79 -17.28
CA VAL A 293 2.82 -26.11 -16.01
C VAL A 293 4.13 -26.53 -15.33
N GLY A 294 4.69 -27.69 -15.72
CA GLY A 294 5.96 -28.16 -15.20
C GLY A 294 5.96 -29.58 -14.66
N GLY A 295 4.83 -30.25 -14.81
CA GLY A 295 4.72 -31.61 -14.34
C GLY A 295 3.91 -31.77 -13.07
N LEU A 296 3.88 -33.00 -12.58
CA LEU A 296 2.99 -33.40 -11.52
C LEU A 296 3.38 -32.80 -10.18
N LEU A 297 4.68 -32.82 -9.88
CA LEU A 297 5.15 -32.37 -8.58
C LEU A 297 4.97 -30.87 -8.48
N GLU A 298 5.16 -30.17 -9.61
CA GLU A 298 5.03 -28.72 -9.63
C GLU A 298 3.58 -28.33 -9.45
N ALA A 299 2.70 -29.06 -10.14
CA ALA A 299 1.24 -28.91 -9.97
C ALA A 299 0.83 -29.12 -8.53
N LYS A 300 1.36 -30.16 -7.90
CA LYS A 300 1.13 -30.42 -6.47
C LYS A 300 1.57 -29.23 -5.64
N LYS A 301 2.77 -28.75 -5.92
CA LYS A 301 3.31 -27.58 -5.24
C LYS A 301 2.40 -26.39 -5.45
N ILE A 302 1.99 -26.15 -6.69
CA ILE A 302 1.04 -25.08 -6.94
C ILE A 302 -0.33 -25.29 -6.27
N ALA A 303 -0.80 -26.51 -6.18
CA ALA A 303 -2.09 -26.74 -5.54
C ALA A 303 -2.03 -26.56 -4.01
N ALA A 304 -0.86 -26.70 -3.43
CA ALA A 304 -0.74 -26.45 -1.98
C ALA A 304 -0.69 -24.95 -1.73
N MET A 305 -0.07 -24.24 -2.67
CA MET A 305 -0.07 -22.80 -2.57
C MET A 305 -1.50 -22.25 -2.58
N ALA A 306 -2.33 -22.74 -3.49
CA ALA A 306 -3.71 -22.31 -3.54
C ALA A 306 -4.50 -22.59 -2.25
N GLU A 307 -4.09 -23.60 -1.47
CA GLU A 307 -4.76 -23.86 -0.19
C GLU A 307 -4.53 -22.69 0.77
N CYS A 308 -3.34 -22.12 0.72
CA CYS A 308 -3.01 -20.99 1.56
C CYS A 308 -3.77 -19.72 1.17
N HIS A 309 -4.39 -19.71 0.00
CA HIS A 309 -5.00 -18.48 -0.49
C HIS A 309 -6.51 -18.54 -0.79
N SER A 310 -7.20 -19.53 -0.20
CA SER A 310 -8.63 -19.77 -0.45
C SER A 310 -8.93 -19.99 -1.94
N ALA A 311 -8.19 -20.91 -2.55
CA ALA A 311 -8.27 -21.14 -3.99
C ALA A 311 -8.27 -22.64 -4.35
N GLN A 312 -8.91 -22.93 -5.48
CA GLN A 312 -9.13 -24.30 -5.90
C GLN A 312 -8.43 -24.64 -7.21
N ILE A 313 -8.46 -25.91 -7.56
CA ILE A 313 -7.83 -26.32 -8.80
C ILE A 313 -8.82 -26.97 -9.74
N ALA A 314 -8.68 -26.62 -11.01
CA ALA A 314 -9.54 -27.10 -12.06
C ALA A 314 -8.65 -27.34 -13.28
N PRO A 315 -7.93 -28.46 -13.28
CA PRO A 315 -6.91 -28.66 -14.30
C PRO A 315 -7.46 -28.49 -15.70
N HIS A 316 -6.65 -27.86 -16.55
CA HIS A 316 -7.03 -27.53 -17.91
C HIS A 316 -6.74 -28.67 -18.86
N LEU A 317 -7.60 -28.84 -19.85
CA LEU A 317 -7.37 -29.88 -20.85
C LEU A 317 -7.94 -29.53 -22.20
N TYR A 318 -7.09 -29.31 -23.19
CA TYR A 318 -7.53 -29.27 -24.58
C TYR A 318 -6.43 -29.89 -25.41
N CYS A 319 -6.14 -31.14 -25.10
CA CYS A 319 -5.06 -31.89 -25.73
C CYS A 319 -5.39 -33.37 -25.61
N GLY A 320 -4.38 -34.21 -25.43
CA GLY A 320 -4.61 -35.64 -25.46
C GLY A 320 -5.01 -36.32 -24.16
N PRO A 321 -5.13 -37.64 -24.19
CA PRO A 321 -5.45 -38.40 -22.98
C PRO A 321 -4.35 -38.47 -21.93
N LEU A 322 -3.07 -38.42 -22.30
CA LEU A 322 -2.05 -38.45 -21.23
C LEU A 322 -2.02 -37.21 -20.30
N VAL A 323 -2.23 -36.03 -20.86
CA VAL A 323 -2.45 -34.86 -20.00
C VAL A 323 -3.67 -35.10 -19.12
N ALA A 324 -4.71 -35.72 -19.67
CA ALA A 324 -5.88 -36.06 -18.87
C ALA A 324 -5.50 -36.95 -17.68
N LEU A 325 -4.59 -37.90 -17.92
CA LEU A 325 -4.12 -38.83 -16.90
C LEU A 325 -3.41 -38.13 -15.76
N ALA A 326 -2.51 -37.22 -16.11
CA ALA A 326 -1.80 -36.44 -15.09
C ALA A 326 -2.75 -35.55 -14.29
N ASN A 327 -3.62 -34.84 -15.00
CA ASN A 327 -4.71 -34.08 -14.39
C ASN A 327 -5.46 -34.91 -13.36
N ILE A 328 -5.85 -36.11 -13.75
CA ILE A 328 -6.60 -37.00 -12.88
C ILE A 328 -5.76 -37.40 -11.65
N GLN A 329 -4.48 -37.68 -11.89
CA GLN A 329 -3.59 -38.03 -10.79
C GLN A 329 -3.60 -36.93 -9.73
N LEU A 330 -3.33 -35.70 -10.15
CA LEU A 330 -3.35 -34.53 -9.28
C LEU A 330 -4.69 -34.28 -8.59
N ALA A 331 -5.76 -34.18 -9.39
CA ALA A 331 -7.13 -34.00 -8.88
C ALA A 331 -7.51 -34.99 -7.78
N THR A 332 -7.01 -36.22 -7.89
CA THR A 332 -7.41 -37.30 -7.00
C THR A 332 -6.83 -37.15 -5.60
N CYS A 333 -5.65 -36.53 -5.50
CA CYS A 333 -4.98 -36.35 -4.21
C CYS A 333 -5.00 -34.91 -3.71
N SER A 334 -5.94 -34.12 -4.25
CA SER A 334 -5.98 -32.68 -3.98
C SER A 334 -7.21 -32.25 -3.20
N PRO A 335 -7.05 -31.90 -1.91
CA PRO A 335 -8.22 -31.49 -1.11
C PRO A 335 -9.00 -30.32 -1.73
N ASN A 336 -8.30 -29.46 -2.45
CA ASN A 336 -8.95 -28.29 -3.02
C ASN A 336 -9.28 -28.41 -4.52
N PHE A 337 -9.68 -29.60 -4.96
CA PHE A 337 -10.03 -29.82 -6.35
C PHE A 337 -11.47 -29.43 -6.60
N LEU A 338 -11.73 -28.67 -7.66
CA LEU A 338 -13.09 -28.21 -7.91
C LEU A 338 -13.76 -28.98 -9.04
N VAL A 339 -13.11 -29.05 -10.18
CA VAL A 339 -13.72 -29.75 -11.31
C VAL A 339 -12.67 -30.15 -12.33
N LEU A 340 -12.93 -31.21 -13.08
CA LEU A 340 -11.99 -31.70 -14.08
C LEU A 340 -12.57 -31.57 -15.48
N GLU A 341 -11.81 -30.94 -16.38
CA GLU A 341 -12.25 -30.70 -17.74
C GLU A 341 -12.12 -31.98 -18.54
N SER A 342 -13.16 -32.30 -19.30
CA SER A 342 -13.17 -33.52 -20.10
C SER A 342 -13.44 -33.20 -21.55
N ILE A 343 -12.92 -34.03 -22.43
CA ILE A 343 -13.30 -34.00 -23.84
C ILE A 343 -14.50 -34.95 -23.99
N ARG A 344 -15.70 -34.38 -24.15
CA ARG A 344 -16.96 -35.14 -24.08
C ARG A 344 -16.89 -36.07 -22.88
N THR A 345 -17.18 -37.36 -23.08
CA THR A 345 -17.05 -38.36 -22.00
C THR A 345 -15.82 -39.25 -22.13
N PHE A 346 -14.72 -38.70 -22.61
CA PHE A 346 -13.47 -39.44 -22.79
C PHE A 346 -13.56 -40.69 -23.69
N ASP A 347 -14.51 -40.65 -24.62
CA ASP A 347 -14.75 -41.73 -25.58
C ASP A 347 -13.93 -41.52 -26.84
N GLY A 348 -14.32 -42.23 -27.91
CA GLY A 348 -13.72 -42.04 -29.23
C GLY A 348 -12.21 -42.23 -29.24
N PHE A 349 -11.51 -41.30 -29.90
CA PHE A 349 -10.06 -41.44 -30.03
C PHE A 349 -9.35 -41.41 -28.68
N PHE A 350 -10.01 -40.80 -27.69
CA PHE A 350 -9.43 -40.75 -26.35
C PHE A 350 -9.35 -42.11 -25.66
N ALA A 351 -10.15 -43.07 -26.14
CA ALA A 351 -10.13 -44.40 -25.57
C ALA A 351 -9.24 -45.29 -26.41
N GLU A 352 -9.22 -45.05 -27.71
CA GLU A 352 -8.44 -45.90 -28.60
C GLU A 352 -6.95 -45.74 -28.29
N LEU A 353 -6.52 -44.51 -28.00
CA LEU A 353 -5.14 -44.21 -27.61
C LEU A 353 -4.68 -44.85 -26.28
N LEU A 354 -5.64 -45.20 -25.43
CA LEU A 354 -5.34 -45.92 -24.21
C LEU A 354 -5.52 -47.47 -24.32
N THR A 355 -4.83 -48.17 -23.43
CA THR A 355 -4.83 -49.62 -23.38
C THR A 355 -6.11 -50.03 -22.67
N THR A 356 -6.57 -49.13 -21.81
CA THR A 356 -7.82 -49.29 -21.07
C THR A 356 -8.28 -47.85 -20.89
N PRO A 357 -9.57 -47.59 -21.12
CA PRO A 357 -10.04 -46.21 -21.27
C PRO A 357 -10.23 -45.46 -19.95
N ILE A 358 -10.26 -44.13 -20.02
CA ILE A 358 -10.62 -43.32 -18.86
C ILE A 358 -12.08 -43.61 -18.51
N ARG A 359 -12.32 -43.88 -17.24
CA ARG A 359 -13.64 -44.30 -16.80
C ARG A 359 -14.54 -43.12 -16.47
N TRP A 360 -15.53 -42.87 -17.31
CA TRP A 360 -16.48 -41.78 -17.11
C TRP A 360 -17.86 -42.36 -16.77
N GLU A 361 -18.39 -41.99 -15.61
CA GLU A 361 -19.72 -42.44 -15.20
C GLU A 361 -20.54 -41.33 -14.58
N ASN A 362 -21.69 -41.03 -15.18
CA ASN A 362 -22.63 -40.06 -14.60
C ASN A 362 -22.05 -38.75 -14.12
N GLY A 363 -21.23 -38.12 -14.94
CA GLY A 363 -20.64 -36.84 -14.60
C GLY A 363 -19.33 -36.89 -13.84
N TYR A 364 -18.81 -38.08 -13.57
CA TYR A 364 -17.57 -38.19 -12.83
C TYR A 364 -16.54 -39.10 -13.47
N ILE A 365 -15.30 -38.63 -13.49
CA ILE A 365 -14.18 -39.49 -13.81
C ILE A 365 -13.98 -40.38 -12.59
N ILE A 366 -13.75 -41.67 -12.81
CA ILE A 366 -13.35 -42.57 -11.73
C ILE A 366 -11.88 -42.94 -11.91
N PRO A 367 -11.04 -42.52 -10.96
CA PRO A 367 -9.59 -42.73 -11.02
C PRO A 367 -9.22 -44.20 -11.10
N SER A 368 -8.27 -44.47 -11.99
CA SER A 368 -7.61 -45.75 -12.04
C SER A 368 -6.88 -46.07 -10.72
N GLN A 369 -6.75 -47.35 -10.42
CA GLN A 369 -6.01 -47.79 -9.25
C GLN A 369 -4.75 -48.53 -9.69
N GLU A 370 -4.51 -48.50 -11.00
CA GLU A 370 -3.33 -49.10 -11.59
C GLU A 370 -2.11 -48.22 -11.31
N PRO A 371 -0.90 -48.80 -11.40
CA PRO A 371 0.31 -48.03 -11.07
C PRO A 371 0.49 -46.82 -11.95
N GLY A 372 1.18 -45.81 -11.43
CA GLY A 372 1.59 -44.64 -12.20
C GLY A 372 0.45 -43.73 -12.61
N LEU A 373 0.33 -43.53 -13.92
CA LEU A 373 -0.73 -42.67 -14.43
C LEU A 373 -2.02 -43.45 -14.53
N GLY A 374 -1.92 -44.78 -14.47
CA GLY A 374 -3.10 -45.61 -14.32
C GLY A 374 -3.56 -46.25 -15.61
N HIS A 375 -3.04 -45.71 -16.71
CA HIS A 375 -3.35 -46.22 -18.04
C HIS A 375 -2.07 -46.16 -18.88
N ASP A 376 -2.02 -46.97 -19.94
CA ASP A 376 -0.85 -47.05 -20.77
C ASP A 376 -1.16 -46.59 -22.19
N LEU A 377 -0.16 -46.02 -22.87
CA LEU A 377 -0.36 -45.58 -24.23
C LEU A 377 -0.39 -46.76 -25.17
N ASN A 378 -1.42 -46.83 -25.99
CA ASN A 378 -1.44 -47.79 -27.06
C ASN A 378 -0.49 -47.27 -28.13
N GLU A 379 0.78 -47.66 -28.02
CA GLU A 379 1.81 -47.16 -28.92
C GLU A 379 1.47 -47.41 -30.37
N ASP A 380 0.88 -48.56 -30.64
CA ASP A 380 0.55 -48.95 -32.01
C ASP A 380 -0.52 -48.03 -32.58
N VAL A 381 -1.58 -47.80 -31.82
CA VAL A 381 -2.59 -46.82 -32.22
C VAL A 381 -1.94 -45.46 -32.42
N ALA A 382 -0.98 -45.12 -31.57
CA ALA A 382 -0.28 -43.84 -31.69
C ALA A 382 0.58 -43.74 -32.94
N ARG A 383 1.31 -44.80 -33.30
CA ARG A 383 2.15 -44.73 -34.51
C ARG A 383 1.33 -44.78 -35.78
N ALA A 384 0.14 -45.36 -35.68
CA ALA A 384 -0.67 -45.62 -36.86
C ALA A 384 -1.38 -44.34 -37.29
N ASN A 385 -1.28 -43.31 -36.47
CA ASN A 385 -1.98 -42.05 -36.69
C ASN A 385 -1.06 -40.82 -36.72
N PRO A 386 -0.20 -40.73 -37.76
CA PRO A 386 0.74 -39.61 -37.87
C PRO A 386 0.00 -38.28 -38.04
N TYR A 387 0.68 -37.17 -37.74
CA TYR A 387 0.08 -35.87 -37.99
C TYR A 387 0.48 -35.39 -39.39
N THR A 388 -0.49 -35.06 -40.23
CA THR A 388 -0.14 -34.68 -41.60
C THR A 388 -0.47 -33.25 -41.98
N GLY A 389 -1.27 -32.57 -41.17
CA GLY A 389 -1.54 -31.16 -41.37
C GLY A 389 -0.29 -30.32 -41.18
N SER A 390 -0.37 -29.02 -41.48
CA SER A 390 0.79 -28.14 -41.30
C SER A 390 0.59 -27.10 -40.19
N ASP A 391 -0.66 -26.88 -39.81
CA ASP A 391 -1.03 -25.87 -38.81
C ASP A 391 -0.51 -26.14 -37.41
N LEU A 392 -0.67 -25.17 -36.52
CA LEU A 392 -0.37 -25.36 -35.12
C LEU A 392 -1.64 -25.87 -34.44
N HIS A 393 -1.47 -26.40 -33.23
CA HIS A 393 -2.57 -26.95 -32.46
C HIS A 393 -3.75 -25.98 -32.33
N LEU A 394 -3.45 -24.73 -31.99
CA LEU A 394 -4.45 -23.73 -31.65
C LEU A 394 -3.94 -22.34 -32.04
N GLY A 395 -4.85 -21.42 -32.36
CA GLY A 395 -4.43 -20.13 -32.89
C GLY A 395 -5.42 -19.00 -32.70
N PHE A 396 -4.93 -17.76 -32.83
CA PHE A 396 -5.74 -16.56 -32.67
C PHE A 396 -6.41 -16.12 -33.99
N GLN A 397 -7.33 -15.17 -33.91
CA GLN A 397 -7.76 -14.39 -35.08
C GLN A 397 -6.75 -13.23 -35.36
N GLU A 398 -6.26 -13.13 -36.60
CA GLU A 398 -5.16 -12.20 -36.87
C GLU A 398 -5.62 -10.87 -37.47
N THR A 399 -6.93 -10.63 -37.49
CA THR A 399 -7.45 -9.29 -37.74
C THR A 399 -7.80 -8.68 -36.37
N PRO A 400 -7.82 -7.35 -36.28
CA PRO A 400 -8.27 -6.70 -35.04
C PRO A 400 -9.68 -7.12 -34.66
N ALA A 401 -10.05 -6.87 -33.41
CA ALA A 401 -11.37 -7.23 -32.89
C ALA A 401 -12.48 -6.31 -33.41
N LEU A 402 -13.60 -6.90 -33.81
CA LEU A 402 -14.72 -6.18 -34.44
C LEU A 402 -15.34 -5.11 -33.54
N PRO A 403 -15.48 -3.88 -34.08
CA PRO A 403 -14.94 -3.44 -35.38
C PRO A 403 -13.45 -3.05 -35.35
N MET B 2 -4.36 -52.00 2.27
CA MET B 2 -3.43 -51.67 3.38
C MET B 2 -4.08 -50.77 4.44
N ARG B 3 -4.08 -51.21 5.69
CA ARG B 3 -4.63 -50.38 6.77
C ARG B 3 -3.82 -50.35 8.06
N LEU B 4 -3.80 -49.17 8.68
CA LEU B 4 -3.17 -48.93 9.98
C LEU B 4 -3.90 -49.68 11.08
N SER B 5 -3.15 -50.42 11.89
CA SER B 5 -3.74 -51.33 12.86
C SER B 5 -3.58 -50.91 14.32
N ASP B 6 -2.33 -50.80 14.78
CA ASP B 6 -2.05 -50.55 16.19
C ASP B 6 -1.01 -49.46 16.34
N ILE B 7 -1.00 -48.80 17.51
CA ILE B 7 0.00 -47.80 17.89
C ILE B 7 0.61 -48.04 19.28
N GLU B 8 1.93 -47.85 19.38
CA GLU B 8 2.58 -47.83 20.67
C GLU B 8 3.30 -46.50 20.89
N THR B 9 3.22 -45.95 22.11
CA THR B 9 3.97 -44.75 22.44
C THR B 9 5.13 -45.05 23.40
N PHE B 10 6.21 -44.31 23.24
CA PHE B 10 7.38 -44.44 24.10
C PHE B 10 7.68 -43.05 24.64
N VAL B 11 7.81 -42.93 25.96
CA VAL B 11 8.31 -41.70 26.53
C VAL B 11 9.71 -41.95 27.04
N VAL B 12 10.68 -41.29 26.42
CA VAL B 12 12.09 -41.58 26.61
C VAL B 12 12.87 -40.41 27.24
N GLY B 13 13.48 -40.70 28.39
CA GLY B 13 14.28 -39.72 29.11
C GLY B 13 15.69 -39.60 28.56
N ASN B 14 16.12 -38.36 28.38
CA ASN B 14 17.42 -38.05 27.81
C ASN B 14 18.45 -37.98 28.93
N PRO B 15 19.40 -38.92 28.93
CA PRO B 15 20.46 -38.93 29.94
C PRO B 15 21.43 -37.79 29.65
N PRO B 16 22.11 -37.27 30.69
CA PRO B 16 23.12 -36.21 30.62
C PRO B 16 24.13 -36.38 29.47
N PRO B 17 24.71 -35.27 28.99
CA PRO B 17 24.58 -33.88 29.47
C PRO B 17 23.25 -33.20 29.11
N ARG B 18 22.27 -34.01 28.71
CA ARG B 18 20.92 -33.55 28.40
C ARG B 18 20.84 -32.58 27.23
N HIS B 19 21.83 -32.62 26.34
CA HIS B 19 21.78 -31.81 25.13
C HIS B 19 20.57 -32.22 24.31
N GLY B 20 19.75 -31.24 23.94
CA GLY B 20 18.59 -31.49 23.13
C GLY B 20 17.34 -31.84 23.91
N GLY B 21 17.31 -31.47 25.19
CA GLY B 21 16.08 -31.57 25.97
C GLY B 21 16.03 -32.64 27.05
N ARG B 22 14.92 -32.66 27.78
CA ARG B 22 14.79 -33.54 28.93
C ARG B 22 14.17 -34.92 28.64
N TYR B 23 13.31 -34.98 27.62
CA TYR B 23 12.62 -36.23 27.24
C TYR B 23 12.27 -36.27 25.75
N PHE B 24 12.06 -37.47 25.21
CA PHE B 24 11.58 -37.60 23.83
C PHE B 24 10.26 -38.36 23.81
N ILE B 25 9.43 -38.13 22.80
CA ILE B 25 8.18 -38.88 22.66
C ILE B 25 8.08 -39.54 21.29
N PHE B 26 8.17 -40.87 21.26
CA PHE B 26 8.16 -41.60 19.99
C PHE B 26 6.83 -42.28 19.71
N VAL B 27 6.58 -42.57 18.44
CA VAL B 27 5.39 -43.34 18.07
C VAL B 27 5.77 -44.48 17.15
N LYS B 28 5.06 -45.59 17.26
CA LYS B 28 5.32 -46.74 16.43
C LYS B 28 4.00 -47.17 15.82
N LEU B 29 3.87 -46.98 14.51
CA LEU B 29 2.66 -47.40 13.80
C LEU B 29 2.89 -48.73 13.09
N VAL B 30 1.87 -49.59 13.13
CA VAL B 30 1.95 -50.93 12.58
C VAL B 30 0.74 -51.19 11.68
N THR B 31 0.97 -51.60 10.43
CA THR B 31 -0.13 -52.00 9.54
C THR B 31 -0.63 -53.41 9.82
N ALA B 32 -1.82 -53.72 9.32
CA ALA B 32 -2.41 -55.04 9.47
C ALA B 32 -1.48 -56.18 9.00
N CYS B 33 -0.92 -56.05 7.80
CA CYS B 33 0.01 -57.02 7.26
C CYS B 33 1.45 -56.94 7.86
N GLY B 34 1.70 -56.02 8.80
CA GLY B 34 2.99 -56.01 9.47
C GLY B 34 3.98 -54.84 9.40
N ILE B 35 4.04 -54.12 8.28
CA ILE B 35 5.02 -53.03 8.11
C ILE B 35 5.06 -52.04 9.28
N THR B 36 6.26 -51.71 9.76
CA THR B 36 6.38 -50.87 10.95
C THR B 36 6.91 -49.46 10.68
N GLY B 37 6.11 -48.45 11.03
CA GLY B 37 6.50 -47.05 10.93
C GLY B 37 6.85 -46.41 12.26
N TYR B 38 7.90 -45.59 12.27
CA TYR B 38 8.36 -44.90 13.47
C TYR B 38 8.21 -43.37 13.38
N GLY B 39 8.14 -42.68 14.52
CA GLY B 39 7.91 -41.25 14.52
C GLY B 39 8.06 -40.54 15.86
N GLU B 40 8.31 -39.23 15.82
CA GLU B 40 8.46 -38.44 17.05
C GLU B 40 7.50 -37.26 17.11
N ILE B 41 7.04 -36.95 18.32
CA ILE B 41 6.14 -35.81 18.57
C ILE B 41 6.84 -34.74 19.40
N TYR B 42 6.77 -33.49 18.94
CA TYR B 42 7.43 -32.38 19.60
C TYR B 42 6.38 -31.49 20.26
N ASN B 43 6.29 -31.57 21.58
CA ASN B 43 5.24 -30.85 22.27
C ASN B 43 5.46 -30.80 23.79
N ALA B 44 5.52 -29.58 24.31
CA ALA B 44 5.80 -29.37 25.72
C ALA B 44 4.75 -28.47 26.37
N THR B 45 3.53 -28.48 25.82
CA THR B 45 2.41 -27.74 26.40
C THR B 45 1.80 -28.52 27.57
N PHE B 46 2.09 -29.81 27.63
CA PHE B 46 1.69 -30.66 28.73
C PHE B 46 2.77 -31.70 28.89
N GLY B 47 2.83 -32.31 30.07
CA GLY B 47 3.76 -33.39 30.31
C GLY B 47 3.65 -34.49 29.27
N PRO B 48 4.78 -35.12 28.95
CA PRO B 48 4.91 -36.16 27.93
C PRO B 48 3.97 -37.34 28.10
N ASP B 49 3.69 -37.75 29.32
CA ASP B 49 2.82 -38.90 29.57
C ASP B 49 1.44 -38.64 28.97
N LEU B 50 1.05 -37.37 28.97
CA LEU B 50 -0.24 -36.93 28.42
C LEU B 50 -0.18 -36.78 26.90
N VAL B 51 0.89 -36.16 26.40
CA VAL B 51 1.10 -36.06 24.97
C VAL B 51 1.00 -37.46 24.35
N ALA B 52 1.59 -38.44 25.03
CA ALA B 52 1.43 -39.85 24.65
C ALA B 52 -0.04 -40.23 24.51
N LYS B 53 -0.85 -39.91 25.52
CA LYS B 53 -2.27 -40.27 25.48
C LYS B 53 -3.00 -39.61 24.30
N MET B 54 -2.70 -38.34 24.06
CA MET B 54 -3.28 -37.60 22.93
C MET B 54 -2.91 -38.27 21.60
N ALA B 55 -1.78 -38.95 21.57
CA ALA B 55 -1.33 -39.62 20.36
C ALA B 55 -2.20 -40.84 20.05
N GLU B 56 -2.72 -41.46 21.10
CA GLU B 56 -3.57 -42.63 20.90
C GLU B 56 -5.02 -42.23 20.63
N ASP B 57 -5.46 -41.16 21.29
CA ASP B 57 -6.77 -40.59 21.00
C ASP B 57 -6.84 -40.22 19.51
N VAL B 58 -5.83 -39.47 19.05
CA VAL B 58 -5.81 -39.06 17.65
C VAL B 58 -5.70 -40.27 16.70
N PHE B 59 -4.81 -41.20 17.02
CA PHE B 59 -4.67 -42.40 16.22
C PHE B 59 -5.98 -43.19 16.10
N ALA B 60 -6.76 -43.24 17.17
CA ALA B 60 -7.95 -44.08 17.21
C ALA B 60 -9.14 -43.49 16.46
N ARG B 61 -9.21 -42.17 16.38
CA ARG B 61 -10.35 -41.53 15.74
C ARG B 61 -10.14 -41.34 14.25
N GLN B 62 -8.97 -40.88 13.86
CA GLN B 62 -8.75 -40.53 12.47
C GLN B 62 -7.86 -41.52 11.73
N PHE B 63 -7.02 -42.22 12.47
CA PHE B 63 -5.96 -43.01 11.84
C PHE B 63 -6.29 -44.49 11.63
N ALA B 64 -6.68 -45.17 12.70
CA ALA B 64 -6.97 -46.60 12.67
C ALA B 64 -7.86 -47.04 11.50
N GLY B 65 -7.38 -48.02 10.75
CA GLY B 65 -8.11 -48.56 9.61
C GLY B 65 -7.91 -47.80 8.31
N GLU B 66 -7.19 -46.70 8.35
CA GLU B 66 -6.97 -45.93 7.14
C GLU B 66 -5.71 -46.39 6.41
N ASP B 67 -5.64 -46.12 5.12
CA ASP B 67 -4.44 -46.42 4.35
C ASP B 67 -3.40 -45.38 4.71
N PRO B 68 -2.23 -45.80 5.21
CA PRO B 68 -1.17 -44.84 5.50
C PRO B 68 -0.74 -44.00 4.29
N HIS B 69 -1.11 -44.42 3.09
CA HIS B 69 -0.85 -43.61 1.92
C HIS B 69 -1.76 -42.38 1.87
N HIS B 70 -2.84 -42.41 2.61
CA HIS B 70 -3.85 -41.37 2.51
C HIS B 70 -3.58 -40.19 3.45
N ILE B 71 -2.40 -39.59 3.28
CA ILE B 71 -1.90 -38.47 4.10
C ILE B 71 -2.78 -37.22 4.11
N GLU B 72 -3.23 -36.79 2.94
CA GLU B 72 -4.13 -35.61 2.85
C GLU B 72 -5.39 -35.87 3.63
N LYS B 73 -5.87 -37.11 3.60
CA LYS B 73 -7.10 -37.45 4.25
C LYS B 73 -6.87 -37.51 5.74
N LEU B 74 -5.82 -38.23 6.13
CA LEU B 74 -5.50 -38.37 7.54
C LEU B 74 -5.35 -37.01 8.17
N TRP B 75 -4.49 -36.20 7.57
CA TRP B 75 -4.16 -34.87 8.06
C TRP B 75 -5.42 -33.98 8.20
N HIS B 76 -6.29 -34.00 7.21
CA HIS B 76 -7.46 -33.12 7.23
C HIS B 76 -8.58 -33.62 8.13
N LYS B 77 -8.60 -34.93 8.39
CA LYS B 77 -9.54 -35.47 9.36
C LYS B 77 -9.11 -35.01 10.75
N THR B 78 -7.80 -34.97 10.94
CA THR B 78 -7.18 -34.65 12.23
C THR B 78 -7.22 -33.14 12.48
N TYR B 79 -6.85 -32.37 11.45
CA TYR B 79 -6.84 -30.92 11.52
C TYR B 79 -8.21 -30.38 11.84
N GLY B 80 -9.22 -31.03 11.26
CA GLY B 80 -10.57 -30.50 11.29
C GLY B 80 -11.35 -30.95 12.49
N ALA B 81 -10.69 -31.70 13.37
CA ALA B 81 -11.34 -32.28 14.53
C ALA B 81 -11.91 -31.21 15.47
N GLY B 82 -13.08 -31.53 16.02
CA GLY B 82 -13.73 -30.72 17.02
C GLY B 82 -14.15 -29.37 16.51
N TYR B 83 -14.34 -29.31 15.19
CA TYR B 83 -14.61 -28.05 14.52
C TYR B 83 -13.55 -27.01 14.92
N THR B 84 -12.34 -27.17 14.41
CA THR B 84 -11.28 -26.20 14.65
C THR B 84 -10.67 -25.68 13.34
N GLN B 85 -9.85 -26.50 12.69
CA GLN B 85 -9.31 -26.17 11.37
C GLN B 85 -8.52 -24.86 11.43
N ARG B 86 -7.78 -24.69 12.52
CA ARG B 86 -6.88 -23.57 12.73
C ARG B 86 -5.59 -24.15 13.31
N PRO B 87 -4.44 -23.50 13.06
CA PRO B 87 -3.20 -24.04 13.61
C PRO B 87 -3.25 -24.16 15.13
N ASP B 88 -2.55 -25.15 15.65
CA ASP B 88 -2.60 -25.50 17.06
C ASP B 88 -1.39 -26.38 17.25
N VAL B 89 -0.48 -26.03 18.14
CA VAL B 89 0.76 -26.83 18.24
C VAL B 89 0.58 -28.12 19.00
N THR B 90 -0.45 -28.18 19.86
CA THR B 90 -0.73 -29.40 20.61
C THR B 90 -1.16 -30.47 19.62
N VAL B 91 -2.21 -30.17 18.87
CA VAL B 91 -2.72 -31.10 17.87
C VAL B 91 -1.65 -31.40 16.80
N MET B 92 -1.11 -30.34 16.22
CA MET B 92 -0.19 -30.49 15.09
C MET B 92 1.08 -31.19 15.56
N GLY B 93 1.31 -31.21 16.86
CA GLY B 93 2.47 -31.88 17.39
C GLY B 93 2.32 -33.36 17.20
N VAL B 94 1.21 -33.87 17.71
CA VAL B 94 0.86 -35.28 17.61
C VAL B 94 0.73 -35.71 16.15
N LEU B 95 0.15 -34.84 15.35
CA LEU B 95 -0.11 -35.17 13.96
C LEU B 95 1.20 -35.40 13.22
N SER B 96 2.23 -34.65 13.60
CA SER B 96 3.52 -34.71 12.94
C SER B 96 4.17 -36.08 13.08
N GLY B 97 4.11 -36.63 14.29
CA GLY B 97 4.73 -37.90 14.56
C GLY B 97 4.06 -39.02 13.80
N LEU B 98 2.75 -39.09 13.91
CA LEU B 98 1.99 -40.10 13.18
C LEU B 98 2.31 -40.01 11.70
N GLU B 99 2.12 -38.83 11.13
CA GLU B 99 2.38 -38.59 9.72
C GLU B 99 3.77 -39.05 9.28
N MET B 100 4.81 -38.55 9.96
CA MET B 100 6.17 -39.06 9.81
C MET B 100 6.16 -40.58 9.68
N ALA B 101 5.57 -41.25 10.67
CA ALA B 101 5.57 -42.70 10.69
C ALA B 101 4.87 -43.32 9.48
N CYS B 102 3.87 -42.62 8.95
CA CYS B 102 3.18 -43.09 7.76
C CYS B 102 4.11 -43.03 6.56
N TRP B 103 4.94 -41.99 6.49
CA TRP B 103 5.95 -41.92 5.45
C TRP B 103 6.94 -43.08 5.57
N ASP B 104 7.41 -43.35 6.79
CA ASP B 104 8.21 -44.55 7.06
C ASP B 104 7.56 -45.79 6.43
N ILE B 105 6.27 -45.98 6.72
CA ILE B 105 5.54 -47.09 6.14
C ILE B 105 5.47 -47.00 4.63
N ILE B 106 4.93 -45.91 4.11
CA ILE B 106 4.87 -45.69 2.66
C ILE B 106 6.18 -46.05 1.95
N GLY B 107 7.29 -45.61 2.54
CA GLY B 107 8.60 -45.84 1.96
C GLY B 107 9.04 -47.28 2.04
N LYS B 108 8.85 -47.90 3.19
CA LYS B 108 9.24 -49.29 3.34
C LYS B 108 8.49 -50.15 2.33
N ALA B 109 7.21 -49.86 2.14
CA ALA B 109 6.38 -50.52 1.14
C ALA B 109 6.76 -50.16 -0.31
N ALA B 110 7.47 -49.06 -0.51
CA ALA B 110 7.91 -48.74 -1.86
C ALA B 110 9.32 -49.22 -2.13
N GLY B 111 9.99 -49.72 -1.08
CA GLY B 111 11.40 -50.07 -1.16
C GLY B 111 12.26 -48.85 -1.42
N LYS B 112 11.93 -47.74 -0.78
CA LYS B 112 12.52 -46.45 -1.12
C LYS B 112 12.66 -45.51 0.07
N PRO B 113 13.76 -44.74 0.11
CA PRO B 113 13.81 -43.59 1.02
C PRO B 113 12.64 -42.64 0.77
N ALA B 114 12.15 -41.99 1.81
CA ALA B 114 11.01 -41.11 1.63
C ALA B 114 11.31 -39.91 0.69
N TYR B 115 12.53 -39.40 0.74
CA TYR B 115 12.88 -38.31 -0.15
C TYR B 115 12.80 -38.67 -1.65
N GLU B 116 12.98 -39.94 -1.98
CA GLU B 116 12.90 -40.37 -3.37
C GLU B 116 11.45 -40.41 -3.85
N LEU B 117 10.52 -40.26 -2.91
CA LEU B 117 9.11 -40.20 -3.22
C LEU B 117 8.60 -38.75 -3.17
N LEU B 118 9.41 -37.87 -2.61
CA LEU B 118 9.01 -36.47 -2.49
C LEU B 118 9.93 -35.53 -3.27
N GLY B 119 10.30 -35.88 -4.49
CA GLY B 119 11.09 -34.96 -5.29
C GLY B 119 12.47 -35.49 -5.61
N GLY B 120 12.96 -36.43 -4.81
CA GLY B 120 14.20 -37.11 -5.13
C GLY B 120 15.42 -36.48 -4.49
N LYS B 121 16.49 -37.26 -4.38
CA LYS B 121 17.73 -36.74 -3.80
C LYS B 121 18.17 -35.50 -4.57
N VAL B 122 18.73 -34.53 -3.84
CA VAL B 122 19.24 -33.31 -4.44
C VAL B 122 20.66 -33.09 -3.94
N HIS B 123 20.86 -33.33 -2.66
CA HIS B 123 22.18 -33.24 -2.05
C HIS B 123 22.74 -34.62 -1.65
N GLU B 124 24.01 -34.87 -1.91
CA GLU B 124 24.67 -36.07 -1.43
C GLU B 124 25.09 -35.88 0.01
N ARG B 125 25.11 -34.64 0.46
N ARG B 125 24.96 -34.65 0.50
CA ARG B 125 25.48 -34.35 1.84
CA ARG B 125 25.61 -34.17 1.71
C ARG B 125 24.86 -33.06 2.38
C ARG B 125 24.77 -33.05 2.35
N LEU B 126 24.53 -33.10 3.66
CA LEU B 126 23.77 -32.04 4.32
C LEU B 126 24.62 -31.29 5.33
N ARG B 127 24.89 -30.02 5.04
CA ARG B 127 25.65 -29.15 5.92
C ARG B 127 24.99 -29.06 7.31
N SER B 128 25.79 -29.15 8.36
CA SER B 128 25.18 -29.11 9.68
C SER B 128 25.79 -28.05 10.57
N TYR B 129 25.11 -27.75 11.67
CA TYR B 129 25.62 -26.80 12.62
C TYR B 129 25.32 -27.29 14.02
N THR B 130 26.13 -26.89 15.00
CA THR B 130 25.83 -27.22 16.40
C THR B 130 25.74 -25.99 17.30
N TYR B 131 25.00 -26.10 18.41
CA TYR B 131 25.18 -25.14 19.50
C TYR B 131 26.58 -25.29 20.07
N LEU B 132 27.10 -24.22 20.64
CA LEU B 132 28.32 -24.31 21.43
C LEU B 132 27.94 -24.84 22.79
N TYR B 133 28.55 -25.95 23.18
CA TYR B 133 28.25 -26.58 24.47
C TYR B 133 29.54 -26.54 25.28
N PRO B 134 29.46 -26.83 26.59
CA PRO B 134 30.69 -26.93 27.39
C PRO B 134 31.44 -28.22 27.07
N THR B 135 32.17 -28.74 28.05
CA THR B 135 32.74 -30.09 27.95
C THR B 135 32.60 -30.84 29.29
N PRO B 146 30.69 -18.26 34.75
CA PRO B 146 31.85 -17.97 33.91
C PRO B 146 32.08 -19.08 32.89
N ASN B 147 31.13 -19.27 31.98
CA ASN B 147 31.07 -20.46 31.13
C ASN B 147 30.67 -20.14 29.70
N VAL B 148 30.77 -21.14 28.82
CA VAL B 148 30.48 -21.08 27.37
C VAL B 148 29.16 -20.36 27.00
N TYR B 149 28.18 -20.41 27.90
CA TYR B 149 26.93 -19.69 27.67
C TYR B 149 26.99 -18.17 28.01
N ASN B 150 27.99 -17.73 28.76
CA ASN B 150 28.01 -16.33 29.18
C ASN B 150 29.35 -15.59 29.14
N ASP B 151 30.32 -16.15 28.43
CA ASP B 151 31.61 -15.49 28.28
C ASP B 151 32.19 -15.68 26.88
N ALA B 152 32.47 -14.58 26.20
CA ALA B 152 32.77 -14.62 24.78
C ALA B 152 34.03 -15.44 24.48
N ASP B 153 35.02 -15.35 25.36
CA ASP B 153 36.27 -16.04 25.13
C ASP B 153 36.06 -17.56 25.08
N MET B 154 35.39 -18.10 26.10
CA MET B 154 35.12 -19.54 26.18
C MET B 154 34.24 -20.04 25.04
N ALA B 155 33.33 -19.18 24.60
CA ALA B 155 32.53 -19.44 23.43
C ALA B 155 33.43 -19.55 22.19
N ALA B 156 34.44 -18.69 22.10
CA ALA B 156 35.28 -18.68 20.92
C ALA B 156 36.08 -19.97 20.84
N GLU B 157 36.66 -20.36 21.98
CA GLU B 157 37.38 -21.63 22.14
C GLU B 157 36.53 -22.81 21.68
N ALA B 158 35.31 -22.90 22.20
CA ALA B 158 34.32 -23.88 21.76
C ALA B 158 34.15 -23.91 20.25
N ALA B 159 33.88 -22.74 19.67
CA ALA B 159 33.68 -22.63 18.24
C ALA B 159 34.93 -23.07 17.49
N ALA B 160 36.08 -22.87 18.10
CA ALA B 160 37.32 -23.27 17.46
C ALA B 160 37.43 -24.80 17.42
N LYS B 161 36.95 -25.46 18.46
CA LYS B 161 36.97 -26.92 18.51
C LYS B 161 35.92 -27.49 17.56
N ALA B 162 34.81 -26.78 17.41
CA ALA B 162 33.75 -27.24 16.52
C ALA B 162 34.22 -27.17 15.08
N VAL B 163 34.94 -26.10 14.75
CA VAL B 163 35.51 -26.01 13.42
C VAL B 163 36.46 -27.16 13.19
N ASP B 164 37.38 -27.38 14.13
CA ASP B 164 38.35 -28.48 14.00
C ASP B 164 37.70 -29.85 13.78
N GLN B 165 36.48 -30.04 14.30
CA GLN B 165 35.73 -31.29 14.11
C GLN B 165 35.07 -31.39 12.72
N GLY B 166 35.03 -30.28 11.99
CA GLY B 166 34.46 -30.27 10.66
C GLY B 166 33.33 -29.26 10.48
N PHE B 167 32.82 -28.73 11.59
CA PHE B 167 31.68 -27.82 11.56
C PHE B 167 31.91 -26.53 10.78
N THR B 168 30.93 -26.18 9.96
CA THR B 168 30.98 -24.93 9.18
C THR B 168 29.95 -23.89 9.62
N ALA B 169 29.44 -24.02 10.84
CA ALA B 169 28.45 -23.11 11.41
C ALA B 169 28.24 -23.45 12.87
N VAL B 170 28.15 -22.44 13.72
CA VAL B 170 27.87 -22.64 15.14
C VAL B 170 26.75 -21.71 15.58
N LYS B 171 25.93 -22.14 16.53
CA LYS B 171 24.84 -21.31 17.06
C LYS B 171 25.06 -20.96 18.53
N PHE B 172 24.64 -19.76 18.90
CA PHE B 172 24.78 -19.26 20.26
C PHE B 172 23.72 -18.19 20.56
N ASP B 173 23.29 -18.11 21.83
CA ASP B 173 22.33 -17.07 22.24
C ASP B 173 22.81 -16.27 23.45
N PRO B 174 23.57 -15.21 23.19
CA PRO B 174 24.12 -14.46 24.31
C PRO B 174 23.28 -13.22 24.63
N ALA B 175 22.03 -13.20 24.22
CA ALA B 175 21.25 -11.97 24.35
C ALA B 175 20.42 -11.87 25.63
N GLY B 176 20.69 -12.74 26.60
CA GLY B 176 20.05 -12.67 27.91
C GLY B 176 18.79 -13.52 28.01
N ALA B 177 18.32 -13.73 29.23
CA ALA B 177 17.17 -14.60 29.49
C ALA B 177 15.92 -14.25 28.68
N TYR B 178 15.19 -15.27 28.24
CA TYR B 178 13.88 -15.05 27.65
C TYR B 178 12.72 -15.29 28.63
N THR B 179 11.83 -14.32 28.74
CA THR B 179 10.82 -14.30 29.80
C THR B 179 9.40 -14.52 29.29
N ILE B 180 8.46 -14.65 30.22
CA ILE B 180 7.07 -14.88 29.87
C ILE B 180 6.40 -13.56 29.50
N TYR B 181 7.16 -12.48 29.61
CA TYR B 181 6.62 -11.14 29.38
C TYR B 181 7.24 -10.50 28.13
N ASP B 182 8.04 -11.29 27.42
CA ASP B 182 8.60 -10.89 26.13
C ASP B 182 7.47 -10.42 25.22
N GLY B 183 7.72 -9.39 24.40
CA GLY B 183 9.06 -8.87 24.18
C GLY B 183 9.54 -7.81 25.14
N HIS B 184 10.86 -7.72 25.30
CA HIS B 184 11.47 -6.65 26.10
C HIS B 184 12.57 -5.94 25.33
N GLN B 185 13.34 -5.13 26.05
CA GLN B 185 14.48 -4.41 25.48
C GLN B 185 15.78 -5.03 25.93
N PRO B 186 16.79 -5.05 25.06
CA PRO B 186 18.07 -5.56 25.54
C PRO B 186 18.71 -4.61 26.55
N SER B 187 19.29 -5.16 27.60
CA SER B 187 20.08 -4.33 28.49
C SER B 187 21.31 -3.87 27.71
N LEU B 188 21.98 -2.82 28.17
CA LEU B 188 23.19 -2.37 27.48
C LEU B 188 24.28 -3.43 27.57
N GLU B 189 24.21 -4.21 28.63
CA GLU B 189 25.09 -5.34 28.85
C GLU B 189 24.68 -6.50 27.94
N ASP B 190 23.38 -6.67 27.75
CA ASP B 190 22.89 -7.61 26.75
C ASP B 190 23.52 -7.28 25.38
N LEU B 191 23.49 -6.01 24.99
CA LEU B 191 24.10 -5.62 23.72
C LEU B 191 25.62 -5.79 23.74
N GLU B 192 26.24 -5.47 24.85
CA GLU B 192 27.68 -5.61 24.99
C GLU B 192 28.10 -7.07 24.78
N ARG B 193 27.61 -7.96 25.64
CA ARG B 193 27.98 -9.37 25.57
C ARG B 193 27.67 -9.97 24.21
N SER B 194 26.53 -9.59 23.66
CA SER B 194 26.10 -10.06 22.34
C SER B 194 27.11 -9.69 21.27
N GLU B 195 27.61 -8.47 21.31
CA GLU B 195 28.59 -8.10 20.33
C GLU B 195 29.93 -8.81 20.58
N ALA B 196 30.36 -8.92 21.84
CA ALA B 196 31.65 -9.53 22.13
C ALA B 196 31.66 -10.97 21.65
N PHE B 197 30.52 -11.63 21.82
CA PHE B 197 30.35 -12.98 21.29
C PHE B 197 30.66 -13.03 19.81
N CYS B 198 30.03 -12.17 19.04
CA CYS B 198 30.28 -12.18 17.60
C CYS B 198 31.73 -11.83 17.26
N LYS B 199 32.29 -10.84 17.93
CA LYS B 199 33.63 -10.38 17.59
C LYS B 199 34.64 -11.48 17.82
N GLN B 200 34.59 -12.05 19.02
CA GLN B 200 35.54 -13.05 19.48
C GLN B 200 35.46 -14.36 18.73
N ILE B 201 34.23 -14.83 18.47
CA ILE B 201 34.02 -16.06 17.74
C ILE B 201 34.46 -15.91 16.29
N ARG B 202 34.16 -14.74 15.72
CA ARG B 202 34.53 -14.44 14.35
C ARG B 202 36.05 -14.39 14.20
N ALA B 203 36.72 -13.84 15.21
CA ALA B 203 38.18 -13.83 15.27
C ALA B 203 38.78 -15.22 15.34
N ALA B 204 38.00 -16.17 15.86
CA ALA B 204 38.50 -17.49 16.15
C ALA B 204 38.13 -18.49 15.07
N VAL B 205 37.05 -18.23 14.32
CA VAL B 205 36.75 -19.14 13.23
C VAL B 205 37.15 -18.55 11.88
N GLY B 206 37.32 -17.23 11.82
CA GLY B 206 37.62 -16.57 10.55
C GLY B 206 36.51 -16.75 9.52
N THR B 207 36.87 -17.13 8.30
CA THR B 207 35.87 -17.42 7.29
C THR B 207 35.50 -18.92 7.24
N LYS B 208 36.05 -19.69 8.19
CA LYS B 208 35.80 -21.14 8.25
C LYS B 208 34.40 -21.52 8.74
N ALA B 209 33.69 -20.60 9.39
CA ALA B 209 32.34 -20.91 9.84
C ALA B 209 31.40 -19.71 10.06
N ASP B 210 30.14 -19.93 9.71
CA ASP B 210 29.11 -18.94 9.87
C ASP B 210 28.64 -18.84 11.31
N LEU B 211 28.37 -17.60 11.74
CA LEU B 211 27.79 -17.36 13.05
C LEU B 211 26.27 -17.39 12.91
N LEU B 212 25.64 -18.25 13.69
CA LEU B 212 24.19 -18.28 13.77
C LEU B 212 23.78 -17.75 15.14
N PHE B 213 23.33 -16.50 15.15
CA PHE B 213 23.00 -15.80 16.39
C PHE B 213 21.58 -16.17 16.73
N GLY B 214 21.41 -16.96 17.80
CA GLY B 214 20.18 -17.72 18.00
C GLY B 214 19.28 -17.41 19.18
N THR B 215 18.92 -16.13 19.31
CA THR B 215 17.91 -15.62 20.25
C THR B 215 16.60 -16.43 20.33
N HIS B 216 15.87 -16.29 21.43
CA HIS B 216 14.59 -17.00 21.58
C HIS B 216 13.38 -16.09 21.74
N GLY B 217 13.21 -15.12 20.85
CA GLY B 217 12.03 -14.26 20.88
C GLY B 217 12.00 -13.21 21.98
N GLN B 218 13.19 -12.74 22.36
CA GLN B 218 13.37 -11.84 23.50
C GLN B 218 12.84 -10.41 23.33
N PHE B 219 13.00 -9.85 22.15
CA PHE B 219 12.86 -8.41 22.00
C PHE B 219 11.62 -7.92 21.29
N THR B 220 11.31 -6.64 21.48
CA THR B 220 10.31 -5.99 20.67
C THR B 220 10.97 -5.66 19.36
N VAL B 221 10.19 -5.15 18.41
CA VAL B 221 10.77 -4.82 17.13
C VAL B 221 11.80 -3.70 17.27
N SER B 222 11.49 -2.69 18.08
CA SER B 222 12.48 -1.65 18.37
C SER B 222 13.72 -2.27 19.05
N GLY B 223 13.48 -3.21 19.98
CA GLY B 223 14.56 -3.87 20.69
C GLY B 223 15.48 -4.62 19.75
N ALA B 224 14.89 -5.38 18.83
CA ALA B 224 15.67 -6.17 17.89
C ALA B 224 16.56 -5.29 17.00
N LYS B 225 16.02 -4.15 16.56
CA LYS B 225 16.81 -3.22 15.75
C LYS B 225 17.99 -2.63 16.51
N ARG B 226 17.81 -2.33 17.80
CA ARG B 226 18.90 -1.83 18.63
C ARG B 226 20.05 -2.82 18.54
N LEU B 227 19.73 -4.10 18.66
CA LEU B 227 20.72 -5.18 18.68
C LEU B 227 21.31 -5.54 17.31
N ALA B 228 20.45 -5.67 16.30
CA ALA B 228 20.91 -5.99 14.95
C ALA B 228 21.94 -4.98 14.45
N ARG B 229 21.78 -3.72 14.87
CA ARG B 229 22.67 -2.65 14.49
C ARG B 229 24.06 -2.93 14.99
N ARG B 230 24.16 -3.62 16.12
CA ARG B 230 25.48 -3.94 16.67
C ARG B 230 26.12 -5.24 16.15
N LEU B 231 25.33 -6.07 15.45
CA LEU B 231 25.82 -7.37 15.01
C LEU B 231 26.19 -7.47 13.52
N GLU B 232 25.66 -6.57 12.68
CA GLU B 232 25.88 -6.64 11.24
C GLU B 232 27.33 -6.77 10.77
N ALA B 233 28.27 -6.22 11.54
CA ALA B 233 29.67 -6.14 11.14
C ALA B 233 30.36 -7.49 11.10
N TYR B 234 29.80 -8.44 11.82
CA TYR B 234 30.42 -9.75 11.94
C TYR B 234 29.82 -10.76 10.97
N ASP B 235 28.90 -10.25 10.14
CA ASP B 235 28.22 -11.04 9.12
C ASP B 235 27.59 -12.32 9.67
N PRO B 236 26.80 -12.22 10.75
CA PRO B 236 26.07 -13.42 11.17
C PRO B 236 25.23 -13.91 10.02
N LEU B 237 25.10 -15.22 9.91
CA LEU B 237 24.33 -15.81 8.81
C LEU B 237 22.85 -15.61 9.07
N TRP B 238 22.48 -15.63 10.34
CA TRP B 238 21.12 -15.25 10.68
C TRP B 238 20.94 -14.70 12.08
N PHE B 239 19.78 -14.07 12.25
CA PHE B 239 19.35 -13.53 13.49
C PHE B 239 18.04 -14.30 13.69
N GLU B 240 18.01 -15.20 14.67
CA GLU B 240 16.88 -16.14 14.88
C GLU B 240 15.81 -15.67 15.87
N GLU B 241 14.56 -15.66 15.41
CA GLU B 241 13.41 -15.33 16.24
C GLU B 241 13.70 -14.12 17.11
N PRO B 242 13.90 -12.94 16.49
CA PRO B 242 14.32 -11.74 17.21
C PRO B 242 13.19 -11.24 18.08
N ILE B 243 11.96 -11.44 17.64
CA ILE B 243 10.76 -11.03 18.38
C ILE B 243 9.83 -12.25 18.54
N PRO B 244 8.75 -12.11 19.33
CA PRO B 244 7.78 -13.21 19.46
C PRO B 244 6.99 -13.60 18.17
N PRO B 245 6.32 -14.77 18.16
CA PRO B 245 5.79 -15.32 16.92
C PRO B 245 4.37 -14.90 16.50
N GLU B 246 3.66 -14.11 17.29
CA GLU B 246 2.25 -13.88 17.00
C GLU B 246 1.95 -12.91 15.84
N LYS B 247 2.86 -11.96 15.55
CA LYS B 247 2.68 -11.02 14.43
C LYS B 247 3.89 -10.98 13.47
N PRO B 248 3.87 -11.82 12.41
CA PRO B 248 4.94 -11.78 11.39
C PRO B 248 5.05 -10.42 10.76
N GLU B 249 3.93 -9.74 10.63
CA GLU B 249 3.89 -8.37 10.14
C GLU B 249 4.93 -7.50 10.86
N ASP B 250 5.15 -7.77 12.14
CA ASP B 250 6.17 -7.05 12.93
C ASP B 250 7.61 -7.53 12.73
N MET B 251 7.81 -8.83 12.59
CA MET B 251 9.15 -9.36 12.34
C MET B 251 9.70 -8.82 11.01
N ALA B 252 8.81 -8.59 10.03
CA ALA B 252 9.23 -8.06 8.74
C ALA B 252 9.84 -6.67 8.89
N GLU B 253 9.38 -5.94 9.91
CA GLU B 253 9.92 -4.63 10.22
C GLU B 253 11.40 -4.73 10.60
N VAL B 254 11.75 -5.79 11.32
CA VAL B 254 13.13 -6.09 11.67
C VAL B 254 13.92 -6.60 10.45
N ALA B 255 13.31 -7.47 9.65
CA ALA B 255 14.01 -8.05 8.50
C ALA B 255 14.35 -7.03 7.40
N ARG B 256 13.45 -6.07 7.19
CA ARG B 256 13.70 -4.96 6.25
C ARG B 256 14.81 -4.02 6.74
N TYR B 257 14.90 -3.85 8.06
CA TYR B 257 15.88 -2.93 8.65
C TYR B 257 17.33 -3.40 8.52
N THR B 258 17.58 -4.68 8.78
CA THR B 258 18.96 -5.14 8.85
C THR B 258 19.42 -5.94 7.65
N SER B 259 20.74 -6.06 7.51
CA SER B 259 21.35 -6.85 6.46
C SER B 259 21.42 -8.33 6.86
N ILE B 260 21.48 -8.59 8.16
CA ILE B 260 21.42 -9.95 8.68
C ILE B 260 20.09 -10.58 8.29
N PRO B 261 20.14 -11.79 7.71
CA PRO B 261 18.93 -12.57 7.45
C PRO B 261 18.20 -12.91 8.74
N VAL B 262 16.88 -12.80 8.73
CA VAL B 262 16.08 -13.23 9.87
C VAL B 262 15.54 -14.66 9.66
N ALA B 263 15.71 -15.50 10.67
CA ALA B 263 15.20 -16.86 10.57
C ALA B 263 14.22 -17.13 11.71
N THR B 264 13.12 -17.83 11.42
CA THR B 264 12.15 -18.14 12.46
C THR B 264 11.43 -19.42 12.07
N GLY B 265 10.66 -19.99 13.00
CA GLY B 265 9.79 -21.11 12.66
C GLY B 265 9.60 -22.22 13.67
N GLU B 266 10.52 -22.35 14.61
CA GLU B 266 10.49 -23.46 15.56
C GLU B 266 9.18 -23.49 16.34
N ARG B 267 8.53 -22.34 16.41
CA ARG B 267 7.27 -22.28 17.12
C ARG B 267 6.08 -22.14 16.16
N LEU B 268 6.31 -22.43 14.89
CA LEU B 268 5.22 -22.35 13.93
C LEU B 268 4.71 -23.73 13.48
N CYS B 269 3.45 -23.79 13.08
CA CYS B 269 2.90 -25.01 12.49
C CYS B 269 1.91 -24.71 11.35
N THR B 270 1.73 -25.71 10.46
CA THR B 270 0.92 -25.65 9.23
C THR B 270 1.43 -24.68 8.19
N LYS B 271 0.99 -24.88 6.95
CA LYS B 271 1.41 -24.02 5.85
C LYS B 271 0.81 -22.63 6.04
N TYR B 272 -0.31 -22.55 6.73
CA TYR B 272 -1.03 -21.29 6.85
C TYR B 272 -0.17 -20.22 7.54
N GLU B 273 0.64 -20.64 8.49
CA GLU B 273 1.44 -19.68 9.25
C GLU B 273 2.72 -19.29 8.52
N PHE B 274 3.33 -20.25 7.84
CA PHE B 274 4.50 -19.97 7.04
C PHE B 274 4.18 -19.16 5.76
N SER B 275 2.94 -19.28 5.29
CA SER B 275 2.51 -18.50 4.14
C SER B 275 2.63 -17.02 4.51
N ARG B 276 2.06 -16.66 5.66
CA ARG B 276 2.12 -15.30 6.16
C ARG B 276 3.56 -14.83 6.44
N VAL B 277 4.39 -15.71 6.98
CA VAL B 277 5.79 -15.35 7.17
C VAL B 277 6.48 -14.97 5.84
N LEU B 278 6.31 -15.79 4.82
CA LEU B 278 6.94 -15.54 3.52
C LEU B 278 6.39 -14.28 2.85
N GLU B 279 5.08 -14.11 2.92
CA GLU B 279 4.42 -13.04 2.20
C GLU B 279 4.68 -11.67 2.81
N THR B 280 4.93 -11.64 4.12
CA THR B 280 5.14 -10.40 4.84
C THR B 280 6.62 -10.01 4.78
N GLY B 281 7.48 -11.00 4.55
CA GLY B 281 8.90 -10.75 4.52
C GLY B 281 9.56 -10.94 5.87
N ALA B 282 8.83 -11.53 6.81
CA ALA B 282 9.32 -11.72 8.17
C ALA B 282 10.59 -12.56 8.24
N ALA B 283 10.85 -13.36 7.20
CA ALA B 283 12.02 -14.22 7.19
C ALA B 283 12.45 -14.66 5.79
N SER B 284 13.74 -15.02 5.69
CA SER B 284 14.35 -15.56 4.47
C SER B 284 14.86 -16.96 4.76
N ILE B 285 14.80 -17.34 6.03
CA ILE B 285 15.18 -18.69 6.41
C ILE B 285 14.14 -19.32 7.34
N LEU B 286 13.44 -20.33 6.82
CA LEU B 286 12.37 -21.03 7.55
C LEU B 286 12.92 -22.16 8.37
N GLN B 287 12.58 -22.18 9.65
CA GLN B 287 13.09 -23.21 10.54
C GLN B 287 11.99 -24.11 11.02
N MET B 288 11.59 -25.07 10.19
CA MET B 288 10.59 -26.04 10.60
C MET B 288 11.21 -27.03 11.56
N ASN B 289 10.46 -27.41 12.58
CA ASN B 289 10.71 -28.65 13.29
C ASN B 289 9.65 -29.64 12.81
N LEU B 290 10.07 -30.80 12.32
CA LEU B 290 9.11 -31.73 11.74
C LEU B 290 8.30 -32.51 12.77
N GLY B 291 8.61 -32.31 14.05
CA GLY B 291 7.80 -32.88 15.11
C GLY B 291 6.64 -31.97 15.42
N ARG B 292 6.65 -30.77 14.85
CA ARG B 292 5.63 -29.78 15.17
C ARG B 292 4.95 -29.22 13.93
N VAL B 293 5.73 -28.97 12.90
CA VAL B 293 5.28 -28.26 11.70
C VAL B 293 4.05 -28.87 10.99
N GLY B 294 3.73 -30.13 11.29
CA GLY B 294 2.59 -30.79 10.64
C GLY B 294 2.94 -31.97 9.74
N GLY B 295 4.17 -32.44 9.79
CA GLY B 295 4.56 -33.65 9.11
C GLY B 295 5.44 -33.39 7.92
N LEU B 296 5.86 -34.47 7.26
CA LEU B 296 6.84 -34.40 6.20
C LEU B 296 6.28 -33.80 4.90
N LEU B 297 5.08 -34.22 4.51
CA LEU B 297 4.47 -33.69 3.30
C LEU B 297 4.10 -32.21 3.45
N GLU B 298 3.64 -31.83 4.63
CA GLU B 298 3.34 -30.45 4.93
C GLU B 298 4.59 -29.61 4.83
N ALA B 299 5.70 -30.10 5.39
CA ALA B 299 6.96 -29.38 5.32
C ALA B 299 7.45 -29.21 3.88
N LYS B 300 7.21 -30.22 3.04
CA LYS B 300 7.60 -30.15 1.63
C LYS B 300 6.82 -29.07 0.91
N LYS B 301 5.53 -28.96 1.23
CA LYS B 301 4.70 -27.87 0.71
C LYS B 301 5.27 -26.52 1.16
N ILE B 302 5.63 -26.44 2.44
CA ILE B 302 6.21 -25.21 2.97
C ILE B 302 7.53 -24.84 2.31
N ALA B 303 8.40 -25.81 2.04
CA ALA B 303 9.68 -25.50 1.42
C ALA B 303 9.45 -25.07 -0.02
N ALA B 304 8.44 -25.67 -0.65
CA ALA B 304 8.12 -25.29 -2.02
C ALA B 304 7.64 -23.83 -2.09
N MET B 305 6.85 -23.39 -1.10
CA MET B 305 6.38 -22.01 -1.05
C MET B 305 7.56 -21.05 -0.88
N ALA B 306 8.43 -21.38 0.07
CA ALA B 306 9.64 -20.60 0.33
C ALA B 306 10.47 -20.37 -0.93
N GLU B 307 10.46 -21.35 -1.84
CA GLU B 307 11.14 -21.22 -3.12
C GLU B 307 10.62 -20.01 -3.86
N CYS B 308 9.31 -19.80 -3.79
CA CYS B 308 8.67 -18.72 -4.52
C CYS B 308 8.97 -17.38 -3.91
N HIS B 309 9.79 -17.36 -2.87
CA HIS B 309 9.98 -16.16 -2.09
C HIS B 309 11.41 -15.86 -1.67
N SER B 310 12.38 -16.43 -2.39
CA SER B 310 13.79 -16.24 -2.02
C SER B 310 14.12 -16.74 -0.62
N ALA B 311 13.25 -17.57 -0.05
CA ALA B 311 13.53 -18.18 1.24
C ALA B 311 14.19 -19.57 1.14
N GLN B 312 15.01 -19.89 2.14
CA GLN B 312 15.63 -21.20 2.27
C GLN B 312 15.09 -21.91 3.50
N ILE B 313 15.27 -23.23 3.58
CA ILE B 313 14.84 -23.95 4.75
C ILE B 313 16.04 -24.37 5.58
N ALA B 314 15.90 -24.33 6.89
CA ALA B 314 16.95 -24.80 7.79
C ALA B 314 16.30 -25.43 9.01
N PRO B 315 15.94 -26.72 8.88
CA PRO B 315 15.16 -27.51 9.84
C PRO B 315 15.70 -27.45 11.26
N HIS B 316 14.77 -27.22 12.18
CA HIS B 316 15.06 -27.01 13.59
C HIS B 316 15.04 -28.34 14.32
N LEU B 317 15.93 -28.49 15.28
CA LEU B 317 16.01 -29.72 16.03
C LEU B 317 16.39 -29.46 17.48
N TYR B 318 15.47 -29.74 18.39
CA TYR B 318 15.83 -29.76 19.78
C TYR B 318 15.07 -30.88 20.48
N CYS B 319 15.27 -32.09 19.99
CA CYS B 319 14.57 -33.27 20.49
C CYS B 319 15.26 -34.58 20.11
N GLY B 320 14.48 -35.59 19.73
CA GLY B 320 15.05 -36.91 19.53
C GLY B 320 15.61 -37.13 18.15
N PRO B 321 16.15 -38.33 17.90
CA PRO B 321 16.72 -38.73 16.60
C PRO B 321 15.65 -38.88 15.52
N LEU B 322 14.38 -39.06 15.90
CA LEU B 322 13.35 -39.31 14.91
C LEU B 322 12.91 -38.06 14.18
N VAL B 323 12.63 -36.99 14.92
CA VAL B 323 12.50 -35.66 14.30
C VAL B 323 13.73 -35.43 13.44
N ALA B 324 14.92 -35.72 13.98
CA ALA B 324 16.16 -35.62 13.21
C ALA B 324 16.09 -36.35 11.85
N LEU B 325 15.61 -37.59 11.87
CA LEU B 325 15.50 -38.41 10.66
C LEU B 325 14.56 -37.79 9.60
N ALA B 326 13.44 -37.24 10.04
CA ALA B 326 12.50 -36.63 9.12
C ALA B 326 13.09 -35.35 8.59
N ASN B 327 13.67 -34.55 9.49
CA ASN B 327 14.41 -33.33 9.12
C ASN B 327 15.37 -33.65 7.97
N ILE B 328 16.16 -34.69 8.15
CA ILE B 328 17.10 -35.13 7.14
C ILE B 328 16.42 -35.52 5.83
N GLN B 329 15.26 -36.16 5.91
CA GLN B 329 14.54 -36.59 4.72
C GLN B 329 14.09 -35.38 3.93
N LEU B 330 13.48 -34.40 4.62
CA LEU B 330 13.08 -33.15 3.99
C LEU B 330 14.25 -32.46 3.30
N ALA B 331 15.31 -32.28 4.07
CA ALA B 331 16.49 -31.55 3.61
C ALA B 331 17.09 -32.15 2.37
N THR B 332 17.00 -33.47 2.25
CA THR B 332 17.68 -34.20 1.20
C THR B 332 17.07 -33.90 -0.18
N CYS B 333 15.77 -33.70 -0.21
CA CYS B 333 15.09 -33.51 -1.48
C CYS B 333 14.69 -32.06 -1.68
N SER B 334 15.26 -31.18 -0.89
CA SER B 334 14.89 -29.77 -0.91
C SER B 334 15.97 -28.90 -1.53
N PRO B 335 15.73 -28.39 -2.75
CA PRO B 335 16.70 -27.56 -3.48
C PRO B 335 17.06 -26.27 -2.77
N ASN B 336 16.17 -25.78 -1.92
CA ASN B 336 16.44 -24.58 -1.13
C ASN B 336 16.81 -24.89 0.31
N PHE B 337 17.66 -25.89 0.49
CA PHE B 337 18.09 -26.28 1.81
C PHE B 337 19.34 -25.48 2.13
N LEU B 338 19.35 -24.85 3.31
CA LEU B 338 20.52 -24.11 3.74
C LEU B 338 21.43 -24.92 4.65
N VAL B 339 20.91 -25.39 5.77
CA VAL B 339 21.74 -25.96 6.80
C VAL B 339 20.87 -26.73 7.81
N LEU B 340 21.44 -27.74 8.42
CA LEU B 340 20.67 -28.63 9.31
C LEU B 340 21.21 -28.63 10.73
N GLU B 341 20.30 -28.48 11.69
CA GLU B 341 20.66 -28.49 13.09
C GLU B 341 21.12 -29.89 13.54
N SER B 342 22.25 -29.94 14.22
CA SER B 342 22.71 -31.18 14.81
C SER B 342 22.75 -31.02 16.30
N ILE B 343 22.78 -32.14 17.00
CA ILE B 343 23.07 -32.15 18.42
C ILE B 343 24.46 -32.80 18.49
N ARG B 344 25.50 -31.98 18.68
CA ARG B 344 26.88 -32.43 18.55
C ARG B 344 27.02 -33.16 17.20
N THR B 345 27.55 -34.40 17.22
CA THR B 345 27.73 -35.19 15.99
C THR B 345 26.78 -36.37 15.88
N PHE B 346 25.70 -36.35 16.66
CA PHE B 346 24.75 -37.47 16.75
C PHE B 346 25.41 -38.75 17.31
N ASP B 347 26.36 -38.55 18.21
CA ASP B 347 26.94 -39.61 19.04
C ASP B 347 26.10 -39.81 20.31
N GLY B 348 26.56 -40.67 21.21
CA GLY B 348 25.90 -40.84 22.49
C GLY B 348 24.53 -41.46 22.31
N PHE B 349 23.55 -40.93 23.02
CA PHE B 349 22.22 -41.53 23.03
C PHE B 349 21.55 -41.45 21.66
N PHE B 350 21.78 -40.34 20.95
CA PHE B 350 21.28 -40.19 19.58
C PHE B 350 21.71 -41.31 18.63
N ALA B 351 22.82 -41.97 18.94
CA ALA B 351 23.27 -43.11 18.18
C ALA B 351 22.65 -44.39 18.77
N GLU B 352 22.76 -44.53 20.09
CA GLU B 352 22.26 -45.70 20.80
C GLU B 352 20.77 -46.03 20.55
N LEU B 353 19.97 -45.00 20.27
CA LEU B 353 18.52 -45.12 20.10
C LEU B 353 18.11 -45.59 18.72
N LEU B 354 19.08 -45.76 17.82
CA LEU B 354 18.81 -46.21 16.46
C LEU B 354 19.60 -47.49 16.09
N THR B 355 18.91 -48.42 15.44
CA THR B 355 19.51 -49.63 14.85
C THR B 355 20.84 -49.37 14.15
N THR B 356 20.84 -48.41 13.24
CA THR B 356 22.07 -47.83 12.69
C THR B 356 22.09 -46.33 13.01
N PRO B 357 23.26 -45.80 13.34
CA PRO B 357 23.32 -44.41 13.77
C PRO B 357 23.27 -43.45 12.60
N ILE B 358 22.99 -42.19 12.88
CA ILE B 358 23.04 -41.16 11.85
C ILE B 358 24.48 -40.97 11.45
N ARG B 359 24.71 -40.89 10.15
CA ARG B 359 26.06 -40.73 9.64
C ARG B 359 26.48 -39.26 9.56
N TRP B 360 27.38 -38.87 10.45
CA TRP B 360 27.94 -37.52 10.45
C TRP B 360 29.41 -37.61 10.04
N GLU B 361 29.83 -36.77 9.11
CA GLU B 361 31.15 -36.92 8.53
C GLU B 361 31.72 -35.56 8.08
N ASN B 362 32.76 -35.11 8.77
CA ASN B 362 33.42 -33.81 8.52
C ASN B 362 32.49 -32.60 8.36
N GLY B 363 31.57 -32.39 9.31
CA GLY B 363 30.65 -31.28 9.22
C GLY B 363 29.38 -31.48 8.41
N TYR B 364 29.17 -32.68 7.90
CA TYR B 364 27.96 -32.97 7.11
C TYR B 364 27.30 -34.31 7.48
N ILE B 365 25.97 -34.31 7.41
CA ILE B 365 25.15 -35.49 7.61
C ILE B 365 24.99 -36.19 6.27
N ILE B 366 25.20 -37.50 6.22
CA ILE B 366 24.98 -38.26 4.99
C ILE B 366 23.71 -39.14 5.04
N PRO B 367 22.69 -38.80 4.22
CA PRO B 367 21.38 -39.45 4.31
C PRO B 367 21.46 -40.96 4.07
N SER B 368 20.76 -41.73 4.89
CA SER B 368 20.67 -43.16 4.68
C SER B 368 19.97 -43.45 3.37
N GLN B 369 20.25 -44.59 2.76
CA GLN B 369 19.57 -44.97 1.53
C GLN B 369 18.55 -46.08 1.79
N GLU B 370 18.46 -46.52 3.04
CA GLU B 370 17.43 -47.46 3.44
C GLU B 370 16.05 -46.80 3.36
N PRO B 371 15.00 -47.59 3.10
CA PRO B 371 13.64 -47.09 2.89
C PRO B 371 13.10 -46.23 4.02
N GLY B 372 12.01 -45.53 3.74
CA GLY B 372 11.31 -44.74 4.75
C GLY B 372 12.13 -43.59 5.31
N LEU B 373 12.17 -43.51 6.64
CA LEU B 373 12.93 -42.48 7.32
C LEU B 373 14.39 -42.85 7.32
N GLY B 374 14.67 -44.09 6.94
CA GLY B 374 16.03 -44.52 6.65
C GLY B 374 16.70 -45.21 7.81
N HIS B 375 16.08 -45.16 8.98
CA HIS B 375 16.58 -45.88 10.14
C HIS B 375 15.38 -46.38 10.91
N ASP B 376 15.66 -47.08 11.99
CA ASP B 376 14.63 -47.66 12.83
C ASP B 376 14.91 -47.37 14.29
N LEU B 377 13.86 -47.14 15.07
CA LEU B 377 14.05 -46.93 16.49
C LEU B 377 14.55 -48.24 17.09
N ASN B 378 15.41 -48.14 18.10
CA ASN B 378 15.74 -49.29 18.93
C ASN B 378 14.73 -49.37 20.08
N GLU B 379 13.66 -50.12 19.83
CA GLU B 379 12.56 -50.16 20.78
C GLU B 379 13.09 -50.58 22.12
N ASP B 380 14.07 -51.49 22.11
CA ASP B 380 14.62 -52.00 23.36
C ASP B 380 15.25 -50.89 24.19
N VAL B 381 16.15 -50.13 23.59
CA VAL B 381 16.77 -49.02 24.28
C VAL B 381 15.68 -48.06 24.78
N ALA B 382 14.73 -47.75 23.90
CA ALA B 382 13.69 -46.76 24.22
C ALA B 382 12.89 -47.11 25.46
N ARG B 383 12.56 -48.39 25.63
CA ARG B 383 11.80 -48.87 26.79
C ARG B 383 12.65 -48.79 28.05
N ALA B 384 13.95 -49.02 27.89
CA ALA B 384 14.89 -49.05 29.01
C ALA B 384 15.28 -47.66 29.53
N ASN B 385 14.65 -46.62 28.99
CA ASN B 385 14.97 -45.24 29.40
C ASN B 385 13.75 -44.33 29.56
N PRO B 386 12.89 -44.59 30.57
CA PRO B 386 11.70 -43.77 30.74
C PRO B 386 12.02 -42.47 31.46
N TYR B 387 11.22 -41.43 31.23
CA TYR B 387 11.41 -40.14 31.88
C TYR B 387 10.84 -40.16 33.28
N THR B 388 11.72 -40.04 34.27
CA THR B 388 11.34 -40.15 35.69
C THR B 388 10.94 -38.80 36.30
N GLY B 389 11.20 -37.72 35.58
CA GLY B 389 11.08 -36.36 36.11
C GLY B 389 9.73 -35.66 35.98
N SER B 390 9.69 -34.43 36.47
CA SER B 390 8.46 -33.67 36.59
C SER B 390 8.35 -32.48 35.62
N ASP B 391 9.45 -32.11 34.98
CA ASP B 391 9.50 -30.91 34.14
C ASP B 391 8.97 -31.10 32.72
N LEU B 392 8.85 -29.98 32.00
CA LEU B 392 8.55 -29.96 30.57
C LEU B 392 9.86 -29.80 29.80
N HIS B 393 9.81 -30.14 28.50
CA HIS B 393 10.98 -30.17 27.62
C HIS B 393 11.83 -28.88 27.64
N LEU B 394 11.17 -27.77 27.33
CA LEU B 394 11.76 -26.43 27.40
C LEU B 394 10.91 -25.52 28.29
N GLY B 395 11.43 -24.36 28.64
CA GLY B 395 10.66 -23.45 29.47
C GLY B 395 11.10 -22.00 29.37
N PHE B 396 10.32 -21.11 29.99
CA PHE B 396 10.58 -19.67 30.02
C PHE B 396 11.07 -19.20 31.41
N GLN B 397 11.30 -17.89 31.53
CA GLN B 397 11.62 -17.23 32.80
C GLN B 397 10.41 -16.41 33.29
N GLU B 398 10.33 -16.11 34.59
CA GLU B 398 9.18 -15.38 35.16
C GLU B 398 9.58 -14.16 35.99
N MET C 2 21.38 16.50 -44.05
CA MET C 2 20.07 17.15 -44.16
C MET C 2 19.79 18.08 -42.98
N ARG C 3 19.26 19.27 -43.24
CA ARG C 3 19.01 20.26 -42.18
C ARG C 3 17.81 21.21 -42.40
N LEU C 4 17.18 21.61 -41.31
CA LEU C 4 15.99 22.48 -41.34
C LEU C 4 16.32 23.98 -41.51
N SER C 5 15.75 24.57 -42.55
CA SER C 5 16.06 25.93 -42.95
C SER C 5 14.99 26.94 -42.52
N ASP C 6 13.75 26.70 -42.92
CA ASP C 6 12.72 27.72 -42.82
C ASP C 6 11.43 27.21 -42.20
N ILE C 7 10.70 28.11 -41.55
CA ILE C 7 9.36 27.82 -41.04
C ILE C 7 8.39 28.90 -41.49
N GLU C 8 7.13 28.52 -41.57
CA GLU C 8 6.05 29.42 -41.98
C GLU C 8 4.83 29.05 -41.17
N THR C 9 4.17 30.04 -40.57
CA THR C 9 2.96 29.75 -39.81
C THR C 9 1.70 30.22 -40.51
N PHE C 10 0.57 29.60 -40.17
CA PHE C 10 -0.73 29.92 -40.72
C PHE C 10 -1.73 29.95 -39.58
N VAL C 11 -2.36 31.09 -39.34
CA VAL C 11 -3.55 31.06 -38.52
C VAL C 11 -4.75 31.06 -39.44
N VAL C 12 -5.53 29.98 -39.36
CA VAL C 12 -6.64 29.78 -40.27
C VAL C 12 -7.95 29.72 -39.51
N GLY C 13 -8.92 30.54 -39.90
CA GLY C 13 -10.18 30.59 -39.19
C GLY C 13 -11.12 29.54 -39.73
N ASN C 14 -11.83 28.88 -38.81
CA ASN C 14 -12.78 27.83 -39.17
C ASN C 14 -14.17 28.40 -39.52
N PRO C 15 -14.61 28.23 -40.78
CA PRO C 15 -15.93 28.65 -41.29
C PRO C 15 -17.13 27.78 -40.85
N PRO C 16 -18.36 28.35 -40.88
CA PRO C 16 -19.61 27.70 -40.45
C PRO C 16 -19.77 26.28 -40.99
N PRO C 17 -20.29 25.37 -40.15
CA PRO C 17 -20.86 25.62 -38.83
C PRO C 17 -19.84 25.63 -37.68
N ARG C 18 -18.56 25.75 -37.99
CA ARG C 18 -17.50 25.90 -36.98
C ARG C 18 -17.29 24.69 -36.07
N HIS C 19 -17.65 23.50 -36.56
CA HIS C 19 -17.35 22.25 -35.85
C HIS C 19 -15.84 22.03 -35.79
N GLY C 20 -15.27 22.13 -34.59
CA GLY C 20 -13.85 21.87 -34.42
C GLY C 20 -13.09 23.07 -33.88
N GLY C 21 -13.81 24.01 -33.28
CA GLY C 21 -13.18 25.19 -32.73
C GLY C 21 -13.24 26.38 -33.67
N ARG C 22 -12.64 27.48 -33.24
CA ARG C 22 -12.78 28.73 -33.96
C ARG C 22 -11.68 28.92 -35.01
N TYR C 23 -10.49 28.39 -34.72
CA TYR C 23 -9.34 28.53 -35.61
C TYR C 23 -8.37 27.35 -35.52
N PHE C 24 -7.54 27.16 -36.53
CA PHE C 24 -6.48 26.15 -36.51
C PHE C 24 -5.13 26.86 -36.65
N ILE C 25 -4.08 26.29 -36.07
CA ILE C 25 -2.75 26.87 -36.25
C ILE C 25 -1.84 25.89 -36.93
N PHE C 26 -1.43 26.24 -38.15
CA PHE C 26 -0.57 25.39 -38.96
C PHE C 26 0.89 25.84 -38.95
N VAL C 27 1.81 24.89 -39.11
CA VAL C 27 3.21 25.22 -39.37
C VAL C 27 3.68 24.55 -40.65
N LYS C 28 4.75 25.07 -41.23
CA LYS C 28 5.33 24.47 -42.43
C LYS C 28 6.84 24.55 -42.33
N LEU C 29 7.47 23.40 -42.12
CA LEU C 29 8.93 23.33 -42.04
C LEU C 29 9.56 22.90 -43.36
N VAL C 30 10.74 23.44 -43.65
CA VAL C 30 11.41 23.18 -44.93
C VAL C 30 12.91 22.89 -44.75
N THR C 31 13.43 21.94 -45.52
CA THR C 31 14.86 21.62 -45.49
C THR C 31 15.64 22.38 -46.57
N ALA C 32 16.88 22.74 -46.25
CA ALA C 32 17.78 23.43 -47.17
C ALA C 32 17.73 22.85 -48.58
N CYS C 33 17.53 21.54 -48.67
CA CYS C 33 17.44 20.86 -49.97
C CYS C 33 16.01 20.83 -50.51
N GLY C 34 15.07 21.42 -49.78
CA GLY C 34 13.73 21.64 -50.32
C GLY C 34 12.52 20.88 -49.80
N ILE C 35 12.73 19.79 -49.04
CA ILE C 35 11.62 18.95 -48.59
C ILE C 35 10.70 19.68 -47.59
N THR C 36 9.40 19.50 -47.76
CA THR C 36 8.43 20.31 -47.04
C THR C 36 7.61 19.50 -46.06
N GLY C 37 7.44 20.00 -44.83
CA GLY C 37 6.67 19.30 -43.82
C GLY C 37 5.59 20.12 -43.15
N TYR C 38 4.38 19.57 -43.02
CA TYR C 38 3.29 20.31 -42.38
C TYR C 38 2.99 19.77 -40.98
N GLY C 39 2.36 20.60 -40.16
CA GLY C 39 2.03 20.24 -38.79
C GLY C 39 1.05 21.21 -38.18
N GLU C 40 0.32 20.78 -37.15
CA GLU C 40 -0.61 21.65 -36.46
C GLU C 40 -0.32 21.76 -34.97
N ILE C 41 -0.47 22.97 -34.43
CA ILE C 41 -0.30 23.21 -33.00
C ILE C 41 -1.67 23.33 -32.34
N TYR C 42 -1.89 22.55 -31.28
CA TYR C 42 -3.15 22.58 -30.55
C TYR C 42 -2.99 23.34 -29.26
N ASN C 43 -3.01 24.66 -29.34
CA ASN C 43 -2.82 25.45 -28.14
C ASN C 43 -3.73 26.65 -28.09
N ALA C 44 -4.42 26.82 -26.97
CA ALA C 44 -5.34 27.93 -26.80
C ALA C 44 -5.14 28.68 -25.47
N THR C 45 -3.97 28.49 -24.85
CA THR C 45 -3.68 29.17 -23.59
C THR C 45 -3.42 30.66 -23.83
N PHE C 46 -3.38 31.04 -25.11
CA PHE C 46 -3.18 32.42 -25.58
C PHE C 46 -3.84 32.62 -26.92
N GLY C 47 -3.71 33.82 -27.47
CA GLY C 47 -4.19 34.12 -28.80
C GLY C 47 -3.33 33.47 -29.86
N PRO C 48 -3.93 33.10 -31.01
CA PRO C 48 -3.26 32.37 -32.10
C PRO C 48 -2.13 33.11 -32.81
N ASP C 49 -2.23 34.43 -32.95
CA ASP C 49 -1.18 35.18 -33.63
C ASP C 49 0.13 35.05 -32.86
N LEU C 50 -0.01 35.01 -31.54
CA LEU C 50 1.08 34.90 -30.58
C LEU C 50 1.67 33.48 -30.47
N VAL C 51 0.80 32.48 -30.36
CA VAL C 51 1.20 31.07 -30.36
C VAL C 51 1.99 30.75 -31.64
N ALA C 52 1.63 31.40 -32.74
CA ALA C 52 2.36 31.29 -33.99
C ALA C 52 3.74 31.90 -33.87
N LYS C 53 3.81 33.04 -33.20
CA LYS C 53 5.11 33.63 -32.88
C LYS C 53 5.98 32.67 -32.03
N MET C 54 5.42 32.14 -30.93
CA MET C 54 6.10 31.15 -30.08
C MET C 54 6.69 30.00 -30.90
N ALA C 55 5.93 29.54 -31.89
CA ALA C 55 6.42 28.48 -32.76
C ALA C 55 7.72 28.91 -33.41
N GLU C 56 7.71 30.08 -34.02
CA GLU C 56 8.88 30.57 -34.73
C GLU C 56 10.04 30.80 -33.77
N ASP C 57 9.72 31.12 -32.52
CA ASP C 57 10.73 31.26 -31.46
C ASP C 57 11.43 29.92 -31.25
N VAL C 58 10.64 28.88 -31.00
CA VAL C 58 11.17 27.55 -30.72
C VAL C 58 12.03 27.06 -31.88
N PHE C 59 11.52 27.25 -33.09
CA PHE C 59 12.20 26.79 -34.29
C PHE C 59 13.55 27.46 -34.50
N ALA C 60 13.63 28.73 -34.13
CA ALA C 60 14.86 29.51 -34.27
C ALA C 60 15.91 29.08 -33.26
N ARG C 61 15.47 28.84 -32.03
CA ARG C 61 16.36 28.39 -30.97
C ARG C 61 16.74 26.92 -31.10
N GLN C 62 15.76 26.05 -31.33
CA GLN C 62 15.99 24.61 -31.17
C GLN C 62 16.06 23.83 -32.45
N PHE C 63 15.33 24.25 -33.47
CA PHE C 63 15.14 23.42 -34.65
C PHE C 63 16.03 23.77 -35.87
N ALA C 64 16.25 25.06 -36.13
CA ALA C 64 16.94 25.42 -37.36
C ALA C 64 18.41 24.99 -37.35
N GLY C 65 18.86 24.35 -38.41
CA GLY C 65 20.20 23.79 -38.48
C GLY C 65 20.29 22.29 -38.15
N GLU C 66 19.29 21.77 -37.46
CA GLU C 66 19.31 20.39 -37.00
C GLU C 66 18.71 19.44 -38.03
N ASP C 67 18.97 18.15 -37.84
CA ASP C 67 18.45 17.08 -38.69
C ASP C 67 17.05 16.71 -38.20
N PRO C 68 16.03 16.82 -39.06
CA PRO C 68 14.66 16.62 -38.56
C PRO C 68 14.37 15.16 -38.16
N HIS C 69 15.34 14.29 -38.43
CA HIS C 69 15.31 12.91 -37.95
C HIS C 69 15.66 12.81 -36.45
N HIS C 70 16.59 13.65 -35.99
CA HIS C 70 17.00 13.71 -34.57
C HIS C 70 15.89 14.14 -33.62
N ILE C 71 14.74 13.45 -33.70
CA ILE C 71 13.56 13.76 -32.90
C ILE C 71 13.86 13.86 -31.41
N GLU C 72 14.67 12.94 -30.90
CA GLU C 72 14.98 12.90 -29.48
C GLU C 72 15.73 14.15 -29.02
N LYS C 73 16.76 14.52 -29.77
CA LYS C 73 17.52 15.73 -29.49
C LYS C 73 16.60 16.95 -29.56
N LEU C 74 15.90 17.12 -30.68
CA LEU C 74 14.96 18.23 -30.85
C LEU C 74 13.96 18.37 -29.70
N TRP C 75 13.31 17.26 -29.35
CA TRP C 75 12.31 17.22 -28.31
C TRP C 75 12.96 17.57 -26.97
N HIS C 76 14.20 17.14 -26.75
CA HIS C 76 14.83 17.42 -25.46
C HIS C 76 15.42 18.82 -25.34
N LYS C 77 15.76 19.42 -26.46
CA LYS C 77 16.23 20.79 -26.44
C LYS C 77 15.06 21.70 -26.12
N THR C 78 13.89 21.32 -26.62
CA THR C 78 12.69 22.09 -26.40
C THR C 78 12.13 21.85 -25.00
N TYR C 79 11.99 20.58 -24.63
CA TYR C 79 11.43 20.22 -23.35
C TYR C 79 12.21 20.85 -22.22
N GLY C 80 13.53 20.93 -22.40
CA GLY C 80 14.43 21.41 -21.38
C GLY C 80 14.77 22.89 -21.45
N ALA C 81 14.59 23.52 -22.61
CA ALA C 81 14.89 24.94 -22.78
C ALA C 81 14.39 25.84 -21.65
N GLY C 82 15.22 26.75 -21.19
CA GLY C 82 14.87 27.66 -20.10
C GLY C 82 14.95 27.00 -18.73
N TYR C 83 15.67 25.88 -18.67
CA TYR C 83 15.74 25.04 -17.49
C TYR C 83 14.34 24.71 -16.97
N THR C 84 13.54 24.01 -17.78
CA THR C 84 12.21 23.59 -17.33
C THR C 84 12.04 22.08 -17.19
N GLN C 85 12.00 21.35 -18.31
CA GLN C 85 11.84 19.90 -18.28
C GLN C 85 10.67 19.43 -17.41
N ARG C 86 9.47 19.86 -17.74
CA ARG C 86 8.29 19.47 -16.99
C ARG C 86 7.10 19.63 -17.92
N PRO C 87 6.07 18.79 -17.74
CA PRO C 87 4.93 18.89 -18.66
C PRO C 87 4.36 20.30 -18.64
N ASP C 88 4.46 20.97 -19.79
CA ASP C 88 3.87 22.29 -19.94
C ASP C 88 2.99 22.24 -21.20
N VAL C 89 1.71 22.57 -21.10
CA VAL C 89 0.85 22.47 -22.30
C VAL C 89 1.17 23.52 -23.38
N THR C 90 1.56 24.71 -22.95
CA THR C 90 1.91 25.74 -23.90
C THR C 90 3.06 25.23 -24.78
N VAL C 91 4.18 24.86 -24.16
CA VAL C 91 5.33 24.41 -24.93
C VAL C 91 5.03 23.16 -25.75
N MET C 92 4.45 22.15 -25.08
CA MET C 92 4.23 20.85 -25.69
C MET C 92 3.34 20.93 -26.91
N GLY C 93 2.37 21.84 -26.88
CA GLY C 93 1.49 22.06 -28.02
C GLY C 93 2.25 22.57 -29.23
N VAL C 94 3.30 23.35 -28.98
CA VAL C 94 4.13 23.92 -30.03
C VAL C 94 5.10 22.85 -30.52
N LEU C 95 5.67 22.11 -29.58
CA LEU C 95 6.60 21.03 -29.87
C LEU C 95 5.95 19.99 -30.76
N SER C 96 4.68 19.72 -30.46
CA SER C 96 3.92 18.70 -31.15
C SER C 96 3.74 19.01 -32.61
N GLY C 97 3.61 20.30 -32.93
CA GLY C 97 3.32 20.73 -34.28
C GLY C 97 4.55 20.57 -35.14
N LEU C 98 5.65 21.07 -34.63
CA LEU C 98 6.92 21.01 -35.32
C LEU C 98 7.34 19.55 -35.44
N GLU C 99 7.11 18.80 -34.37
CA GLU C 99 7.50 17.40 -34.36
C GLU C 99 6.78 16.61 -35.46
N MET C 100 5.44 16.75 -35.50
CA MET C 100 4.64 16.24 -36.61
C MET C 100 5.34 16.49 -37.94
N ALA C 101 5.64 17.76 -38.19
CA ALA C 101 6.18 18.16 -39.48
C ALA C 101 7.50 17.46 -39.76
N CYS C 102 8.30 17.29 -38.72
CA CYS C 102 9.54 16.56 -38.85
C CYS C 102 9.24 15.15 -39.34
N TRP C 103 8.20 14.54 -38.78
CA TRP C 103 7.77 13.20 -39.22
C TRP C 103 7.33 13.22 -40.67
N ASP C 104 6.48 14.20 -41.02
CA ASP C 104 6.09 14.42 -42.41
C ASP C 104 7.33 14.44 -43.29
N ILE C 105 8.37 15.12 -42.85
CA ILE C 105 9.59 15.24 -43.63
C ILE C 105 10.34 13.92 -43.69
N ILE C 106 10.58 13.35 -42.52
CA ILE C 106 11.24 12.04 -42.42
C ILE C 106 10.60 11.06 -43.40
N GLY C 107 9.29 10.91 -43.28
CA GLY C 107 8.50 10.12 -44.20
C GLY C 107 8.73 10.50 -45.65
N LYS C 108 8.47 11.75 -46.00
CA LYS C 108 8.63 12.20 -47.38
C LYS C 108 9.97 11.78 -47.99
N ALA C 109 11.03 11.91 -47.20
CA ALA C 109 12.37 11.54 -47.65
C ALA C 109 12.61 10.02 -47.80
N ALA C 110 11.94 9.21 -47.00
CA ALA C 110 12.09 7.77 -47.10
C ALA C 110 11.02 7.19 -48.03
N GLY C 111 10.14 8.05 -48.52
CA GLY C 111 9.08 7.63 -49.41
C GLY C 111 8.14 6.65 -48.76
N LYS C 112 7.88 6.85 -47.48
CA LYS C 112 7.02 5.93 -46.74
C LYS C 112 6.07 6.73 -45.85
N PRO C 113 4.88 6.16 -45.57
CA PRO C 113 4.05 6.75 -44.51
C PRO C 113 4.78 6.69 -43.18
N ALA C 114 4.61 7.73 -42.37
CA ALA C 114 5.13 7.72 -41.02
C ALA C 114 4.89 6.40 -40.29
N TYR C 115 3.67 5.87 -40.41
CA TYR C 115 3.31 4.65 -39.68
C TYR C 115 4.08 3.40 -40.10
N GLU C 116 4.64 3.42 -41.30
CA GLU C 116 5.49 2.34 -41.77
C GLU C 116 6.90 2.37 -41.14
N LEU C 117 7.21 3.45 -40.41
CA LEU C 117 8.52 3.63 -39.77
C LEU C 117 8.42 3.50 -38.26
N LEU C 118 7.19 3.31 -37.79
CA LEU C 118 6.93 3.27 -36.36
C LEU C 118 6.16 2.00 -35.99
N GLY C 119 6.34 0.95 -36.78
CA GLY C 119 5.75 -0.34 -36.45
C GLY C 119 4.92 -0.94 -37.56
N GLY C 120 4.64 -0.12 -38.58
CA GLY C 120 3.98 -0.61 -39.76
C GLY C 120 2.47 -0.61 -39.60
N LYS C 121 1.77 -0.65 -40.72
CA LYS C 121 0.32 -0.78 -40.73
C LYS C 121 -0.14 -1.99 -39.89
N VAL C 122 -1.18 -1.77 -39.09
CA VAL C 122 -1.87 -2.83 -38.36
C VAL C 122 -3.35 -2.80 -38.78
N HIS C 123 -3.81 -1.64 -39.20
CA HIS C 123 -5.22 -1.46 -39.53
C HIS C 123 -5.38 -0.99 -40.97
N GLU C 124 -6.30 -1.60 -41.72
CA GLU C 124 -6.53 -1.17 -43.07
C GLU C 124 -7.67 -0.20 -43.05
N ARG C 125 -8.34 -0.14 -41.89
CA ARG C 125 -9.40 0.82 -41.67
C ARG C 125 -9.40 1.30 -40.22
N LEU C 126 -9.86 2.53 -40.00
CA LEU C 126 -9.90 3.10 -38.65
C LEU C 126 -11.32 3.41 -38.22
N ARG C 127 -11.83 2.67 -37.24
CA ARG C 127 -13.16 2.93 -36.69
C ARG C 127 -13.31 4.38 -36.21
N SER C 128 -14.38 5.04 -36.65
CA SER C 128 -14.51 6.47 -36.37
C SER C 128 -15.78 6.80 -35.61
N TYR C 129 -15.72 7.87 -34.83
CA TYR C 129 -16.91 8.41 -34.17
C TYR C 129 -17.05 9.92 -34.30
N THR C 130 -18.28 10.39 -34.16
CA THR C 130 -18.55 11.80 -34.27
C THR C 130 -19.35 12.31 -33.06
N TYR C 131 -19.29 13.62 -32.81
CA TYR C 131 -20.18 14.25 -31.85
C TYR C 131 -21.53 14.32 -32.54
N LEU C 132 -22.58 14.53 -31.76
CA LEU C 132 -23.88 14.77 -32.36
C LEU C 132 -24.04 16.26 -32.65
N TYR C 133 -24.43 16.58 -33.89
CA TYR C 133 -24.55 17.95 -34.38
C TYR C 133 -25.91 18.11 -35.06
N PRO C 134 -26.41 19.36 -35.23
CA PRO C 134 -27.69 19.52 -35.94
C PRO C 134 -27.52 19.67 -37.47
N PRO C 146 -34.29 24.23 -26.77
CA PRO C 146 -34.50 22.80 -27.00
C PRO C 146 -33.81 22.33 -28.28
N ASN C 147 -32.73 21.57 -28.10
CA ASN C 147 -31.85 21.19 -29.21
C ASN C 147 -31.08 19.90 -28.91
N VAL C 148 -30.21 19.54 -29.85
CA VAL C 148 -29.47 18.27 -29.84
C VAL C 148 -28.56 18.11 -28.63
N TYR C 149 -28.27 19.21 -27.95
CA TYR C 149 -27.44 19.18 -26.75
C TYR C 149 -28.23 19.18 -25.43
N ASN C 150 -29.55 19.32 -25.48
CA ASN C 150 -30.34 19.32 -24.24
C ASN C 150 -31.67 18.56 -24.31
N ASP C 151 -32.02 18.09 -25.49
CA ASP C 151 -33.18 17.22 -25.64
C ASP C 151 -32.73 15.80 -26.03
N ALA C 152 -32.94 14.85 -25.15
CA ALA C 152 -32.55 13.47 -25.41
C ALA C 152 -33.13 13.03 -26.75
N ASP C 153 -34.43 13.22 -26.91
CA ASP C 153 -35.14 12.80 -28.12
C ASP C 153 -34.54 13.40 -29.39
N MET C 154 -34.03 14.63 -29.29
CA MET C 154 -33.42 15.27 -30.45
C MET C 154 -32.07 14.64 -30.76
N ALA C 155 -31.33 14.35 -29.69
CA ALA C 155 -30.05 13.68 -29.81
C ALA C 155 -30.22 12.26 -30.35
N ALA C 156 -31.24 11.57 -29.87
CA ALA C 156 -31.47 10.20 -30.30
C ALA C 156 -31.80 10.15 -31.80
N GLU C 157 -32.63 11.07 -32.27
CA GLU C 157 -32.90 11.13 -33.69
C GLU C 157 -31.58 11.42 -34.42
N ALA C 158 -30.79 12.31 -33.84
CA ALA C 158 -29.49 12.65 -34.39
C ALA C 158 -28.55 11.43 -34.44
N ALA C 159 -28.57 10.64 -33.36
CA ALA C 159 -27.81 9.41 -33.25
C ALA C 159 -28.21 8.48 -34.38
N ALA C 160 -29.51 8.36 -34.59
CA ALA C 160 -30.07 7.51 -35.62
C ALA C 160 -29.46 7.81 -36.97
N LYS C 161 -29.54 9.07 -37.40
CA LYS C 161 -28.94 9.48 -38.68
C LYS C 161 -27.45 9.13 -38.78
N ALA C 162 -26.74 9.28 -37.67
CA ALA C 162 -25.31 8.98 -37.66
C ALA C 162 -25.06 7.51 -37.97
N VAL C 163 -25.82 6.62 -37.33
CA VAL C 163 -25.69 5.20 -37.61
C VAL C 163 -26.06 4.95 -39.06
N ASP C 164 -27.17 5.52 -39.50
CA ASP C 164 -27.57 5.43 -40.91
C ASP C 164 -26.48 5.79 -41.92
N GLN C 165 -25.53 6.65 -41.54
CA GLN C 165 -24.45 7.06 -42.44
C GLN C 165 -23.29 6.07 -42.42
N GLY C 166 -23.18 5.30 -41.34
CA GLY C 166 -22.14 4.30 -41.23
C GLY C 166 -21.40 4.26 -39.89
N PHE C 167 -21.61 5.27 -39.06
CA PHE C 167 -20.96 5.37 -37.77
C PHE C 167 -21.26 4.23 -36.79
N THR C 168 -20.27 3.85 -35.98
CA THR C 168 -20.46 2.76 -35.03
C THR C 168 -20.29 3.19 -33.59
N ALA C 169 -20.20 4.51 -33.39
CA ALA C 169 -20.08 5.11 -32.07
C ALA C 169 -20.49 6.55 -32.18
N VAL C 170 -20.97 7.13 -31.09
CA VAL C 170 -21.41 8.52 -31.07
C VAL C 170 -21.05 9.16 -29.72
N LYS C 171 -20.54 10.40 -29.75
CA LYS C 171 -20.24 11.10 -28.51
C LYS C 171 -21.24 12.24 -28.28
N PHE C 172 -21.44 12.58 -27.01
CA PHE C 172 -22.39 13.59 -26.60
C PHE C 172 -22.12 13.94 -25.13
N ASP C 173 -22.18 15.23 -24.79
CA ASP C 173 -21.98 15.66 -23.40
C ASP C 173 -23.19 16.40 -22.88
N PRO C 174 -24.05 15.71 -22.11
CA PRO C 174 -25.29 16.26 -21.56
C PRO C 174 -25.20 16.54 -20.07
N ALA C 175 -24.00 16.56 -19.51
CA ALA C 175 -23.85 16.61 -18.05
C ALA C 175 -23.95 18.02 -17.43
N GLY C 176 -24.24 19.02 -18.25
CA GLY C 176 -24.36 20.38 -17.75
C GLY C 176 -23.13 21.21 -18.02
N ALA C 177 -23.23 22.50 -17.75
CA ALA C 177 -22.14 23.42 -18.05
C ALA C 177 -20.90 23.16 -17.21
N TYR C 178 -19.75 23.02 -17.87
CA TYR C 178 -18.48 22.93 -17.17
C TYR C 178 -17.95 24.33 -16.88
N THR C 179 -17.59 24.55 -15.62
CA THR C 179 -17.27 25.88 -15.11
C THR C 179 -15.81 26.03 -14.69
N ILE C 180 -15.37 27.26 -14.46
CA ILE C 180 -14.00 27.48 -14.02
C ILE C 180 -13.78 27.20 -12.54
N TYR C 181 -14.80 26.70 -11.86
CA TYR C 181 -14.70 26.35 -10.45
C TYR C 181 -14.95 24.87 -10.23
N ASP C 182 -14.89 24.11 -11.32
CA ASP C 182 -14.94 22.65 -11.28
C ASP C 182 -13.78 22.10 -10.48
N GLY C 183 -13.93 20.93 -9.88
CA GLY C 183 -15.13 20.13 -10.00
C GLY C 183 -16.29 20.51 -9.10
N HIS C 184 -17.49 20.19 -9.56
CA HIS C 184 -18.68 20.42 -8.77
C HIS C 184 -19.53 19.16 -8.68
N GLN C 185 -20.64 19.28 -7.98
CA GLN C 185 -21.54 18.16 -7.75
C GLN C 185 -22.65 18.22 -8.80
N PRO C 186 -23.10 17.06 -9.31
CA PRO C 186 -24.08 17.20 -10.39
C PRO C 186 -25.43 17.53 -9.81
N SER C 187 -26.19 18.33 -10.56
CA SER C 187 -27.53 18.70 -10.15
C SER C 187 -28.46 17.51 -10.32
N LEU C 188 -29.53 17.47 -9.55
CA LEU C 188 -30.52 16.41 -9.74
C LEU C 188 -31.04 16.36 -11.19
N GLU C 189 -31.11 17.53 -11.83
CA GLU C 189 -31.56 17.63 -13.21
C GLU C 189 -30.44 17.22 -14.17
N ASP C 190 -29.20 17.51 -13.77
CA ASP C 190 -28.05 17.06 -14.53
C ASP C 190 -28.08 15.53 -14.67
N LEU C 191 -28.36 14.83 -13.57
CA LEU C 191 -28.40 13.36 -13.59
C LEU C 191 -29.51 12.84 -14.50
N GLU C 192 -30.74 13.26 -14.18
CA GLU C 192 -31.94 12.92 -14.95
C GLU C 192 -31.74 13.09 -16.47
N ARG C 193 -31.09 14.17 -16.87
CA ARG C 193 -30.91 14.43 -18.29
C ARG C 193 -29.90 13.47 -18.88
N SER C 194 -28.92 13.09 -18.07
CA SER C 194 -27.83 12.24 -18.54
C SER C 194 -28.33 10.84 -18.84
N GLU C 195 -29.18 10.32 -17.97
CA GLU C 195 -29.73 9.01 -18.17
C GLU C 195 -30.71 9.04 -19.32
N ALA C 196 -31.60 10.04 -19.31
CA ALA C 196 -32.55 10.22 -20.39
C ALA C 196 -31.81 10.20 -21.71
N PHE C 197 -30.69 10.91 -21.79
CA PHE C 197 -29.83 10.89 -22.97
C PHE C 197 -29.32 9.49 -23.35
N CYS C 198 -28.84 8.73 -22.38
CA CYS C 198 -28.32 7.40 -22.66
C CYS C 198 -29.43 6.40 -23.02
N LYS C 199 -30.50 6.41 -22.24
CA LYS C 199 -31.66 5.56 -22.46
C LYS C 199 -32.20 5.69 -23.88
N GLN C 200 -32.48 6.93 -24.27
CA GLN C 200 -33.11 7.23 -25.55
C GLN C 200 -32.22 6.90 -26.74
N ILE C 201 -30.93 7.25 -26.65
CA ILE C 201 -30.00 6.94 -27.74
C ILE C 201 -29.80 5.44 -27.88
N ARG C 202 -29.73 4.73 -26.77
CA ARG C 202 -29.65 3.27 -26.80
C ARG C 202 -30.84 2.69 -27.57
N ALA C 203 -32.03 3.15 -27.21
CA ALA C 203 -33.23 2.69 -27.87
C ALA C 203 -33.20 2.91 -29.38
N ALA C 204 -32.38 3.86 -29.84
CA ALA C 204 -32.38 4.25 -31.25
C ALA C 204 -31.33 3.48 -32.04
N VAL C 205 -30.19 3.28 -31.43
CA VAL C 205 -29.09 2.73 -32.16
C VAL C 205 -28.94 1.24 -31.85
N GLY C 206 -29.68 0.79 -30.84
CA GLY C 206 -29.61 -0.58 -30.39
C GLY C 206 -28.17 -1.00 -30.21
N THR C 207 -27.77 -2.08 -30.86
CA THR C 207 -26.40 -2.56 -30.75
C THR C 207 -25.52 -2.08 -31.89
N LYS C 208 -26.04 -1.20 -32.73
CA LYS C 208 -25.29 -0.77 -33.92
C LYS C 208 -24.18 0.26 -33.59
N ALA C 209 -24.21 0.80 -32.37
CA ALA C 209 -23.26 1.85 -32.01
C ALA C 209 -23.07 2.05 -30.50
N ASP C 210 -21.82 2.32 -30.13
CA ASP C 210 -21.50 2.61 -28.75
C ASP C 210 -21.86 4.04 -28.34
N LEU C 211 -22.03 4.21 -27.04
CA LEU C 211 -22.29 5.51 -26.47
C LEU C 211 -21.01 5.98 -25.80
N LEU C 212 -20.42 7.05 -26.32
CA LEU C 212 -19.31 7.71 -25.63
C LEU C 212 -19.83 8.92 -24.84
N PHE C 213 -19.65 8.86 -23.53
CA PHE C 213 -20.16 9.90 -22.64
C PHE C 213 -19.06 10.92 -22.44
N GLY C 214 -19.26 12.12 -22.99
CA GLY C 214 -18.15 13.03 -23.21
C GLY C 214 -17.92 14.19 -22.26
N THR C 215 -18.10 13.95 -20.96
CA THR C 215 -17.92 14.99 -19.94
C THR C 215 -16.63 15.83 -20.06
N HIS C 216 -16.71 17.08 -19.60
CA HIS C 216 -15.59 18.01 -19.69
C HIS C 216 -15.05 18.37 -18.30
N GLY C 217 -14.79 17.35 -17.49
CA GLY C 217 -14.18 17.54 -16.18
C GLY C 217 -15.09 18.15 -15.14
N GLN C 218 -16.38 18.13 -15.42
CA GLN C 218 -17.35 18.87 -14.60
C GLN C 218 -17.31 18.53 -13.12
N PHE C 219 -17.13 17.26 -12.81
CA PHE C 219 -17.51 16.78 -11.47
C PHE C 219 -16.40 16.53 -10.45
N THR C 220 -16.79 16.47 -9.18
CA THR C 220 -15.89 15.99 -8.14
C THR C 220 -16.00 14.48 -8.18
N VAL C 221 -15.01 13.82 -7.63
CA VAL C 221 -14.96 12.36 -7.64
C VAL C 221 -16.27 11.75 -7.19
N SER C 222 -16.79 12.23 -6.05
CA SER C 222 -18.04 11.69 -5.54
C SER C 222 -19.21 11.97 -6.50
N GLY C 223 -19.23 13.18 -7.05
CA GLY C 223 -20.25 13.55 -8.02
C GLY C 223 -20.18 12.68 -9.27
N ALA C 224 -18.96 12.27 -9.62
CA ALA C 224 -18.75 11.43 -10.78
C ALA C 224 -19.29 10.04 -10.53
N LYS C 225 -19.16 9.54 -9.31
CA LYS C 225 -19.70 8.21 -8.98
C LYS C 225 -21.23 8.25 -8.97
N ARG C 226 -21.80 9.39 -8.59
CA ARG C 226 -23.24 9.53 -8.54
C ARG C 226 -23.81 9.43 -9.95
N LEU C 227 -23.09 10.01 -10.90
CA LEU C 227 -23.50 9.98 -12.29
C LEU C 227 -23.30 8.57 -12.91
N ALA C 228 -22.21 7.92 -12.52
CA ALA C 228 -21.83 6.65 -13.11
C ALA C 228 -22.86 5.58 -12.75
N ARG C 229 -23.39 5.69 -11.54
CA ARG C 229 -24.37 4.76 -11.03
C ARG C 229 -25.57 4.70 -11.98
N ARG C 230 -25.97 5.87 -12.47
CA ARG C 230 -27.16 5.94 -13.30
C ARG C 230 -26.88 5.66 -14.76
N LEU C 231 -25.62 5.36 -15.08
CA LEU C 231 -25.20 5.21 -16.46
C LEU C 231 -24.79 3.80 -16.88
N GLU C 232 -24.37 2.97 -15.92
CA GLU C 232 -23.90 1.61 -16.19
C GLU C 232 -24.88 0.74 -16.97
N ALA C 233 -26.17 0.94 -16.72
CA ALA C 233 -27.21 0.12 -17.31
C ALA C 233 -27.31 0.21 -18.83
N TYR C 234 -26.62 1.17 -19.44
CA TYR C 234 -26.76 1.41 -20.87
C TYR C 234 -25.48 1.05 -21.62
N ASP C 235 -24.56 0.43 -20.88
CA ASP C 235 -23.28 -0.01 -21.41
C ASP C 235 -22.54 1.06 -22.25
N PRO C 236 -22.26 2.24 -21.66
CA PRO C 236 -21.49 3.23 -22.42
C PRO C 236 -20.12 2.66 -22.68
N LEU C 237 -19.49 3.03 -23.81
CA LEU C 237 -18.17 2.53 -24.15
C LEU C 237 -17.12 3.23 -23.29
N TRP C 238 -17.37 4.48 -22.95
CA TRP C 238 -16.57 5.17 -21.97
C TRP C 238 -17.23 6.35 -21.28
N PHE C 239 -16.61 6.77 -20.19
CA PHE C 239 -16.99 7.91 -19.38
C PHE C 239 -15.76 8.80 -19.48
N GLU C 240 -15.82 9.84 -20.31
CA GLU C 240 -14.68 10.72 -20.57
C GLU C 240 -14.47 11.76 -19.48
N GLU C 241 -13.20 12.04 -19.14
CA GLU C 241 -12.80 13.09 -18.20
C GLU C 241 -13.82 13.43 -17.12
N PRO C 242 -14.17 12.47 -16.26
CA PRO C 242 -15.22 12.74 -15.28
C PRO C 242 -14.83 13.79 -14.24
N ILE C 243 -13.57 13.83 -13.84
CA ILE C 243 -13.09 14.86 -12.91
C ILE C 243 -11.94 15.64 -13.57
N PRO C 244 -11.49 16.73 -12.94
CA PRO C 244 -10.40 17.53 -13.53
C PRO C 244 -9.02 16.84 -13.61
N PRO C 245 -8.10 17.38 -14.43
CA PRO C 245 -6.89 16.64 -14.80
C PRO C 245 -5.74 16.52 -13.79
N GLU C 246 -5.74 17.29 -12.71
CA GLU C 246 -4.51 17.46 -11.92
C GLU C 246 -4.07 16.29 -11.00
N LYS C 247 -5.04 15.55 -10.46
CA LYS C 247 -4.73 14.35 -9.70
C LYS C 247 -5.34 13.12 -10.37
N PRO C 248 -4.52 12.37 -11.13
CA PRO C 248 -5.03 11.11 -11.68
C PRO C 248 -5.35 10.13 -10.56
N GLU C 249 -4.58 10.22 -9.47
CA GLU C 249 -4.79 9.41 -8.28
C GLU C 249 -6.25 9.39 -7.86
N ASP C 250 -6.92 10.52 -8.03
CA ASP C 250 -8.32 10.67 -7.63
C ASP C 250 -9.30 10.17 -8.69
N MET C 251 -8.90 10.27 -9.95
CA MET C 251 -9.74 9.77 -11.03
C MET C 251 -9.85 8.26 -10.93
N ALA C 252 -8.77 7.63 -10.50
CA ALA C 252 -8.74 6.18 -10.40
C ALA C 252 -9.77 5.63 -9.40
N GLU C 253 -10.24 6.47 -8.49
CA GLU C 253 -11.29 6.08 -7.56
C GLU C 253 -12.61 5.89 -8.30
N VAL C 254 -12.85 6.75 -9.31
CA VAL C 254 -14.05 6.68 -10.13
C VAL C 254 -13.99 5.46 -11.05
N ALA C 255 -12.84 5.27 -11.67
CA ALA C 255 -12.61 4.11 -12.52
C ALA C 255 -12.76 2.78 -11.77
N ARG C 256 -12.27 2.73 -10.53
CA ARG C 256 -12.48 1.56 -9.68
C ARG C 256 -13.95 1.33 -9.35
N TYR C 257 -14.70 2.41 -9.13
CA TYR C 257 -16.05 2.26 -8.65
C TYR C 257 -16.95 1.68 -9.73
N THR C 258 -16.94 2.31 -10.90
CA THR C 258 -17.91 1.94 -11.93
C THR C 258 -17.38 0.96 -12.96
N SER C 259 -18.32 0.32 -13.63
CA SER C 259 -18.03 -0.68 -14.65
C SER C 259 -17.73 0.01 -15.98
N ILE C 260 -18.09 1.28 -16.08
CA ILE C 260 -17.87 2.05 -17.29
C ILE C 260 -16.38 2.39 -17.43
N PRO C 261 -15.82 2.12 -18.61
CA PRO C 261 -14.42 2.48 -18.76
C PRO C 261 -14.30 3.98 -18.66
N VAL C 262 -13.23 4.45 -18.03
CA VAL C 262 -12.94 5.86 -17.90
C VAL C 262 -11.88 6.25 -18.91
N ALA C 263 -12.16 7.23 -19.75
CA ALA C 263 -11.18 7.68 -20.74
C ALA C 263 -10.72 9.11 -20.43
N THR C 264 -9.44 9.39 -20.63
CA THR C 264 -8.95 10.74 -20.40
C THR C 264 -7.67 11.05 -21.16
N GLY C 265 -7.23 12.30 -21.10
CA GLY C 265 -5.95 12.67 -21.67
C GLY C 265 -5.93 13.85 -22.62
N GLU C 266 -7.09 14.44 -22.89
CA GLU C 266 -7.17 15.52 -23.88
C GLU C 266 -6.48 16.77 -23.37
N ARG C 267 -6.28 16.84 -22.05
CA ARG C 267 -5.55 17.96 -21.46
C ARG C 267 -4.19 17.58 -20.87
N LEU C 268 -3.67 16.42 -21.26
CA LEU C 268 -2.39 15.97 -20.76
C LEU C 268 -1.30 16.03 -21.80
N CYS C 269 -0.04 15.99 -21.37
CA CYS C 269 1.09 15.95 -22.31
C CYS C 269 2.30 15.26 -21.73
N THR C 270 3.18 14.77 -22.61
CA THR C 270 4.40 13.99 -22.28
C THR C 270 4.18 12.59 -21.74
N LYS C 271 5.16 11.72 -21.94
CA LYS C 271 5.11 10.35 -21.40
C LYS C 271 4.91 10.33 -19.87
N TYR C 272 5.29 11.41 -19.21
CA TYR C 272 5.23 11.45 -17.76
C TYR C 272 3.80 11.48 -17.22
N GLU C 273 2.97 12.37 -17.77
CA GLU C 273 1.59 12.51 -17.32
C GLU C 273 0.80 11.24 -17.61
N PHE C 274 1.00 10.69 -18.80
CA PHE C 274 0.31 9.45 -19.17
C PHE C 274 0.82 8.21 -18.43
N SER C 275 2.09 8.21 -18.01
CA SER C 275 2.59 7.21 -17.08
C SER C 275 1.75 7.17 -15.79
N ARG C 276 1.50 8.32 -15.19
CA ARG C 276 0.75 8.39 -13.93
C ARG C 276 -0.71 7.95 -14.11
N VAL C 277 -1.31 8.31 -15.25
CA VAL C 277 -2.66 7.88 -15.58
C VAL C 277 -2.79 6.36 -15.66
N LEU C 278 -1.82 5.71 -16.32
CA LEU C 278 -1.80 4.27 -16.43
C LEU C 278 -1.52 3.61 -15.10
N GLU C 279 -0.52 4.08 -14.38
CA GLU C 279 -0.13 3.38 -13.17
C GLU C 279 -1.15 3.50 -12.04
N THR C 280 -1.77 4.66 -11.87
CA THR C 280 -2.70 4.82 -10.77
C THR C 280 -4.03 4.18 -11.09
N GLY C 281 -4.21 3.83 -12.35
CA GLY C 281 -5.45 3.20 -12.76
C GLY C 281 -6.52 4.22 -13.04
N ALA C 282 -6.11 5.41 -13.46
CA ALA C 282 -7.05 6.51 -13.65
C ALA C 282 -7.90 6.30 -14.87
N ALA C 283 -7.37 5.58 -15.86
CA ALA C 283 -8.08 5.41 -17.13
C ALA C 283 -7.67 4.17 -17.95
N SER C 284 -8.59 3.64 -18.74
CA SER C 284 -8.35 2.46 -19.56
C SER C 284 -8.27 2.82 -21.02
N ILE C 285 -8.70 4.03 -21.36
CA ILE C 285 -8.64 4.52 -22.73
C ILE C 285 -7.95 5.87 -22.76
N LEU C 286 -6.80 5.95 -23.41
CA LEU C 286 -6.05 7.21 -23.42
C LEU C 286 -6.43 8.05 -24.62
N GLN C 287 -6.73 9.32 -24.34
CA GLN C 287 -7.20 10.26 -25.38
C GLN C 287 -6.19 11.35 -25.72
N MET C 288 -5.04 10.96 -26.26
CA MET C 288 -4.04 11.91 -26.72
C MET C 288 -4.52 12.78 -27.87
N ASN C 289 -4.39 14.09 -27.76
CA ASN C 289 -4.47 14.93 -28.93
C ASN C 289 -3.05 15.15 -29.44
N LEU C 290 -2.79 14.80 -30.70
CA LEU C 290 -1.40 14.81 -31.15
C LEU C 290 -0.81 16.21 -31.34
N GLY C 291 -1.65 17.23 -31.33
CA GLY C 291 -1.16 18.59 -31.45
C GLY C 291 -0.78 19.17 -30.11
N ARG C 292 -0.80 18.32 -29.10
CA ARG C 292 -0.60 18.73 -27.72
C ARG C 292 0.26 17.75 -26.91
N VAL C 293 0.05 16.45 -27.13
CA VAL C 293 0.67 15.42 -26.30
C VAL C 293 2.20 15.43 -26.32
N GLY C 294 2.79 15.97 -27.37
CA GLY C 294 4.23 16.05 -27.47
C GLY C 294 4.80 15.56 -28.79
N GLY C 295 3.95 15.10 -29.68
CA GLY C 295 4.40 14.62 -30.97
C GLY C 295 4.03 13.19 -31.32
N LEU C 296 4.36 12.78 -32.53
CA LEU C 296 4.03 11.45 -33.01
C LEU C 296 4.79 10.34 -32.27
N LEU C 297 6.09 10.50 -32.11
CA LEU C 297 6.91 9.52 -31.39
C LEU C 297 6.61 9.47 -29.89
N GLU C 298 6.46 10.63 -29.24
CA GLU C 298 6.03 10.62 -27.84
C GLU C 298 4.69 9.89 -27.68
N ALA C 299 3.78 10.10 -28.63
CA ALA C 299 2.52 9.38 -28.65
C ALA C 299 2.70 7.86 -28.81
N LYS C 300 3.60 7.42 -29.71
CA LYS C 300 3.87 5.98 -29.85
C LYS C 300 4.36 5.40 -28.53
N LYS C 301 5.33 6.09 -27.92
CA LYS C 301 5.88 5.71 -26.63
C LYS C 301 4.77 5.55 -25.59
N ILE C 302 3.80 6.46 -25.62
CA ILE C 302 2.71 6.39 -24.67
C ILE C 302 1.78 5.22 -24.97
N ALA C 303 1.51 4.98 -26.26
CA ALA C 303 0.65 3.85 -26.63
C ALA C 303 1.26 2.50 -26.25
N ALA C 304 2.58 2.39 -26.27
CA ALA C 304 3.26 1.17 -25.83
C ALA C 304 3.12 1.01 -24.33
N MET C 305 3.33 2.07 -23.57
CA MET C 305 3.06 2.03 -22.13
C MET C 305 1.62 1.58 -21.83
N ALA C 306 0.70 1.96 -22.70
CA ALA C 306 -0.69 1.61 -22.51
C ALA C 306 -0.90 0.11 -22.61
N GLU C 307 -0.11 -0.52 -23.48
CA GLU C 307 -0.22 -1.95 -23.76
C GLU C 307 0.14 -2.78 -22.53
N CYS C 308 0.95 -2.19 -21.66
CA CYS C 308 1.41 -2.90 -20.47
C CYS C 308 0.40 -2.80 -19.34
N HIS C 309 -0.75 -2.17 -19.61
CA HIS C 309 -1.69 -1.85 -18.55
C HIS C 309 -3.16 -2.06 -18.89
N SER C 310 -3.42 -2.93 -19.84
CA SER C 310 -4.78 -3.14 -20.30
C SER C 310 -5.45 -1.83 -20.73
N ALA C 311 -4.68 -0.95 -21.36
CA ALA C 311 -5.16 0.34 -21.85
C ALA C 311 -5.07 0.54 -23.37
N GLN C 312 -6.08 1.17 -23.93
CA GLN C 312 -6.15 1.41 -25.37
C GLN C 312 -6.05 2.90 -25.73
N ILE C 313 -5.86 3.21 -27.00
CA ILE C 313 -5.78 4.61 -27.43
C ILE C 313 -6.97 5.01 -28.30
N ALA C 314 -7.48 6.20 -28.04
CA ALA C 314 -8.55 6.81 -28.83
C ALA C 314 -8.21 8.28 -29.01
N PRO C 315 -7.40 8.60 -30.03
CA PRO C 315 -6.86 9.94 -30.23
C PRO C 315 -7.93 11.03 -30.30
N HIS C 316 -7.71 12.09 -29.54
CA HIS C 316 -8.65 13.22 -29.45
C HIS C 316 -8.56 14.10 -30.68
N LEU C 317 -9.71 14.67 -31.07
CA LEU C 317 -9.71 15.66 -32.12
C LEU C 317 -10.81 16.69 -31.94
N TYR C 318 -10.40 17.93 -31.71
CA TYR C 318 -11.30 19.08 -31.83
C TYR C 318 -10.51 20.24 -32.42
N CYS C 319 -9.97 20.03 -33.61
CA CYS C 319 -9.24 21.05 -34.33
C CYS C 319 -8.99 20.68 -35.78
N GLY C 320 -7.91 21.22 -36.35
CA GLY C 320 -7.69 21.16 -37.78
C GLY C 320 -7.46 19.78 -38.32
N PRO C 321 -7.57 19.62 -39.65
CA PRO C 321 -7.33 18.34 -40.32
C PRO C 321 -5.90 17.80 -40.14
N LEU C 322 -4.98 18.65 -39.70
CA LEU C 322 -3.59 18.22 -39.60
C LEU C 322 -3.30 17.35 -38.37
N VAL C 323 -3.90 17.68 -37.24
CA VAL C 323 -3.80 16.83 -36.05
C VAL C 323 -4.49 15.51 -36.36
N ALA C 324 -5.64 15.60 -37.02
CA ALA C 324 -6.33 14.42 -37.50
C ALA C 324 -5.39 13.51 -38.31
N LEU C 325 -4.63 14.09 -39.24
CA LEU C 325 -3.66 13.31 -40.01
C LEU C 325 -2.64 12.60 -39.14
N ALA C 326 -2.11 13.32 -38.16
CA ALA C 326 -1.14 12.75 -37.23
C ALA C 326 -1.78 11.67 -36.35
N ASN C 327 -3.00 11.94 -35.88
CA ASN C 327 -3.79 10.92 -35.20
C ASN C 327 -3.91 9.62 -36.01
N ILE C 328 -4.30 9.75 -37.28
CA ILE C 328 -4.39 8.60 -38.17
C ILE C 328 -3.07 7.80 -38.24
N GLN C 329 -1.97 8.51 -38.42
CA GLN C 329 -0.67 7.87 -38.46
C GLN C 329 -0.46 7.01 -37.20
N LEU C 330 -0.78 7.57 -36.03
CA LEU C 330 -0.61 6.83 -34.79
C LEU C 330 -1.50 5.58 -34.74
N ALA C 331 -2.80 5.78 -34.91
CA ALA C 331 -3.74 4.67 -34.85
C ALA C 331 -3.44 3.59 -35.89
N THR C 332 -2.97 3.97 -37.06
CA THR C 332 -2.68 2.96 -38.10
C THR C 332 -1.63 1.91 -37.69
N CYS C 333 -0.71 2.27 -36.81
CA CYS C 333 0.36 1.35 -36.42
C CYS C 333 0.27 0.86 -34.96
N SER C 334 -0.91 0.98 -34.37
CA SER C 334 -1.09 0.62 -32.98
C SER C 334 -2.04 -0.55 -32.77
N PRO C 335 -1.54 -1.65 -32.17
CA PRO C 335 -2.37 -2.82 -31.88
C PRO C 335 -3.50 -2.50 -30.91
N ASN C 336 -3.25 -1.58 -29.98
CA ASN C 336 -4.23 -1.23 -28.94
C ASN C 336 -5.09 -0.02 -29.28
N PHE C 337 -5.21 0.29 -30.56
CA PHE C 337 -6.13 1.31 -31.01
C PHE C 337 -7.58 0.88 -30.78
N LEU C 338 -8.45 1.83 -30.44
CA LEU C 338 -9.84 1.52 -30.15
C LEU C 338 -10.80 2.21 -31.10
N VAL C 339 -10.73 3.54 -31.16
CA VAL C 339 -11.67 4.32 -31.95
C VAL C 339 -11.08 5.70 -32.17
N LEU C 340 -11.60 6.42 -33.16
CA LEU C 340 -10.97 7.66 -33.59
C LEU C 340 -11.99 8.78 -33.74
N GLU C 341 -11.72 9.92 -33.12
CA GLU C 341 -12.63 11.05 -33.25
C GLU C 341 -12.64 11.56 -34.69
N SER C 342 -13.81 12.00 -35.15
CA SER C 342 -13.94 12.60 -36.46
C SER C 342 -14.79 13.85 -36.36
N ILE C 343 -14.39 14.91 -37.03
CA ILE C 343 -15.33 15.99 -37.22
C ILE C 343 -16.20 15.59 -38.40
N ARG C 344 -17.40 15.11 -38.08
CA ARG C 344 -18.31 14.57 -39.09
C ARG C 344 -17.60 13.51 -39.91
N THR C 345 -17.82 13.56 -41.22
CA THR C 345 -17.16 12.65 -42.14
C THR C 345 -15.95 13.29 -42.80
N PHE C 346 -15.37 14.30 -42.13
CA PHE C 346 -14.18 15.02 -42.61
C PHE C 346 -14.41 15.60 -44.00
N ASP C 347 -15.62 16.11 -44.19
CA ASP C 347 -15.97 16.87 -45.38
C ASP C 347 -15.94 18.39 -45.08
N GLY C 348 -16.46 19.18 -46.00
CA GLY C 348 -16.46 20.61 -45.86
C GLY C 348 -15.04 21.16 -45.84
N PHE C 349 -14.81 22.12 -44.96
CA PHE C 349 -13.52 22.82 -44.88
C PHE C 349 -12.34 21.87 -44.79
N PHE C 350 -12.52 20.79 -44.01
CA PHE C 350 -11.48 19.79 -43.78
C PHE C 350 -10.93 19.18 -45.06
N ALA C 351 -11.79 19.03 -46.07
CA ALA C 351 -11.35 18.50 -47.35
C ALA C 351 -10.63 19.58 -48.13
N GLU C 352 -11.26 20.74 -48.22
CA GLU C 352 -10.69 21.89 -48.91
C GLU C 352 -9.30 22.31 -48.42
N LEU C 353 -9.05 22.14 -47.12
CA LEU C 353 -7.74 22.47 -46.55
C LEU C 353 -6.63 21.52 -46.96
N LEU C 354 -7.01 20.33 -47.42
CA LEU C 354 -6.00 19.36 -47.86
C LEU C 354 -5.96 19.22 -49.38
N THR C 355 -4.79 18.88 -49.90
CA THR C 355 -4.63 18.53 -51.30
C THR C 355 -5.62 17.44 -51.70
N THR C 356 -5.51 16.28 -51.07
CA THR C 356 -6.50 15.22 -51.28
C THR C 356 -7.21 15.00 -49.97
N PRO C 357 -8.52 14.78 -50.02
CA PRO C 357 -9.27 14.72 -48.77
C PRO C 357 -8.94 13.45 -48.01
N ILE C 358 -9.07 13.51 -46.69
CA ILE C 358 -9.03 12.33 -45.83
C ILE C 358 -10.12 11.36 -46.32
N ARG C 359 -9.83 10.07 -46.33
CA ARG C 359 -10.81 9.12 -46.86
C ARG C 359 -11.69 8.52 -45.77
N TRP C 360 -13.02 8.67 -45.93
CA TRP C 360 -14.01 8.18 -44.95
C TRP C 360 -15.13 7.37 -45.60
N GLU C 361 -15.15 6.07 -45.35
CA GLU C 361 -16.17 5.19 -45.93
C GLU C 361 -16.87 4.35 -44.86
N ASN C 362 -18.21 4.40 -44.91
CA ASN C 362 -19.09 3.70 -43.97
C ASN C 362 -18.62 3.55 -42.53
N GLY C 363 -18.15 4.65 -41.94
CA GLY C 363 -17.82 4.67 -40.54
C GLY C 363 -16.35 4.45 -40.22
N TYR C 364 -15.56 4.31 -41.27
CA TYR C 364 -14.14 4.07 -41.09
C TYR C 364 -13.28 5.05 -41.88
N ILE C 365 -12.10 5.33 -41.35
CA ILE C 365 -11.11 6.12 -42.07
C ILE C 365 -10.22 5.14 -42.81
N ILE C 366 -10.09 5.31 -44.13
CA ILE C 366 -9.11 4.49 -44.84
C ILE C 366 -7.82 5.28 -44.93
N PRO C 367 -6.80 4.87 -44.16
CA PRO C 367 -5.55 5.63 -44.05
C PRO C 367 -4.90 5.86 -45.40
N SER C 368 -4.25 7.02 -45.55
CA SER C 368 -3.57 7.29 -46.78
C SER C 368 -2.39 6.33 -46.89
N GLN C 369 -1.96 6.07 -48.12
CA GLN C 369 -0.73 5.30 -48.32
C GLN C 369 0.39 6.18 -48.86
N GLU C 370 0.21 7.49 -48.72
CA GLU C 370 1.18 8.45 -49.21
C GLU C 370 2.24 8.72 -48.16
N PRO C 371 3.43 9.19 -48.60
CA PRO C 371 4.54 9.40 -47.67
C PRO C 371 4.24 10.45 -46.62
N GLY C 372 4.88 10.35 -45.47
CA GLY C 372 4.68 11.30 -44.39
C GLY C 372 3.32 11.13 -43.75
N LEU C 373 2.66 12.25 -43.50
CA LEU C 373 1.40 12.26 -42.81
C LEU C 373 0.26 11.87 -43.74
N GLY C 374 0.59 11.80 -45.02
CA GLY C 374 -0.30 11.21 -46.00
C GLY C 374 -0.96 12.19 -46.94
N HIS C 375 -1.09 13.43 -46.50
CA HIS C 375 -1.64 14.47 -47.34
C HIS C 375 -0.78 15.69 -47.17
N ASP C 376 -1.16 16.76 -47.85
CA ASP C 376 -0.43 18.02 -47.78
C ASP C 376 -1.42 19.13 -47.60
N LEU C 377 -1.01 20.14 -46.86
CA LEU C 377 -1.87 21.28 -46.60
C LEU C 377 -2.01 22.05 -47.89
N ASN C 378 -3.23 22.46 -48.24
CA ASN C 378 -3.39 23.32 -49.40
C ASN C 378 -3.13 24.78 -49.00
N GLU C 379 -1.92 25.25 -49.27
CA GLU C 379 -1.48 26.55 -48.76
C GLU C 379 -2.33 27.71 -49.28
N ASP C 380 -2.78 27.62 -50.53
CA ASP C 380 -3.62 28.67 -51.07
C ASP C 380 -4.90 28.80 -50.26
N VAL C 381 -5.55 27.68 -50.00
CA VAL C 381 -6.80 27.67 -49.26
C VAL C 381 -6.60 28.16 -47.83
N ALA C 382 -5.42 27.85 -47.27
CA ALA C 382 -5.06 28.31 -45.93
C ALA C 382 -4.88 29.82 -45.88
N ARG C 383 -4.22 30.39 -46.90
CA ARG C 383 -3.91 31.81 -46.88
C ARG C 383 -5.13 32.64 -47.21
N ALA C 384 -6.20 31.97 -47.64
CA ALA C 384 -7.44 32.64 -48.02
C ALA C 384 -8.47 32.60 -46.91
N ASN C 385 -8.11 31.98 -45.79
CA ASN C 385 -9.00 31.90 -44.65
C ASN C 385 -8.32 32.29 -43.33
N PRO C 386 -7.84 33.54 -43.23
CA PRO C 386 -7.20 33.91 -41.96
C PRO C 386 -8.23 34.12 -40.86
N TYR C 387 -7.77 34.23 -39.61
CA TYR C 387 -8.69 34.39 -38.49
C TYR C 387 -8.97 35.86 -38.14
N THR C 388 -10.24 36.24 -38.21
CA THR C 388 -10.65 37.63 -37.96
C THR C 388 -11.17 37.83 -36.53
N GLY C 389 -11.65 36.74 -35.93
CA GLY C 389 -12.21 36.75 -34.59
C GLY C 389 -11.20 37.06 -33.49
N SER C 390 -11.69 37.06 -32.24
CA SER C 390 -10.92 37.59 -31.12
C SER C 390 -11.02 36.76 -29.84
N ASP C 391 -11.60 35.57 -29.92
CA ASP C 391 -11.72 34.70 -28.75
C ASP C 391 -10.67 33.58 -28.78
N LEU C 392 -10.79 32.62 -27.86
CA LEU C 392 -9.88 31.48 -27.86
C LEU C 392 -10.61 30.22 -28.35
N HIS C 393 -9.85 29.24 -28.83
CA HIS C 393 -10.36 28.01 -29.44
C HIS C 393 -11.54 27.39 -28.70
N LEU C 394 -11.42 27.33 -27.38
CA LEU C 394 -12.52 26.89 -26.51
C LEU C 394 -12.53 27.70 -25.22
N GLY C 395 -13.33 27.28 -24.24
CA GLY C 395 -13.37 27.95 -22.95
C GLY C 395 -14.45 27.43 -22.02
N PHE C 396 -14.28 27.70 -20.73
CA PHE C 396 -15.26 27.34 -19.71
C PHE C 396 -16.40 28.35 -19.59
N GLN C 397 -17.17 28.17 -18.51
CA GLN C 397 -18.21 29.09 -18.09
C GLN C 397 -17.74 29.70 -16.76
N GLU C 398 -18.30 30.86 -16.38
CA GLU C 398 -17.88 31.52 -15.15
C GLU C 398 -19.03 31.69 -14.16
N MET D 2 -13.88 49.54 -7.58
CA MET D 2 -12.45 49.45 -7.94
C MET D 2 -12.21 48.51 -9.12
N ARG D 3 -11.47 48.97 -10.12
CA ARG D 3 -11.23 48.19 -11.34
C ARG D 3 -9.83 48.40 -11.93
N LEU D 4 -9.29 47.33 -12.53
CA LEU D 4 -7.97 47.38 -13.19
C LEU D 4 -8.10 47.99 -14.59
N SER D 5 -7.09 48.76 -15.02
CA SER D 5 -7.23 49.53 -16.27
C SER D 5 -6.08 49.32 -17.25
N ASP D 6 -4.86 49.38 -16.74
CA ASP D 6 -3.69 49.50 -17.58
C ASP D 6 -2.63 48.53 -17.12
N ILE D 7 -1.82 48.09 -18.06
CA ILE D 7 -0.66 47.27 -17.73
C ILE D 7 0.52 47.82 -18.51
N GLU D 8 1.71 47.78 -17.91
CA GLU D 8 2.93 48.07 -18.65
C GLU D 8 3.92 46.91 -18.45
N THR D 9 4.64 46.52 -19.50
CA THR D 9 5.70 45.53 -19.32
C THR D 9 7.10 46.03 -19.60
N PHE D 10 8.02 45.62 -18.74
CA PHE D 10 9.43 45.94 -18.86
C PHE D 10 10.22 44.64 -19.03
N VAL D 11 10.92 44.50 -20.15
CA VAL D 11 11.91 43.45 -20.26
C VAL D 11 13.24 44.08 -19.94
N VAL D 12 13.67 43.92 -18.69
CA VAL D 12 14.90 44.55 -18.19
C VAL D 12 16.11 43.61 -18.20
N GLY D 13 17.15 44.02 -18.90
CA GLY D 13 18.40 43.27 -18.92
C GLY D 13 19.23 43.48 -17.67
N ASN D 14 19.97 42.45 -17.27
CA ASN D 14 20.65 42.45 -15.97
C ASN D 14 22.15 42.71 -16.07
N PRO D 15 22.59 43.89 -15.61
CA PRO D 15 23.99 44.32 -15.68
C PRO D 15 24.92 43.34 -14.98
N PRO D 16 26.19 43.29 -15.43
CA PRO D 16 27.26 42.49 -14.81
C PRO D 16 27.36 42.79 -13.31
N PRO D 17 27.68 41.77 -12.49
CA PRO D 17 28.11 40.42 -12.83
C PRO D 17 26.99 39.44 -13.20
N ARG D 18 25.77 39.93 -13.40
CA ARG D 18 24.64 39.11 -13.86
C ARG D 18 24.24 38.03 -12.85
N HIS D 19 24.40 38.32 -11.56
CA HIS D 19 23.96 37.36 -10.56
C HIS D 19 22.45 37.41 -10.50
N GLY D 20 21.82 36.25 -10.64
CA GLY D 20 20.36 36.16 -10.71
C GLY D 20 19.86 36.03 -12.13
N GLY D 21 20.73 35.67 -13.06
CA GLY D 21 20.34 35.49 -14.45
C GLY D 21 20.40 36.70 -15.37
N ARG D 22 19.91 36.51 -16.60
CA ARG D 22 20.18 37.43 -17.72
C ARG D 22 19.27 38.67 -17.88
N TYR D 23 17.99 38.52 -17.53
CA TYR D 23 17.01 39.60 -17.65
C TYR D 23 15.89 39.39 -16.63
N PHE D 24 15.10 40.43 -16.39
CA PHE D 24 13.97 40.31 -15.47
C PHE D 24 12.77 40.84 -16.23
N ILE D 25 11.59 40.24 -16.02
CA ILE D 25 10.38 40.69 -16.69
C ILE D 25 9.40 41.27 -15.67
N PHE D 26 9.26 42.61 -15.64
CA PHE D 26 8.39 43.27 -14.66
C PHE D 26 7.05 43.67 -15.23
N VAL D 27 6.04 43.73 -14.36
CA VAL D 27 4.75 44.30 -14.74
C VAL D 27 4.25 45.37 -13.80
N LYS D 28 3.71 46.42 -14.40
CA LYS D 28 3.07 47.49 -13.67
C LYS D 28 1.59 47.46 -14.04
N LEU D 29 0.74 47.31 -13.04
CA LEU D 29 -0.69 47.37 -13.25
C LEU D 29 -1.20 48.67 -12.64
N VAL D 30 -2.15 49.30 -13.33
CA VAL D 30 -2.77 50.54 -12.85
C VAL D 30 -4.29 50.44 -12.81
N THR D 31 -4.89 50.77 -11.67
CA THR D 31 -6.35 50.86 -11.53
C THR D 31 -6.84 52.19 -12.12
N ALA D 32 -8.16 52.36 -12.24
CA ALA D 32 -8.68 53.62 -12.77
C ALA D 32 -8.41 54.82 -11.83
N CYS D 33 -8.68 54.66 -10.53
CA CYS D 33 -8.51 55.74 -9.57
C CYS D 33 -7.04 56.11 -9.31
N GLY D 34 -6.10 55.31 -9.79
CA GLY D 34 -4.70 55.70 -9.72
C GLY D 34 -3.68 54.81 -9.01
N ILE D 35 -4.12 53.87 -8.17
CA ILE D 35 -3.19 52.97 -7.46
C ILE D 35 -2.35 52.12 -8.41
N THR D 36 -1.05 52.05 -8.15
CA THR D 36 -0.15 51.25 -8.97
C THR D 36 0.26 49.96 -8.27
N GLY D 37 0.31 48.87 -9.01
CA GLY D 37 0.82 47.61 -8.47
C GLY D 37 1.97 47.04 -9.29
N TYR D 38 3.00 46.54 -8.61
CA TYR D 38 4.14 45.96 -9.31
C TYR D 38 4.25 44.46 -9.10
N GLY D 39 4.84 43.77 -10.08
CA GLY D 39 5.05 42.34 -9.99
C GLY D 39 6.05 41.83 -11.01
N GLU D 40 6.54 40.60 -10.81
CA GLU D 40 7.49 39.99 -11.75
C GLU D 40 7.05 38.61 -12.24
N ILE D 41 7.38 38.33 -13.50
CA ILE D 41 7.10 37.05 -14.09
C ILE D 41 8.40 36.27 -14.20
N TYR D 42 8.42 35.05 -13.66
CA TYR D 42 9.60 34.18 -13.76
C TYR D 42 9.32 33.10 -14.77
N ASN D 43 9.81 33.29 -15.99
CA ASN D 43 9.63 32.29 -17.01
C ASN D 43 10.59 32.41 -18.18
N ALA D 44 11.15 31.28 -18.59
CA ALA D 44 12.09 31.26 -19.70
C ALA D 44 11.84 30.13 -20.70
N THR D 45 10.59 29.71 -20.84
CA THR D 45 10.25 28.80 -21.93
C THR D 45 10.38 29.53 -23.27
N PHE D 46 10.04 30.81 -23.29
CA PHE D 46 10.12 31.61 -24.49
C PHE D 46 10.96 32.83 -24.18
N GLY D 47 11.43 33.52 -25.21
CA GLY D 47 12.17 34.76 -25.03
C GLY D 47 11.31 35.77 -24.29
N PRO D 48 11.95 36.70 -23.56
CA PRO D 48 11.25 37.64 -22.67
C PRO D 48 10.31 38.60 -23.40
N ASP D 49 10.66 39.03 -24.61
CA ASP D 49 9.79 39.91 -25.38
C ASP D 49 8.44 39.27 -25.61
N LEU D 50 8.46 37.99 -25.95
CA LEU D 50 7.23 37.22 -26.16
C LEU D 50 6.46 37.01 -24.87
N VAL D 51 7.16 36.69 -23.79
CA VAL D 51 6.53 36.55 -22.49
C VAL D 51 5.80 37.83 -22.12
N ALA D 52 6.45 38.97 -22.34
CA ALA D 52 5.83 40.25 -21.99
C ALA D 52 4.52 40.42 -22.76
N LYS D 53 4.58 40.09 -24.05
CA LYS D 53 3.42 40.16 -24.91
C LYS D 53 2.34 39.22 -24.39
N MET D 54 2.77 38.07 -23.84
CA MET D 54 1.84 37.11 -23.26
C MET D 54 1.11 37.71 -22.06
N ALA D 55 1.87 38.40 -21.22
CA ALA D 55 1.33 39.03 -20.03
C ALA D 55 0.25 40.04 -20.38
N GLU D 56 0.44 40.76 -21.48
CA GLU D 56 -0.59 41.69 -21.92
C GLU D 56 -1.81 40.96 -22.51
N ASP D 57 -1.58 39.81 -23.13
CA ASP D 57 -2.69 38.99 -23.63
C ASP D 57 -3.59 38.61 -22.45
N VAL D 58 -2.97 38.16 -21.37
CA VAL D 58 -3.69 37.68 -20.21
C VAL D 58 -4.43 38.81 -19.48
N PHE D 59 -3.72 39.91 -19.20
CA PHE D 59 -4.32 41.06 -18.51
C PHE D 59 -5.54 41.60 -19.26
N ALA D 60 -5.40 41.71 -20.57
CA ALA D 60 -6.47 42.16 -21.44
C ALA D 60 -7.67 41.20 -21.45
N ARG D 61 -7.40 39.89 -21.31
CA ARG D 61 -8.45 38.87 -21.40
C ARG D 61 -9.15 38.53 -20.08
N GLN D 62 -8.46 38.74 -18.96
CA GLN D 62 -8.99 38.27 -17.69
C GLN D 62 -9.06 39.36 -16.62
N PHE D 63 -8.16 40.34 -16.70
CA PHE D 63 -8.00 41.30 -15.62
C PHE D 63 -8.66 42.67 -15.83
N ALA D 64 -8.67 43.16 -17.07
CA ALA D 64 -9.23 44.47 -17.37
C ALA D 64 -10.73 44.56 -17.00
N GLY D 65 -11.03 45.52 -16.13
CA GLY D 65 -12.39 45.69 -15.62
C GLY D 65 -12.71 44.98 -14.31
N GLU D 66 -11.83 44.06 -13.88
CA GLU D 66 -12.10 43.33 -12.65
C GLU D 66 -11.51 44.06 -11.45
N ASP D 67 -12.08 43.77 -10.29
CA ASP D 67 -11.57 44.27 -9.02
C ASP D 67 -10.39 43.39 -8.67
N PRO D 68 -9.22 44.00 -8.40
CA PRO D 68 -8.05 43.18 -8.07
C PRO D 68 -8.13 42.51 -6.71
N HIS D 69 -9.18 42.78 -5.94
CA HIS D 69 -9.40 42.03 -4.72
C HIS D 69 -9.90 40.62 -5.06
N HIS D 70 -10.35 40.44 -6.30
CA HIS D 70 -10.96 39.20 -6.75
C HIS D 70 -9.96 38.18 -7.32
N ILE D 71 -9.00 37.80 -6.48
CA ILE D 71 -7.92 36.90 -6.85
C ILE D 71 -8.43 35.54 -7.32
N GLU D 72 -9.31 34.94 -6.53
CA GLU D 72 -9.78 33.59 -6.83
C GLU D 72 -10.47 33.59 -8.19
N LYS D 73 -11.30 34.60 -8.43
CA LYS D 73 -11.97 34.73 -9.73
C LYS D 73 -10.93 34.90 -10.82
N LEU D 74 -10.05 35.87 -10.65
CA LEU D 74 -9.01 36.14 -11.63
C LEU D 74 -8.12 34.92 -11.85
N TRP D 75 -7.69 34.30 -10.76
CA TRP D 75 -6.81 33.14 -10.84
C TRP D 75 -7.46 32.03 -11.67
N HIS D 76 -8.73 31.73 -11.37
CA HIS D 76 -9.40 30.63 -12.03
C HIS D 76 -9.81 30.92 -13.48
N LYS D 77 -10.08 32.18 -13.78
CA LYS D 77 -10.35 32.57 -15.14
C LYS D 77 -9.13 32.31 -15.99
N THR D 78 -7.98 32.73 -15.50
CA THR D 78 -6.72 32.52 -16.21
C THR D 78 -6.31 31.06 -16.27
N TYR D 79 -6.47 30.39 -15.13
CA TYR D 79 -6.10 28.99 -14.99
C TYR D 79 -6.79 28.14 -16.03
N GLY D 80 -8.02 28.53 -16.38
CA GLY D 80 -8.87 27.74 -17.25
C GLY D 80 -9.08 28.30 -18.63
N ALA D 81 -8.31 29.32 -18.98
CA ALA D 81 -8.43 29.93 -20.30
C ALA D 81 -8.04 28.94 -21.40
N GLY D 82 -8.99 28.56 -22.23
CA GLY D 82 -8.72 27.67 -23.34
C GLY D 82 -9.08 26.23 -23.06
N TYR D 83 -9.79 26.02 -21.95
CA TYR D 83 -10.11 24.70 -21.44
C TYR D 83 -8.83 23.91 -21.24
N THR D 84 -8.03 24.37 -20.27
CA THR D 84 -6.80 23.68 -19.92
C THR D 84 -6.86 23.23 -18.46
N GLN D 85 -6.68 24.16 -17.54
CA GLN D 85 -6.89 23.91 -16.13
C GLN D 85 -6.02 22.75 -15.61
N ARG D 86 -4.72 22.84 -15.90
CA ARG D 86 -3.71 21.95 -15.35
C ARG D 86 -2.39 22.69 -15.42
N PRO D 87 -1.52 22.48 -14.44
CA PRO D 87 -0.28 23.25 -14.33
C PRO D 87 0.43 23.42 -15.67
N ASP D 88 1.10 24.54 -15.82
CA ASP D 88 1.72 24.91 -17.07
C ASP D 88 2.56 26.13 -16.73
N VAL D 89 3.86 25.93 -16.51
CA VAL D 89 4.70 27.05 -16.03
C VAL D 89 4.53 28.30 -16.88
N THR D 90 4.50 28.14 -18.20
CA THR D 90 4.31 29.26 -19.14
C THR D 90 3.18 30.21 -18.72
N VAL D 91 1.98 29.68 -18.54
CA VAL D 91 0.83 30.48 -18.09
C VAL D 91 0.99 30.92 -16.63
N MET D 92 1.15 29.94 -15.75
CA MET D 92 1.33 30.13 -14.32
C MET D 92 2.38 31.20 -13.95
N GLY D 93 3.41 31.35 -14.78
CA GLY D 93 4.39 32.40 -14.59
C GLY D 93 3.76 33.77 -14.77
N VAL D 94 3.10 33.97 -15.90
CA VAL D 94 2.44 35.23 -16.19
C VAL D 94 1.45 35.52 -15.09
N LEU D 95 0.65 34.53 -14.75
CA LEU D 95 -0.36 34.73 -13.72
C LEU D 95 0.28 35.19 -12.41
N SER D 96 1.39 34.57 -12.03
CA SER D 96 2.10 34.94 -10.80
C SER D 96 2.46 36.41 -10.75
N GLY D 97 2.96 36.94 -11.88
CA GLY D 97 3.34 38.33 -11.96
C GLY D 97 2.17 39.30 -11.82
N LEU D 98 1.12 39.07 -12.60
CA LEU D 98 -0.07 39.88 -12.49
C LEU D 98 -0.70 39.80 -11.10
N GLU D 99 -0.63 38.65 -10.47
CA GLU D 99 -1.31 38.42 -9.19
C GLU D 99 -0.56 39.13 -8.07
N MET D 100 0.77 39.06 -8.11
CA MET D 100 1.63 39.80 -7.17
C MET D 100 1.20 41.24 -7.10
N ALA D 101 1.03 41.82 -8.28
CA ALA D 101 0.75 43.23 -8.45
C ALA D 101 -0.63 43.58 -7.95
N CYS D 102 -1.56 42.64 -8.03
CA CYS D 102 -2.86 42.89 -7.47
C CYS D 102 -2.74 43.03 -5.95
N TRP D 103 -1.92 42.17 -5.36
CA TRP D 103 -1.64 42.25 -3.93
C TRP D 103 -0.95 43.56 -3.56
N ASP D 104 -0.17 44.14 -4.48
CA ASP D 104 0.40 45.45 -4.23
C ASP D 104 -0.76 46.41 -4.06
N ILE D 105 -1.62 46.41 -5.07
CA ILE D 105 -2.81 47.25 -5.07
C ILE D 105 -3.71 46.96 -3.89
N ILE D 106 -3.89 45.68 -3.54
CA ILE D 106 -4.77 45.36 -2.43
C ILE D 106 -4.24 45.95 -1.12
N GLY D 107 -2.94 45.80 -0.91
CA GLY D 107 -2.33 46.26 0.33
C GLY D 107 -2.31 47.77 0.43
N LYS D 108 -1.86 48.40 -0.65
CA LYS D 108 -1.82 49.85 -0.74
C LYS D 108 -3.19 50.46 -0.43
N ALA D 109 -4.26 49.86 -0.98
CA ALA D 109 -5.62 50.29 -0.67
C ALA D 109 -5.96 50.15 0.79
N ALA D 110 -5.50 49.08 1.41
CA ALA D 110 -5.83 48.82 2.82
C ALA D 110 -4.88 49.61 3.71
N GLY D 111 -3.78 50.06 3.13
CA GLY D 111 -2.73 50.75 3.87
C GLY D 111 -1.96 49.79 4.74
N LYS D 112 -1.77 48.56 4.26
CA LYS D 112 -1.05 47.55 5.01
C LYS D 112 -0.08 46.81 4.12
N PRO D 113 0.99 46.27 4.70
CA PRO D 113 1.82 45.33 3.92
C PRO D 113 0.98 44.10 3.59
N ALA D 114 1.14 43.54 2.40
CA ALA D 114 0.32 42.41 1.98
C ALA D 114 0.34 41.31 3.05
N TYR D 115 1.48 41.14 3.72
CA TYR D 115 1.61 40.14 4.79
C TYR D 115 0.66 40.30 5.99
N GLU D 116 0.27 41.54 6.28
CA GLU D 116 -0.66 41.77 7.37
C GLU D 116 -2.11 41.44 6.97
N LEU D 117 -2.29 40.97 5.74
CA LEU D 117 -3.60 40.58 5.26
C LEU D 117 -3.70 39.06 5.20
N LEU D 118 -2.56 38.42 4.98
CA LEU D 118 -2.52 36.97 4.79
C LEU D 118 -2.02 36.26 6.03
N GLY D 119 -2.55 36.63 7.19
CA GLY D 119 -2.19 35.97 8.44
C GLY D 119 -1.26 36.76 9.34
N GLY D 120 -0.73 37.86 8.81
CA GLY D 120 0.01 38.81 9.62
C GLY D 120 1.41 38.40 10.05
N LYS D 121 2.24 39.41 10.35
CA LYS D 121 3.64 39.22 10.70
C LYS D 121 3.86 38.10 11.71
N VAL D 122 4.97 37.38 11.53
CA VAL D 122 5.39 36.28 12.38
C VAL D 122 6.86 36.45 12.67
N HIS D 123 7.60 36.98 11.70
CA HIS D 123 9.04 37.16 11.84
C HIS D 123 9.47 38.63 11.72
N GLU D 124 10.40 39.04 12.57
CA GLU D 124 10.89 40.40 12.52
C GLU D 124 12.12 40.50 11.64
N ARG D 125 12.71 39.34 11.38
CA ARG D 125 13.84 39.21 10.47
C ARG D 125 13.74 37.85 9.79
N LEU D 126 14.23 37.75 8.56
CA LEU D 126 14.14 36.51 7.82
C LEU D 126 15.54 36.01 7.49
N ARG D 127 15.88 34.84 8.02
CA ARG D 127 17.16 34.22 7.72
C ARG D 127 17.46 34.10 6.23
N SER D 128 18.63 34.56 5.81
CA SER D 128 18.93 34.50 4.39
C SER D 128 20.10 33.58 4.05
N TYR D 129 20.23 33.25 2.77
CA TYR D 129 21.38 32.50 2.28
C TYR D 129 21.69 32.98 0.89
N THR D 130 22.94 32.81 0.47
CA THR D 130 23.32 33.15 -0.90
C THR D 130 24.11 32.04 -1.61
N TYR D 131 24.08 32.04 -2.94
CA TYR D 131 24.97 31.17 -3.70
C TYR D 131 26.39 31.65 -3.49
N LEU D 132 27.35 30.72 -3.48
CA LEU D 132 28.76 31.08 -3.49
C LEU D 132 29.18 31.58 -4.87
N TYR D 133 29.45 32.87 -4.97
CA TYR D 133 29.84 33.52 -6.23
C TYR D 133 31.34 33.88 -6.24
N PRO D 134 31.93 34.08 -7.44
CA PRO D 134 33.30 34.62 -7.62
C PRO D 134 33.38 36.15 -7.59
N THR D 135 34.41 36.72 -8.22
CA THR D 135 34.51 38.16 -8.53
C THR D 135 35.27 38.44 -9.85
N LYS D 145 40.90 25.72 -15.46
CA LYS D 145 40.39 26.98 -14.92
C LYS D 145 39.85 26.83 -13.48
N PRO D 146 40.71 27.07 -12.48
CA PRO D 146 40.36 26.78 -11.08
C PRO D 146 39.62 27.94 -10.39
N ASN D 147 38.32 27.73 -10.15
CA ASN D 147 37.44 28.77 -9.62
C ASN D 147 36.52 28.27 -8.49
N VAL D 148 35.41 28.96 -8.28
CA VAL D 148 34.55 28.74 -7.12
C VAL D 148 33.57 27.59 -7.32
N TYR D 149 33.44 27.13 -8.57
CA TYR D 149 32.45 26.13 -8.90
C TYR D 149 33.09 24.77 -9.02
N ASN D 150 34.43 24.74 -9.06
CA ASN D 150 35.15 23.50 -9.24
C ASN D 150 36.34 23.28 -8.32
N ASP D 151 36.63 24.27 -7.48
CA ASP D 151 37.68 24.10 -6.48
C ASP D 151 37.10 24.24 -5.07
N ALA D 152 37.16 23.16 -4.31
CA ALA D 152 36.57 23.12 -2.99
C ALA D 152 37.24 24.16 -2.11
N ASP D 153 38.55 24.31 -2.24
CA ASP D 153 39.29 25.28 -1.44
C ASP D 153 38.79 26.70 -1.72
N MET D 154 38.80 27.10 -2.98
CA MET D 154 38.27 28.40 -3.39
C MET D 154 36.82 28.63 -2.99
N ALA D 155 36.03 27.57 -2.92
CA ALA D 155 34.66 27.69 -2.44
C ALA D 155 34.64 27.85 -0.92
N ALA D 156 35.63 27.27 -0.25
CA ALA D 156 35.72 27.37 1.19
C ALA D 156 36.08 28.80 1.61
N GLU D 157 36.88 29.47 0.79
CA GLU D 157 37.19 30.87 1.05
C GLU D 157 35.95 31.74 0.82
N ALA D 158 35.27 31.50 -0.29
CA ALA D 158 34.01 32.18 -0.56
C ALA D 158 33.02 32.06 0.58
N ALA D 159 32.86 30.86 1.13
CA ALA D 159 31.91 30.64 2.22
C ALA D 159 32.41 31.30 3.50
N ALA D 160 33.73 31.31 3.65
CA ALA D 160 34.37 31.97 4.78
C ALA D 160 34.01 33.46 4.78
N LYS D 161 34.22 34.09 3.63
CA LYS D 161 33.83 35.47 3.39
C LYS D 161 32.33 35.67 3.61
N ALA D 162 31.53 34.72 3.16
CA ALA D 162 30.08 34.84 3.28
C ALA D 162 29.64 34.83 4.75
N VAL D 163 30.30 33.98 5.54
CA VAL D 163 30.04 33.90 6.97
C VAL D 163 30.45 35.19 7.69
N ASP D 164 31.57 35.77 7.27
CA ASP D 164 32.05 37.01 7.90
C ASP D 164 31.12 38.22 7.65
N GLN D 165 30.09 38.02 6.82
CA GLN D 165 29.09 39.05 6.57
C GLN D 165 27.83 38.81 7.38
N GLY D 166 27.73 37.61 7.96
CA GLY D 166 26.60 37.28 8.82
C GLY D 166 25.68 36.20 8.25
N PHE D 167 25.86 35.88 6.98
CA PHE D 167 25.18 34.75 6.36
C PHE D 167 25.31 33.52 7.25
N THR D 168 24.21 32.78 7.40
CA THR D 168 24.22 31.58 8.19
C THR D 168 24.01 30.36 7.32
N ALA D 169 24.05 30.58 6.02
CA ALA D 169 23.91 29.48 5.06
C ALA D 169 24.51 29.87 3.71
N VAL D 170 25.17 28.90 3.06
CA VAL D 170 25.73 29.10 1.73
C VAL D 170 25.31 27.91 0.84
N LYS D 171 25.02 28.18 -0.43
CA LYS D 171 24.60 27.12 -1.32
C LYS D 171 25.58 26.95 -2.49
N PHE D 172 25.75 25.72 -2.95
CA PHE D 172 26.71 25.41 -4.02
C PHE D 172 26.30 24.17 -4.82
N ASP D 173 26.76 24.07 -6.06
CA ASP D 173 26.50 22.90 -6.87
C ASP D 173 27.73 22.30 -7.56
N PRO D 174 28.42 21.39 -6.87
CA PRO D 174 29.59 20.73 -7.47
C PRO D 174 29.30 19.41 -8.18
N ALA D 175 28.04 18.99 -8.29
CA ALA D 175 27.74 17.63 -8.78
C ALA D 175 27.81 17.42 -10.32
N GLY D 176 28.48 18.33 -11.02
CA GLY D 176 28.58 18.24 -12.47
C GLY D 176 27.46 18.97 -13.21
N ALA D 177 27.62 19.09 -14.52
CA ALA D 177 26.63 19.76 -15.35
C ALA D 177 25.31 19.03 -15.34
N TYR D 178 24.25 19.77 -15.66
CA TYR D 178 22.93 19.17 -15.87
C TYR D 178 22.52 19.25 -17.34
N THR D 179 22.28 18.09 -17.94
CA THR D 179 22.01 18.00 -19.37
C THR D 179 20.53 17.97 -19.70
N ILE D 180 20.21 18.08 -20.99
CA ILE D 180 18.84 17.92 -21.45
C ILE D 180 18.41 16.47 -21.48
N TYR D 181 19.32 15.55 -21.14
CA TYR D 181 18.94 14.13 -21.09
C TYR D 181 18.99 13.56 -19.68
N ASP D 182 18.94 14.42 -18.68
CA ASP D 182 18.90 13.96 -17.30
C ASP D 182 17.60 13.20 -17.10
N GLY D 183 17.52 12.29 -16.13
CA GLY D 183 18.56 12.06 -15.13
C GLY D 183 19.70 11.14 -15.55
N HIS D 184 20.84 11.29 -14.87
CA HIS D 184 21.93 10.38 -15.13
C HIS D 184 22.68 9.97 -13.87
N GLN D 185 23.90 9.51 -14.07
CA GLN D 185 24.63 8.88 -13.01
C GLN D 185 25.86 9.76 -12.69
N PRO D 186 26.05 10.10 -11.41
CA PRO D 186 27.20 10.94 -11.07
C PRO D 186 28.47 10.19 -11.35
N SER D 187 29.46 10.86 -11.94
CA SER D 187 30.74 10.22 -12.19
C SER D 187 31.47 10.12 -10.86
N LEU D 188 32.55 9.34 -10.82
CA LEU D 188 33.30 9.22 -9.58
C LEU D 188 33.95 10.55 -9.19
N GLU D 189 34.20 11.39 -10.19
CA GLU D 189 34.75 12.72 -9.98
C GLU D 189 33.69 13.66 -9.44
N ASP D 190 32.47 13.54 -9.96
CA ASP D 190 31.34 14.27 -9.40
C ASP D 190 31.15 13.90 -7.92
N LEU D 191 31.30 12.63 -7.59
CA LEU D 191 31.18 12.21 -6.20
C LEU D 191 32.31 12.79 -5.37
N GLU D 192 33.54 12.67 -5.85
CA GLU D 192 34.72 13.05 -5.09
C GLU D 192 34.77 14.56 -4.83
N ARG D 193 34.49 15.33 -5.88
CA ARG D 193 34.39 16.78 -5.78
C ARG D 193 33.28 17.23 -4.83
N SER D 194 32.11 16.60 -4.97
CA SER D 194 30.95 16.94 -4.13
C SER D 194 31.27 16.75 -2.65
N GLU D 195 31.96 15.66 -2.31
CA GLU D 195 32.27 15.45 -0.91
C GLU D 195 33.31 16.44 -0.43
N ALA D 196 34.29 16.72 -1.28
CA ALA D 196 35.32 17.69 -0.94
C ALA D 196 34.70 19.03 -0.57
N PHE D 197 33.78 19.52 -1.42
CA PHE D 197 33.12 20.79 -1.20
C PHE D 197 32.50 20.80 0.16
N CYS D 198 31.64 19.80 0.40
CA CYS D 198 31.02 19.65 1.70
C CYS D 198 32.07 19.60 2.81
N LYS D 199 33.08 18.76 2.66
CA LYS D 199 34.09 18.60 3.70
C LYS D 199 34.83 19.91 3.98
N GLN D 200 35.40 20.49 2.93
CA GLN D 200 36.15 21.74 3.04
C GLN D 200 35.29 22.86 3.57
N ILE D 201 34.15 23.10 2.94
CA ILE D 201 33.30 24.20 3.36
C ILE D 201 32.95 24.08 4.83
N ARG D 202 32.67 22.85 5.28
CA ARG D 202 32.31 22.58 6.67
C ARG D 202 33.45 22.86 7.62
N ALA D 203 34.67 22.57 7.20
CA ALA D 203 35.86 22.92 7.97
C ALA D 203 35.95 24.44 8.14
N ALA D 204 35.67 25.16 7.06
CA ALA D 204 35.88 26.61 7.03
C ALA D 204 34.79 27.40 7.73
N VAL D 205 33.67 26.76 8.04
CA VAL D 205 32.57 27.50 8.65
C VAL D 205 32.11 26.91 9.98
N GLY D 206 32.56 25.70 10.29
CA GLY D 206 32.16 25.04 11.52
C GLY D 206 30.65 25.02 11.68
N THR D 207 30.17 25.19 12.90
CA THR D 207 28.74 25.20 13.13
C THR D 207 28.12 26.60 12.90
N LYS D 208 28.88 27.53 12.34
CA LYS D 208 28.38 28.91 12.12
C LYS D 208 27.38 29.02 10.96
N ALA D 209 27.52 28.19 9.93
CA ALA D 209 26.62 28.27 8.77
C ALA D 209 26.22 26.91 8.19
N ASP D 210 24.96 26.78 7.81
CA ASP D 210 24.46 25.53 7.22
C ASP D 210 24.86 25.38 5.76
N LEU D 211 25.13 24.14 5.36
CA LEU D 211 25.50 23.83 4.00
C LEU D 211 24.24 23.54 3.19
N LEU D 212 24.05 24.23 2.06
CA LEU D 212 22.89 23.94 1.22
C LEU D 212 23.32 23.29 -0.11
N PHE D 213 23.12 21.98 -0.24
CA PHE D 213 23.53 21.28 -1.46
C PHE D 213 22.53 21.53 -2.59
N GLY D 214 22.94 22.35 -3.55
CA GLY D 214 22.02 22.94 -4.49
C GLY D 214 22.06 22.41 -5.92
N THR D 215 22.12 21.08 -6.05
CA THR D 215 21.94 20.37 -7.32
C THR D 215 20.75 20.84 -8.12
N HIS D 216 20.77 20.53 -9.40
CA HIS D 216 19.76 21.04 -10.32
C HIS D 216 19.13 19.90 -11.13
N GLY D 217 18.69 18.84 -10.45
CA GLY D 217 17.98 17.74 -11.08
C GLY D 217 18.79 16.70 -11.85
N GLN D 218 20.10 16.72 -11.65
CA GLN D 218 21.01 15.92 -12.45
C GLN D 218 20.65 14.44 -12.52
N PHE D 219 20.32 13.87 -11.38
CA PHE D 219 20.42 12.43 -11.23
C PHE D 219 19.13 11.67 -11.32
N THR D 220 19.30 10.36 -11.54
CA THR D 220 18.26 9.36 -11.37
C THR D 220 18.13 9.13 -9.88
N VAL D 221 17.06 8.47 -9.47
CA VAL D 221 16.91 8.09 -8.07
C VAL D 221 18.17 7.37 -7.56
N SER D 222 18.64 6.35 -8.25
CA SER D 222 19.80 5.63 -7.73
C SER D 222 21.08 6.50 -7.79
N GLY D 223 21.18 7.35 -8.81
CA GLY D 223 22.26 8.32 -8.88
C GLY D 223 22.27 9.21 -7.64
N ALA D 224 21.09 9.71 -7.31
CA ALA D 224 20.88 10.52 -6.12
C ALA D 224 21.38 9.86 -4.85
N LYS D 225 20.98 8.62 -4.63
CA LYS D 225 21.35 7.89 -3.43
C LYS D 225 22.86 7.71 -3.31
N ARG D 226 23.52 7.34 -4.41
CA ARG D 226 24.97 7.14 -4.38
C ARG D 226 25.64 8.39 -3.84
N LEU D 227 25.23 9.54 -4.37
CA LEU D 227 25.71 10.83 -3.91
C LEU D 227 25.30 11.13 -2.47
N ALA D 228 24.02 10.93 -2.17
CA ALA D 228 23.51 11.18 -0.83
C ALA D 228 24.33 10.47 0.26
N ARG D 229 24.74 9.24 -0.02
CA ARG D 229 25.47 8.44 0.95
C ARG D 229 26.79 9.10 1.32
N ARG D 230 27.31 9.92 0.42
CA ARG D 230 28.61 10.53 0.61
C ARG D 230 28.59 11.98 1.14
N LEU D 231 27.40 12.51 1.41
CA LEU D 231 27.28 13.88 1.90
C LEU D 231 26.68 13.90 3.30
N GLU D 232 25.97 12.84 3.65
CA GLU D 232 25.28 12.74 4.94
C GLU D 232 26.10 13.20 6.15
N ALA D 233 27.41 13.01 6.10
CA ALA D 233 28.28 13.21 7.26
C ALA D 233 28.61 14.68 7.56
N TYR D 234 28.27 15.55 6.63
CA TYR D 234 28.58 16.98 6.77
C TYR D 234 27.33 17.75 7.19
N ASP D 235 26.35 16.97 7.66
CA ASP D 235 25.03 17.44 8.05
C ASP D 235 24.48 18.50 7.14
N PRO D 236 24.41 18.22 5.83
CA PRO D 236 23.83 19.22 4.93
C PRO D 236 22.36 19.43 5.30
N LEU D 237 21.92 20.68 5.15
CA LEU D 237 20.60 21.12 5.53
C LEU D 237 19.61 20.67 4.49
N TRP D 238 20.05 20.72 3.23
CA TRP D 238 19.24 20.17 2.16
C TRP D 238 19.96 19.68 0.91
N PHE D 239 19.37 18.63 0.34
CA PHE D 239 19.69 18.09 -0.98
C PHE D 239 18.63 18.70 -1.91
N GLU D 240 19.02 19.68 -2.73
CA GLU D 240 18.04 20.37 -3.61
C GLU D 240 17.85 19.61 -4.90
N GLU D 241 16.59 19.38 -5.28
CA GLU D 241 16.22 18.74 -6.55
C GLU D 241 17.18 17.65 -6.98
N PRO D 242 17.19 16.52 -6.27
CA PRO D 242 18.15 15.46 -6.56
C PRO D 242 17.89 14.83 -7.91
N ILE D 243 16.62 14.84 -8.35
CA ILE D 243 16.23 14.25 -9.64
C ILE D 243 15.29 15.23 -10.34
N PRO D 244 14.86 14.93 -11.58
CA PRO D 244 13.91 15.83 -12.26
C PRO D 244 12.50 16.01 -11.59
N PRO D 245 11.68 16.97 -12.09
CA PRO D 245 10.46 17.33 -11.37
C PRO D 245 9.21 16.52 -11.70
N GLU D 246 9.26 15.69 -12.75
CA GLU D 246 8.05 15.04 -13.27
C GLU D 246 7.41 13.98 -12.36
N LYS D 247 8.24 13.16 -11.70
CA LYS D 247 7.72 12.09 -10.86
C LYS D 247 8.16 12.22 -9.39
N PRO D 248 7.31 12.84 -8.55
CA PRO D 248 7.64 13.03 -7.14
C PRO D 248 7.60 11.71 -6.40
N GLU D 249 6.84 10.74 -6.91
CA GLU D 249 6.82 9.41 -6.30
C GLU D 249 8.23 8.81 -6.27
N ASP D 250 9.04 9.16 -7.25
CA ASP D 250 10.43 8.76 -7.33
C ASP D 250 11.34 9.58 -6.43
N MET D 251 11.07 10.87 -6.32
CA MET D 251 11.91 11.73 -5.48
C MET D 251 11.79 11.26 -4.05
N ALA D 252 10.58 10.85 -3.68
CA ALA D 252 10.32 10.37 -2.35
C ALA D 252 11.19 9.16 -1.99
N GLU D 253 11.72 8.46 -2.99
CA GLU D 253 12.64 7.37 -2.72
C GLU D 253 13.98 7.89 -2.21
N VAL D 254 14.48 8.95 -2.82
CA VAL D 254 15.69 9.57 -2.32
C VAL D 254 15.45 10.07 -0.89
N ALA D 255 14.40 10.87 -0.73
CA ALA D 255 14.02 11.40 0.58
C ALA D 255 13.95 10.35 1.71
N ARG D 256 13.44 9.15 1.44
CA ARG D 256 13.36 8.07 2.45
C ARG D 256 14.72 7.42 2.78
N TYR D 257 15.54 7.24 1.76
CA TYR D 257 16.83 6.59 1.93
C TYR D 257 17.78 7.42 2.79
N THR D 258 17.83 8.72 2.53
CA THR D 258 18.86 9.53 3.17
C THR D 258 18.36 10.33 4.37
N SER D 259 19.30 10.78 5.19
CA SER D 259 19.02 11.61 6.36
C SER D 259 18.99 13.10 6.01
N ILE D 260 19.58 13.47 4.88
CA ILE D 260 19.54 14.83 4.39
C ILE D 260 18.13 15.17 3.94
N PRO D 261 17.64 16.35 4.31
CA PRO D 261 16.29 16.66 3.87
C PRO D 261 16.29 17.05 2.40
N VAL D 262 15.29 16.59 1.68
CA VAL D 262 15.18 16.91 0.26
C VAL D 262 14.36 18.19 0.08
N ALA D 263 14.88 19.08 -0.75
CA ALA D 263 14.21 20.36 -0.97
C ALA D 263 14.00 20.55 -2.45
N THR D 264 12.80 20.95 -2.82
CA THR D 264 12.48 21.12 -4.23
C THR D 264 11.31 22.07 -4.48
N GLY D 265 11.08 22.40 -5.75
CA GLY D 265 9.90 23.12 -6.14
C GLY D 265 10.09 24.32 -7.04
N GLU D 266 11.34 24.64 -7.38
CA GLU D 266 11.60 25.82 -8.20
C GLU D 266 11.11 25.64 -9.62
N ARG D 267 10.72 24.42 -9.96
CA ARG D 267 10.18 24.16 -11.29
C ARG D 267 8.73 23.72 -11.22
N LEU D 268 8.11 23.84 -10.05
CA LEU D 268 6.71 23.44 -9.91
C LEU D 268 5.78 24.64 -9.80
N CYS D 269 4.49 24.40 -9.99
CA CYS D 269 3.47 25.45 -9.86
C CYS D 269 2.11 24.91 -9.43
N THR D 270 1.30 25.81 -8.87
CA THR D 270 -0.04 25.53 -8.33
C THR D 270 -0.04 24.59 -7.14
N LYS D 271 -1.01 24.79 -6.26
CA LYS D 271 -1.21 23.93 -5.08
C LYS D 271 -1.21 22.43 -5.46
N TYR D 272 -1.74 22.10 -6.64
CA TYR D 272 -1.84 20.71 -7.08
C TYR D 272 -0.49 19.97 -7.14
N GLU D 273 0.54 20.65 -7.64
CA GLU D 273 1.84 20.03 -7.73
C GLU D 273 2.61 19.94 -6.41
N PHE D 274 2.32 20.83 -5.48
CA PHE D 274 2.95 20.72 -4.18
C PHE D 274 2.18 19.77 -3.25
N SER D 275 0.87 19.67 -3.45
CA SER D 275 0.07 18.70 -2.74
C SER D 275 0.69 17.31 -2.92
N ARG D 276 0.99 16.95 -4.17
CA ARG D 276 1.62 15.67 -4.48
C ARG D 276 3.01 15.50 -3.85
N VAL D 277 3.85 16.52 -3.93
CA VAL D 277 5.18 16.49 -3.30
C VAL D 277 5.09 16.14 -1.82
N LEU D 278 4.23 16.86 -1.10
CA LEU D 278 4.06 16.63 0.32
C LEU D 278 3.52 15.24 0.62
N GLU D 279 2.46 14.88 -0.08
CA GLU D 279 1.78 13.62 0.13
C GLU D 279 2.66 12.41 -0.09
N THR D 280 3.46 12.43 -1.16
CA THR D 280 4.33 11.30 -1.44
C THR D 280 5.54 11.28 -0.53
N GLY D 281 5.85 12.43 0.05
CA GLY D 281 7.05 12.57 0.87
C GLY D 281 8.26 12.90 0.01
N ALA D 282 7.98 13.48 -1.16
CA ALA D 282 9.02 13.84 -2.12
C ALA D 282 10.05 14.80 -1.54
N ALA D 283 9.62 15.66 -0.62
CA ALA D 283 10.46 16.71 -0.06
C ALA D 283 9.86 17.28 1.22
N SER D 284 10.68 17.96 2.02
CA SER D 284 10.23 18.42 3.33
C SER D 284 10.54 19.90 3.46
N ILE D 285 11.20 20.41 2.43
CA ILE D 285 11.41 21.84 2.33
C ILE D 285 10.96 22.24 0.93
N LEU D 286 9.91 23.06 0.84
CA LEU D 286 9.37 23.49 -0.46
C LEU D 286 9.98 24.81 -0.94
N GLN D 287 10.44 24.83 -2.19
CA GLN D 287 11.10 26.00 -2.73
C GLN D 287 10.35 26.69 -3.86
N MET D 288 9.22 27.32 -3.53
CA MET D 288 8.48 28.10 -4.51
C MET D 288 9.26 29.35 -4.92
N ASN D 289 9.24 29.62 -6.21
CA ASN D 289 9.58 30.93 -6.75
C ASN D 289 8.24 31.64 -6.94
N LEU D 290 7.95 32.65 -6.13
CA LEU D 290 6.63 33.28 -6.20
C LEU D 290 6.28 33.93 -7.53
N GLY D 291 7.25 34.06 -8.43
CA GLY D 291 7.00 34.60 -9.75
C GLY D 291 6.65 33.51 -10.75
N ARG D 292 6.32 32.33 -10.24
CA ARG D 292 6.03 31.13 -11.05
C ARG D 292 4.95 30.21 -10.43
N VAL D 293 4.96 30.11 -9.11
CA VAL D 293 4.06 29.23 -8.38
C VAL D 293 2.56 29.47 -8.60
N GLY D 294 2.18 30.66 -9.04
CA GLY D 294 0.78 30.95 -9.27
C GLY D 294 0.30 32.20 -8.53
N GLY D 295 1.21 32.84 -7.81
CA GLY D 295 0.86 34.01 -7.03
C GLY D 295 0.98 33.92 -5.51
N LEU D 296 0.81 35.07 -4.87
CA LEU D 296 1.01 35.20 -3.44
C LEU D 296 -0.02 34.40 -2.63
N LEU D 297 -1.29 34.48 -3.01
CA LEU D 297 -2.32 33.72 -2.30
C LEU D 297 -2.13 32.23 -2.49
N GLU D 298 -1.69 31.84 -3.68
CA GLU D 298 -1.41 30.43 -3.92
C GLU D 298 -0.31 29.94 -2.99
N ALA D 299 0.75 30.74 -2.83
CA ALA D 299 1.89 30.31 -2.05
C ALA D 299 1.51 30.16 -0.59
N LYS D 300 0.55 30.99 -0.16
CA LYS D 300 0.02 30.92 1.19
C LYS D 300 -0.67 29.59 1.43
N LYS D 301 -1.59 29.23 0.52
CA LYS D 301 -2.29 27.94 0.55
C LYS D 301 -1.31 26.78 0.56
N ILE D 302 -0.24 26.90 -0.23
CA ILE D 302 0.78 25.86 -0.30
C ILE D 302 1.57 25.75 0.99
N ALA D 303 1.92 26.89 1.59
CA ALA D 303 2.66 26.85 2.84
C ALA D 303 1.81 26.22 3.93
N ALA D 304 0.51 26.52 3.90
CA ALA D 304 -0.41 25.96 4.87
C ALA D 304 -0.54 24.43 4.75
N MET D 305 -0.40 23.90 3.54
CA MET D 305 -0.41 22.45 3.38
C MET D 305 0.83 21.86 4.03
N ALA D 306 1.98 22.45 3.76
CA ALA D 306 3.26 21.98 4.29
C ALA D 306 3.23 21.87 5.80
N GLU D 307 2.45 22.72 6.47
CA GLU D 307 2.30 22.64 7.92
C GLU D 307 1.62 21.34 8.28
N CYS D 308 0.83 20.78 7.36
CA CYS D 308 0.13 19.53 7.63
C CYS D 308 1.00 18.32 7.37
N HIS D 309 2.17 18.54 6.79
CA HIS D 309 3.01 17.41 6.38
C HIS D 309 4.46 17.59 6.82
N SER D 310 4.64 18.36 7.90
CA SER D 310 5.92 18.48 8.57
C SER D 310 6.98 19.05 7.62
N ALA D 311 6.52 19.88 6.70
CA ALA D 311 7.43 20.54 5.79
C ALA D 311 7.50 22.05 6.04
N GLN D 312 8.49 22.67 5.41
CA GLN D 312 8.81 24.06 5.64
C GLN D 312 8.95 24.75 4.31
N ILE D 313 8.82 26.08 4.32
CA ILE D 313 9.01 26.85 3.09
C ILE D 313 10.36 27.55 3.09
N ALA D 314 10.87 27.81 1.90
CA ALA D 314 12.21 28.37 1.71
C ALA D 314 12.33 28.93 0.30
N PRO D 315 11.61 30.03 0.04
CA PRO D 315 11.36 30.65 -1.27
C PRO D 315 12.59 30.76 -2.16
N HIS D 316 12.43 30.29 -3.40
CA HIS D 316 13.52 30.26 -4.37
C HIS D 316 13.64 31.61 -5.07
N LEU D 317 14.86 31.99 -5.43
CA LEU D 317 15.04 33.23 -6.17
C LEU D 317 16.26 33.16 -7.06
N TYR D 318 16.02 33.22 -8.37
CA TYR D 318 17.12 33.39 -9.30
C TYR D 318 16.63 34.27 -10.45
N CYS D 319 16.17 35.46 -10.08
CA CYS D 319 15.59 36.44 -11.01
C CYS D 319 15.52 37.81 -10.31
N GLY D 320 14.61 38.68 -10.76
CA GLY D 320 14.58 40.06 -10.33
C GLY D 320 14.22 40.28 -8.87
N PRO D 321 14.29 41.55 -8.42
CA PRO D 321 14.04 41.93 -7.03
C PRO D 321 12.56 41.95 -6.67
N LEU D 322 11.70 41.99 -7.68
CA LEU D 322 10.27 42.00 -7.41
C LEU D 322 9.79 40.63 -6.94
N VAL D 323 10.23 39.57 -7.58
CA VAL D 323 9.97 38.23 -7.08
C VAL D 323 10.46 38.14 -5.63
N ALA D 324 11.63 38.72 -5.36
CA ALA D 324 12.14 38.80 -3.99
C ALA D 324 11.13 39.40 -3.01
N LEU D 325 10.58 40.57 -3.34
CA LEU D 325 9.56 41.19 -2.49
C LEU D 325 8.41 40.25 -2.20
N ALA D 326 7.99 39.51 -3.22
CA ALA D 326 6.87 38.61 -3.07
C ALA D 326 7.28 37.50 -2.13
N ASN D 327 8.47 36.94 -2.35
CA ASN D 327 9.00 35.89 -1.47
C ASN D 327 9.02 36.34 -0.04
N ILE D 328 9.46 37.59 0.18
CA ILE D 328 9.55 38.19 1.52
C ILE D 328 8.18 38.40 2.13
N GLN D 329 7.22 38.83 1.31
CA GLN D 329 5.84 38.97 1.77
C GLN D 329 5.32 37.67 2.34
N LEU D 330 5.54 36.57 1.61
CA LEU D 330 5.11 35.26 2.07
C LEU D 330 5.78 34.91 3.36
N ALA D 331 7.10 34.78 3.27
CA ALA D 331 7.95 34.36 4.39
C ALA D 331 7.69 35.09 5.69
N THR D 332 7.32 36.37 5.62
CA THR D 332 7.11 37.16 6.82
C THR D 332 5.93 36.62 7.61
N CYS D 333 4.90 36.16 6.89
CA CYS D 333 3.69 35.67 7.56
C CYS D 333 3.60 34.14 7.67
N SER D 334 4.71 33.45 7.56
CA SER D 334 4.69 31.99 7.56
C SER D 334 5.42 31.37 8.74
N PRO D 335 4.70 30.66 9.61
CA PRO D 335 5.25 29.97 10.79
C PRO D 335 6.24 28.87 10.46
N ASN D 336 5.98 28.15 9.38
CA ASN D 336 6.89 27.10 8.91
C ASN D 336 7.95 27.60 7.92
N PHE D 337 8.39 28.85 8.09
CA PHE D 337 9.46 29.41 7.25
C PHE D 337 10.83 28.93 7.73
N LEU D 338 11.72 28.63 6.78
CA LEU D 338 13.04 28.10 7.10
C LEU D 338 14.21 29.03 6.77
N VAL D 339 14.34 29.39 5.48
CA VAL D 339 15.38 30.30 5.06
C VAL D 339 14.97 30.98 3.75
N LEU D 340 15.56 32.13 3.45
CA LEU D 340 15.24 32.88 2.24
C LEU D 340 16.45 33.10 1.34
N GLU D 341 16.31 32.82 0.05
CA GLU D 341 17.42 33.02 -0.87
C GLU D 341 17.63 34.51 -1.11
N SER D 342 18.89 34.89 -1.23
CA SER D 342 19.25 36.26 -1.52
C SER D 342 20.27 36.21 -2.62
N ILE D 343 20.18 37.15 -3.54
CA ILE D 343 21.23 37.30 -4.52
C ILE D 343 22.25 38.28 -3.96
N ARG D 344 23.35 37.73 -3.44
CA ARG D 344 24.31 38.46 -2.62
C ARG D 344 23.55 39.14 -1.50
N THR D 345 23.96 40.36 -1.17
CA THR D 345 23.37 41.13 -0.07
C THR D 345 22.29 42.07 -0.57
N PHE D 346 21.64 41.70 -1.66
CA PHE D 346 20.64 42.54 -2.34
C PHE D 346 21.13 43.97 -2.65
N ASP D 347 22.44 44.08 -2.88
CA ASP D 347 23.07 45.29 -3.34
C ASP D 347 23.02 45.37 -4.87
N GLY D 348 23.59 46.44 -5.42
CA GLY D 348 23.66 46.65 -6.85
C GLY D 348 22.33 46.92 -7.55
N PHE D 349 22.14 46.29 -8.71
CA PHE D 349 20.94 46.47 -9.53
C PHE D 349 19.68 46.03 -8.79
N PHE D 350 19.86 45.25 -7.74
CA PHE D 350 18.76 44.85 -6.86
C PHE D 350 18.34 45.98 -5.94
N ALA D 351 19.20 46.98 -5.82
CA ALA D 351 18.87 48.17 -5.09
C ALA D 351 18.46 49.25 -6.07
N GLU D 352 19.25 49.42 -7.13
CA GLU D 352 19.01 50.47 -8.12
C GLU D 352 17.60 50.38 -8.73
N LEU D 353 17.10 49.16 -8.91
CA LEU D 353 15.76 48.90 -9.46
C LEU D 353 14.61 49.29 -8.52
N LEU D 354 14.94 49.49 -7.25
CA LEU D 354 13.93 49.88 -6.28
C LEU D 354 14.01 51.35 -5.85
N THR D 355 12.90 51.80 -5.29
CA THR D 355 12.70 53.15 -4.83
C THR D 355 13.33 53.30 -3.44
N THR D 356 13.16 52.28 -2.61
CA THR D 356 13.97 52.11 -1.41
C THR D 356 14.44 50.66 -1.46
N PRO D 357 15.76 50.44 -1.40
CA PRO D 357 16.35 49.09 -1.52
C PRO D 357 15.83 48.08 -0.49
N ILE D 358 16.16 46.80 -0.68
CA ILE D 358 15.80 45.78 0.29
C ILE D 358 16.70 45.85 1.52
N ARG D 359 16.11 45.74 2.70
CA ARG D 359 16.89 45.83 3.94
C ARG D 359 17.58 44.50 4.34
N TRP D 360 18.91 44.51 4.29
CA TRP D 360 19.73 43.34 4.60
C TRP D 360 20.73 43.72 5.70
N GLU D 361 20.55 43.16 6.90
CA GLU D 361 21.48 43.40 8.00
C GLU D 361 21.92 42.10 8.67
N ASN D 362 23.23 41.84 8.66
CA ASN D 362 23.81 40.69 9.34
C ASN D 362 23.15 39.35 9.11
N GLY D 363 22.91 39.01 7.84
CA GLY D 363 22.49 37.66 7.48
C GLY D 363 20.99 37.54 7.43
N TYR D 364 20.31 38.59 7.88
CA TYR D 364 18.85 38.63 7.89
C TYR D 364 18.25 39.76 7.02
N ILE D 365 17.11 39.46 6.42
CA ILE D 365 16.30 40.44 5.71
C ILE D 365 15.26 40.99 6.67
N ILE D 366 15.10 42.31 6.72
CA ILE D 366 14.06 42.91 7.56
C ILE D 366 12.90 43.36 6.67
N PRO D 367 11.72 42.82 6.94
CA PRO D 367 10.59 43.09 6.05
C PRO D 367 10.16 44.55 6.12
N SER D 368 9.92 45.17 4.99
CA SER D 368 9.41 46.55 4.97
C SER D 368 8.02 46.58 5.61
N GLN D 369 7.64 47.76 6.10
CA GLN D 369 6.29 47.94 6.64
C GLN D 369 5.47 48.86 5.73
N GLU D 370 6.07 49.23 4.61
CA GLU D 370 5.36 49.94 3.57
C GLU D 370 4.33 49.02 2.94
N PRO D 371 3.20 49.59 2.49
CA PRO D 371 2.08 48.78 2.00
C PRO D 371 2.38 47.97 0.74
N GLY D 372 1.54 46.94 0.54
CA GLY D 372 1.63 46.10 -0.64
C GLY D 372 2.87 45.24 -0.57
N LEU D 373 3.67 45.29 -1.62
CA LEU D 373 4.87 44.48 -1.68
C LEU D 373 6.02 45.10 -0.89
N GLY D 374 5.78 46.28 -0.33
CA GLY D 374 6.72 46.91 0.56
C GLY D 374 7.68 47.89 -0.09
N HIS D 375 7.92 47.70 -1.39
CA HIS D 375 8.76 48.61 -2.15
C HIS D 375 8.14 48.88 -3.53
N ASP D 376 8.57 49.98 -4.15
CA ASP D 376 8.12 50.30 -5.49
C ASP D 376 9.24 50.11 -6.51
N LEU D 377 8.84 49.86 -7.75
CA LEU D 377 9.82 49.71 -8.81
C LEU D 377 10.21 51.11 -9.26
N ASN D 378 11.50 51.30 -9.53
CA ASN D 378 11.95 52.51 -10.20
C ASN D 378 11.79 52.35 -11.71
N GLU D 379 10.66 52.81 -12.24
CA GLU D 379 10.32 52.64 -13.65
C GLU D 379 11.35 53.24 -14.61
N ASP D 380 12.09 54.24 -14.15
CA ASP D 380 13.03 54.92 -15.04
C ASP D 380 14.32 54.10 -15.19
N VAL D 381 14.79 53.53 -14.08
CA VAL D 381 15.90 52.59 -14.11
C VAL D 381 15.51 51.35 -14.90
N ALA D 382 14.22 51.00 -14.87
CA ALA D 382 13.72 49.85 -15.62
C ALA D 382 13.73 50.11 -17.13
N ARG D 383 13.31 51.31 -17.53
CA ARG D 383 13.26 51.65 -18.96
C ARG D 383 14.64 51.91 -19.55
N ALA D 384 15.55 52.40 -18.70
CA ALA D 384 16.91 52.72 -19.13
C ALA D 384 17.81 51.48 -19.21
N ASN D 385 17.24 50.32 -18.90
CA ASN D 385 17.96 49.06 -18.95
C ASN D 385 17.21 47.97 -19.72
N PRO D 386 17.14 48.10 -21.05
CA PRO D 386 16.53 47.07 -21.88
C PRO D 386 17.42 45.84 -21.98
N TYR D 387 16.90 44.72 -22.49
CA TYR D 387 17.72 43.54 -22.73
C TYR D 387 18.11 43.43 -24.21
N THR D 388 19.41 43.49 -24.48
CA THR D 388 19.87 43.50 -25.88
C THR D 388 20.13 42.08 -26.41
N GLY D 389 20.28 41.12 -25.51
CA GLY D 389 20.68 39.77 -25.89
C GLY D 389 19.71 38.93 -26.69
N SER D 390 19.90 37.62 -26.67
CA SER D 390 19.05 36.72 -27.43
C SER D 390 19.02 35.34 -26.80
N ASP D 391 19.52 35.24 -25.57
CA ASP D 391 19.50 33.97 -24.85
C ASP D 391 18.33 33.88 -23.84
N LEU D 392 18.17 32.71 -23.23
CA LEU D 392 17.17 32.50 -22.19
C LEU D 392 17.81 32.51 -20.80
N HIS D 393 17.13 33.18 -19.88
CA HIS D 393 17.52 33.34 -18.46
C HIS D 393 18.48 32.28 -17.90
N LEU D 394 18.05 31.02 -17.94
CA LEU D 394 18.83 29.88 -17.44
C LEU D 394 18.88 28.84 -18.54
N GLY D 395 19.92 28.01 -18.55
CA GLY D 395 20.06 27.01 -19.61
C GLY D 395 20.49 25.59 -19.20
N PHE D 396 20.50 24.68 -20.16
CA PHE D 396 20.91 23.28 -19.93
C PHE D 396 22.19 22.93 -20.70
N GLN D 397 22.72 21.74 -20.47
CA GLN D 397 23.78 21.17 -21.30
C GLN D 397 23.19 20.15 -22.30
N GLU D 398 23.96 19.75 -23.31
CA GLU D 398 23.42 18.93 -24.40
C GLU D 398 24.37 17.81 -24.86
N MET E 2 6.19 -4.46 -51.41
CA MET E 2 7.33 -5.13 -50.77
C MET E 2 6.96 -6.34 -49.87
N ARG E 3 7.73 -7.43 -50.00
CA ARG E 3 7.50 -8.66 -49.24
C ARG E 3 8.80 -9.44 -48.97
N LEU E 4 8.81 -10.21 -47.88
CA LEU E 4 9.92 -11.08 -47.53
C LEU E 4 9.86 -12.42 -48.28
N SER E 5 10.99 -12.90 -48.78
CA SER E 5 10.99 -14.10 -49.63
C SER E 5 11.68 -15.27 -48.99
N ASP E 6 12.93 -15.08 -48.60
CA ASP E 6 13.72 -16.21 -48.21
C ASP E 6 14.47 -15.96 -46.92
N ILE E 7 14.77 -17.03 -46.20
CA ILE E 7 15.60 -16.96 -45.02
C ILE E 7 16.75 -17.93 -45.20
N GLU E 8 17.89 -17.60 -44.59
CA GLU E 8 19.03 -18.49 -44.52
C GLU E 8 19.69 -18.36 -43.15
N THR E 9 20.02 -19.50 -42.57
CA THR E 9 20.59 -19.54 -41.22
C THR E 9 22.08 -19.87 -41.28
N PHE E 10 22.81 -19.47 -40.24
CA PHE E 10 24.23 -19.76 -40.12
C PHE E 10 24.53 -20.09 -38.67
N VAL E 11 25.09 -21.27 -38.43
CA VAL E 11 25.61 -21.55 -37.13
C VAL E 11 27.10 -21.45 -37.26
N VAL E 12 27.68 -20.47 -36.60
CA VAL E 12 29.10 -20.21 -36.70
C VAL E 12 29.81 -20.49 -35.39
N GLY E 13 30.95 -21.18 -35.45
CA GLY E 13 31.67 -21.51 -34.25
C GLY E 13 32.74 -20.49 -33.89
N ASN E 14 32.72 -20.05 -32.64
CA ASN E 14 33.70 -19.12 -32.12
C ASN E 14 34.99 -19.85 -31.79
N PRO E 15 36.11 -19.42 -32.40
CA PRO E 15 37.41 -20.02 -32.14
C PRO E 15 37.92 -19.47 -30.82
N PRO E 16 38.93 -20.12 -30.21
CA PRO E 16 39.57 -19.59 -29.01
C PRO E 16 39.93 -18.11 -29.15
N PRO E 17 39.91 -17.36 -28.03
CA PRO E 17 39.58 -17.84 -26.67
C PRO E 17 38.07 -17.88 -26.36
N ARG E 18 37.24 -17.98 -27.40
CA ARG E 18 35.80 -18.19 -27.26
C ARG E 18 35.09 -17.14 -26.39
N HIS E 19 35.67 -15.94 -26.29
CA HIS E 19 35.01 -14.83 -25.61
C HIS E 19 33.69 -14.50 -26.29
N GLY E 20 32.58 -14.93 -25.71
CA GLY E 20 31.26 -14.59 -26.21
C GLY E 20 30.33 -15.79 -26.36
N GLY E 21 30.87 -16.97 -26.12
CA GLY E 21 30.10 -18.19 -26.29
C GLY E 21 30.93 -19.24 -27.02
N ARG E 22 30.26 -20.25 -27.55
CA ARG E 22 30.95 -21.31 -28.26
C ARG E 22 30.58 -21.27 -29.74
N TYR E 23 29.40 -20.71 -30.04
CA TYR E 23 28.89 -20.59 -31.39
C TYR E 23 27.92 -19.40 -31.49
N PHE E 24 27.72 -18.87 -32.70
CA PHE E 24 26.76 -17.81 -32.94
C PHE E 24 25.68 -18.28 -33.92
N ILE E 25 24.47 -17.77 -33.77
CA ILE E 25 23.38 -18.15 -34.65
C ILE E 25 22.87 -16.97 -35.46
N PHE E 26 23.26 -16.90 -36.73
CA PHE E 26 22.87 -15.79 -37.58
C PHE E 26 21.68 -16.14 -38.46
N VAL E 27 20.99 -15.12 -38.95
CA VAL E 27 19.94 -15.31 -39.94
C VAL E 27 20.07 -14.26 -41.06
N LYS E 28 19.45 -14.53 -42.20
CA LYS E 28 19.49 -13.61 -43.30
C LYS E 28 18.13 -13.58 -44.00
N LEU E 29 17.38 -12.49 -43.84
CA LEU E 29 16.13 -12.34 -44.56
C LEU E 29 16.38 -11.54 -45.82
N VAL E 30 15.68 -11.91 -46.88
CA VAL E 30 15.86 -11.28 -48.18
C VAL E 30 14.49 -11.04 -48.79
N THR E 31 14.25 -9.81 -49.25
CA THR E 31 12.98 -9.46 -49.90
C THR E 31 12.94 -9.93 -51.35
N ALA E 32 11.72 -10.04 -51.90
CA ALA E 32 11.47 -10.47 -53.28
C ALA E 32 12.37 -9.74 -54.26
N CYS E 33 12.49 -8.44 -54.04
CA CYS E 33 13.26 -7.56 -54.93
C CYS E 33 14.72 -7.37 -54.48
N GLY E 34 15.18 -8.18 -53.52
CA GLY E 34 16.61 -8.34 -53.26
C GLY E 34 17.30 -7.69 -52.07
N ILE E 35 16.60 -6.84 -51.31
CA ILE E 35 17.26 -6.20 -50.18
C ILE E 35 17.48 -7.21 -49.06
N THR E 36 18.67 -7.20 -48.47
CA THR E 36 19.05 -8.25 -47.54
C THR E 36 19.29 -7.72 -46.11
N GLY E 37 18.59 -8.28 -45.13
CA GLY E 37 18.80 -7.92 -43.74
C GLY E 37 19.48 -9.02 -42.95
N TYR E 38 20.26 -8.65 -41.94
CA TYR E 38 20.92 -9.65 -41.08
C TYR E 38 20.46 -9.54 -39.64
N GLY E 39 20.68 -10.62 -38.88
CA GLY E 39 20.21 -10.67 -37.51
C GLY E 39 20.75 -11.86 -36.75
N GLU E 40 20.84 -11.71 -35.44
CA GLU E 40 21.32 -12.80 -34.57
C GLU E 40 20.27 -13.25 -33.56
N ILE E 41 20.16 -14.57 -33.41
CA ILE E 41 19.28 -15.20 -32.43
C ILE E 41 20.04 -15.57 -31.17
N TYR E 42 19.48 -15.30 -30.00
CA TYR E 42 20.07 -15.77 -28.73
C TYR E 42 19.31 -16.98 -28.17
N ASN E 43 19.91 -18.15 -28.26
CA ASN E 43 19.31 -19.35 -27.70
C ASN E 43 20.33 -20.34 -27.14
N ALA E 44 20.28 -20.58 -25.84
CA ALA E 44 21.15 -21.56 -25.22
C ALA E 44 20.33 -22.69 -24.60
N THR E 45 19.00 -22.53 -24.68
CA THR E 45 18.05 -23.47 -24.11
C THR E 45 17.99 -24.81 -24.89
N PHE E 46 18.59 -24.87 -26.08
CA PHE E 46 18.64 -26.06 -26.94
C PHE E 46 19.95 -26.07 -27.72
N GLY E 47 19.91 -26.53 -28.96
CA GLY E 47 21.11 -26.73 -29.73
C GLY E 47 21.03 -26.19 -31.14
N PRO E 48 22.06 -25.47 -31.57
CA PRO E 48 22.23 -24.69 -32.80
C PRO E 48 21.43 -25.12 -34.03
N ASP E 49 21.54 -26.38 -34.46
CA ASP E 49 20.84 -26.79 -35.68
C ASP E 49 19.32 -26.81 -35.50
N LEU E 50 18.88 -27.01 -34.26
CA LEU E 50 17.47 -27.09 -33.92
C LEU E 50 16.93 -25.69 -33.82
N VAL E 51 17.72 -24.81 -33.22
CA VAL E 51 17.34 -23.41 -33.06
C VAL E 51 17.22 -22.73 -34.42
N ALA E 52 18.05 -23.19 -35.36
CA ALA E 52 18.05 -22.66 -36.71
C ALA E 52 16.77 -23.08 -37.38
N LYS E 53 16.40 -24.35 -37.21
CA LYS E 53 15.18 -24.86 -37.82
C LYS E 53 13.99 -24.14 -37.23
N MET E 54 14.10 -23.79 -35.95
CA MET E 54 13.03 -23.09 -35.27
C MET E 54 12.88 -21.72 -35.89
N ALA E 55 14.00 -21.15 -36.32
CA ALA E 55 14.00 -19.86 -36.99
C ALA E 55 13.27 -19.97 -38.33
N GLU E 56 13.55 -21.04 -39.07
CA GLU E 56 12.90 -21.19 -40.37
C GLU E 56 11.41 -21.41 -40.19
N ASP E 57 11.07 -22.16 -39.15
CA ASP E 57 9.68 -22.43 -38.86
C ASP E 57 8.92 -21.12 -38.57
N VAL E 58 9.49 -20.24 -37.75
CA VAL E 58 8.82 -18.97 -37.47
C VAL E 58 8.76 -18.08 -38.72
N PHE E 59 9.85 -18.05 -39.50
CA PHE E 59 9.87 -17.28 -40.74
C PHE E 59 8.77 -17.71 -41.68
N ALA E 60 8.64 -19.02 -41.84
CA ALA E 60 7.66 -19.58 -42.75
C ALA E 60 6.23 -19.26 -42.30
N ARG E 61 5.92 -19.46 -41.02
CA ARG E 61 4.55 -19.36 -40.56
C ARG E 61 4.08 -17.92 -40.42
N GLN E 62 5.00 -17.01 -40.08
CA GLN E 62 4.59 -15.65 -39.75
C GLN E 62 5.17 -14.55 -40.63
N PHE E 63 6.36 -14.79 -41.19
CA PHE E 63 7.10 -13.74 -41.90
C PHE E 63 7.07 -13.81 -43.42
N ALA E 64 7.04 -15.01 -44.00
CA ALA E 64 7.13 -15.11 -45.45
C ALA E 64 5.91 -14.49 -46.14
N GLY E 65 6.17 -13.57 -47.06
CA GLY E 65 5.12 -12.90 -47.79
C GLY E 65 4.57 -11.63 -47.15
N GLU E 66 5.09 -11.25 -45.98
CA GLU E 66 4.66 -10.04 -45.26
C GLU E 66 5.62 -8.90 -45.56
N ASP E 67 5.14 -7.66 -45.40
CA ASP E 67 6.00 -6.47 -45.53
C ASP E 67 6.84 -6.32 -44.26
N PRO E 68 8.18 -6.28 -44.40
CA PRO E 68 9.07 -6.20 -43.21
C PRO E 68 8.86 -4.92 -42.43
N HIS E 69 8.21 -3.93 -43.03
CA HIS E 69 7.90 -2.70 -42.33
C HIS E 69 6.87 -2.98 -41.25
N HIS E 70 6.09 -4.04 -41.45
CA HIS E 70 5.02 -4.42 -40.53
C HIS E 70 5.48 -5.15 -39.25
N ILE E 71 6.43 -4.55 -38.54
CA ILE E 71 6.90 -5.07 -37.26
C ILE E 71 5.79 -5.45 -36.25
N GLU E 72 4.86 -4.55 -35.94
CA GLU E 72 3.82 -4.86 -34.94
C GLU E 72 3.02 -6.11 -35.32
N LYS E 73 2.64 -6.19 -36.60
CA LYS E 73 1.89 -7.32 -37.09
C LYS E 73 2.74 -8.57 -36.95
N LEU E 74 3.99 -8.48 -37.39
CA LEU E 74 4.88 -9.61 -37.36
C LEU E 74 5.08 -10.13 -35.95
N TRP E 75 5.37 -9.20 -35.05
CA TRP E 75 5.63 -9.53 -33.65
C TRP E 75 4.43 -10.18 -33.01
N HIS E 76 3.24 -9.64 -33.29
CA HIS E 76 2.04 -10.17 -32.67
C HIS E 76 1.61 -11.50 -33.26
N LYS E 77 1.87 -11.70 -34.54
CA LYS E 77 1.62 -12.99 -35.18
C LYS E 77 2.40 -14.13 -34.47
N THR E 78 3.65 -13.80 -34.12
CA THR E 78 4.61 -14.72 -33.52
C THR E 78 4.30 -14.93 -32.04
N TYR E 79 4.12 -13.82 -31.34
CA TYR E 79 3.89 -13.83 -29.91
C TYR E 79 2.64 -14.63 -29.52
N GLY E 80 1.64 -14.64 -30.39
CA GLY E 80 0.39 -15.33 -30.12
C GLY E 80 0.22 -16.68 -30.79
N ALA E 81 1.15 -17.01 -31.69
CA ALA E 81 1.15 -18.31 -32.33
C ALA E 81 0.98 -19.42 -31.28
N GLY E 82 0.13 -20.38 -31.59
CA GLY E 82 -0.11 -21.52 -30.71
C GLY E 82 -0.99 -21.20 -29.53
N TYR E 83 -1.66 -20.05 -29.62
CA TYR E 83 -2.40 -19.48 -28.49
C TYR E 83 -1.50 -19.32 -27.26
N THR E 84 -0.37 -18.63 -27.43
CA THR E 84 0.53 -18.39 -26.30
C THR E 84 0.38 -16.98 -25.72
N GLN E 85 0.95 -15.98 -26.39
CA GLN E 85 0.84 -14.59 -25.96
C GLN E 85 1.25 -14.36 -24.50
N ARG E 86 2.51 -14.67 -24.20
CA ARG E 86 3.12 -14.47 -22.89
C ARG E 86 4.63 -14.61 -23.11
N PRO E 87 5.43 -13.87 -22.34
CA PRO E 87 6.88 -13.89 -22.49
C PRO E 87 7.44 -15.29 -22.48
N ASP E 88 8.43 -15.52 -23.33
CA ASP E 88 9.00 -16.83 -23.60
C ASP E 88 10.34 -16.56 -24.29
N VAL E 89 11.46 -16.78 -23.58
CA VAL E 89 12.78 -16.54 -24.17
C VAL E 89 13.08 -17.34 -25.46
N THR E 90 12.56 -18.57 -25.55
CA THR E 90 12.78 -19.40 -26.72
C THR E 90 12.27 -18.69 -27.96
N VAL E 91 10.97 -18.39 -27.97
CA VAL E 91 10.34 -17.67 -29.06
C VAL E 91 10.97 -16.30 -29.25
N MET E 92 11.05 -15.55 -28.16
CA MET E 92 11.44 -14.15 -28.19
C MET E 92 12.89 -13.97 -28.68
N GLY E 93 13.72 -14.98 -28.46
CA GLY E 93 15.06 -15.02 -29.00
C GLY E 93 15.12 -15.35 -30.48
N VAL E 94 14.08 -15.98 -31.00
CA VAL E 94 14.01 -16.19 -32.43
C VAL E 94 13.41 -14.94 -33.05
N LEU E 95 12.35 -14.43 -32.44
CA LEU E 95 11.67 -13.23 -32.93
C LEU E 95 12.61 -12.03 -32.94
N SER E 96 13.57 -12.02 -32.02
CA SER E 96 14.53 -10.94 -31.91
C SER E 96 15.45 -10.85 -33.12
N GLY E 97 15.94 -11.99 -33.57
CA GLY E 97 16.85 -12.04 -34.71
C GLY E 97 16.16 -11.81 -36.05
N LEU E 98 14.89 -12.21 -36.13
CA LEU E 98 14.12 -11.94 -37.34
C LEU E 98 13.76 -10.44 -37.41
N GLU E 99 13.42 -9.88 -36.25
CA GLU E 99 12.99 -8.48 -36.19
C GLU E 99 14.14 -7.50 -36.51
N MET E 100 15.34 -7.76 -35.99
CA MET E 100 16.52 -6.97 -36.35
C MET E 100 16.71 -6.92 -37.84
N ALA E 101 16.50 -8.05 -38.51
CA ALA E 101 16.86 -8.17 -39.90
C ALA E 101 15.88 -7.34 -40.70
N CYS E 102 14.68 -7.22 -40.14
CA CYS E 102 13.67 -6.38 -40.76
C CYS E 102 14.08 -4.92 -40.59
N TRP E 103 14.57 -4.57 -39.42
CA TRP E 103 15.13 -3.22 -39.25
C TRP E 103 16.29 -2.97 -40.21
N ASP E 104 17.21 -3.93 -40.32
CA ASP E 104 18.29 -3.81 -41.29
C ASP E 104 17.70 -3.54 -42.68
N ILE E 105 16.61 -4.22 -43.02
CA ILE E 105 15.97 -4.01 -44.31
C ILE E 105 15.30 -2.63 -44.42
N ILE E 106 14.47 -2.30 -43.44
CA ILE E 106 13.76 -1.03 -43.41
C ILE E 106 14.73 0.12 -43.57
N GLY E 107 15.85 0.00 -42.88
CA GLY E 107 16.87 1.01 -42.87
C GLY E 107 17.49 1.12 -44.24
N LYS E 108 17.93 -0.02 -44.76
CA LYS E 108 18.48 -0.07 -46.11
C LYS E 108 17.55 0.52 -47.18
N ALA E 109 16.24 0.34 -47.00
CA ALA E 109 15.26 0.86 -47.94
C ALA E 109 14.97 2.35 -47.75
N ALA E 110 15.71 2.99 -46.86
CA ALA E 110 15.50 4.41 -46.62
C ALA E 110 16.83 5.15 -46.68
N GLY E 111 17.91 4.40 -46.82
CA GLY E 111 19.24 4.96 -46.86
C GLY E 111 19.67 5.49 -45.51
N LYS E 112 19.01 4.99 -44.46
CA LYS E 112 19.23 5.51 -43.12
C LYS E 112 19.58 4.42 -42.13
N PRO E 113 20.45 4.74 -41.16
CA PRO E 113 20.66 3.84 -40.03
C PRO E 113 19.35 3.67 -39.29
N ALA E 114 19.09 2.50 -38.73
CA ALA E 114 17.83 2.28 -38.03
C ALA E 114 17.61 3.32 -36.95
N TYR E 115 18.68 3.73 -36.28
CA TYR E 115 18.54 4.72 -35.21
C TYR E 115 17.97 6.09 -35.65
N GLU E 116 18.06 6.40 -36.93
CA GLU E 116 17.54 7.66 -37.45
C GLU E 116 16.05 7.58 -37.74
N LEU E 117 15.53 6.36 -37.67
CA LEU E 117 14.11 6.10 -37.84
C LEU E 117 13.41 5.85 -36.51
N LEU E 118 14.18 5.61 -35.45
CA LEU E 118 13.59 5.38 -34.13
C LEU E 118 13.92 6.46 -33.10
N GLY E 119 14.13 7.69 -33.57
CA GLY E 119 14.37 8.81 -32.67
C GLY E 119 15.53 9.68 -33.08
N GLY E 120 16.43 9.13 -33.88
CA GLY E 120 17.60 9.88 -34.33
C GLY E 120 18.79 9.79 -33.41
N LYS E 121 19.97 10.07 -33.96
CA LYS E 121 21.21 10.09 -33.19
C LYS E 121 21.08 11.04 -32.01
N VAL E 122 21.70 10.65 -30.91
CA VAL E 122 21.73 11.46 -29.71
C VAL E 122 23.18 11.44 -29.30
N HIS E 123 23.81 10.29 -29.45
CA HIS E 123 25.19 10.11 -29.04
C HIS E 123 26.09 9.96 -30.26
N GLU E 124 27.19 10.69 -30.29
CA GLU E 124 28.16 10.58 -31.37
C GLU E 124 29.18 9.51 -31.01
N ARG E 125 29.12 9.07 -29.76
CA ARG E 125 30.02 8.07 -29.23
C ARG E 125 29.34 7.34 -28.07
N LEU E 126 29.67 6.06 -27.92
CA LEU E 126 29.01 5.22 -26.94
C LEU E 126 30.02 4.74 -25.91
N ARG E 127 29.80 5.06 -24.65
CA ARG E 127 30.66 4.59 -23.56
C ARG E 127 30.64 3.04 -23.46
N SER E 128 31.81 2.44 -23.46
CA SER E 128 31.88 1.00 -23.48
C SER E 128 32.56 0.45 -22.23
N TYR E 129 32.18 -0.76 -21.83
CA TYR E 129 32.88 -1.46 -20.74
C TYR E 129 33.30 -2.85 -21.18
N THR E 130 34.24 -3.43 -20.45
CA THR E 130 34.70 -4.77 -20.74
C THR E 130 34.93 -5.56 -19.45
N TYR E 131 34.80 -6.88 -19.55
CA TYR E 131 35.23 -7.75 -18.45
C TYR E 131 36.73 -7.64 -18.28
N LEU E 132 37.26 -8.01 -17.13
CA LEU E 132 38.70 -8.19 -17.01
C LEU E 132 39.09 -9.60 -17.49
N TYR E 133 40.17 -9.70 -18.28
CA TYR E 133 40.60 -10.99 -18.85
C TYR E 133 42.07 -11.36 -18.54
N PRO E 146 45.02 -18.55 -8.96
CA PRO E 146 45.92 -17.40 -9.03
C PRO E 146 45.74 -16.60 -10.34
N ASN E 147 44.53 -16.11 -10.61
CA ASN E 147 44.22 -15.47 -11.88
C ASN E 147 43.40 -14.19 -11.71
N VAL E 148 42.73 -13.76 -12.78
CA VAL E 148 41.93 -12.53 -12.72
C VAL E 148 40.48 -12.75 -12.29
N TYR E 149 40.05 -14.01 -12.16
CA TYR E 149 38.69 -14.30 -11.68
C TYR E 149 38.65 -14.70 -10.20
N ASN E 150 39.82 -14.93 -9.61
CA ASN E 150 39.90 -15.29 -8.19
C ASN E 150 40.91 -14.51 -7.33
N ASP E 151 41.91 -13.91 -7.95
CA ASP E 151 42.84 -13.08 -7.17
C ASP E 151 42.54 -11.59 -7.40
N ALA E 152 42.28 -10.85 -6.33
CA ALA E 152 41.89 -9.46 -6.48
C ALA E 152 43.07 -8.57 -6.91
N ASP E 153 44.28 -8.96 -6.53
CA ASP E 153 45.46 -8.22 -6.98
C ASP E 153 45.65 -8.37 -8.50
N MET E 154 45.43 -9.56 -9.01
CA MET E 154 45.53 -9.78 -10.45
C MET E 154 44.44 -9.09 -11.24
N ALA E 155 43.28 -8.89 -10.62
CA ALA E 155 42.18 -8.20 -11.27
C ALA E 155 42.54 -6.73 -11.44
N ALA E 156 43.04 -6.11 -10.38
CA ALA E 156 43.42 -4.70 -10.43
C ALA E 156 44.45 -4.40 -11.52
N GLU E 157 45.37 -5.32 -11.76
CA GLU E 157 46.33 -5.11 -12.85
C GLU E 157 45.58 -5.01 -14.17
N ALA E 158 44.73 -5.99 -14.46
CA ALA E 158 44.03 -5.99 -15.76
C ALA E 158 43.12 -4.77 -15.86
N ALA E 159 42.58 -4.37 -14.72
CA ALA E 159 41.74 -3.18 -14.65
C ALA E 159 42.54 -1.94 -15.03
N ALA E 160 43.76 -1.83 -14.50
CA ALA E 160 44.63 -0.71 -14.81
C ALA E 160 45.00 -0.68 -16.30
N LYS E 161 45.28 -1.84 -16.88
CA LYS E 161 45.50 -1.97 -18.34
C LYS E 161 44.34 -1.39 -19.12
N ALA E 162 43.13 -1.90 -18.83
CA ALA E 162 41.92 -1.43 -19.48
C ALA E 162 41.79 0.09 -19.42
N VAL E 163 41.95 0.64 -18.23
CA VAL E 163 42.00 2.10 -18.04
C VAL E 163 43.03 2.75 -18.95
N ASP E 164 44.20 2.11 -19.06
CA ASP E 164 45.27 2.62 -19.92
C ASP E 164 44.92 2.58 -21.41
N GLN E 165 44.01 1.69 -21.79
CA GLN E 165 43.55 1.60 -23.18
C GLN E 165 42.42 2.60 -23.49
N GLY E 166 41.83 3.16 -22.44
CA GLY E 166 40.78 4.15 -22.62
C GLY E 166 39.44 3.82 -21.96
N PHE E 167 39.27 2.57 -21.49
CA PHE E 167 38.03 2.13 -20.84
C PHE E 167 37.77 2.89 -19.55
N THR E 168 36.50 3.15 -19.26
CA THR E 168 36.12 3.99 -18.12
C THR E 168 35.12 3.25 -17.25
N ALA E 169 35.13 1.94 -17.39
CA ALA E 169 34.29 1.04 -16.63
C ALA E 169 34.84 -0.37 -16.79
N VAL E 170 34.84 -1.14 -15.71
CA VAL E 170 35.20 -2.55 -15.80
C VAL E 170 34.15 -3.38 -15.08
N LYS E 171 33.97 -4.64 -15.52
CA LYS E 171 33.07 -5.58 -14.85
C LYS E 171 33.83 -6.85 -14.39
N PHE E 172 33.43 -7.38 -13.23
CA PHE E 172 34.05 -8.57 -12.64
C PHE E 172 33.00 -9.28 -11.80
N ASP E 173 33.00 -10.61 -11.81
CA ASP E 173 32.10 -11.35 -10.92
C ASP E 173 32.86 -12.24 -9.97
N PRO E 174 33.22 -11.71 -8.80
CA PRO E 174 34.00 -12.52 -7.86
C PRO E 174 33.08 -13.20 -6.84
N ALA E 175 31.78 -13.13 -7.05
CA ALA E 175 30.83 -13.44 -5.97
C ALA E 175 30.65 -14.91 -5.67
N GLY E 176 31.16 -15.78 -6.53
CA GLY E 176 31.07 -17.21 -6.32
C GLY E 176 30.36 -17.98 -7.41
N ALA E 177 30.47 -19.30 -7.34
CA ALA E 177 29.87 -20.19 -8.31
C ALA E 177 28.37 -20.05 -8.27
N TYR E 178 27.77 -19.88 -9.45
CA TYR E 178 26.31 -19.99 -9.54
C TYR E 178 25.82 -21.41 -9.89
N THR E 179 24.90 -21.91 -9.07
CA THR E 179 24.39 -23.29 -9.17
C THR E 179 23.00 -23.38 -9.80
N ILE E 180 22.51 -24.60 -9.99
CA ILE E 180 21.19 -24.76 -10.60
C ILE E 180 20.11 -24.74 -9.53
N TYR E 181 20.50 -24.34 -8.33
CA TYR E 181 19.59 -24.32 -7.20
C TYR E 181 19.59 -22.94 -6.51
N ASP E 182 20.20 -21.94 -7.17
CA ASP E 182 20.08 -20.54 -6.77
C ASP E 182 18.62 -20.22 -6.51
N GLY E 183 18.32 -19.26 -5.63
CA GLY E 183 19.31 -18.42 -4.97
C GLY E 183 19.82 -19.01 -3.68
N HIS E 184 21.10 -18.79 -3.43
CA HIS E 184 21.73 -19.27 -2.21
C HIS E 184 22.33 -18.11 -1.41
N GLN E 185 23.15 -18.46 -0.44
CA GLN E 185 23.66 -17.47 0.50
C GLN E 185 25.16 -17.31 0.27
N PRO E 186 25.66 -16.08 0.31
CA PRO E 186 27.09 -15.93 0.06
C PRO E 186 27.92 -16.56 1.16
N SER E 187 29.01 -17.20 0.78
CA SER E 187 29.92 -17.77 1.76
C SER E 187 30.66 -16.60 2.39
N LEU E 188 31.32 -16.83 3.52
CA LEU E 188 32.14 -15.77 4.08
C LEU E 188 33.30 -15.52 3.12
N GLU E 189 33.77 -16.57 2.46
CA GLU E 189 34.84 -16.42 1.49
C GLU E 189 34.36 -15.60 0.28
N ASP E 190 33.12 -15.84 -0.16
CA ASP E 190 32.50 -15.03 -1.21
C ASP E 190 32.47 -13.56 -0.84
N LEU E 191 32.11 -13.26 0.42
CA LEU E 191 32.07 -11.88 0.90
C LEU E 191 33.44 -11.23 0.91
N GLU E 192 34.42 -11.89 1.51
CA GLU E 192 35.77 -11.32 1.59
C GLU E 192 36.40 -11.14 0.21
N ARG E 193 36.26 -12.12 -0.68
CA ARG E 193 36.84 -11.99 -2.03
C ARG E 193 36.22 -10.84 -2.79
N SER E 194 34.90 -10.71 -2.70
CA SER E 194 34.16 -9.62 -3.35
C SER E 194 34.61 -8.22 -2.92
N GLU E 195 34.74 -8.03 -1.62
CA GLU E 195 35.16 -6.72 -1.15
C GLU E 195 36.59 -6.46 -1.59
N ALA E 196 37.42 -7.50 -1.56
CA ALA E 196 38.81 -7.34 -1.94
C ALA E 196 38.95 -6.96 -3.42
N PHE E 197 38.18 -7.62 -4.28
CA PHE E 197 38.13 -7.21 -5.68
C PHE E 197 37.80 -5.73 -5.80
N CYS E 198 36.73 -5.31 -5.14
CA CYS E 198 36.32 -3.91 -5.20
C CYS E 198 37.37 -2.96 -4.65
N LYS E 199 37.95 -3.32 -3.51
CA LYS E 199 38.93 -2.45 -2.88
C LYS E 199 40.22 -2.37 -3.70
N GLN E 200 40.72 -3.50 -4.17
CA GLN E 200 42.00 -3.51 -4.88
C GLN E 200 41.87 -2.80 -6.22
N ILE E 201 40.76 -3.02 -6.91
CA ILE E 201 40.54 -2.39 -8.19
C ILE E 201 40.38 -0.89 -8.05
N ARG E 202 39.50 -0.49 -7.13
CA ARG E 202 39.29 0.94 -6.83
C ARG E 202 40.62 1.68 -6.59
N ALA E 203 41.53 1.02 -5.88
CA ALA E 203 42.85 1.61 -5.65
C ALA E 203 43.66 1.76 -6.94
N ALA E 204 43.41 0.89 -7.91
CA ALA E 204 44.17 0.86 -9.15
C ALA E 204 43.70 1.87 -10.21
N VAL E 205 42.39 2.11 -10.27
CA VAL E 205 41.82 2.94 -11.32
C VAL E 205 41.32 4.27 -10.79
N GLY E 206 41.25 4.42 -9.48
CA GLY E 206 40.75 5.63 -8.85
C GLY E 206 39.39 6.07 -9.35
N THR E 207 39.34 7.28 -9.93
CA THR E 207 38.09 7.83 -10.44
C THR E 207 37.97 7.70 -11.95
N LYS E 208 38.92 6.99 -12.56
CA LYS E 208 38.98 6.84 -14.01
C LYS E 208 38.10 5.73 -14.59
N ALA E 209 37.54 4.88 -13.73
CA ALA E 209 36.71 3.77 -14.19
C ALA E 209 35.73 3.29 -13.12
N ASP E 210 34.51 3.01 -13.53
CA ASP E 210 33.48 2.61 -12.60
C ASP E 210 33.56 1.12 -12.39
N LEU E 211 33.18 0.66 -11.21
CA LEU E 211 33.13 -0.76 -10.89
C LEU E 211 31.76 -1.35 -11.20
N LEU E 212 31.68 -2.21 -12.21
CA LEU E 212 30.44 -2.93 -12.50
C LEU E 212 30.49 -4.34 -11.89
N PHE E 213 29.73 -4.55 -10.82
CA PHE E 213 29.81 -5.80 -10.07
C PHE E 213 28.79 -6.78 -10.63
N GLY E 214 29.28 -7.83 -11.28
CA GLY E 214 28.43 -8.61 -12.16
C GLY E 214 27.98 -9.99 -11.76
N THR E 215 27.45 -10.14 -10.54
CA THR E 215 26.81 -11.39 -10.13
C THR E 215 25.83 -11.95 -11.14
N HIS E 216 25.54 -13.24 -10.99
CA HIS E 216 24.68 -13.95 -11.92
C HIS E 216 23.47 -14.57 -11.22
N GLY E 217 22.76 -13.78 -10.41
CA GLY E 217 21.56 -14.23 -9.72
C GLY E 217 21.79 -15.31 -8.70
N GLN E 218 22.99 -15.33 -8.13
CA GLN E 218 23.39 -16.35 -7.17
C GLN E 218 22.51 -16.33 -5.94
N PHE E 219 22.10 -15.14 -5.52
CA PHE E 219 21.69 -14.97 -4.13
C PHE E 219 20.20 -14.86 -3.89
N THR E 220 19.83 -15.01 -2.64
CA THR E 220 18.46 -14.75 -2.19
C THR E 220 18.48 -13.29 -1.81
N VAL E 221 17.32 -12.70 -1.55
CA VAL E 221 17.26 -11.28 -1.22
C VAL E 221 18.20 -10.93 -0.05
N SER E 222 18.13 -11.70 1.04
CA SER E 222 18.93 -11.34 2.20
C SER E 222 20.40 -11.53 1.91
N GLY E 223 20.73 -12.64 1.25
CA GLY E 223 22.10 -12.91 0.86
C GLY E 223 22.69 -11.73 0.11
N ALA E 224 21.94 -11.22 -0.86
CA ALA E 224 22.33 -10.08 -1.66
C ALA E 224 22.58 -8.86 -0.77
N LYS E 225 21.72 -8.67 0.23
CA LYS E 225 21.84 -7.50 1.11
C LYS E 225 23.11 -7.60 1.95
N ARG E 226 23.40 -8.79 2.45
CA ARG E 226 24.66 -9.02 3.17
C ARG E 226 25.86 -8.57 2.37
N LEU E 227 25.79 -8.82 1.07
CA LEU E 227 26.90 -8.59 0.16
C LEU E 227 26.98 -7.11 -0.22
N ALA E 228 25.81 -6.51 -0.44
CA ALA E 228 25.74 -5.11 -0.82
C ALA E 228 26.34 -4.26 0.29
N ARG E 229 26.09 -4.66 1.52
CA ARG E 229 26.58 -3.92 2.67
C ARG E 229 28.08 -3.70 2.54
N ARG E 230 28.79 -4.76 2.18
CA ARG E 230 30.24 -4.69 2.16
C ARG E 230 30.81 -4.07 0.89
N LEU E 231 29.95 -3.53 0.04
CA LEU E 231 30.37 -3.08 -1.28
C LEU E 231 30.11 -1.60 -1.51
N GLU E 232 29.14 -1.06 -0.78
CA GLU E 232 28.79 0.36 -0.87
C GLU E 232 29.98 1.35 -0.83
N ALA E 233 30.97 1.09 0.03
CA ALA E 233 32.13 1.99 0.19
C ALA E 233 32.92 2.28 -1.07
N TYR E 234 32.80 1.41 -2.05
CA TYR E 234 33.64 1.50 -3.24
C TYR E 234 32.90 2.15 -4.40
N ASP E 235 31.68 2.62 -4.09
CA ASP E 235 30.78 3.27 -5.05
C ASP E 235 30.70 2.55 -6.40
N PRO E 236 30.34 1.24 -6.39
CA PRO E 236 30.18 0.47 -7.62
C PRO E 236 29.07 1.10 -8.44
N LEU E 237 29.20 1.11 -9.75
CA LEU E 237 28.21 1.73 -10.61
C LEU E 237 26.93 0.88 -10.61
N TRP E 238 27.08 -0.43 -10.48
CA TRP E 238 25.93 -1.32 -10.34
C TRP E 238 26.21 -2.70 -9.71
N PHE E 239 25.17 -3.18 -9.05
CA PHE E 239 25.05 -4.53 -8.54
C PHE E 239 24.19 -5.26 -9.60
N GLU E 240 24.85 -6.01 -10.49
CA GLU E 240 24.16 -6.73 -11.55
C GLU E 240 23.44 -7.96 -11.03
N GLU E 241 22.20 -8.17 -11.47
CA GLU E 241 21.43 -9.39 -11.23
C GLU E 241 21.69 -10.04 -9.88
N PRO E 242 21.31 -9.35 -8.79
CA PRO E 242 21.59 -9.82 -7.45
C PRO E 242 20.91 -11.17 -7.13
N ILE E 243 19.67 -11.33 -7.57
CA ILE E 243 18.88 -12.54 -7.29
C ILE E 243 18.32 -13.17 -8.59
N PRO E 244 17.60 -14.30 -8.48
CA PRO E 244 16.97 -14.89 -9.67
C PRO E 244 15.80 -14.07 -10.28
N PRO E 245 15.44 -14.34 -11.55
CA PRO E 245 14.61 -13.41 -12.32
C PRO E 245 13.10 -13.48 -12.08
N GLU E 246 12.62 -14.47 -11.34
CA GLU E 246 11.17 -14.70 -11.32
C GLU E 246 10.35 -13.64 -10.54
N LYS E 247 10.83 -13.16 -9.40
CA LYS E 247 10.08 -12.14 -8.67
C LYS E 247 10.81 -10.80 -8.58
N PRO E 248 10.49 -9.87 -9.49
CA PRO E 248 11.08 -8.53 -9.44
C PRO E 248 10.71 -7.81 -8.15
N GLU E 249 9.46 -7.95 -7.72
CA GLU E 249 9.03 -7.60 -6.35
C GLU E 249 10.06 -7.88 -5.27
N ASP E 250 10.62 -9.10 -5.28
CA ASP E 250 11.69 -9.43 -4.36
C ASP E 250 12.98 -8.67 -4.63
N MET E 251 13.32 -8.47 -5.91
CA MET E 251 14.56 -7.76 -6.25
C MET E 251 14.53 -6.35 -5.71
N ALA E 252 13.35 -5.76 -5.75
CA ALA E 252 13.17 -4.37 -5.38
C ALA E 252 13.49 -4.17 -3.92
N GLU E 253 13.47 -5.26 -3.18
CA GLU E 253 13.81 -5.22 -1.76
C GLU E 253 15.29 -4.93 -1.61
N VAL E 254 16.08 -5.33 -2.59
CA VAL E 254 17.53 -5.13 -2.55
C VAL E 254 17.89 -3.72 -3.06
N ALA E 255 17.19 -3.28 -4.09
CA ALA E 255 17.35 -1.92 -4.59
C ALA E 255 17.09 -0.93 -3.47
N ARG E 256 16.03 -1.16 -2.71
CA ARG E 256 15.65 -0.24 -1.66
C ARG E 256 16.69 -0.16 -0.55
N TYR E 257 17.33 -1.29 -0.24
CA TYR E 257 18.24 -1.35 0.90
C TYR E 257 19.54 -0.62 0.63
N THR E 258 20.05 -0.83 -0.56
CA THR E 258 21.42 -0.43 -0.85
C THR E 258 21.51 0.90 -1.61
N SER E 259 22.69 1.52 -1.56
CA SER E 259 22.97 2.76 -2.26
C SER E 259 23.44 2.45 -3.65
N ILE E 260 23.81 1.18 -3.85
CA ILE E 260 24.32 0.71 -5.13
C ILE E 260 23.12 0.49 -6.03
N PRO E 261 23.19 1.04 -7.26
CA PRO E 261 22.12 0.83 -8.25
C PRO E 261 22.09 -0.62 -8.66
N VAL E 262 20.90 -1.20 -8.72
CA VAL E 262 20.75 -2.59 -9.16
C VAL E 262 20.50 -2.62 -10.67
N ALA E 263 21.18 -3.52 -11.36
CA ALA E 263 20.95 -3.68 -12.79
C ALA E 263 20.43 -5.10 -13.05
N THR E 264 19.48 -5.23 -13.97
CA THR E 264 18.95 -6.55 -14.33
C THR E 264 18.27 -6.49 -15.68
N GLY E 265 17.98 -7.65 -16.25
CA GLY E 265 17.35 -7.67 -17.57
C GLY E 265 17.88 -8.64 -18.61
N GLU E 266 19.06 -9.24 -18.41
CA GLU E 266 19.64 -10.14 -19.41
C GLU E 266 18.85 -11.42 -19.62
N ARG E 267 18.05 -11.82 -18.65
CA ARG E 267 17.23 -13.03 -18.79
C ARG E 267 15.75 -12.73 -19.03
N LEU E 268 15.40 -11.47 -19.22
CA LEU E 268 14.02 -11.08 -19.47
C LEU E 268 13.73 -10.81 -20.94
N CYS E 269 12.44 -10.66 -21.27
CA CYS E 269 12.01 -10.38 -22.64
C CYS E 269 10.60 -9.78 -22.67
N THR E 270 10.32 -9.02 -23.74
CA THR E 270 9.05 -8.30 -23.96
C THR E 270 8.84 -7.14 -23.02
N LYS E 271 8.07 -6.14 -23.46
CA LYS E 271 7.73 -5.00 -22.61
C LYS E 271 7.10 -5.38 -21.27
N TYR E 272 6.39 -6.50 -21.21
CA TYR E 272 5.58 -6.80 -20.04
C TYR E 272 6.44 -7.08 -18.80
N GLU E 273 7.55 -7.76 -18.97
CA GLU E 273 8.38 -8.12 -17.82
C GLU E 273 9.22 -6.92 -17.36
N PHE E 274 9.70 -6.13 -18.32
CA PHE E 274 10.47 -4.94 -17.99
C PHE E 274 9.57 -3.87 -17.37
N SER E 275 8.34 -3.79 -17.85
CA SER E 275 7.33 -2.95 -17.25
C SER E 275 7.29 -3.19 -15.74
N ARG E 276 7.28 -4.45 -15.35
CA ARG E 276 7.14 -4.82 -13.94
C ARG E 276 8.39 -4.52 -13.14
N VAL E 277 9.56 -4.69 -13.77
CA VAL E 277 10.83 -4.38 -13.11
C VAL E 277 10.83 -2.89 -12.75
N LEU E 278 10.47 -2.06 -13.72
CA LEU E 278 10.42 -0.63 -13.52
C LEU E 278 9.43 -0.23 -12.43
N GLU E 279 8.21 -0.73 -12.51
CA GLU E 279 7.18 -0.34 -11.55
C GLU E 279 7.40 -0.79 -10.09
N THR E 280 7.99 -1.94 -9.90
CA THR E 280 8.35 -2.39 -8.55
C THR E 280 9.59 -1.69 -8.03
N GLY E 281 10.35 -1.09 -8.93
CA GLY E 281 11.63 -0.51 -8.55
C GLY E 281 12.69 -1.57 -8.34
N ALA E 282 12.62 -2.63 -9.15
CA ALA E 282 13.51 -3.78 -9.03
C ALA E 282 14.91 -3.46 -9.47
N ALA E 283 15.01 -2.58 -10.45
CA ALA E 283 16.29 -2.22 -11.04
C ALA E 283 16.19 -0.80 -11.56
N SER E 284 17.31 -0.09 -11.65
CA SER E 284 17.28 1.24 -12.25
C SER E 284 18.11 1.27 -13.50
N ILE E 285 18.79 0.17 -13.79
CA ILE E 285 19.55 0.05 -15.02
C ILE E 285 19.16 -1.22 -15.70
N LEU E 286 18.43 -1.09 -16.81
CA LEU E 286 17.95 -2.22 -17.59
C LEU E 286 18.98 -2.77 -18.56
N GLN E 287 19.26 -4.06 -18.45
CA GLN E 287 20.25 -4.68 -19.31
C GLN E 287 19.69 -5.55 -20.43
N MET E 288 18.95 -4.97 -21.38
CA MET E 288 18.42 -5.77 -22.49
C MET E 288 19.54 -6.37 -23.30
N ASN E 289 19.35 -7.63 -23.70
CA ASN E 289 20.11 -8.22 -24.80
C ASN E 289 19.20 -8.23 -26.01
N LEU E 290 19.61 -7.57 -27.08
CA LEU E 290 18.70 -7.40 -28.21
C LEU E 290 18.49 -8.65 -29.03
N GLY E 291 19.24 -9.69 -28.70
CA GLY E 291 19.09 -10.97 -29.35
C GLY E 291 18.06 -11.84 -28.67
N ARG E 292 17.35 -11.26 -27.72
CA ARG E 292 16.49 -12.01 -26.81
C ARG E 292 15.27 -11.22 -26.36
N VAL E 293 15.43 -9.90 -26.20
CA VAL E 293 14.41 -9.07 -25.55
C VAL E 293 13.10 -8.95 -26.32
N GLY E 294 13.16 -9.15 -27.64
CA GLY E 294 11.98 -8.97 -28.44
C GLY E 294 12.22 -8.21 -29.71
N GLY E 295 13.39 -7.60 -29.83
CA GLY E 295 13.76 -6.85 -31.02
C GLY E 295 14.25 -5.43 -30.77
N LEU E 296 14.35 -4.65 -31.84
CA LEU E 296 14.81 -3.27 -31.74
C LEU E 296 13.67 -2.32 -31.35
N LEU E 297 12.47 -2.57 -31.87
CA LEU E 297 11.33 -1.71 -31.56
C LEU E 297 10.88 -1.95 -30.15
N GLU E 298 10.67 -3.22 -29.81
CA GLU E 298 10.33 -3.59 -28.45
C GLU E 298 11.33 -3.01 -27.42
N ALA E 299 12.62 -2.97 -27.77
CA ALA E 299 13.65 -2.44 -26.88
C ALA E 299 13.50 -0.93 -26.69
N LYS E 300 13.19 -0.22 -27.79
CA LYS E 300 12.92 1.22 -27.77
C LYS E 300 11.76 1.54 -26.84
N LYS E 301 10.67 0.78 -26.95
CA LYS E 301 9.55 0.87 -26.02
C LYS E 301 10.00 0.65 -24.58
N ILE E 302 10.90 -0.31 -24.38
CA ILE E 302 11.38 -0.56 -23.04
C ILE E 302 12.24 0.61 -22.50
N ALA E 303 13.05 1.22 -23.36
CA ALA E 303 13.87 2.35 -22.91
C ALA E 303 13.07 3.63 -22.66
N ALA E 304 12.02 3.87 -23.44
CA ALA E 304 11.12 4.99 -23.15
C ALA E 304 10.45 4.76 -21.81
N MET E 305 10.02 3.53 -21.56
CA MET E 305 9.36 3.21 -20.29
C MET E 305 10.28 3.51 -19.11
N ALA E 306 11.57 3.22 -19.28
CA ALA E 306 12.56 3.47 -18.24
C ALA E 306 12.75 4.96 -18.00
N GLU E 307 12.54 5.76 -19.06
CA GLU E 307 12.57 7.22 -18.95
C GLU E 307 11.50 7.73 -17.96
N CYS E 308 10.40 7.02 -17.80
CA CYS E 308 9.39 7.48 -16.85
C CYS E 308 9.68 7.00 -15.44
N HIS E 309 10.82 6.32 -15.25
CA HIS E 309 11.08 5.72 -13.95
C HIS E 309 12.46 6.00 -13.40
N SER E 310 13.11 7.03 -13.93
CA SER E 310 14.42 7.44 -13.46
C SER E 310 15.36 6.27 -13.59
N ALA E 311 15.26 5.61 -14.75
CA ALA E 311 16.02 4.40 -15.04
C ALA E 311 16.68 4.47 -16.41
N GLN E 312 17.85 3.86 -16.52
CA GLN E 312 18.64 3.89 -17.74
C GLN E 312 18.88 2.51 -18.33
N ILE E 313 19.29 2.48 -19.58
CA ILE E 313 19.60 1.23 -20.24
C ILE E 313 21.10 0.98 -20.37
N ALA E 314 21.48 -0.29 -20.31
CA ALA E 314 22.85 -0.69 -20.60
C ALA E 314 22.85 -2.04 -21.30
N PRO E 315 22.67 -2.02 -22.64
CA PRO E 315 22.59 -3.20 -23.50
C PRO E 315 23.66 -4.23 -23.18
N HIS E 316 23.20 -5.36 -22.65
CA HIS E 316 24.00 -6.53 -22.31
C HIS E 316 24.41 -7.22 -23.59
N LEU E 317 25.64 -7.71 -23.62
CA LEU E 317 26.10 -8.49 -24.76
C LEU E 317 26.99 -9.63 -24.35
N TYR E 318 26.52 -10.85 -24.57
CA TYR E 318 27.42 -11.97 -24.48
C TYR E 318 27.10 -12.93 -25.62
N CYS E 319 27.39 -12.49 -26.83
CA CYS E 319 27.24 -13.32 -28.01
C CYS E 319 27.95 -12.69 -29.20
N GLY E 320 27.39 -12.87 -30.41
CA GLY E 320 28.06 -12.47 -31.62
C GLY E 320 27.97 -10.98 -31.96
N PRO E 321 28.53 -10.59 -33.11
CA PRO E 321 28.59 -9.17 -33.47
C PRO E 321 27.24 -8.60 -33.88
N LEU E 322 26.31 -9.44 -34.32
CA LEU E 322 25.07 -8.88 -34.84
C LEU E 322 24.17 -8.33 -33.76
N VAL E 323 24.23 -8.94 -32.59
CA VAL E 323 23.55 -8.38 -31.43
C VAL E 323 24.22 -7.07 -31.05
N ALA E 324 25.54 -7.05 -31.09
CA ALA E 324 26.28 -5.82 -30.79
C ALA E 324 25.80 -4.67 -31.67
N LEU E 325 25.60 -4.93 -32.95
CA LEU E 325 25.12 -3.90 -33.88
C LEU E 325 23.74 -3.38 -33.48
N ALA E 326 22.84 -4.30 -33.13
CA ALA E 326 21.51 -3.93 -32.69
C ALA E 326 21.56 -3.16 -31.36
N ASN E 327 22.49 -3.56 -30.49
CA ASN E 327 22.72 -2.86 -29.23
C ASN E 327 23.15 -1.42 -29.51
N ILE E 328 24.14 -1.28 -30.38
CA ILE E 328 24.60 0.01 -30.84
C ILE E 328 23.48 0.87 -31.42
N GLN E 329 22.58 0.27 -32.19
CA GLN E 329 21.50 1.03 -32.81
C GLN E 329 20.59 1.66 -31.78
N LEU E 330 20.05 0.83 -30.89
CA LEU E 330 19.26 1.31 -29.76
C LEU E 330 19.97 2.34 -28.89
N ALA E 331 21.25 2.10 -28.60
CA ALA E 331 21.99 2.93 -27.65
C ALA E 331 22.19 4.34 -28.23
N THR E 332 22.55 4.37 -29.51
CA THR E 332 22.82 5.60 -30.24
C THR E 332 21.63 6.56 -30.22
N CYS E 333 20.42 6.03 -30.25
CA CYS E 333 19.23 6.89 -30.25
C CYS E 333 18.52 6.95 -28.90
N SER E 334 19.21 6.62 -27.82
CA SER E 334 18.55 6.59 -26.51
C SER E 334 19.08 7.56 -25.46
N PRO E 335 18.22 8.51 -25.07
CA PRO E 335 18.54 9.57 -24.10
C PRO E 335 18.90 9.05 -22.71
N ASN E 336 18.52 7.81 -22.38
CA ASN E 336 18.86 7.24 -21.07
C ASN E 336 19.86 6.09 -21.18
N PHE E 337 20.78 6.22 -22.13
CA PHE E 337 21.83 5.24 -22.30
C PHE E 337 22.95 5.49 -21.29
N LEU E 338 23.35 4.43 -20.58
CA LEU E 338 24.37 4.55 -19.54
C LEU E 338 25.72 4.11 -20.05
N VAL E 339 25.80 2.85 -20.49
CA VAL E 339 27.04 2.28 -20.98
C VAL E 339 26.75 1.02 -21.79
N LEU E 340 27.66 0.70 -22.70
CA LEU E 340 27.49 -0.41 -23.63
C LEU E 340 28.48 -1.51 -23.30
N GLU E 341 28.05 -2.77 -23.28
CA GLU E 341 29.04 -3.85 -23.15
C GLU E 341 29.84 -4.01 -24.43
N SER E 342 31.16 -4.08 -24.31
CA SER E 342 32.01 -4.36 -25.46
C SER E 342 32.87 -5.64 -25.26
N ILE E 343 33.85 -5.85 -26.16
CA ILE E 343 34.70 -7.04 -26.09
C ILE E 343 36.22 -6.77 -26.30
N GLY E 348 38.38 -8.75 -32.79
CA GLY E 348 39.09 -9.94 -33.22
C GLY E 348 38.35 -10.76 -34.28
N PHE E 349 37.64 -11.79 -33.83
CA PHE E 349 36.79 -12.56 -34.73
C PHE E 349 35.51 -11.78 -35.04
N PHE E 350 35.20 -10.80 -34.20
CA PHE E 350 34.06 -9.94 -34.43
C PHE E 350 34.31 -9.06 -35.64
N ALA E 351 35.57 -8.74 -35.88
CA ALA E 351 35.93 -7.96 -37.04
C ALA E 351 35.68 -8.78 -38.31
N GLU E 352 36.24 -9.99 -38.32
CA GLU E 352 36.23 -10.85 -39.50
C GLU E 352 34.83 -11.25 -39.98
N LEU E 353 33.84 -11.19 -39.08
CA LEU E 353 32.48 -11.62 -39.44
C LEU E 353 31.70 -10.49 -40.10
N LEU E 354 32.16 -9.27 -39.87
CA LEU E 354 31.49 -8.09 -40.39
C LEU E 354 32.21 -7.64 -41.63
N THR E 355 31.45 -7.08 -42.58
CA THR E 355 32.05 -6.55 -43.80
C THR E 355 33.00 -5.39 -43.50
N THR E 356 32.59 -4.54 -42.54
CA THR E 356 33.43 -3.48 -41.99
C THR E 356 33.43 -3.66 -40.48
N PRO E 357 34.55 -3.35 -39.81
CA PRO E 357 34.58 -3.63 -38.38
C PRO E 357 33.87 -2.55 -37.56
N ILE E 358 33.27 -2.98 -36.45
CA ILE E 358 32.76 -2.07 -35.42
C ILE E 358 33.90 -1.20 -34.96
N ARG E 359 33.67 0.11 -34.94
CA ARG E 359 34.71 1.09 -34.64
C ARG E 359 34.82 1.42 -33.14
N TRP E 360 36.04 1.34 -32.60
CA TRP E 360 36.29 1.56 -31.17
C TRP E 360 37.51 2.45 -30.95
N GLU E 361 37.35 3.53 -30.19
CA GLU E 361 38.44 4.46 -29.95
C GLU E 361 38.39 4.99 -28.52
N ASN E 362 39.49 4.83 -27.79
CA ASN E 362 39.67 5.43 -26.47
C ASN E 362 38.49 5.31 -25.52
N GLY E 363 37.90 4.13 -25.51
CA GLY E 363 36.91 3.79 -24.52
C GLY E 363 35.50 3.87 -25.04
N TYR E 364 35.35 4.32 -26.29
CA TYR E 364 34.01 4.51 -26.81
C TYR E 364 33.79 3.80 -28.15
N ILE E 365 32.55 3.34 -28.36
CA ILE E 365 32.14 2.79 -29.65
C ILE E 365 31.61 3.92 -30.53
N ILE E 366 32.04 3.95 -31.78
CA ILE E 366 31.56 4.97 -32.70
C ILE E 366 30.55 4.42 -33.72
N PRO E 367 29.30 4.87 -33.60
CA PRO E 367 28.17 4.40 -34.38
C PRO E 367 28.35 4.62 -35.86
N SER E 368 28.12 3.58 -36.65
CA SER E 368 28.21 3.65 -38.10
C SER E 368 27.08 4.51 -38.66
N GLN E 369 27.35 5.18 -39.78
CA GLN E 369 26.36 6.03 -40.42
C GLN E 369 25.70 5.29 -41.59
N GLU E 370 26.06 4.03 -41.75
CA GLU E 370 25.54 3.28 -42.87
C GLU E 370 24.12 2.79 -42.59
N PRO E 371 23.34 2.54 -43.64
CA PRO E 371 21.94 2.17 -43.42
C PRO E 371 21.76 0.86 -42.66
N GLY E 372 20.53 0.63 -42.22
CA GLY E 372 20.18 -0.54 -41.44
C GLY E 372 20.93 -0.62 -40.12
N LEU E 373 21.58 -1.75 -39.90
CA LEU E 373 22.32 -2.01 -38.67
C LEU E 373 23.75 -1.50 -38.80
N GLY E 374 24.04 -0.91 -39.95
CA GLY E 374 25.27 -0.16 -40.12
C GLY E 374 26.39 -1.01 -40.68
N HIS E 375 26.31 -2.31 -40.46
CA HIS E 375 27.28 -3.20 -41.04
C HIS E 375 26.59 -4.40 -41.68
N ASP E 376 27.38 -5.23 -42.33
CA ASP E 376 26.87 -6.41 -42.99
C ASP E 376 27.67 -7.61 -42.54
N LEU E 377 27.01 -8.76 -42.50
CA LEU E 377 27.63 -10.00 -42.15
C LEU E 377 28.46 -10.47 -43.34
N ASN E 378 29.66 -10.99 -43.09
CA ASN E 378 30.38 -11.62 -44.17
C ASN E 378 29.91 -13.06 -44.33
N GLU E 379 28.96 -13.28 -45.21
CA GLU E 379 28.41 -14.63 -45.41
C GLU E 379 29.50 -15.68 -45.68
N ASP E 380 30.51 -15.29 -46.46
CA ASP E 380 31.60 -16.19 -46.79
C ASP E 380 32.34 -16.72 -45.56
N VAL E 381 32.60 -15.86 -44.60
CA VAL E 381 33.32 -16.30 -43.40
C VAL E 381 32.45 -17.14 -42.46
N ALA E 382 31.15 -16.84 -42.40
CA ALA E 382 30.24 -17.61 -41.56
C ALA E 382 30.07 -19.04 -42.05
N ARG E 383 30.02 -19.22 -43.37
CA ARG E 383 29.93 -20.55 -43.97
C ARG E 383 31.25 -21.32 -43.85
N ALA E 384 32.33 -20.59 -43.58
CA ALA E 384 33.64 -21.21 -43.44
C ALA E 384 33.92 -21.66 -42.01
N ASN E 385 33.09 -21.22 -41.07
CA ASN E 385 33.29 -21.58 -39.67
C ASN E 385 32.09 -22.29 -39.05
N PRO E 386 31.73 -23.46 -39.59
CA PRO E 386 30.62 -24.20 -39.00
C PRO E 386 30.98 -24.65 -37.59
N TYR E 387 30.03 -24.60 -36.68
CA TYR E 387 30.26 -25.10 -35.33
C TYR E 387 30.35 -26.63 -35.28
N THR E 388 31.28 -27.15 -34.48
CA THR E 388 31.39 -28.59 -34.26
C THR E 388 31.25 -28.94 -32.77
N MET F 2 -24.51 1.71 46.10
CA MET F 2 -23.50 2.76 46.32
C MET F 2 -23.64 3.93 45.34
N ARG F 3 -23.26 5.12 45.80
CA ARG F 3 -23.22 6.31 44.95
C ARG F 3 -22.18 7.33 45.43
N LEU F 4 -21.81 8.25 44.55
CA LEU F 4 -20.89 9.35 44.87
C LEU F 4 -21.68 10.54 45.37
N SER F 5 -21.08 11.32 46.27
CA SER F 5 -21.76 12.44 46.92
C SER F 5 -21.15 13.83 46.67
N ASP F 6 -19.90 14.02 47.07
CA ASP F 6 -19.30 15.35 46.99
C ASP F 6 -17.92 15.40 46.33
N ILE F 7 -17.49 16.62 46.02
CA ILE F 7 -16.17 16.86 45.44
C ILE F 7 -15.52 18.09 46.05
N GLU F 8 -14.25 17.95 46.41
CA GLU F 8 -13.44 19.08 46.86
C GLU F 8 -12.23 19.14 45.96
N THR F 9 -11.93 20.32 45.41
CA THR F 9 -10.79 20.44 44.51
C THR F 9 -9.67 21.30 45.11
N PHE F 10 -8.43 20.98 44.73
CA PHE F 10 -7.24 21.61 45.28
C PHE F 10 -6.38 22.15 44.13
N VAL F 11 -5.83 23.36 44.29
CA VAL F 11 -4.81 23.84 43.36
C VAL F 11 -3.55 24.18 44.13
N VAL F 12 -2.58 23.26 44.07
CA VAL F 12 -1.39 23.32 44.90
C VAL F 12 -0.18 23.86 44.13
N GLY F 13 0.34 24.99 44.57
CA GLY F 13 1.57 25.54 44.01
C GLY F 13 2.73 24.66 44.43
N ASN F 14 3.67 24.44 43.51
CA ASN F 14 4.78 23.54 43.77
C ASN F 14 6.01 24.31 44.24
N PRO F 15 6.39 24.15 45.52
CA PRO F 15 7.53 24.91 46.06
C PRO F 15 8.83 24.60 45.33
N PRO F 16 9.79 25.54 45.36
CA PRO F 16 11.16 25.35 44.87
C PRO F 16 11.75 24.00 45.32
N PRO F 17 12.60 23.38 44.49
CA PRO F 17 13.12 23.88 43.21
C PRO F 17 12.16 23.71 42.03
N ARG F 18 10.89 23.46 42.32
CA ARG F 18 9.84 23.46 41.31
C ARG F 18 10.05 22.38 40.26
N HIS F 19 10.43 21.20 40.72
CA HIS F 19 10.57 20.07 39.82
C HIS F 19 9.22 19.41 39.68
N GLY F 20 8.78 19.24 38.45
CA GLY F 20 7.48 18.68 38.15
C GLY F 20 6.45 19.74 37.79
N GLY F 21 6.89 20.98 37.62
CA GLY F 21 6.01 22.06 37.21
C GLY F 21 5.69 23.09 38.28
N ARG F 22 4.79 24.00 37.96
CA ARG F 22 4.45 25.10 38.84
C ARG F 22 3.32 24.79 39.82
N TYR F 23 2.39 23.94 39.39
CA TYR F 23 1.19 23.63 40.18
C TYR F 23 0.59 22.25 39.88
N PHE F 24 -0.14 21.71 40.86
CA PHE F 24 -0.84 20.44 40.70
C PHE F 24 -2.31 20.66 40.96
N ILE F 25 -3.17 19.93 40.25
CA ILE F 25 -4.61 20.04 40.42
C ILE F 25 -5.20 18.75 40.99
N PHE F 26 -5.45 18.73 42.29
CA PHE F 26 -5.90 17.52 42.97
C PHE F 26 -7.42 17.46 43.12
N VAL F 27 -7.99 16.26 43.06
CA VAL F 27 -9.43 16.10 43.32
C VAL F 27 -9.76 15.14 44.47
N LYS F 28 -10.82 15.48 45.21
CA LYS F 28 -11.31 14.62 46.30
C LYS F 28 -12.76 14.26 46.00
N LEU F 29 -13.06 12.96 46.01
CA LEU F 29 -14.41 12.48 45.76
C LEU F 29 -14.84 11.62 46.93
N VAL F 30 -16.09 11.79 47.37
CA VAL F 30 -16.59 11.05 48.52
C VAL F 30 -17.96 10.41 48.27
N THR F 31 -18.08 9.11 48.53
CA THR F 31 -19.36 8.41 48.39
C THR F 31 -20.33 8.82 49.49
N ALA F 32 -21.51 8.22 49.48
CA ALA F 32 -22.52 8.53 50.49
C ALA F 32 -22.13 7.99 51.87
N CYS F 33 -21.64 6.76 51.90
CA CYS F 33 -21.25 6.07 53.13
C CYS F 33 -19.90 6.54 53.70
N GLY F 34 -19.21 7.42 52.98
CA GLY F 34 -17.99 8.03 53.50
C GLY F 34 -16.63 7.64 52.91
N ILE F 35 -16.61 6.73 51.93
CA ILE F 35 -15.36 6.36 51.27
C ILE F 35 -14.81 7.53 50.46
N THR F 36 -13.50 7.75 50.53
CA THR F 36 -12.88 8.85 49.78
C THR F 36 -11.80 8.36 48.79
N GLY F 37 -11.87 8.87 47.57
CA GLY F 37 -10.84 8.55 46.58
C GLY F 37 -10.17 9.80 46.05
N TYR F 38 -8.84 9.75 45.94
CA TYR F 38 -8.05 10.86 45.41
C TYR F 38 -7.61 10.65 43.96
N GLY F 39 -7.49 11.76 43.24
CA GLY F 39 -7.01 11.75 41.87
C GLY F 39 -6.47 13.11 41.43
N GLU F 40 -5.78 13.15 40.30
CA GLU F 40 -5.21 14.40 39.82
C GLU F 40 -5.48 14.66 38.34
N ILE F 41 -5.81 15.92 38.03
CA ILE F 41 -6.03 16.38 36.66
C ILE F 41 -4.75 16.95 36.07
N TYR F 42 -4.38 16.48 34.88
CA TYR F 42 -3.20 16.98 34.22
C TYR F 42 -3.59 17.74 32.98
N ASN F 43 -3.74 19.05 33.15
CA ASN F 43 -4.17 19.93 32.07
C ASN F 43 -3.65 21.34 32.29
N ALA F 44 -3.42 22.06 31.20
CA ALA F 44 -2.95 23.43 31.31
C ALA F 44 -3.28 24.29 30.08
N THR F 45 -4.36 23.97 29.38
CA THR F 45 -4.82 24.83 28.30
C THR F 45 -5.56 26.02 28.90
N PHE F 46 -5.66 26.03 30.23
CA PHE F 46 -6.27 27.13 30.97
C PHE F 46 -5.63 27.25 32.36
N GLY F 47 -5.93 28.34 33.06
CA GLY F 47 -5.46 28.52 34.41
C GLY F 47 -6.10 27.48 35.30
N PRO F 48 -5.37 26.99 36.32
CA PRO F 48 -5.78 25.89 37.19
C PRO F 48 -7.12 26.07 37.92
N ASP F 49 -7.49 27.32 38.24
CA ASP F 49 -8.73 27.56 38.96
C ASP F 49 -9.92 27.35 38.03
N LEU F 50 -9.72 27.69 36.77
CA LEU F 50 -10.70 27.43 35.72
C LEU F 50 -10.82 25.94 35.42
N VAL F 51 -9.68 25.26 35.31
CA VAL F 51 -9.66 23.81 35.16
C VAL F 51 -10.33 23.15 36.38
N ALA F 52 -10.17 23.78 37.55
CA ALA F 52 -10.76 23.27 38.78
C ALA F 52 -12.29 23.27 38.75
N LYS F 53 -12.88 24.43 38.43
CA LYS F 53 -14.33 24.57 38.33
C LYS F 53 -14.90 23.64 37.24
N MET F 54 -14.08 23.33 36.25
CA MET F 54 -14.44 22.40 35.19
C MET F 54 -14.69 20.99 35.74
N ALA F 55 -13.93 20.63 36.76
CA ALA F 55 -14.08 19.31 37.37
C ALA F 55 -15.34 19.25 38.21
N GLU F 56 -15.78 20.40 38.70
CA GLU F 56 -17.01 20.49 39.46
C GLU F 56 -18.20 20.37 38.48
N ASP F 57 -18.09 21.10 37.39
CA ASP F 57 -19.08 21.08 36.32
C ASP F 57 -19.29 19.67 35.82
N VAL F 58 -18.19 18.96 35.56
CA VAL F 58 -18.27 17.59 35.07
C VAL F 58 -18.80 16.65 36.15
N PHE F 59 -18.26 16.77 37.36
CA PHE F 59 -18.74 15.98 38.50
C PHE F 59 -20.24 16.18 38.71
N ALA F 60 -20.73 17.39 38.44
CA ALA F 60 -22.15 17.69 38.61
C ALA F 60 -23.02 17.00 37.56
N ARG F 61 -22.75 17.26 36.28
CA ARG F 61 -23.61 16.78 35.20
C ARG F 61 -23.56 15.26 35.04
N GLN F 62 -22.38 14.69 35.23
CA GLN F 62 -22.13 13.31 34.84
C GLN F 62 -21.89 12.32 35.98
N PHE F 63 -21.23 12.76 37.05
CA PHE F 63 -20.74 11.84 38.07
C PHE F 63 -21.59 11.69 39.32
N ALA F 64 -22.39 12.71 39.62
CA ALA F 64 -23.17 12.75 40.85
C ALA F 64 -24.34 11.74 40.84
N GLY F 65 -24.55 11.09 41.98
CA GLY F 65 -25.64 10.13 42.13
C GLY F 65 -25.30 8.80 41.53
N GLU F 66 -24.09 8.68 40.99
CA GLU F 66 -23.68 7.50 40.23
C GLU F 66 -22.77 6.55 41.00
N ASP F 67 -22.92 5.26 40.72
CA ASP F 67 -22.05 4.21 41.25
C ASP F 67 -20.66 4.38 40.62
N PRO F 68 -19.61 4.53 41.45
CA PRO F 68 -18.23 4.68 40.94
C PRO F 68 -17.69 3.47 40.17
N HIS F 69 -18.24 2.28 40.40
CA HIS F 69 -17.83 1.08 39.66
C HIS F 69 -18.18 1.21 38.19
N HIS F 70 -19.20 2.02 37.90
CA HIS F 70 -19.72 2.21 36.55
C HIS F 70 -18.84 3.15 35.70
N ILE F 71 -17.55 2.79 35.61
CA ILE F 71 -16.55 3.53 34.84
C ILE F 71 -16.86 3.69 33.34
N GLU F 72 -17.25 2.59 32.70
CA GLU F 72 -17.62 2.64 31.29
C GLU F 72 -18.77 3.61 31.06
N LYS F 73 -19.65 3.77 32.06
CA LYS F 73 -20.78 4.69 31.89
C LYS F 73 -20.32 6.13 32.05
N LEU F 74 -19.70 6.41 33.19
CA LEU F 74 -19.21 7.75 33.51
C LEU F 74 -18.33 8.29 32.40
N TRP F 75 -17.41 7.44 31.93
CA TRP F 75 -16.46 7.81 30.88
C TRP F 75 -17.24 8.29 29.66
N HIS F 76 -18.15 7.45 29.15
CA HIS F 76 -18.93 7.78 27.96
C HIS F 76 -19.86 8.97 28.13
N LYS F 77 -20.42 9.13 29.32
CA LYS F 77 -21.24 10.31 29.62
C LYS F 77 -20.41 11.59 29.46
N THR F 78 -19.29 11.63 30.18
CA THR F 78 -18.35 12.75 30.14
C THR F 78 -17.91 13.04 28.71
N TYR F 79 -17.39 12.01 28.08
CA TYR F 79 -16.74 12.07 26.77
C TYR F 79 -17.70 12.38 25.63
N GLY F 80 -18.96 11.96 25.77
CA GLY F 80 -19.95 12.13 24.72
C GLY F 80 -20.81 13.38 24.86
N ALA F 81 -20.62 14.07 25.98
CA ALA F 81 -21.36 15.29 26.31
C ALA F 81 -21.11 16.40 25.29
N GLY F 82 -22.08 17.30 25.18
CA GLY F 82 -21.98 18.46 24.29
C GLY F 82 -21.94 18.08 22.83
N TYR F 83 -22.41 16.87 22.53
CA TYR F 83 -22.24 16.25 21.22
C TYR F 83 -20.81 16.43 20.73
N THR F 84 -19.90 15.74 21.42
CA THR F 84 -18.48 15.74 21.02
C THR F 84 -17.99 14.34 20.61
N GLN F 85 -17.65 13.49 21.58
CA GLN F 85 -17.16 12.16 21.29
C GLN F 85 -15.95 12.21 20.38
N ARG F 86 -14.91 12.89 20.85
CA ARG F 86 -13.67 13.07 20.11
C ARG F 86 -12.58 13.50 21.10
N PRO F 87 -11.33 13.09 20.85
CA PRO F 87 -10.26 13.29 21.83
C PRO F 87 -10.04 14.76 22.21
N ASP F 88 -10.12 15.05 23.50
CA ASP F 88 -9.99 16.41 23.99
C ASP F 88 -9.21 16.39 25.31
N VAL F 89 -7.97 16.90 25.31
CA VAL F 89 -7.12 16.88 26.52
C VAL F 89 -7.68 17.69 27.68
N THR F 90 -8.55 18.64 27.37
CA THR F 90 -9.19 19.45 28.40
C THR F 90 -10.24 18.62 29.13
N VAL F 91 -11.22 18.09 28.39
CA VAL F 91 -12.22 17.22 29.00
C VAL F 91 -11.53 16.01 29.61
N MET F 92 -10.63 15.40 28.86
CA MET F 92 -10.02 14.15 29.25
C MET F 92 -9.06 14.28 30.44
N GLY F 93 -8.34 15.40 30.52
CA GLY F 93 -7.52 15.68 31.68
C GLY F 93 -8.39 15.68 32.93
N VAL F 94 -9.61 16.21 32.77
CA VAL F 94 -10.58 16.24 33.85
C VAL F 94 -11.13 14.85 34.13
N LEU F 95 -11.57 14.17 33.08
CA LEU F 95 -12.17 12.84 33.21
C LEU F 95 -11.22 11.87 33.90
N SER F 96 -9.94 11.97 33.52
CA SER F 96 -8.87 11.17 34.11
C SER F 96 -8.83 11.28 35.61
N GLY F 97 -8.78 12.51 36.13
CA GLY F 97 -8.73 12.75 37.56
C GLY F 97 -9.87 12.11 38.33
N LEU F 98 -11.10 12.36 37.88
CA LEU F 98 -12.28 11.79 38.52
C LEU F 98 -12.27 10.26 38.42
N GLU F 99 -11.91 9.74 37.25
CA GLU F 99 -11.89 8.29 37.04
C GLU F 99 -10.90 7.60 37.98
N MET F 100 -9.71 8.18 38.13
CA MET F 100 -8.68 7.67 39.05
C MET F 100 -9.27 7.50 40.41
N ALA F 101 -9.89 8.57 40.88
CA ALA F 101 -10.47 8.66 42.21
C ALA F 101 -11.50 7.55 42.40
N CYS F 102 -12.31 7.33 41.38
CA CYS F 102 -13.26 6.24 41.42
C CYS F 102 -12.52 4.94 41.65
N TRP F 103 -11.40 4.75 40.96
CA TRP F 103 -10.60 3.53 41.16
C TRP F 103 -10.02 3.43 42.57
N ASP F 104 -9.46 4.53 43.07
CA ASP F 104 -9.01 4.58 44.46
C ASP F 104 -10.14 4.13 45.38
N ILE F 105 -11.37 4.45 44.99
CA ILE F 105 -12.56 4.08 45.76
C ILE F 105 -12.94 2.63 45.54
N ILE F 106 -12.96 2.19 44.29
CA ILE F 106 -13.31 0.82 43.96
C ILE F 106 -12.41 -0.13 44.72
N GLY F 107 -11.10 0.16 44.69
CA GLY F 107 -10.11 -0.63 45.37
C GLY F 107 -10.39 -0.74 46.86
N LYS F 108 -10.61 0.40 47.50
CA LYS F 108 -10.85 0.44 48.94
C LYS F 108 -12.02 -0.45 49.36
N ALA F 109 -13.13 -0.36 48.65
CA ALA F 109 -14.29 -1.19 48.96
C ALA F 109 -13.95 -2.65 48.76
N ALA F 110 -13.04 -2.90 47.83
CA ALA F 110 -12.61 -4.26 47.53
C ALA F 110 -11.53 -4.69 48.53
N GLY F 111 -10.99 -3.70 49.24
CA GLY F 111 -9.94 -3.95 50.21
C GLY F 111 -8.68 -4.50 49.56
N LYS F 112 -8.43 -4.08 48.33
CA LYS F 112 -7.31 -4.54 47.52
C LYS F 112 -6.73 -3.34 46.79
N PRO F 113 -5.46 -3.43 46.36
CA PRO F 113 -4.93 -2.41 45.44
C PRO F 113 -5.67 -2.46 44.10
N ALA F 114 -5.73 -1.32 43.41
CA ALA F 114 -6.41 -1.27 42.12
C ALA F 114 -5.68 -2.09 41.05
N TYR F 115 -4.40 -2.36 41.26
CA TYR F 115 -3.69 -3.19 40.29
C TYR F 115 -4.01 -4.66 40.47
N GLU F 116 -4.54 -5.03 41.63
CA GLU F 116 -4.88 -6.42 41.88
C GLU F 116 -6.30 -6.72 41.39
N LEU F 117 -6.93 -5.72 40.80
CA LEU F 117 -8.28 -5.86 40.25
C LEU F 117 -8.26 -5.66 38.75
N LEU F 118 -7.07 -5.39 38.22
CA LEU F 118 -6.93 -5.22 36.79
C LEU F 118 -5.80 -6.10 36.26
N GLY F 119 -5.75 -7.35 36.72
CA GLY F 119 -4.80 -8.30 36.17
C GLY F 119 -3.74 -8.73 37.16
N GLY F 120 -3.74 -8.10 38.34
CA GLY F 120 -2.85 -8.51 39.40
C GLY F 120 -1.41 -8.10 39.22
N LYS F 121 -0.69 -8.06 40.34
CA LYS F 121 0.73 -7.70 40.37
C LYS F 121 1.54 -8.54 39.40
N VAL F 122 2.49 -7.90 38.72
CA VAL F 122 3.41 -8.58 37.84
C VAL F 122 4.84 -8.39 38.35
N HIS F 123 5.13 -7.15 38.71
CA HIS F 123 6.44 -6.75 39.19
C HIS F 123 6.47 -6.49 40.68
N GLU F 124 7.49 -7.01 41.36
CA GLU F 124 7.65 -6.68 42.75
C GLU F 124 8.38 -5.33 42.89
N ARG F 125 8.96 -4.86 41.79
CA ARG F 125 9.62 -3.55 41.75
C ARG F 125 9.45 -2.89 40.37
N LEU F 126 9.42 -1.56 40.36
CA LEU F 126 9.18 -0.82 39.13
C LEU F 126 10.42 -0.02 38.75
N ARG F 127 11.00 -0.35 37.60
CA ARG F 127 12.24 0.32 37.19
C ARG F 127 12.04 1.83 37.02
N SER F 128 12.85 2.63 37.70
CA SER F 128 12.62 4.07 37.77
C SER F 128 13.66 4.87 37.03
N TYR F 129 13.26 6.04 36.51
CA TYR F 129 14.21 6.99 35.94
C TYR F 129 13.96 8.42 36.40
N THR F 130 14.80 9.35 35.97
CA THR F 130 14.73 10.73 36.41
C THR F 130 15.42 11.66 35.42
N TYR F 131 14.99 12.92 35.39
CA TYR F 131 15.67 13.96 34.61
C TYR F 131 16.96 14.32 35.31
N LEU F 132 17.92 14.88 34.58
CA LEU F 132 19.12 15.39 35.21
C LEU F 132 18.87 16.79 35.74
N TYR F 133 18.96 16.93 37.07
CA TYR F 133 18.75 18.21 37.77
C TYR F 133 20.08 18.74 38.33
N PRO F 134 20.12 20.01 38.76
CA PRO F 134 21.42 20.50 39.26
C PRO F 134 21.62 20.32 40.77
N ASP F 144 23.73 32.56 29.57
CA ASP F 144 23.04 32.11 30.78
C ASP F 144 24.01 31.46 31.76
N LYS F 145 25.31 31.61 31.49
CA LYS F 145 26.39 30.83 32.14
C LYS F 145 26.17 29.27 32.15
N PRO F 146 27.26 28.48 32.17
CA PRO F 146 27.12 27.02 32.04
C PRO F 146 26.30 26.35 33.14
N ASN F 147 25.69 25.21 32.81
CA ASN F 147 24.92 24.43 33.77
C ASN F 147 24.62 23.05 33.20
N VAL F 148 23.82 22.29 33.93
CA VAL F 148 23.55 20.90 33.58
C VAL F 148 22.68 20.72 32.33
N TYR F 149 21.83 21.70 32.04
CA TYR F 149 20.96 21.59 30.87
C TYR F 149 21.67 21.89 29.55
N ASN F 150 22.69 22.76 29.59
CA ASN F 150 23.34 23.19 28.35
C ASN F 150 24.82 22.84 28.21
N ASP F 151 25.35 22.09 29.18
CA ASP F 151 26.76 21.66 29.15
C ASP F 151 26.88 20.15 29.30
N ALA F 152 27.55 19.50 28.35
CA ALA F 152 27.68 18.05 28.36
C ALA F 152 28.43 17.49 29.60
N ASP F 153 29.55 18.10 29.95
CA ASP F 153 30.34 17.59 31.07
C ASP F 153 29.63 17.77 32.41
N MET F 154 28.89 18.86 32.56
CA MET F 154 28.12 19.05 33.77
C MET F 154 27.01 18.01 33.85
N ALA F 155 26.42 17.71 32.70
CA ALA F 155 25.35 16.73 32.61
C ALA F 155 25.87 15.37 33.00
N ALA F 156 27.02 15.02 32.42
CA ALA F 156 27.65 13.74 32.65
C ALA F 156 27.86 13.51 34.14
N GLU F 157 28.40 14.54 34.78
CA GLU F 157 28.64 14.53 36.20
C GLU F 157 27.34 14.22 36.91
N ALA F 158 26.30 14.98 36.60
CA ALA F 158 25.01 14.80 37.25
C ALA F 158 24.54 13.36 37.14
N ALA F 159 24.67 12.78 35.95
CA ALA F 159 24.14 11.45 35.66
C ALA F 159 24.88 10.34 36.41
N ALA F 160 26.21 10.44 36.48
CA ALA F 160 27.02 9.48 37.20
C ALA F 160 26.61 9.45 38.67
N LYS F 161 26.18 10.60 39.18
CA LYS F 161 25.66 10.71 40.54
C LYS F 161 24.32 10.00 40.68
N ALA F 162 23.49 10.09 39.65
CA ALA F 162 22.18 9.46 39.67
C ALA F 162 22.37 7.96 39.76
N VAL F 163 23.29 7.45 38.96
CA VAL F 163 23.69 6.05 39.00
C VAL F 163 24.16 5.67 40.41
N ASP F 164 24.90 6.55 41.07
CA ASP F 164 25.31 6.31 42.45
C ASP F 164 24.09 6.19 43.34
N GLN F 165 23.13 7.08 43.17
CA GLN F 165 21.87 6.96 43.92
C GLN F 165 21.18 5.62 43.60
N GLY F 166 21.41 5.06 42.42
CA GLY F 166 20.94 3.72 42.10
C GLY F 166 20.16 3.60 40.80
N PHE F 167 20.00 4.72 40.12
CA PHE F 167 19.25 4.78 38.86
C PHE F 167 19.85 3.93 37.76
N THR F 168 18.97 3.41 36.90
CA THR F 168 19.39 2.60 35.79
C THR F 168 18.96 3.25 34.48
N ALA F 169 18.51 4.50 34.58
CA ALA F 169 18.14 5.27 33.40
C ALA F 169 18.05 6.75 33.74
N VAL F 170 18.57 7.58 32.83
CA VAL F 170 18.56 9.02 32.98
C VAL F 170 18.01 9.70 31.71
N LYS F 171 17.35 10.84 31.87
CA LYS F 171 16.76 11.58 30.74
C LYS F 171 17.20 13.06 30.65
N PHE F 172 17.42 13.51 29.43
CA PHE F 172 17.90 14.86 29.19
C PHE F 172 17.37 15.35 27.86
N ASP F 173 17.23 16.66 27.70
CA ASP F 173 16.78 17.24 26.45
C ASP F 173 17.63 18.45 26.09
N PRO F 174 18.68 18.22 25.28
CA PRO F 174 19.67 19.22 24.86
C PRO F 174 19.42 19.81 23.46
N ALA F 175 18.33 19.40 22.81
CA ALA F 175 18.07 19.75 21.40
C ALA F 175 17.69 21.21 21.11
N GLY F 176 17.79 22.08 22.10
CA GLY F 176 17.37 23.45 21.90
C GLY F 176 15.95 23.69 22.39
N ALA F 177 15.44 24.89 22.13
CA ALA F 177 14.12 25.24 22.65
C ALA F 177 13.01 24.79 21.72
N TYR F 178 11.89 24.42 22.31
CA TYR F 178 10.67 24.13 21.56
C TYR F 178 9.83 25.38 21.46
N THR F 179 9.15 25.56 20.32
CA THR F 179 8.50 26.83 20.00
C THR F 179 7.05 26.64 19.53
N ILE F 180 6.28 27.73 19.55
CA ILE F 180 4.88 27.65 19.12
C ILE F 180 4.76 27.42 17.62
N TYR F 181 5.87 27.52 16.91
CA TYR F 181 5.90 27.40 15.45
C TYR F 181 6.53 26.07 14.99
N ASP F 182 6.76 25.17 15.94
CA ASP F 182 7.29 23.83 15.68
C ASP F 182 6.38 23.09 14.71
N GLY F 183 6.94 22.16 13.93
CA GLY F 183 8.32 21.73 14.04
C GLY F 183 9.32 22.54 13.22
N HIS F 184 10.60 22.45 13.59
CA HIS F 184 11.65 23.16 12.87
C HIS F 184 12.86 22.28 12.56
N GLN F 185 13.92 22.89 12.08
CA GLN F 185 15.15 22.20 11.74
C GLN F 185 16.18 22.38 12.88
N PRO F 186 16.87 21.29 13.28
CA PRO F 186 17.91 21.43 14.31
C PRO F 186 19.05 22.29 13.79
N SER F 187 19.55 23.20 14.63
CA SER F 187 20.69 24.04 14.23
C SER F 187 21.93 23.18 14.25
N LEU F 188 22.95 23.54 13.51
CA LEU F 188 24.20 22.77 13.57
C LEU F 188 24.66 22.62 15.02
N GLU F 189 24.54 23.71 15.79
CA GLU F 189 24.90 23.74 17.22
C GLU F 189 24.02 22.81 18.06
N ASP F 190 22.73 22.73 17.73
CA ASP F 190 21.82 21.83 18.42
C ASP F 190 22.23 20.37 18.23
N LEU F 191 22.77 20.05 17.05
CA LEU F 191 23.21 18.70 16.76
C LEU F 191 24.47 18.36 17.54
N GLU F 192 25.40 19.31 17.55
CA GLU F 192 26.69 19.15 18.18
C GLU F 192 26.50 18.93 19.68
N ARG F 193 25.72 19.80 20.30
CA ARG F 193 25.49 19.71 21.74
C ARG F 193 24.78 18.40 22.11
N SER F 194 23.89 17.96 21.25
CA SER F 194 23.12 16.74 21.51
C SER F 194 24.00 15.50 21.37
N GLU F 195 24.84 15.47 20.34
CA GLU F 195 25.80 14.40 20.21
C GLU F 195 26.72 14.38 21.42
N ALA F 196 27.17 15.56 21.84
CA ALA F 196 28.03 15.70 23.01
C ALA F 196 27.42 15.10 24.28
N PHE F 197 26.26 15.62 24.67
CA PHE F 197 25.57 15.12 25.86
C PHE F 197 25.57 13.59 25.89
N CYS F 198 25.10 12.96 24.81
CA CYS F 198 25.07 11.49 24.72
C CYS F 198 26.44 10.83 24.89
N LYS F 199 27.42 11.26 24.09
CA LYS F 199 28.79 10.76 24.19
C LYS F 199 29.41 10.91 25.58
N GLN F 200 29.23 12.10 26.18
CA GLN F 200 29.80 12.40 27.50
C GLN F 200 29.09 11.65 28.62
N ILE F 201 27.76 11.58 28.54
CA ILE F 201 27.00 10.85 29.56
C ILE F 201 27.29 9.37 29.44
N ARG F 202 27.20 8.85 28.21
CA ARG F 202 27.55 7.45 27.92
C ARG F 202 28.87 7.05 28.55
N ALA F 203 29.90 7.87 28.38
CA ALA F 203 31.18 7.59 29.03
C ALA F 203 31.02 7.54 30.54
N ALA F 204 30.26 8.48 31.09
CA ALA F 204 30.13 8.57 32.54
C ALA F 204 29.42 7.36 33.16
N VAL F 205 28.37 6.87 32.49
CA VAL F 205 27.52 5.84 33.09
C VAL F 205 27.77 4.43 32.54
N GLY F 206 28.40 4.36 31.37
CA GLY F 206 28.71 3.08 30.74
C GLY F 206 27.45 2.25 30.54
N THR F 207 27.48 1.00 31.02
CA THR F 207 26.32 0.11 30.89
C THR F 207 25.37 0.19 32.08
N LYS F 208 25.74 0.98 33.08
CA LYS F 208 24.99 1.00 34.33
C LYS F 208 23.66 1.76 34.22
N ALA F 209 23.51 2.56 33.16
CA ALA F 209 22.26 3.28 32.94
C ALA F 209 21.94 3.51 31.46
N ASP F 210 20.66 3.55 31.14
CA ASP F 210 20.21 3.83 29.79
C ASP F 210 20.04 5.34 29.59
N LEU F 211 20.18 5.79 28.35
CA LEU F 211 20.07 7.20 28.04
C LEU F 211 18.73 7.46 27.38
N LEU F 212 17.92 8.34 27.98
CA LEU F 212 16.62 8.67 27.39
C LEU F 212 16.62 10.10 26.86
N PHE F 213 16.48 10.23 25.55
CA PHE F 213 16.47 11.54 24.89
C PHE F 213 15.07 12.13 24.95
N GLY F 214 14.86 13.10 25.84
CA GLY F 214 13.52 13.54 26.18
C GLY F 214 12.96 14.74 25.43
N THR F 215 13.17 14.77 24.11
CA THR F 215 12.75 15.89 23.28
C THR F 215 11.26 16.26 23.38
N HIS F 216 10.95 17.47 22.89
CA HIS F 216 9.61 18.07 23.01
C HIS F 216 9.03 18.44 21.67
N GLY F 217 9.10 17.54 20.70
CA GLY F 217 8.53 17.76 19.38
C GLY F 217 9.12 18.94 18.64
N GLN F 218 10.42 19.13 18.75
CA GLN F 218 11.04 20.31 18.19
C GLN F 218 11.01 20.27 16.66
N PHE F 219 11.08 19.07 16.11
CA PHE F 219 11.53 18.92 14.74
C PHE F 219 10.53 18.52 13.69
N THR F 220 10.84 18.88 12.46
CA THR F 220 10.17 18.28 11.31
C THR F 220 10.63 16.84 11.22
N VAL F 221 9.92 16.04 10.43
CA VAL F 221 10.35 14.65 10.20
C VAL F 221 11.79 14.62 9.74
N SER F 222 12.11 15.46 8.76
CA SER F 222 13.47 15.52 8.24
C SER F 222 14.50 15.92 9.30
N GLY F 223 14.16 16.94 10.10
CA GLY F 223 15.05 17.41 11.15
C GLY F 223 15.37 16.29 12.11
N ALA F 224 14.30 15.65 12.57
CA ALA F 224 14.41 14.53 13.51
C ALA F 224 15.34 13.43 13.01
N LYS F 225 15.42 13.22 11.70
CA LYS F 225 16.29 12.15 11.21
C LYS F 225 17.76 12.54 11.25
N ARG F 226 18.06 13.77 10.86
CA ARG F 226 19.42 14.30 10.91
C ARG F 226 20.03 14.08 12.27
N LEU F 227 19.18 14.22 13.28
CA LEU F 227 19.55 14.08 14.68
C LEU F 227 19.72 12.63 15.00
N ALA F 228 18.68 11.86 14.67
CA ALA F 228 18.69 10.41 14.78
C ALA F 228 20.01 9.82 14.27
N ARG F 229 20.48 10.30 13.12
CA ARG F 229 21.72 9.82 12.53
C ARG F 229 22.91 9.96 13.48
N ARG F 230 22.92 11.03 14.28
CA ARG F 230 24.11 11.36 15.07
C ARG F 230 24.03 10.84 16.50
N LEU F 231 22.91 10.24 16.88
CA LEU F 231 22.74 9.69 18.22
C LEU F 231 22.86 8.17 18.29
N GLU F 232 22.70 7.48 17.15
CA GLU F 232 22.57 6.03 17.17
C GLU F 232 23.76 5.31 17.81
N ALA F 233 24.96 5.84 17.63
CA ALA F 233 26.15 5.23 18.17
C ALA F 233 26.16 5.07 19.69
N TYR F 234 25.21 5.70 20.38
CA TYR F 234 25.26 5.77 21.84
C TYR F 234 24.16 4.93 22.48
N ASP F 235 23.43 4.20 21.63
CA ASP F 235 22.38 3.28 22.05
C ASP F 235 21.39 3.92 23.04
N PRO F 236 20.75 5.02 22.63
CA PRO F 236 19.80 5.62 23.57
C PRO F 236 18.60 4.70 23.67
N LEU F 237 18.03 4.54 24.85
CA LEU F 237 16.88 3.67 25.05
C LEU F 237 15.70 4.20 24.26
N TRP F 238 15.59 5.51 24.16
CA TRP F 238 14.58 6.05 23.26
C TRP F 238 14.81 7.48 22.79
N PHE F 239 14.07 7.84 21.75
CA PHE F 239 14.02 9.18 21.21
C PHE F 239 12.58 9.65 21.45
N GLU F 240 12.39 10.58 22.39
CA GLU F 240 11.05 10.98 22.85
C GLU F 240 10.44 12.14 22.07
N GLU F 241 9.29 11.91 21.45
CA GLU F 241 8.56 12.96 20.73
C GLU F 241 9.46 13.76 19.80
N PRO F 242 9.96 13.15 18.72
CA PRO F 242 10.83 13.90 17.83
C PRO F 242 10.07 14.97 17.03
N ILE F 243 8.78 14.76 16.82
CA ILE F 243 7.97 15.72 16.08
C ILE F 243 6.65 15.98 16.81
N PRO F 244 5.95 17.07 16.45
CA PRO F 244 4.66 17.43 17.03
C PRO F 244 3.62 16.31 16.95
N PRO F 245 2.59 16.35 17.83
CA PRO F 245 1.75 15.18 18.05
C PRO F 245 0.59 15.00 17.07
N GLU F 246 0.39 15.95 16.14
CA GLU F 246 -0.84 15.93 15.36
C GLU F 246 -0.89 14.86 14.26
N LYS F 247 0.26 14.40 13.80
CA LYS F 247 0.32 13.41 12.70
C LYS F 247 1.25 12.21 12.97
N PRO F 248 0.72 11.12 13.56
CA PRO F 248 1.51 9.93 13.85
C PRO F 248 2.07 9.27 12.59
N GLU F 249 1.37 9.45 11.48
CA GLU F 249 1.81 8.93 10.19
C GLU F 249 3.17 9.49 9.76
N ASP F 250 3.49 10.70 10.21
CA ASP F 250 4.78 11.32 9.90
C ASP F 250 5.84 10.87 10.90
N MET F 251 5.43 10.57 12.12
CA MET F 251 6.35 10.14 13.15
C MET F 251 6.86 8.74 12.82
N ALA F 252 5.97 7.94 12.27
CA ALA F 252 6.31 6.58 11.87
C ALA F 252 7.49 6.56 10.89
N GLU F 253 7.67 7.67 10.16
CA GLU F 253 8.74 7.81 9.17
C GLU F 253 10.10 8.02 9.86
N VAL F 254 10.06 8.69 11.00
CA VAL F 254 11.22 8.85 11.86
C VAL F 254 11.52 7.51 12.53
N ALA F 255 10.45 6.80 12.93
CA ALA F 255 10.62 5.53 13.66
C ALA F 255 11.25 4.47 12.77
N ARG F 256 10.84 4.42 11.51
CA ARG F 256 11.37 3.42 10.59
C ARG F 256 12.82 3.73 10.17
N TYR F 257 13.19 5.01 10.12
CA TYR F 257 14.52 5.36 9.69
C TYR F 257 15.60 4.95 10.71
N THR F 258 15.38 5.29 11.97
CA THR F 258 16.42 5.08 12.98
C THR F 258 16.32 3.75 13.71
N SER F 259 17.40 3.36 14.38
CA SER F 259 17.42 2.17 15.23
C SER F 259 17.05 2.52 16.67
N ILE F 260 16.95 3.81 16.95
CA ILE F 260 16.55 4.23 18.28
C ILE F 260 15.04 4.04 18.36
N PRO F 261 14.58 3.46 19.47
CA PRO F 261 13.12 3.35 19.61
C PRO F 261 12.53 4.74 19.77
N VAL F 262 11.42 5.00 19.11
CA VAL F 262 10.71 6.25 19.28
C VAL F 262 9.67 6.09 20.37
N ALA F 263 9.56 7.09 21.25
CA ALA F 263 8.63 7.08 22.36
C ALA F 263 7.77 8.33 22.35
N THR F 264 6.47 8.18 22.57
CA THR F 264 5.59 9.33 22.51
C THR F 264 4.35 9.11 23.38
N GLY F 265 3.65 10.20 23.73
CA GLY F 265 2.36 10.12 24.40
C GLY F 265 1.95 11.21 25.39
N GLU F 266 2.89 12.04 25.84
CA GLU F 266 2.55 13.02 26.90
C GLU F 266 1.42 13.99 26.54
N ARG F 267 1.17 14.16 25.25
CA ARG F 267 0.10 15.05 24.82
C ARG F 267 -1.04 14.28 24.14
N LEU F 268 -1.25 13.01 24.48
CA LEU F 268 -2.27 12.22 23.81
C LEU F 268 -3.31 11.70 24.78
N CYS F 269 -4.49 11.40 24.28
CA CYS F 269 -5.55 10.87 25.15
C CYS F 269 -6.48 9.95 24.39
N THR F 270 -7.20 9.13 25.15
CA THR F 270 -8.11 8.12 24.62
C THR F 270 -7.40 7.01 23.84
N LYS F 271 -7.99 5.81 23.87
CA LYS F 271 -7.47 4.70 23.10
C LYS F 271 -7.39 5.06 21.61
N TYR F 272 -8.34 5.86 21.15
CA TYR F 272 -8.43 6.21 19.76
C TYR F 272 -7.15 6.85 19.18
N GLU F 273 -6.57 7.82 19.89
CA GLU F 273 -5.33 8.43 19.43
C GLU F 273 -4.15 7.48 19.58
N PHE F 274 -4.18 6.68 20.63
CA PHE F 274 -3.11 5.73 20.86
C PHE F 274 -3.14 4.58 19.88
N SER F 275 -4.36 4.12 19.53
CA SER F 275 -4.48 3.01 18.61
C SER F 275 -3.85 3.36 17.27
N ARG F 276 -3.86 4.65 16.93
CA ARG F 276 -3.25 5.11 15.70
C ARG F 276 -1.73 5.23 15.82
N VAL F 277 -1.26 5.57 17.01
CA VAL F 277 0.19 5.64 17.20
C VAL F 277 0.78 4.23 17.03
N LEU F 278 0.09 3.23 17.59
CA LEU F 278 0.52 1.85 17.48
C LEU F 278 0.45 1.33 16.05
N GLU F 279 -0.68 1.56 15.37
CA GLU F 279 -0.93 0.97 14.05
C GLU F 279 -0.02 1.52 12.95
N THR F 280 0.32 2.80 13.04
CA THR F 280 1.22 3.43 12.09
C THR F 280 2.67 3.06 12.33
N GLY F 281 2.97 2.61 13.54
CA GLY F 281 4.35 2.31 13.89
C GLY F 281 5.10 3.54 14.36
N ALA F 282 4.36 4.57 14.78
CA ALA F 282 4.94 5.86 15.15
C ALA F 282 5.81 5.78 16.39
N ALA F 283 5.49 4.88 17.30
CA ALA F 283 6.30 4.70 18.48
C ALA F 283 6.12 3.29 19.05
N SER F 284 7.15 2.77 19.71
CA SER F 284 7.14 1.41 20.23
C SER F 284 7.22 1.41 21.73
N ILE F 285 7.40 2.61 22.28
CA ILE F 285 7.33 2.82 23.72
C ILE F 285 6.27 3.89 24.03
N LEU F 286 5.16 3.49 24.67
CA LEU F 286 4.01 4.38 24.90
C LEU F 286 4.13 5.12 26.21
N GLN F 287 4.08 6.45 26.14
CA GLN F 287 4.23 7.29 27.32
C GLN F 287 2.94 7.96 27.77
N MET F 288 1.97 7.20 28.27
CA MET F 288 0.74 7.80 28.79
C MET F 288 1.02 8.65 30.02
N ASN F 289 0.12 9.60 30.27
CA ASN F 289 0.08 10.34 31.51
C ASN F 289 -1.31 10.15 32.09
N LEU F 290 -1.41 9.40 33.18
CA LEU F 290 -2.70 9.00 33.69
C LEU F 290 -3.63 10.14 34.16
N GLY F 291 -3.11 11.36 34.19
CA GLY F 291 -3.94 12.50 34.49
C GLY F 291 -4.46 13.12 33.21
N ARG F 292 -4.31 12.39 32.11
CA ARG F 292 -4.58 12.94 30.79
C ARG F 292 -5.10 11.90 29.80
N VAL F 293 -4.44 10.76 29.77
CA VAL F 293 -4.75 9.71 28.80
C VAL F 293 -6.23 9.30 28.84
N GLY F 294 -6.86 9.40 30.01
CA GLY F 294 -8.26 9.10 30.13
C GLY F 294 -8.60 8.33 31.38
N GLY F 295 -7.60 8.08 32.22
CA GLY F 295 -7.80 7.30 33.43
C GLY F 295 -7.16 5.92 33.44
N LEU F 296 -7.34 5.20 34.55
CA LEU F 296 -6.63 3.96 34.80
C LEU F 296 -7.12 2.79 33.94
N LEU F 297 -8.42 2.73 33.69
CA LEU F 297 -8.97 1.69 32.85
C LEU F 297 -8.59 1.92 31.39
N GLU F 298 -8.89 3.11 30.89
CA GLU F 298 -8.53 3.51 29.53
C GLU F 298 -7.05 3.26 29.26
N ALA F 299 -6.23 3.43 30.29
CA ALA F 299 -4.82 3.12 30.16
C ALA F 299 -4.55 1.59 30.08
N LYS F 300 -5.26 0.80 30.88
CA LYS F 300 -5.05 -0.65 30.84
C LYS F 300 -5.41 -1.16 29.46
N LYS F 301 -6.46 -0.58 28.90
CA LYS F 301 -6.92 -0.98 27.58
C LYS F 301 -5.83 -0.60 26.59
N ILE F 302 -5.24 0.58 26.79
CA ILE F 302 -4.21 1.05 25.88
C ILE F 302 -2.96 0.17 25.95
N ALA F 303 -2.48 -0.14 27.15
CA ALA F 303 -1.32 -1.02 27.30
C ALA F 303 -1.52 -2.39 26.64
N ALA F 304 -2.73 -2.92 26.76
CA ALA F 304 -3.04 -4.20 26.14
C ALA F 304 -2.89 -4.09 24.62
N MET F 305 -3.40 -3.00 24.06
CA MET F 305 -3.31 -2.78 22.61
C MET F 305 -1.86 -2.74 22.16
N ALA F 306 -0.99 -2.18 22.99
CA ALA F 306 0.42 -2.13 22.66
C ALA F 306 1.08 -3.51 22.74
N GLU F 307 0.48 -4.44 23.48
CA GLU F 307 0.95 -5.82 23.49
C GLU F 307 0.79 -6.46 22.11
N CYS F 308 -0.19 -5.98 21.35
CA CYS F 308 -0.43 -6.55 20.03
C CYS F 308 0.47 -5.96 18.97
N HIS F 309 1.40 -5.11 19.37
CA HIS F 309 2.19 -4.34 18.40
C HIS F 309 3.69 -4.21 18.75
N SER F 310 4.17 -5.13 19.58
CA SER F 310 5.58 -5.13 19.97
C SER F 310 5.94 -3.83 20.68
N ALA F 311 4.97 -3.29 21.42
CA ALA F 311 5.20 -2.03 22.13
C ALA F 311 5.11 -2.15 23.65
N GLN F 312 5.80 -1.26 24.34
CA GLN F 312 5.86 -1.25 25.81
C GLN F 312 5.35 0.07 26.37
N ILE F 313 4.99 0.10 27.65
CA ILE F 313 4.54 1.36 28.26
C ILE F 313 5.55 1.94 29.24
N ALA F 314 5.60 3.27 29.29
CA ALA F 314 6.45 4.01 30.22
C ALA F 314 5.75 5.32 30.58
N PRO F 315 4.90 5.27 31.62
CA PRO F 315 4.04 6.37 32.08
C PRO F 315 4.73 7.71 32.28
N HIS F 316 4.27 8.73 31.57
CA HIS F 316 4.78 10.10 31.72
C HIS F 316 4.38 10.71 33.04
N LEU F 317 5.28 11.49 33.63
CA LEU F 317 5.02 12.19 34.89
C LEU F 317 5.77 13.52 34.98
N TYR F 318 5.04 14.63 34.82
CA TYR F 318 5.57 15.94 35.15
C TYR F 318 4.48 16.74 35.83
N CYS F 319 3.96 16.13 36.89
CA CYS F 319 2.89 16.70 37.65
C CYS F 319 3.01 16.15 39.06
N GLY F 320 1.89 15.88 39.70
CA GLY F 320 1.91 15.58 41.11
C GLY F 320 2.04 14.12 41.45
N PRO F 321 2.26 13.85 42.75
CA PRO F 321 2.39 12.49 43.28
C PRO F 321 1.12 11.67 43.08
N LEU F 322 -0.03 12.35 42.97
CA LEU F 322 -1.25 11.61 42.68
C LEU F 322 -1.25 10.95 41.30
N VAL F 323 -0.79 11.66 40.27
CA VAL F 323 -0.64 11.06 38.95
C VAL F 323 0.36 9.88 39.00
N ALA F 324 1.44 10.06 39.76
CA ALA F 324 2.38 8.97 39.98
C ALA F 324 1.70 7.74 40.59
N LEU F 325 0.76 7.97 41.50
CA LEU F 325 0.04 6.86 42.12
C LEU F 325 -0.74 6.03 41.09
N ALA F 326 -1.29 6.69 40.08
CA ALA F 326 -2.00 5.97 39.04
C ALA F 326 -1.02 5.24 38.13
N ASN F 327 -0.04 5.99 37.65
CA ASN F 327 1.08 5.47 36.88
C ASN F 327 1.64 4.18 37.47
N ILE F 328 1.86 4.18 38.79
CA ILE F 328 2.37 3.00 39.49
C ILE F 328 1.39 1.85 39.44
N GLN F 329 0.12 2.14 39.74
CA GLN F 329 -0.94 1.14 39.71
C GLN F 329 -0.98 0.49 38.35
N LEU F 330 -0.96 1.28 37.28
CA LEU F 330 -0.92 0.74 35.93
C LEU F 330 0.35 -0.08 35.71
N ALA F 331 1.51 0.47 36.06
CA ALA F 331 2.78 -0.21 35.79
C ALA F 331 2.88 -1.56 36.49
N THR F 332 2.36 -1.64 37.70
CA THR F 332 2.48 -2.83 38.51
C THR F 332 1.84 -4.04 37.82
N CYS F 333 0.75 -3.79 37.11
CA CYS F 333 -0.04 -4.88 36.55
C CYS F 333 0.14 -5.00 35.03
N SER F 334 1.16 -4.32 34.50
CA SER F 334 1.43 -4.38 33.06
C SER F 334 2.64 -5.26 32.72
N PRO F 335 2.43 -6.27 31.87
CA PRO F 335 3.50 -7.18 31.48
C PRO F 335 4.44 -6.53 30.47
N ASN F 336 4.00 -5.45 29.84
CA ASN F 336 4.86 -4.74 28.90
C ASN F 336 5.41 -3.44 29.45
N PHE F 337 5.53 -3.35 30.77
CA PHE F 337 6.05 -2.13 31.39
C PHE F 337 7.54 -2.11 31.20
N LEU F 338 8.08 -0.92 30.96
CA LEU F 338 9.50 -0.76 30.68
C LEU F 338 10.21 0.03 31.78
N VAL F 339 9.85 1.30 31.94
CA VAL F 339 10.45 2.14 32.96
C VAL F 339 9.44 3.20 33.37
N LEU F 340 9.68 3.88 34.50
CA LEU F 340 8.68 4.76 35.13
C LEU F 340 9.26 6.10 35.51
N GLU F 341 8.75 7.17 34.89
CA GLU F 341 9.21 8.54 35.17
C GLU F 341 9.06 8.89 36.65
N SER F 342 10.07 9.57 37.19
CA SER F 342 10.10 9.94 38.61
C SER F 342 10.73 11.32 38.80
N ILE F 343 10.06 12.17 39.56
CA ILE F 343 10.66 13.43 39.96
C ILE F 343 11.63 13.13 41.11
N ARG F 344 12.93 13.15 40.78
CA ARG F 344 13.98 12.67 41.67
C ARG F 344 13.63 11.30 42.29
N THR F 345 13.78 11.21 43.60
CA THR F 345 13.54 9.96 44.33
C THR F 345 12.20 9.99 45.06
N PHE F 346 11.30 10.87 44.61
CA PHE F 346 9.99 11.08 45.25
C PHE F 346 10.08 11.56 46.72
N ASP F 347 11.18 12.22 47.05
CA ASP F 347 11.38 12.84 48.35
C ASP F 347 10.83 14.26 48.31
N GLY F 348 11.11 15.03 49.35
CA GLY F 348 10.70 16.42 49.40
C GLY F 348 9.20 16.60 49.44
N PHE F 349 8.69 17.44 48.54
CA PHE F 349 7.27 17.80 48.55
C PHE F 349 6.39 16.64 48.10
N PHE F 350 6.93 15.76 47.26
CA PHE F 350 6.18 14.58 46.80
C PHE F 350 5.99 13.54 47.90
N ALA F 351 6.73 13.69 49.00
CA ALA F 351 6.54 12.84 50.17
C ALA F 351 5.66 13.58 51.19
N GLU F 352 5.82 14.90 51.22
CA GLU F 352 5.05 15.74 52.15
C GLU F 352 3.55 15.67 51.85
N LEU F 353 3.19 15.65 50.56
CA LEU F 353 1.81 15.68 50.12
C LEU F 353 1.06 14.37 50.33
N LEU F 354 1.77 13.34 50.77
CA LEU F 354 1.12 12.06 50.94
C LEU F 354 1.21 11.58 52.38
N THR F 355 0.20 10.83 52.82
CA THR F 355 0.20 10.24 54.14
C THR F 355 1.36 9.27 54.31
N ILE F 358 5.72 7.37 49.02
CA ILE F 358 6.16 6.50 47.93
C ILE F 358 7.53 5.81 48.19
N ARG F 359 7.52 4.49 48.28
CA ARG F 359 8.71 3.71 48.63
C ARG F 359 9.73 3.65 47.47
N TRP F 360 10.89 4.27 47.64
CA TRP F 360 11.95 4.29 46.62
C TRP F 360 13.26 3.64 47.11
N GLU F 361 13.67 2.54 46.47
CA GLU F 361 14.88 1.81 46.90
C GLU F 361 15.80 1.41 45.75
N ASN F 362 16.97 2.05 45.67
CA ASN F 362 18.03 1.70 44.70
C ASN F 362 17.60 1.65 43.23
N GLY F 363 16.91 2.70 42.78
CA GLY F 363 16.52 2.81 41.38
C GLY F 363 15.17 2.18 41.03
N TYR F 364 14.46 1.74 42.06
CA TYR F 364 13.24 0.97 41.87
C TYR F 364 12.14 1.40 42.84
N ILE F 365 10.95 1.62 42.29
CA ILE F 365 9.76 1.90 43.09
C ILE F 365 9.14 0.58 43.55
N ILE F 366 9.10 0.35 44.86
CA ILE F 366 8.34 -0.78 45.39
C ILE F 366 6.91 -0.29 45.57
N PRO F 367 5.96 -0.89 44.85
CA PRO F 367 4.59 -0.40 44.90
C PRO F 367 3.95 -0.62 46.27
N SER F 368 2.99 0.23 46.62
CA SER F 368 2.24 0.10 47.86
C SER F 368 1.34 -1.12 47.83
N GLN F 369 1.01 -1.62 49.02
CA GLN F 369 0.15 -2.80 49.13
C GLN F 369 -1.23 -2.47 49.72
N GLU F 370 -1.40 -1.25 50.22
CA GLU F 370 -2.67 -0.84 50.78
C GLU F 370 -3.69 -0.64 49.65
N PRO F 371 -4.99 -0.61 49.96
CA PRO F 371 -6.02 -0.56 48.90
C PRO F 371 -6.00 0.72 48.07
N GLY F 372 -6.72 0.70 46.95
CA GLY F 372 -6.92 1.88 46.11
C GLY F 372 -5.72 2.27 45.29
N LEU F 373 -5.24 3.50 45.47
CA LEU F 373 -4.01 3.94 44.83
C LEU F 373 -2.81 3.72 45.74
N GLY F 374 -3.02 2.96 46.82
CA GLY F 374 -1.95 2.64 47.75
C GLY F 374 -1.56 3.70 48.78
N HIS F 375 -1.82 4.97 48.48
CA HIS F 375 -1.49 6.07 49.37
C HIS F 375 -2.65 7.09 49.44
N ASP F 376 -2.60 8.00 50.41
CA ASP F 376 -3.61 9.06 50.54
C ASP F 376 -3.05 10.49 50.49
N LEU F 377 -3.80 11.41 49.90
CA LEU F 377 -3.40 12.81 49.89
C LEU F 377 -3.53 13.41 51.27
N ASN F 378 -2.45 13.99 51.78
CA ASN F 378 -2.53 14.83 52.97
C ASN F 378 -3.12 16.18 52.57
N GLU F 379 -4.39 16.38 52.93
CA GLU F 379 -5.11 17.56 52.48
C GLU F 379 -4.63 18.82 53.17
N ASP F 380 -4.17 18.67 54.41
CA ASP F 380 -3.70 19.83 55.17
C ASP F 380 -2.49 20.47 54.52
N VAL F 381 -1.59 19.65 53.98
CA VAL F 381 -0.44 20.20 53.29
C VAL F 381 -0.87 20.76 51.95
N ALA F 382 -1.88 20.15 51.35
CA ALA F 382 -2.34 20.57 50.02
C ALA F 382 -2.99 21.95 50.06
N ARG F 383 -3.96 22.11 50.95
CA ARG F 383 -4.67 23.38 51.11
C ARG F 383 -3.75 24.52 51.54
N ALA F 384 -2.83 24.23 52.45
CA ALA F 384 -1.87 25.21 52.95
C ALA F 384 -0.68 25.42 52.00
N ASN F 385 -0.94 25.32 50.70
CA ASN F 385 0.06 25.58 49.68
C ASN F 385 -0.60 26.09 48.40
N PRO F 386 -1.11 27.33 48.43
CA PRO F 386 -1.88 27.82 47.27
C PRO F 386 -1.00 28.04 46.03
N TYR F 387 -1.65 28.29 44.89
CA TYR F 387 -0.91 28.79 43.73
C TYR F 387 -1.34 30.23 43.44
N THR F 388 -0.47 31.17 43.78
CA THR F 388 -0.77 32.58 43.58
C THR F 388 -0.29 33.05 42.20
N GLY F 389 0.47 32.20 41.52
CA GLY F 389 1.08 32.55 40.25
C GLY F 389 0.07 32.74 39.14
N SER F 390 0.55 33.20 37.98
CA SER F 390 -0.32 33.45 36.82
C SER F 390 0.04 32.56 35.62
N ASP F 391 1.29 32.10 35.59
CA ASP F 391 1.77 31.27 34.47
C ASP F 391 1.04 29.92 34.41
N LEU F 392 1.03 29.31 33.22
CA LEU F 392 0.49 27.97 33.04
C LEU F 392 1.57 26.93 33.31
N HIS F 393 1.16 25.74 33.75
CA HIS F 393 2.07 24.66 34.17
C HIS F 393 3.35 24.52 33.32
N LEU F 394 3.17 24.43 32.00
CA LEU F 394 4.29 24.46 31.06
C LEU F 394 4.06 25.48 29.94
N GLY F 395 5.09 25.70 29.13
CA GLY F 395 5.00 26.71 28.11
C GLY F 395 5.98 26.59 26.97
N PHE F 396 5.62 27.21 25.85
CA PHE F 396 6.49 27.25 24.70
C PHE F 396 7.32 28.51 24.70
N GLN F 397 8.39 28.50 23.91
CA GLN F 397 9.08 29.71 23.47
C GLN F 397 8.32 30.32 22.25
N GLU F 398 8.33 31.64 22.13
CA GLU F 398 7.62 32.30 21.04
C GLU F 398 8.58 32.98 20.05
N MET G 2 -3.17 -15.37 50.57
CA MET G 2 -4.25 -15.83 49.68
C MET G 2 -3.75 -16.63 48.50
N ARG G 3 -4.22 -17.88 48.36
CA ARG G 3 -3.70 -18.80 47.34
C ARG G 3 -4.66 -19.92 46.90
N LEU G 4 -4.47 -20.41 45.66
CA LEU G 4 -5.25 -21.53 45.12
C LEU G 4 -4.68 -22.87 45.59
N SER G 5 -5.55 -23.85 45.83
CA SER G 5 -5.12 -25.11 46.44
C SER G 5 -5.49 -26.37 45.66
N ASP G 6 -6.78 -26.60 45.45
CA ASP G 6 -7.29 -27.84 44.86
C ASP G 6 -8.11 -27.60 43.61
N ILE G 7 -8.19 -28.62 42.75
CA ILE G 7 -9.05 -28.58 41.56
C ILE G 7 -9.85 -29.86 41.39
N GLU G 8 -11.12 -29.73 40.99
CA GLU G 8 -11.96 -30.88 40.67
C GLU G 8 -12.57 -30.67 39.28
N THR G 9 -12.67 -31.73 38.48
CA THR G 9 -13.14 -31.58 37.10
C THR G 9 -14.37 -32.42 36.74
N PHE G 10 -15.45 -31.75 36.35
CA PHE G 10 -16.67 -32.45 35.98
C PHE G 10 -16.83 -32.64 34.48
N VAL G 11 -16.73 -33.88 34.01
CA VAL G 11 -17.17 -34.18 32.66
C VAL G 11 -18.64 -34.53 32.75
N VAL G 12 -19.47 -33.76 32.05
CA VAL G 12 -20.92 -33.91 32.14
C VAL G 12 -21.55 -34.20 30.77
N GLY G 13 -22.45 -35.19 30.72
CA GLY G 13 -23.15 -35.54 29.51
C GLY G 13 -24.41 -34.70 29.35
N ASN G 14 -24.62 -34.15 28.15
CA ASN G 14 -25.78 -33.31 27.88
C ASN G 14 -26.98 -34.14 27.40
N PRO G 15 -28.07 -34.14 28.17
CA PRO G 15 -29.27 -34.91 27.82
C PRO G 15 -30.00 -34.32 26.63
N PRO G 16 -30.77 -35.15 25.89
CA PRO G 16 -31.70 -34.73 24.84
C PRO G 16 -32.52 -33.51 25.25
N PRO G 17 -32.69 -32.56 24.33
CA PRO G 17 -32.36 -32.68 22.90
C PRO G 17 -30.90 -32.39 22.53
N ARG G 18 -30.02 -32.23 23.51
CA ARG G 18 -28.58 -32.04 23.29
C ARG G 18 -28.25 -30.73 22.55
N HIS G 19 -29.01 -29.68 22.83
CA HIS G 19 -28.74 -28.37 22.23
C HIS G 19 -27.51 -27.74 22.89
N GLY G 20 -26.43 -27.62 22.13
CA GLY G 20 -25.22 -27.03 22.66
C GLY G 20 -24.08 -28.01 22.86
N GLY G 21 -24.12 -29.13 22.14
CA GLY G 21 -23.04 -30.10 22.18
C GLY G 21 -23.43 -31.47 22.68
N ARG G 22 -22.44 -32.30 23.00
CA ARG G 22 -22.72 -33.61 23.58
C ARG G 22 -22.35 -33.62 25.06
N TYR G 23 -21.30 -32.87 25.39
CA TYR G 23 -20.83 -32.81 26.76
C TYR G 23 -20.41 -31.39 27.15
N PHE G 24 -20.17 -31.19 28.43
CA PHE G 24 -19.59 -29.96 28.92
C PHE G 24 -18.40 -30.39 29.76
N ILE G 25 -17.40 -29.52 29.89
CA ILE G 25 -16.27 -29.79 30.77
C ILE G 25 -16.15 -28.68 31.81
N PHE G 26 -16.47 -28.99 33.07
CA PHE G 26 -16.44 -27.98 34.13
C PHE G 26 -15.19 -28.10 35.01
N VAL G 27 -14.86 -27.00 35.67
CA VAL G 27 -13.75 -26.99 36.62
C VAL G 27 -14.16 -26.28 37.91
N LYS G 28 -13.58 -26.71 39.03
CA LYS G 28 -13.83 -26.07 40.32
C LYS G 28 -12.51 -25.77 40.99
N LEU G 29 -12.28 -24.49 41.29
CA LEU G 29 -11.07 -24.05 41.98
C LEU G 29 -11.39 -23.68 43.41
N VAL G 30 -10.54 -24.11 44.32
CA VAL G 30 -10.71 -23.83 45.74
C VAL G 30 -9.44 -23.16 46.22
N THR G 31 -9.61 -22.26 47.18
CA THR G 31 -8.51 -21.46 47.73
C THR G 31 -8.06 -22.04 49.04
N ALA G 32 -7.09 -21.40 49.68
CA ALA G 32 -6.64 -21.84 50.98
C ALA G 32 -7.79 -21.75 51.99
N CYS G 33 -8.27 -20.53 52.18
CA CYS G 33 -9.29 -20.23 53.17
C CYS G 33 -10.73 -20.46 52.67
N GLY G 34 -10.93 -21.40 51.74
CA GLY G 34 -12.27 -21.83 51.41
C GLY G 34 -12.98 -21.37 50.13
N ILE G 35 -12.70 -20.17 49.64
CA ILE G 35 -13.44 -19.62 48.48
C ILE G 35 -13.45 -20.55 47.26
N THR G 36 -14.53 -20.54 46.49
CA THR G 36 -14.69 -21.46 45.37
C THR G 36 -15.06 -20.77 44.06
N GLY G 37 -14.33 -21.10 42.99
CA GLY G 37 -14.64 -20.61 41.67
C GLY G 37 -15.07 -21.71 40.71
N TYR G 38 -15.98 -21.39 39.80
CA TYR G 38 -16.40 -22.35 38.79
C TYR G 38 -16.04 -21.84 37.40
N GLY G 39 -15.91 -22.76 36.45
CA GLY G 39 -15.53 -22.38 35.10
C GLY G 39 -15.80 -23.51 34.12
N GLU G 40 -15.66 -23.21 32.84
CA GLU G 40 -15.87 -24.21 31.81
C GLU G 40 -14.83 -24.10 30.72
N ILE G 41 -14.40 -25.27 30.21
CA ILE G 41 -13.42 -25.36 29.13
C ILE G 41 -14.10 -25.72 27.82
N TYR G 42 -13.74 -25.03 26.73
CA TYR G 42 -14.32 -25.31 25.43
C TYR G 42 -13.28 -25.94 24.52
N ASN G 43 -13.18 -27.26 24.61
CA ASN G 43 -12.20 -28.01 23.85
C ASN G 43 -12.80 -29.27 23.25
N ALA G 44 -12.51 -29.52 21.97
CA ALA G 44 -13.06 -30.68 21.28
C ALA G 44 -12.05 -31.38 20.37
N THR G 45 -10.84 -30.85 20.30
CA THR G 45 -9.77 -31.51 19.56
C THR G 45 -9.30 -32.80 20.24
N PHE G 46 -9.85 -33.09 21.43
CA PHE G 46 -9.54 -34.32 22.15
C PHE G 46 -10.71 -34.74 22.98
N GLY G 47 -10.76 -36.03 23.33
CA GLY G 47 -11.80 -36.55 24.21
C GLY G 47 -11.81 -35.81 25.53
N PRO G 48 -13.00 -35.48 26.02
CA PRO G 48 -13.19 -34.73 27.27
C PRO G 48 -12.51 -35.39 28.46
N ASP G 49 -12.26 -36.69 28.41
CA ASP G 49 -11.53 -37.34 29.49
C ASP G 49 -10.10 -36.79 29.62
N LEU G 50 -9.40 -36.71 28.49
CA LEU G 50 -8.04 -36.17 28.45
C LEU G 50 -8.02 -34.67 28.74
N VAL G 51 -9.08 -33.99 28.32
CA VAL G 51 -9.16 -32.54 28.49
C VAL G 51 -9.16 -32.17 29.98
N ALA G 52 -9.93 -32.91 30.77
CA ALA G 52 -9.95 -32.69 32.21
C ALA G 52 -8.58 -33.00 32.81
N LYS G 53 -7.96 -34.08 32.37
CA LYS G 53 -6.60 -34.40 32.80
C LYS G 53 -5.65 -33.29 32.39
N MET G 54 -5.90 -32.68 31.24
CA MET G 54 -5.09 -31.55 30.78
C MET G 54 -5.25 -30.37 31.72
N ALA G 55 -6.50 -30.12 32.14
CA ALA G 55 -6.80 -29.05 33.08
C ALA G 55 -6.11 -29.27 34.42
N GLU G 56 -6.17 -30.51 34.92
CA GLU G 56 -5.47 -30.87 36.14
C GLU G 56 -3.99 -30.55 35.96
N ASP G 57 -3.40 -31.04 34.87
CA ASP G 57 -1.98 -30.83 34.57
C ASP G 57 -1.65 -29.34 34.62
N VAL G 58 -2.44 -28.53 33.91
CA VAL G 58 -2.24 -27.09 33.89
C VAL G 58 -2.37 -26.44 35.28
N PHE G 59 -3.38 -26.86 36.04
CA PHE G 59 -3.57 -26.35 37.39
C PHE G 59 -2.38 -26.62 38.29
N ALA G 60 -1.86 -27.84 38.24
CA ALA G 60 -0.71 -28.21 39.04
C ALA G 60 0.52 -27.37 38.69
N ARG G 61 0.81 -27.25 37.40
CA ARG G 61 2.02 -26.57 36.96
C ARG G 61 1.97 -25.06 37.16
N GLN G 62 0.87 -24.45 36.75
CA GLN G 62 0.80 -22.99 36.74
C GLN G 62 -0.03 -22.35 37.86
N PHE G 63 -1.19 -22.91 38.16
CA PHE G 63 -2.16 -22.23 39.03
C PHE G 63 -2.03 -22.47 40.54
N ALA G 64 -1.79 -23.72 40.93
CA ALA G 64 -1.71 -24.09 42.35
C ALA G 64 -0.68 -23.25 43.11
N GLY G 65 -1.04 -22.86 44.32
CA GLY G 65 -0.15 -22.11 45.19
C GLY G 65 0.04 -20.65 44.81
N GLU G 66 -0.89 -20.10 44.05
CA GLU G 66 -0.80 -18.73 43.51
C GLU G 66 -2.03 -17.88 43.86
N ASP G 67 -1.87 -16.56 43.80
CA ASP G 67 -2.98 -15.64 44.05
C ASP G 67 -3.82 -15.46 42.78
N PRO G 68 -5.07 -15.94 42.82
CA PRO G 68 -5.96 -15.81 41.66
C PRO G 68 -6.22 -14.36 41.24
N HIS G 69 -5.78 -13.39 42.03
CA HIS G 69 -5.83 -12.00 41.61
C HIS G 69 -4.84 -11.76 40.49
N HIS G 70 -3.82 -12.59 40.45
CA HIS G 70 -2.69 -12.42 39.55
C HIS G 70 -2.96 -13.00 38.16
N ILE G 71 -4.08 -12.58 37.56
CA ILE G 71 -4.51 -13.11 36.28
C ILE G 71 -3.40 -13.05 35.25
N GLU G 72 -2.80 -11.87 35.11
CA GLU G 72 -1.69 -11.65 34.18
C GLU G 72 -0.55 -12.63 34.39
N LYS G 73 -0.20 -12.89 35.64
CA LYS G 73 0.91 -13.77 35.95
C LYS G 73 0.53 -15.18 35.56
N LEU G 74 -0.62 -15.63 36.04
CA LEU G 74 -1.08 -16.97 35.73
C LEU G 74 -1.23 -17.19 34.22
N TRP G 75 -1.85 -16.23 33.56
CA TRP G 75 -2.12 -16.31 32.13
C TRP G 75 -0.82 -16.52 31.34
N HIS G 76 0.14 -15.62 31.53
CA HIS G 76 1.41 -15.70 30.83
C HIS G 76 2.25 -16.94 31.20
N LYS G 77 2.03 -17.47 32.40
CA LYS G 77 2.70 -18.71 32.78
C LYS G 77 2.19 -19.84 31.90
N THR G 78 0.89 -20.02 31.86
CA THR G 78 0.25 -21.06 31.08
C THR G 78 0.51 -20.92 29.58
N TYR G 79 0.50 -19.67 29.12
CA TYR G 79 0.60 -19.35 27.70
C TYR G 79 2.01 -19.60 27.20
N GLY G 80 2.98 -19.44 28.08
CA GLY G 80 4.38 -19.61 27.71
C GLY G 80 4.94 -20.97 28.06
N ALA G 81 4.14 -21.81 28.71
CA ALA G 81 4.60 -23.11 29.20
C ALA G 81 5.22 -23.92 28.07
N GLY G 82 6.39 -24.49 28.32
CA GLY G 82 7.07 -25.31 27.33
C GLY G 82 7.60 -24.57 26.12
N TYR G 83 7.87 -23.28 26.29
CA TYR G 83 8.41 -22.43 25.23
C TYR G 83 7.55 -22.41 23.96
N THR G 84 6.32 -21.94 24.08
CA THR G 84 5.43 -21.84 22.92
C THR G 84 5.02 -20.38 22.73
N GLN G 85 4.22 -19.86 23.65
CA GLN G 85 3.86 -18.44 23.62
C GLN G 85 3.26 -18.04 22.27
N ARG G 86 2.21 -18.74 21.88
CA ARG G 86 1.57 -18.49 20.61
C ARG G 86 0.16 -19.09 20.71
N PRO G 87 -0.78 -18.53 19.94
CA PRO G 87 -2.17 -18.97 20.11
C PRO G 87 -2.35 -20.45 19.74
N ASP G 88 -2.99 -21.18 20.63
CA ASP G 88 -3.17 -22.61 20.55
C ASP G 88 -4.50 -22.84 21.23
N VAL G 89 -5.52 -23.29 20.51
CA VAL G 89 -6.84 -23.45 21.17
C VAL G 89 -6.93 -24.59 22.17
N THR G 90 -6.02 -25.57 22.07
CA THR G 90 -6.02 -26.68 23.02
C THR G 90 -5.69 -26.15 24.41
N VAL G 91 -4.62 -25.38 24.51
CA VAL G 91 -4.18 -24.78 25.78
C VAL G 91 -5.12 -23.67 26.20
N MET G 92 -5.42 -22.78 25.26
CA MET G 92 -6.22 -21.60 25.52
C MET G 92 -7.60 -21.96 26.05
N GLY G 93 -8.14 -23.10 25.60
CA GLY G 93 -9.42 -23.58 26.07
C GLY G 93 -9.34 -23.94 27.54
N VAL G 94 -8.34 -24.75 27.89
CA VAL G 94 -8.11 -25.15 29.27
C VAL G 94 -7.83 -23.94 30.16
N LEU G 95 -7.14 -22.95 29.60
CA LEU G 95 -6.85 -21.73 30.33
C LEU G 95 -8.12 -20.89 30.56
N SER G 96 -8.93 -20.75 29.51
CA SER G 96 -10.15 -19.96 29.58
C SER G 96 -11.07 -20.40 30.71
N GLY G 97 -10.98 -21.68 31.04
CA GLY G 97 -11.78 -22.25 32.11
C GLY G 97 -11.22 -21.89 33.47
N LEU G 98 -9.90 -21.96 33.60
CA LEU G 98 -9.27 -21.70 34.90
C LEU G 98 -9.38 -20.22 35.25
N GLU G 99 -9.11 -19.38 34.26
CA GLU G 99 -9.16 -17.94 34.43
C GLU G 99 -10.56 -17.49 34.81
N MET G 100 -11.57 -18.03 34.12
CA MET G 100 -12.97 -17.81 34.45
C MET G 100 -13.21 -18.03 35.94
N ALA G 101 -12.70 -19.14 36.45
CA ALA G 101 -12.94 -19.52 37.83
C ALA G 101 -12.28 -18.52 38.75
N CYS G 102 -11.11 -18.04 38.35
CA CYS G 102 -10.41 -17.02 39.12
C CYS G 102 -11.25 -15.77 39.28
N TRP G 103 -11.87 -15.33 38.19
CA TRP G 103 -12.77 -14.18 38.24
C TRP G 103 -14.03 -14.45 39.07
N ASP G 104 -14.37 -15.73 39.24
CA ASP G 104 -15.45 -16.08 40.16
C ASP G 104 -14.94 -15.87 41.58
N ILE G 105 -13.70 -16.29 41.84
CA ILE G 105 -13.11 -16.16 43.17
C ILE G 105 -12.74 -14.71 43.49
N ILE G 106 -12.20 -14.00 42.51
CA ILE G 106 -11.85 -12.59 42.67
C ILE G 106 -13.07 -11.74 43.03
N GLY G 107 -14.15 -11.95 42.30
CA GLY G 107 -15.37 -11.19 42.50
C GLY G 107 -15.98 -11.47 43.84
N LYS G 108 -16.27 -12.75 44.10
CA LYS G 108 -16.83 -13.19 45.38
C LYS G 108 -16.02 -12.66 46.55
N ALA G 109 -14.69 -12.77 46.46
CA ALA G 109 -13.82 -12.28 47.52
C ALA G 109 -14.03 -10.80 47.75
N ALA G 110 -14.23 -10.06 46.65
CA ALA G 110 -14.43 -8.62 46.73
C ALA G 110 -15.91 -8.23 46.83
N GLY G 111 -16.77 -9.23 46.95
CA GLY G 111 -18.20 -9.01 47.10
C GLY G 111 -18.81 -8.15 46.00
N LYS G 112 -18.57 -8.54 44.76
CA LYS G 112 -19.05 -7.76 43.64
C LYS G 112 -19.13 -8.69 42.43
N PRO G 113 -20.00 -8.39 41.46
CA PRO G 113 -19.95 -9.21 40.26
C PRO G 113 -18.67 -8.89 39.49
N ALA G 114 -18.18 -9.82 38.69
CA ALA G 114 -16.97 -9.59 37.91
C ALA G 114 -17.12 -8.41 36.95
N TYR G 115 -18.34 -8.14 36.48
CA TYR G 115 -18.54 -7.04 35.52
C TYR G 115 -18.49 -5.66 36.16
N GLU G 116 -18.57 -5.61 37.48
CA GLU G 116 -18.45 -4.37 38.20
C GLU G 116 -16.98 -4.08 38.51
N LEU G 117 -16.11 -5.03 38.15
CA LEU G 117 -14.68 -4.90 38.35
C LEU G 117 -13.98 -4.57 37.03
N LEU G 118 -14.71 -4.69 35.92
CA LEU G 118 -14.12 -4.50 34.62
C LEU G 118 -14.85 -3.41 33.84
N GLY G 119 -14.98 -2.25 34.47
CA GLY G 119 -15.57 -1.09 33.82
C GLY G 119 -17.01 -0.86 34.24
N GLY G 120 -17.52 -1.73 35.11
CA GLY G 120 -18.86 -1.56 35.63
C GLY G 120 -20.00 -1.79 34.65
N LYS G 121 -21.20 -1.96 35.20
CA LYS G 121 -22.40 -2.24 34.42
C LYS G 121 -22.64 -1.17 33.39
N VAL G 122 -23.20 -1.57 32.26
CA VAL G 122 -23.52 -0.68 31.17
C VAL G 122 -24.89 -1.06 30.62
N HIS G 123 -25.27 -2.32 30.84
CA HIS G 123 -26.56 -2.82 30.37
C HIS G 123 -27.37 -3.45 31.50
N GLU G 124 -28.67 -3.17 31.51
CA GLU G 124 -29.56 -3.83 32.48
C GLU G 124 -30.17 -5.07 31.82
N ARG G 125 -30.24 -5.06 30.50
CA ARG G 125 -30.73 -6.21 29.74
C ARG G 125 -29.87 -6.50 28.51
N LEU G 126 -29.59 -7.78 28.28
CA LEU G 126 -28.74 -8.19 27.17
C LEU G 126 -29.54 -8.81 26.04
N ARG G 127 -29.77 -8.05 24.97
CA ARG G 127 -30.42 -8.55 23.74
C ARG G 127 -29.96 -9.94 23.34
N SER G 128 -30.87 -10.90 23.37
CA SER G 128 -30.50 -12.28 23.07
C SER G 128 -30.95 -12.74 21.68
N TYR G 129 -30.40 -13.87 21.25
CA TYR G 129 -30.84 -14.53 20.03
C TYR G 129 -30.57 -16.02 20.19
N THR G 130 -31.25 -16.82 19.37
CA THR G 130 -31.15 -18.28 19.45
C THR G 130 -31.16 -18.89 18.05
N TYR G 131 -30.65 -20.11 17.91
CA TYR G 131 -30.81 -20.85 16.66
C TYR G 131 -32.27 -21.23 16.48
N LEU G 132 -32.63 -21.64 15.26
CA LEU G 132 -33.98 -22.12 15.00
C LEU G 132 -34.06 -23.63 15.23
N TYR G 133 -34.76 -24.01 16.29
CA TYR G 133 -34.87 -25.40 16.70
C TYR G 133 -36.28 -25.92 16.47
N PRO G 134 -36.40 -27.23 16.16
CA PRO G 134 -37.69 -27.91 15.95
C PRO G 134 -38.61 -27.94 17.18
N ASN G 147 -37.82 -30.50 7.05
CA ASN G 147 -37.80 -30.00 8.41
C ASN G 147 -37.37 -28.52 8.56
N VAL G 148 -36.78 -28.21 9.71
CA VAL G 148 -36.43 -26.83 10.08
C VAL G 148 -35.07 -26.38 9.55
N TYR G 149 -34.20 -27.35 9.26
CA TYR G 149 -32.86 -27.03 8.78
C TYR G 149 -32.78 -27.05 7.26
N ASN G 150 -33.79 -27.61 6.60
CA ASN G 150 -33.76 -27.77 5.15
C ASN G 150 -34.94 -27.16 4.37
N ASP G 151 -36.07 -26.97 5.03
CA ASP G 151 -37.23 -26.35 4.36
C ASP G 151 -37.45 -24.90 4.77
N ALA G 152 -37.46 -24.02 3.78
CA ALA G 152 -37.60 -22.58 4.00
C ALA G 152 -38.83 -22.25 4.84
N ASP G 153 -39.99 -22.71 4.39
CA ASP G 153 -41.25 -22.36 5.02
C ASP G 153 -41.37 -22.84 6.46
N MET G 154 -40.75 -23.98 6.77
CA MET G 154 -40.78 -24.53 8.12
C MET G 154 -39.87 -23.77 9.08
N ALA G 155 -38.88 -23.09 8.54
CA ALA G 155 -37.98 -22.26 9.33
C ALA G 155 -38.66 -20.91 9.56
N ALA G 156 -39.31 -20.42 8.52
CA ALA G 156 -40.12 -19.21 8.59
C ALA G 156 -41.16 -19.33 9.69
N GLU G 157 -41.67 -20.54 9.86
CA GLU G 157 -42.60 -20.79 10.94
C GLU G 157 -41.86 -20.69 12.26
N ALA G 158 -40.80 -21.47 12.41
CA ALA G 158 -40.03 -21.53 13.66
C ALA G 158 -39.54 -20.16 14.07
N ALA G 159 -39.31 -19.29 13.08
CA ALA G 159 -38.95 -17.91 13.36
C ALA G 159 -40.11 -17.12 14.01
N ALA G 160 -41.28 -17.17 13.39
CA ALA G 160 -42.42 -16.37 13.87
C ALA G 160 -42.90 -16.86 15.24
N LYS G 161 -42.55 -18.10 15.57
CA LYS G 161 -42.83 -18.62 16.91
C LYS G 161 -41.87 -17.99 17.91
N ALA G 162 -40.61 -17.86 17.50
CA ALA G 162 -39.57 -17.32 18.36
C ALA G 162 -39.80 -15.84 18.62
N VAL G 163 -40.36 -15.16 17.62
CA VAL G 163 -40.75 -13.77 17.81
C VAL G 163 -41.85 -13.63 18.87
N ASP G 164 -42.84 -14.53 18.85
CA ASP G 164 -43.93 -14.55 19.84
C ASP G 164 -43.39 -14.72 21.27
N GLN G 165 -42.24 -15.37 21.40
CA GLN G 165 -41.61 -15.53 22.70
C GLN G 165 -40.75 -14.32 23.09
N GLY G 166 -40.55 -13.41 22.15
CA GLY G 166 -39.91 -12.15 22.46
C GLY G 166 -38.56 -11.90 21.82
N PHE G 167 -37.96 -12.94 21.24
CA PHE G 167 -36.66 -12.86 20.57
C PHE G 167 -36.61 -11.79 19.51
N THR G 168 -35.50 -11.06 19.46
CA THR G 168 -35.34 -10.02 18.45
C THR G 168 -34.42 -10.43 17.32
N ALA G 169 -33.86 -11.63 17.43
CA ALA G 169 -32.90 -12.10 16.42
C ALA G 169 -32.89 -13.62 16.36
N VAL G 170 -32.80 -14.17 15.16
CA VAL G 170 -32.74 -15.61 14.98
C VAL G 170 -31.58 -15.97 14.06
N LYS G 171 -30.98 -17.14 14.27
CA LYS G 171 -29.87 -17.61 13.43
C LYS G 171 -30.14 -18.99 12.78
N PHE G 172 -29.56 -19.22 11.61
CA PHE G 172 -29.77 -20.44 10.83
C PHE G 172 -28.64 -20.65 9.81
N ASP G 173 -28.21 -21.90 9.64
CA ASP G 173 -27.19 -22.25 8.64
C ASP G 173 -27.82 -23.11 7.56
N PRO G 174 -28.18 -22.49 6.41
CA PRO G 174 -28.79 -23.21 5.30
C PRO G 174 -27.83 -23.38 4.13
N ALA G 175 -26.54 -23.10 4.33
CA ALA G 175 -25.62 -23.05 3.21
C ALA G 175 -24.94 -24.37 2.88
N GLY G 176 -25.50 -25.47 3.37
CA GLY G 176 -24.97 -26.78 3.02
C GLY G 176 -23.88 -27.31 3.93
N ALA G 177 -23.43 -28.54 3.65
CA ALA G 177 -22.50 -29.25 4.52
C ALA G 177 -21.11 -28.64 4.58
N TYR G 178 -20.52 -28.67 5.76
CA TYR G 178 -19.15 -28.19 5.95
C TYR G 178 -18.18 -29.33 6.13
N THR G 179 -17.24 -29.44 5.20
CA THR G 179 -16.35 -30.60 5.15
C THR G 179 -14.96 -30.32 5.74
N ILE G 180 -14.11 -31.34 5.74
CA ILE G 180 -12.75 -31.24 6.27
C ILE G 180 -11.80 -30.71 5.22
N TYR G 181 -12.37 -30.33 4.08
CA TYR G 181 -11.59 -29.88 2.93
C TYR G 181 -11.91 -28.43 2.56
N ASP G 182 -12.87 -27.82 3.26
CA ASP G 182 -13.25 -26.42 3.06
C ASP G 182 -12.00 -25.54 3.02
N GLY G 183 -12.01 -24.47 2.22
CA GLY G 183 -13.22 -23.93 1.61
C GLY G 183 -13.68 -24.44 0.25
N HIS G 184 -15.00 -24.52 0.08
CA HIS G 184 -15.53 -24.90 -1.22
C HIS G 184 -16.37 -23.80 -1.85
N GLN G 185 -17.02 -24.18 -2.95
CA GLN G 185 -17.86 -23.30 -3.72
C GLN G 185 -19.32 -23.68 -3.46
N PRO G 186 -20.23 -22.71 -3.30
CA PRO G 186 -21.59 -23.18 -3.01
C PRO G 186 -22.20 -23.79 -4.26
N SER G 187 -23.10 -24.76 -4.08
CA SER G 187 -23.78 -25.32 -5.23
C SER G 187 -24.92 -24.36 -5.57
N LEU G 188 -25.45 -24.47 -6.78
CA LEU G 188 -26.59 -23.65 -7.16
C LEU G 188 -27.77 -23.90 -6.24
N GLU G 189 -27.88 -25.12 -5.74
CA GLU G 189 -28.96 -25.44 -4.82
C GLU G 189 -28.67 -24.81 -3.46
N ASP G 190 -27.40 -24.81 -3.08
CA ASP G 190 -27.00 -24.16 -1.83
C ASP G 190 -27.37 -22.69 -1.85
N LEU G 191 -27.11 -22.02 -2.98
CA LEU G 191 -27.44 -20.62 -3.12
C LEU G 191 -28.94 -20.44 -3.09
N GLU G 192 -29.64 -21.34 -3.78
CA GLU G 192 -31.09 -21.26 -3.91
C GLU G 192 -31.78 -21.40 -2.56
N ARG G 193 -31.36 -22.39 -1.77
CA ARG G 193 -31.96 -22.61 -0.47
C ARG G 193 -31.57 -21.51 0.51
N SER G 194 -30.35 -21.01 0.38
CA SER G 194 -29.86 -19.93 1.24
C SER G 194 -30.73 -18.70 1.06
N GLU G 195 -30.86 -18.26 -0.20
CA GLU G 195 -31.68 -17.10 -0.47
C GLU G 195 -33.12 -17.34 -0.06
N ALA G 196 -33.64 -18.54 -0.34
CA ALA G 196 -35.05 -18.84 -0.06
C ALA G 196 -35.36 -18.72 1.42
N PHE G 197 -34.40 -19.18 2.24
CA PHE G 197 -34.48 -19.08 3.69
C PHE G 197 -34.58 -17.63 4.15
N CYS G 198 -33.78 -16.75 3.56
CA CYS G 198 -33.80 -15.33 3.93
C CYS G 198 -35.10 -14.64 3.52
N LYS G 199 -35.54 -14.91 2.29
CA LYS G 199 -36.76 -14.31 1.75
C LYS G 199 -37.96 -14.63 2.63
N GLN G 200 -38.20 -15.93 2.81
CA GLN G 200 -39.31 -16.44 3.60
C GLN G 200 -39.32 -15.98 5.06
N ILE G 201 -38.16 -15.97 5.69
CA ILE G 201 -38.09 -15.62 7.10
C ILE G 201 -38.34 -14.12 7.29
N ARG G 202 -37.66 -13.31 6.49
CA ARG G 202 -37.88 -11.86 6.48
C ARG G 202 -39.37 -11.59 6.28
N ALA G 203 -40.01 -12.42 5.46
CA ALA G 203 -41.44 -12.34 5.26
C ALA G 203 -42.26 -12.68 6.53
N ALA G 204 -41.75 -13.58 7.36
CA ALA G 204 -42.50 -13.99 8.53
C ALA G 204 -42.28 -13.08 9.73
N VAL G 205 -41.21 -12.30 9.71
CA VAL G 205 -40.85 -11.53 10.91
C VAL G 205 -40.76 -10.02 10.69
N GLY G 206 -40.76 -9.59 9.45
CA GLY G 206 -40.75 -8.17 9.14
C GLY G 206 -39.58 -7.45 9.77
N THR G 207 -39.87 -6.31 10.39
CA THR G 207 -38.84 -5.48 11.01
C THR G 207 -38.55 -5.91 12.45
N LYS G 208 -39.37 -6.85 12.94
CA LYS G 208 -39.35 -7.26 14.35
C LYS G 208 -38.16 -8.12 14.76
N ALA G 209 -37.41 -8.64 13.80
CA ALA G 209 -36.33 -9.58 14.13
C ALA G 209 -35.22 -9.60 13.09
N ASP G 210 -33.98 -9.42 13.53
CA ASP G 210 -32.82 -9.46 12.64
C ASP G 210 -32.49 -10.89 12.21
N LEU G 211 -31.91 -11.03 11.01
CA LEU G 211 -31.52 -12.33 10.44
C LEU G 211 -30.02 -12.58 10.62
N LEU G 212 -29.67 -13.65 11.33
CA LEU G 212 -28.26 -14.01 11.49
C LEU G 212 -27.88 -15.23 10.63
N PHE G 213 -27.19 -14.99 9.51
CA PHE G 213 -26.85 -16.06 8.58
C PHE G 213 -25.61 -16.76 9.12
N GLY G 214 -25.79 -17.95 9.71
CA GLY G 214 -24.76 -18.51 10.57
C GLY G 214 -23.87 -19.60 10.01
N THR G 215 -23.16 -19.31 8.92
CA THR G 215 -22.28 -20.28 8.25
C THR G 215 -21.13 -20.84 9.12
N HIS G 216 -20.55 -21.94 8.65
CA HIS G 216 -19.49 -22.64 9.38
C HIS G 216 -18.18 -22.73 8.59
N GLY G 217 -17.67 -21.59 8.14
CA GLY G 217 -16.43 -21.54 7.36
C GLY G 217 -16.38 -22.33 6.07
N GLN G 218 -17.55 -22.68 5.51
CA GLN G 218 -17.64 -23.55 4.33
C GLN G 218 -16.81 -23.11 3.14
N PHE G 219 -16.84 -21.82 2.84
CA PHE G 219 -16.50 -21.37 1.50
C PHE G 219 -15.13 -20.76 1.30
N THR G 220 -14.74 -20.67 0.04
CA THR G 220 -13.59 -19.87 -0.34
C THR G 220 -14.08 -18.43 -0.42
N VAL G 221 -13.15 -17.49 -0.46
CA VAL G 221 -13.49 -16.09 -0.58
C VAL G 221 -14.42 -15.80 -1.74
N SER G 222 -14.11 -16.35 -2.92
CA SER G 222 -14.95 -16.16 -4.10
C SER G 222 -16.31 -16.83 -3.92
N GLY G 223 -16.30 -18.00 -3.29
CA GLY G 223 -17.53 -18.70 -2.97
C GLY G 223 -18.42 -17.90 -2.05
N ALA G 224 -17.84 -17.20 -1.09
CA ALA G 224 -18.63 -16.42 -0.15
C ALA G 224 -19.17 -15.15 -0.83
N LYS G 225 -18.35 -14.48 -1.63
CA LYS G 225 -18.86 -13.35 -2.42
C LYS G 225 -20.09 -13.73 -3.22
N ARG G 226 -20.07 -14.87 -3.91
CA ARG G 226 -21.22 -15.34 -4.69
C ARG G 226 -22.50 -15.44 -3.88
N LEU G 227 -22.40 -15.97 -2.68
CA LEU G 227 -23.55 -16.14 -1.81
C LEU G 227 -24.05 -14.79 -1.24
N ALA G 228 -23.08 -13.96 -0.84
CA ALA G 228 -23.36 -12.66 -0.26
C ALA G 228 -24.25 -11.83 -1.16
N ARG G 229 -24.00 -11.95 -2.46
CA ARG G 229 -24.72 -11.18 -3.45
C ARG G 229 -26.20 -11.46 -3.40
N ARG G 230 -26.56 -12.71 -3.08
CA ARG G 230 -27.95 -13.12 -3.07
C ARG G 230 -28.62 -13.06 -1.69
N LEU G 231 -28.00 -12.37 -0.74
CA LEU G 231 -28.60 -12.19 0.59
C LEU G 231 -28.70 -10.73 0.99
N GLU G 232 -27.82 -9.89 0.43
CA GLU G 232 -27.80 -8.45 0.71
C GLU G 232 -29.20 -7.83 0.80
N ALA G 233 -30.11 -8.28 -0.06
CA ALA G 233 -31.39 -7.63 -0.25
C ALA G 233 -32.35 -7.87 0.91
N TYR G 234 -31.96 -8.75 1.82
CA TYR G 234 -32.81 -9.09 2.96
C TYR G 234 -32.21 -8.57 4.26
N ASP G 235 -31.25 -7.66 4.10
CA ASP G 235 -30.63 -6.93 5.21
C ASP G 235 -30.23 -7.80 6.39
N PRO G 236 -29.49 -8.88 6.15
CA PRO G 236 -29.09 -9.74 7.26
C PRO G 236 -28.18 -8.96 8.20
N LEU G 237 -28.38 -9.15 9.50
CA LEU G 237 -27.59 -8.48 10.51
C LEU G 237 -26.13 -8.91 10.44
N TRP G 238 -25.89 -10.19 10.12
CA TRP G 238 -24.54 -10.61 9.80
C TRP G 238 -24.42 -11.85 8.93
N PHE G 239 -23.18 -12.14 8.56
CA PHE G 239 -22.78 -13.26 7.71
C PHE G 239 -21.61 -13.88 8.47
N GLU G 240 -21.89 -14.94 9.23
CA GLU G 240 -20.93 -15.55 10.14
C GLU G 240 -19.88 -16.38 9.38
N GLU G 241 -18.63 -16.27 9.81
CA GLU G 241 -17.50 -17.05 9.32
C GLU G 241 -17.61 -17.51 7.88
N PRO G 242 -17.64 -16.57 6.93
CA PRO G 242 -17.89 -16.93 5.53
C PRO G 242 -16.80 -17.82 4.93
N ILE G 243 -15.60 -17.81 5.49
CA ILE G 243 -14.51 -18.67 5.04
C ILE G 243 -13.80 -19.23 6.28
N PRO G 244 -12.84 -20.16 6.09
CA PRO G 244 -12.10 -20.68 7.26
C PRO G 244 -11.30 -19.59 7.98
N PRO G 245 -10.68 -19.91 9.14
CA PRO G 245 -10.07 -18.86 9.97
C PRO G 245 -8.56 -18.58 9.85
N GLU G 246 -7.83 -19.29 9.00
CA GLU G 246 -6.37 -19.19 9.04
C GLU G 246 -5.83 -17.88 8.48
N LYS G 247 -6.56 -17.32 7.50
CA LYS G 247 -6.14 -16.07 6.86
C LYS G 247 -7.20 -14.96 6.97
N PRO G 248 -7.13 -14.13 8.03
CA PRO G 248 -8.11 -13.04 8.15
C PRO G 248 -8.00 -12.12 6.96
N GLU G 249 -6.80 -12.01 6.40
CA GLU G 249 -6.54 -11.18 5.22
C GLU G 249 -7.51 -11.50 4.10
N ASP G 250 -7.83 -12.79 3.96
CA ASP G 250 -8.74 -13.25 2.91
C ASP G 250 -10.17 -12.87 3.23
N MET G 251 -10.57 -13.14 4.48
CA MET G 251 -11.91 -12.78 4.96
C MET G 251 -12.25 -11.32 4.60
N ALA G 252 -11.25 -10.46 4.71
CA ALA G 252 -11.41 -9.03 4.51
C ALA G 252 -11.94 -8.66 3.11
N GLU G 253 -11.81 -9.59 2.17
CA GLU G 253 -12.30 -9.35 0.81
C GLU G 253 -13.81 -9.47 0.81
N VAL G 254 -14.31 -10.48 1.52
CA VAL G 254 -15.74 -10.69 1.65
C VAL G 254 -16.33 -9.48 2.35
N ALA G 255 -15.79 -9.15 3.53
CA ALA G 255 -16.27 -7.99 4.30
C ALA G 255 -16.35 -6.68 3.50
N ARG G 256 -15.34 -6.43 2.67
CA ARG G 256 -15.29 -5.22 1.83
C ARG G 256 -16.24 -5.25 0.64
N TYR G 257 -16.62 -6.45 0.17
CA TYR G 257 -17.46 -6.55 -1.03
C TYR G 257 -18.97 -6.41 -0.75
N THR G 258 -19.40 -6.82 0.44
CA THR G 258 -20.82 -6.89 0.77
C THR G 258 -21.22 -5.86 1.82
N SER G 259 -22.50 -5.48 1.82
CA SER G 259 -23.04 -4.56 2.80
C SER G 259 -23.39 -5.29 4.09
N ILE G 260 -23.55 -6.61 3.99
CA ILE G 260 -23.74 -7.46 5.15
C ILE G 260 -22.48 -7.52 5.98
N PRO G 261 -22.60 -7.20 7.28
CA PRO G 261 -21.48 -7.32 8.20
C PRO G 261 -20.95 -8.75 8.27
N VAL G 262 -19.65 -8.91 8.42
CA VAL G 262 -19.07 -10.23 8.60
C VAL G 262 -18.81 -10.43 10.08
N ALA G 263 -19.22 -11.58 10.60
CA ALA G 263 -18.99 -11.90 12.00
C ALA G 263 -18.12 -13.16 12.09
N THR G 264 -17.19 -13.21 13.02
CA THR G 264 -16.29 -14.36 13.10
C THR G 264 -15.66 -14.47 14.46
N GLY G 265 -15.01 -15.60 14.72
CA GLY G 265 -14.12 -15.69 15.86
C GLY G 265 -14.40 -16.81 16.83
N GLU G 266 -15.41 -17.64 16.55
CA GLU G 266 -15.74 -18.74 17.46
C GLU G 266 -14.58 -19.74 17.53
N ARG G 267 -13.71 -19.69 16.51
CA ARG G 267 -12.56 -20.57 16.42
C ARG G 267 -11.21 -19.86 16.67
N LEU G 268 -11.24 -18.66 17.25
CA LEU G 268 -10.01 -17.91 17.47
C LEU G 268 -9.65 -17.81 18.96
N CYS G 269 -8.44 -17.36 19.28
CA CYS G 269 -8.08 -17.15 20.67
C CYS G 269 -6.94 -16.13 20.81
N THR G 270 -6.86 -15.55 22.01
CA THR G 270 -5.92 -14.48 22.34
C THR G 270 -6.18 -13.14 21.62
N LYS G 271 -5.72 -12.07 22.23
CA LYS G 271 -5.80 -10.75 21.64
C LYS G 271 -5.09 -10.70 20.29
N TYR G 272 -4.16 -11.61 20.08
CA TYR G 272 -3.31 -11.52 18.89
C TYR G 272 -4.08 -11.83 17.61
N GLU G 273 -4.91 -12.86 17.65
CA GLU G 273 -5.65 -13.25 16.47
C GLU G 273 -6.80 -12.29 16.18
N PHE G 274 -7.42 -11.77 17.25
CA PHE G 274 -8.52 -10.84 17.09
C PHE G 274 -8.02 -9.50 16.63
N SER G 275 -6.84 -9.11 17.15
CA SER G 275 -6.15 -7.93 16.69
C SER G 275 -6.04 -7.94 15.16
N ARG G 276 -5.51 -9.02 14.62
CA ARG G 276 -5.33 -9.14 13.19
C ARG G 276 -6.69 -9.15 12.45
N VAL G 277 -7.72 -9.68 13.09
CA VAL G 277 -9.05 -9.60 12.51
C VAL G 277 -9.52 -8.15 12.40
N LEU G 278 -9.27 -7.37 13.43
CA LEU G 278 -9.65 -5.96 13.45
C LEU G 278 -8.85 -5.08 12.49
N GLU G 279 -7.55 -5.29 12.41
CA GLU G 279 -6.72 -4.42 11.60
C GLU G 279 -6.89 -4.65 10.11
N THR G 280 -7.06 -5.90 9.70
CA THR G 280 -7.21 -6.23 8.29
C THR G 280 -8.58 -5.90 7.75
N GLY G 281 -9.53 -5.67 8.64
CA GLY G 281 -10.89 -5.38 8.24
C GLY G 281 -11.66 -6.65 7.91
N ALA G 282 -11.35 -7.73 8.61
CA ALA G 282 -11.96 -9.03 8.33
C ALA G 282 -13.40 -9.14 8.81
N ALA G 283 -13.70 -8.52 9.95
CA ALA G 283 -15.02 -8.62 10.54
C ALA G 283 -15.33 -7.42 11.41
N SER G 284 -16.60 -7.02 11.45
CA SER G 284 -17.00 -5.91 12.31
C SER G 284 -17.72 -6.42 13.56
N ILE G 285 -18.07 -7.71 13.57
CA ILE G 285 -18.65 -8.35 14.77
C ILE G 285 -17.81 -9.51 15.24
N LEU G 286 -17.32 -9.42 16.48
CA LEU G 286 -16.44 -10.42 17.07
C LEU G 286 -17.21 -11.40 17.92
N GLN G 287 -16.88 -12.67 17.80
CA GLN G 287 -17.65 -13.70 18.47
C GLN G 287 -16.79 -14.55 19.37
N MET G 288 -16.30 -13.97 20.46
CA MET G 288 -15.52 -14.71 21.43
C MET G 288 -16.34 -15.81 22.11
N ASN G 289 -15.73 -16.97 22.29
CA ASN G 289 -16.26 -17.94 23.23
C ASN G 289 -15.33 -17.91 24.42
N LEU G 290 -15.83 -17.46 25.56
CA LEU G 290 -14.97 -17.27 26.74
C LEU G 290 -14.46 -18.59 27.34
N GLY G 291 -14.86 -19.70 26.72
CA GLY G 291 -14.30 -20.99 27.05
C GLY G 291 -13.13 -21.31 26.13
N ARG G 292 -12.81 -20.35 25.27
CA ARG G 292 -11.74 -20.52 24.31
C ARG G 292 -10.85 -19.29 24.14
N VAL G 293 -11.47 -18.11 24.18
CA VAL G 293 -10.80 -16.87 23.79
C VAL G 293 -9.50 -16.59 24.55
N GLY G 294 -9.42 -17.03 25.80
CA GLY G 294 -8.25 -16.79 26.61
C GLY G 294 -8.59 -16.44 28.05
N GLY G 295 -9.89 -16.30 28.32
CA GLY G 295 -10.36 -15.89 29.62
C GLY G 295 -11.20 -14.64 29.51
N LEU G 296 -11.75 -14.19 30.64
CA LEU G 296 -12.60 -13.01 30.72
C LEU G 296 -11.80 -11.70 30.62
N LEU G 297 -10.65 -11.64 31.27
CA LEU G 297 -9.78 -10.48 31.17
C LEU G 297 -9.23 -10.32 29.76
N GLU G 298 -8.90 -11.43 29.11
CA GLU G 298 -8.43 -11.37 27.74
C GLU G 298 -9.55 -10.94 26.80
N ALA G 299 -10.76 -11.43 27.07
CA ALA G 299 -11.96 -11.05 26.32
C ALA G 299 -12.24 -9.55 26.37
N LYS G 300 -12.14 -8.96 27.56
CA LYS G 300 -12.38 -7.53 27.75
C LYS G 300 -11.39 -6.68 26.94
N LYS G 301 -10.13 -7.10 26.93
CA LYS G 301 -9.12 -6.38 26.15
C LYS G 301 -9.52 -6.42 24.68
N ILE G 302 -9.98 -7.58 24.22
CA ILE G 302 -10.40 -7.70 22.83
C ILE G 302 -11.58 -6.79 22.52
N ALA G 303 -12.55 -6.73 23.42
CA ALA G 303 -13.68 -5.82 23.26
C ALA G 303 -13.19 -4.39 23.10
N ALA G 304 -12.19 -4.01 23.90
CA ALA G 304 -11.70 -2.65 23.88
C ALA G 304 -11.00 -2.37 22.56
N MET G 305 -10.24 -3.35 22.09
CA MET G 305 -9.63 -3.25 20.77
C MET G 305 -10.71 -3.02 19.71
N ALA G 306 -11.83 -3.74 19.86
CA ALA G 306 -12.95 -3.61 18.95
C ALA G 306 -13.51 -2.19 18.93
N GLU G 307 -13.46 -1.51 20.07
CA GLU G 307 -13.93 -0.12 20.10
C GLU G 307 -13.13 0.75 19.14
N CYS G 308 -11.88 0.40 18.94
CA CYS G 308 -11.00 1.22 18.10
C CYS G 308 -11.11 0.95 16.61
N HIS G 309 -12.04 0.10 16.22
CA HIS G 309 -12.16 -0.22 14.78
C HIS G 309 -13.62 -0.36 14.34
N SER G 310 -14.51 0.33 15.02
CA SER G 310 -15.91 0.35 14.59
C SER G 310 -16.46 -1.07 14.58
N ALA G 311 -16.08 -1.86 15.59
CA ALA G 311 -16.45 -3.27 15.70
C ALA G 311 -17.19 -3.59 16.99
N GLN G 312 -18.06 -4.59 16.94
CA GLN G 312 -18.89 -4.93 18.08
C GLN G 312 -18.70 -6.37 18.54
N ILE G 313 -19.11 -6.68 19.77
CA ILE G 313 -19.01 -8.05 20.26
C ILE G 313 -20.37 -8.76 20.31
N ALA G 314 -20.34 -10.07 20.08
CA ALA G 314 -21.52 -10.93 20.18
C ALA G 314 -21.04 -12.33 20.57
N PRO G 315 -20.82 -12.53 21.88
CA PRO G 315 -20.23 -13.74 22.46
C PRO G 315 -20.81 -15.04 21.92
N HIS G 316 -19.94 -16.03 21.69
CA HIS G 316 -20.35 -17.31 21.15
C HIS G 316 -20.65 -18.35 22.24
N LEU G 317 -21.68 -19.15 22.01
CA LEU G 317 -22.08 -20.14 23.00
C LEU G 317 -22.61 -21.41 22.32
N TYR G 318 -21.80 -22.46 22.31
CA TYR G 318 -22.29 -23.78 21.99
C TYR G 318 -21.63 -24.76 22.95
N CYS G 319 -21.98 -24.60 24.21
CA CYS G 319 -21.42 -25.38 25.30
C CYS G 319 -22.29 -25.11 26.54
N GLY G 320 -21.71 -25.24 27.73
CA GLY G 320 -22.49 -25.21 28.95
C GLY G 320 -22.80 -23.83 29.52
N PRO G 321 -23.72 -23.80 30.51
CA PRO G 321 -24.16 -22.59 31.22
C PRO G 321 -23.03 -21.72 31.77
N LEU G 322 -21.92 -22.32 32.16
CA LEU G 322 -20.84 -21.54 32.77
C LEU G 322 -20.07 -20.66 31.79
N VAL G 323 -19.74 -21.18 30.61
CA VAL G 323 -19.21 -20.31 29.56
C VAL G 323 -20.18 -19.16 29.35
N ALA G 324 -21.45 -19.50 29.19
CA ALA G 324 -22.51 -18.51 29.05
C ALA G 324 -22.49 -17.46 30.16
N LEU G 325 -22.28 -17.89 31.40
CA LEU G 325 -22.25 -16.98 32.53
C LEU G 325 -21.17 -15.92 32.35
N ALA G 326 -19.98 -16.35 31.97
CA ALA G 326 -18.89 -15.45 31.67
C ALA G 326 -19.22 -14.55 30.48
N ASN G 327 -19.88 -15.11 29.46
CA ASN G 327 -20.30 -14.34 28.30
C ASN G 327 -21.08 -13.11 28.78
N ILE G 328 -21.95 -13.33 29.77
CA ILE G 328 -22.80 -12.28 30.32
C ILE G 328 -21.98 -11.23 31.03
N GLN G 329 -20.98 -11.67 31.80
CA GLN G 329 -20.11 -10.76 32.54
C GLN G 329 -19.42 -9.79 31.59
N LEU G 330 -18.91 -10.30 30.48
CA LEU G 330 -18.35 -9.46 29.45
C LEU G 330 -19.40 -8.48 28.91
N ALA G 331 -20.53 -9.03 28.44
CA ALA G 331 -21.55 -8.23 27.77
C ALA G 331 -22.09 -7.08 28.63
N THR G 332 -22.30 -7.35 29.92
CA THR G 332 -22.90 -6.37 30.82
C THR G 332 -22.07 -5.09 30.94
N CYS G 333 -20.76 -5.22 30.77
CA CYS G 333 -19.85 -4.10 30.98
C CYS G 333 -19.12 -3.65 29.73
N SER G 334 -19.69 -3.93 28.57
CA SER G 334 -19.08 -3.57 27.30
C SER G 334 -19.99 -2.66 26.52
N PRO G 335 -19.56 -1.42 26.28
CA PRO G 335 -20.30 -0.45 25.47
C PRO G 335 -20.63 -0.98 24.07
N ASN G 336 -19.71 -1.71 23.46
CA ASN G 336 -19.91 -2.19 22.09
C ASN G 336 -20.50 -3.61 21.98
N PHE G 337 -21.37 -3.97 22.91
CA PHE G 337 -22.11 -5.23 22.85
C PHE G 337 -23.24 -5.13 21.84
N LEU G 338 -23.40 -6.14 21.00
CA LEU G 338 -24.48 -6.16 20.01
C LEU G 338 -25.61 -7.10 20.40
N VAL G 339 -25.28 -8.38 20.60
CA VAL G 339 -26.29 -9.39 20.92
C VAL G 339 -25.63 -10.60 21.56
N LEU G 340 -26.40 -11.38 22.31
CA LEU G 340 -25.86 -12.54 23.03
C LEU G 340 -26.54 -13.84 22.62
N GLU G 341 -25.76 -14.89 22.45
CA GLU G 341 -26.31 -16.17 21.98
C GLU G 341 -27.09 -16.83 23.11
N SER G 342 -28.14 -17.55 22.76
CA SER G 342 -28.96 -18.20 23.76
C SER G 342 -29.45 -19.59 23.37
N ILE G 343 -30.25 -20.17 24.26
CA ILE G 343 -30.75 -21.53 24.11
C ILE G 343 -32.26 -21.59 24.40
N GLY G 348 -33.84 -25.05 30.43
CA GLY G 348 -33.96 -26.50 30.44
C GLY G 348 -32.99 -27.19 31.38
N PHE G 349 -32.14 -28.08 30.85
CA PHE G 349 -31.09 -28.72 31.64
C PHE G 349 -30.00 -27.71 31.99
N PHE G 350 -29.96 -26.62 31.23
CA PHE G 350 -29.04 -25.52 31.49
C PHE G 350 -29.28 -24.90 32.85
N ALA G 351 -30.53 -24.54 33.13
CA ALA G 351 -30.88 -23.96 34.42
C ALA G 351 -30.77 -24.99 35.56
N GLU G 352 -30.70 -26.28 35.21
CA GLU G 352 -30.62 -27.33 36.22
C GLU G 352 -29.22 -27.44 36.83
N LEU G 353 -28.19 -27.31 35.99
CA LEU G 353 -26.80 -27.38 36.45
C LEU G 353 -26.40 -26.20 37.33
N LEU G 354 -27.09 -25.07 37.20
CA LEU G 354 -26.82 -23.92 38.06
C LEU G 354 -27.75 -23.87 39.30
N THR G 355 -27.24 -23.31 40.38
CA THR G 355 -28.05 -23.07 41.58
C THR G 355 -29.25 -22.19 41.21
N THR G 356 -29.03 -20.90 41.01
CA THR G 356 -30.05 -19.98 40.50
C THR G 356 -30.03 -19.97 38.96
N PRO G 357 -31.22 -20.07 38.34
CA PRO G 357 -31.29 -20.12 36.87
C PRO G 357 -30.97 -18.78 36.21
N ILE G 358 -30.62 -18.81 34.94
CA ILE G 358 -30.36 -17.60 34.17
C ILE G 358 -31.67 -16.89 33.84
N ARG G 359 -31.75 -15.61 34.18
CA ARG G 359 -32.99 -14.87 33.98
C ARG G 359 -33.19 -14.42 32.51
N TRP G 360 -34.30 -14.85 31.92
CA TRP G 360 -34.67 -14.49 30.55
C TRP G 360 -36.07 -13.87 30.49
N GLU G 361 -36.19 -12.72 29.82
CA GLU G 361 -37.43 -11.95 29.76
C GLU G 361 -37.61 -11.25 28.41
N ASN G 362 -38.38 -11.84 27.51
CA ASN G 362 -38.72 -11.20 26.23
C ASN G 362 -37.54 -10.84 25.32
N GLY G 363 -36.69 -11.81 25.00
CA GLY G 363 -35.57 -11.57 24.12
C GLY G 363 -34.40 -10.91 24.83
N TYR G 364 -34.43 -10.90 26.16
CA TYR G 364 -33.38 -10.28 26.95
C TYR G 364 -32.98 -11.06 28.20
N ILE G 365 -31.67 -11.28 28.34
CA ILE G 365 -31.14 -11.86 29.56
C ILE G 365 -31.02 -10.72 30.56
N ILE G 366 -31.18 -11.04 31.83
CA ILE G 366 -30.89 -10.07 32.87
C ILE G 366 -29.73 -10.59 33.71
N PRO G 367 -28.64 -9.81 33.79
CA PRO G 367 -27.44 -10.21 34.51
C PRO G 367 -27.65 -10.29 36.01
N SER G 368 -27.11 -11.35 36.61
CA SER G 368 -27.10 -11.49 38.05
C SER G 368 -26.25 -10.41 38.73
N GLN G 369 -26.57 -10.13 39.99
CA GLN G 369 -25.82 -9.18 40.80
C GLN G 369 -25.21 -9.88 41.97
N GLU G 370 -25.29 -11.20 41.96
CA GLU G 370 -24.51 -12.02 42.87
C GLU G 370 -23.05 -11.92 42.42
N PRO G 371 -22.11 -11.93 43.38
CA PRO G 371 -20.69 -11.75 43.07
C PRO G 371 -20.10 -12.77 42.10
N GLY G 372 -19.10 -12.34 41.34
CA GLY G 372 -18.37 -13.23 40.46
C GLY G 372 -19.08 -13.53 39.15
N LEU G 373 -19.31 -14.81 38.89
CA LEU G 373 -20.01 -15.20 37.68
C LEU G 373 -21.53 -15.09 37.91
N GLY G 374 -21.91 -14.61 39.10
CA GLY G 374 -23.30 -14.32 39.44
C GLY G 374 -24.06 -15.55 39.88
N HIS G 375 -23.50 -16.72 39.58
CA HIS G 375 -24.17 -17.97 39.83
C HIS G 375 -23.16 -18.99 40.34
N ASP G 376 -23.64 -20.20 40.63
CA ASP G 376 -22.81 -21.30 41.11
C ASP G 376 -23.24 -22.59 40.43
N LEU G 377 -22.27 -23.42 40.07
CA LEU G 377 -22.58 -24.73 39.54
C LEU G 377 -23.11 -25.60 40.66
N ASN G 378 -24.27 -26.19 40.46
CA ASN G 378 -24.71 -27.26 41.34
C ASN G 378 -23.83 -28.46 41.05
N GLU G 379 -23.09 -28.91 42.06
CA GLU G 379 -22.14 -30.00 41.84
C GLU G 379 -22.83 -31.36 41.87
N ASP G 380 -23.94 -31.44 42.59
CA ASP G 380 -24.68 -32.70 42.70
C ASP G 380 -25.28 -33.12 41.37
N VAL G 381 -25.85 -32.15 40.67
CA VAL G 381 -26.43 -32.43 39.37
C VAL G 381 -25.34 -32.78 38.37
N ALA G 382 -24.23 -32.03 38.38
CA ALA G 382 -23.11 -32.29 37.48
C ALA G 382 -22.54 -33.70 37.61
N ARG G 383 -22.21 -34.10 38.84
CA ARG G 383 -21.69 -35.44 39.09
C ARG G 383 -22.70 -36.52 38.69
N ALA G 384 -23.97 -36.24 38.91
CA ALA G 384 -25.02 -37.21 38.61
C ALA G 384 -25.25 -37.45 37.10
N ASN G 385 -24.50 -36.75 36.24
CA ASN G 385 -24.63 -36.98 34.79
C ASN G 385 -23.31 -37.04 34.05
N PRO G 386 -22.52 -38.11 34.27
CA PRO G 386 -21.27 -38.29 33.53
C PRO G 386 -21.51 -38.54 32.03
N TYR G 387 -20.48 -38.42 31.20
CA TYR G 387 -20.69 -38.47 29.74
C TYR G 387 -20.72 -39.87 29.17
N MET H 2 -1.56 50.03 16.60
CA MET H 2 -2.85 49.32 16.65
C MET H 2 -2.75 48.03 17.45
N ARG H 3 -3.53 47.95 18.54
CA ARG H 3 -3.50 46.77 19.42
C ARG H 3 -4.82 46.53 20.14
N LEU H 4 -5.04 45.29 20.59
CA LEU H 4 -6.31 44.93 21.21
C LEU H 4 -6.34 45.40 22.66
N SER H 5 -7.52 45.83 23.13
CA SER H 5 -7.67 46.35 24.49
C SER H 5 -8.62 45.56 25.38
N ASP H 6 -9.92 45.63 25.09
CA ASP H 6 -10.91 45.09 26.00
C ASP H 6 -11.71 43.94 25.41
N ILE H 7 -12.22 43.10 26.30
CA ILE H 7 -13.09 42.00 25.89
C ILE H 7 -14.37 41.99 26.72
N GLU H 8 -15.49 41.62 26.08
CA GLU H 8 -16.74 41.42 26.77
C GLU H 8 -17.43 40.15 26.27
N THR H 9 -17.88 39.33 27.21
CA THR H 9 -18.54 38.07 26.87
C THR H 9 -20.05 38.23 27.01
N PHE H 10 -20.77 37.65 26.06
CA PHE H 10 -22.23 37.66 26.12
C PHE H 10 -22.74 36.23 26.15
N VAL H 11 -23.60 35.94 27.11
CA VAL H 11 -24.29 34.66 27.14
C VAL H 11 -25.78 34.90 26.90
N VAL H 12 -26.24 34.52 25.71
CA VAL H 12 -27.61 34.81 25.30
C VAL H 12 -28.45 33.54 25.23
N GLY H 13 -29.55 33.52 25.96
CA GLY H 13 -30.46 32.39 25.94
C GLY H 13 -31.33 32.39 24.71
N ASN H 14 -31.46 31.23 24.08
CA ASN H 14 -32.25 31.09 22.87
C ASN H 14 -33.69 30.75 23.23
N PRO H 15 -34.64 31.61 22.83
CA PRO H 15 -36.09 31.44 23.05
C PRO H 15 -36.71 30.41 22.11
N PRO H 16 -37.91 29.90 22.45
CA PRO H 16 -38.67 28.99 21.60
C PRO H 16 -38.86 29.57 20.19
N PRO H 17 -38.91 28.70 19.17
CA PRO H 17 -38.78 27.24 19.31
C PRO H 17 -37.34 26.72 19.40
N ARG H 18 -36.40 27.58 19.79
CA ARG H 18 -35.01 27.19 20.01
C ARG H 18 -34.37 26.40 18.88
N HIS H 19 -34.61 26.83 17.64
CA HIS H 19 -33.92 26.22 16.51
C HIS H 19 -32.49 26.70 16.49
N GLY H 20 -31.56 25.78 16.78
CA GLY H 20 -30.15 26.10 16.77
C GLY H 20 -29.51 26.17 18.14
N GLY H 21 -29.95 25.31 19.05
CA GLY H 21 -29.31 25.21 20.35
C GLY H 21 -30.03 25.95 21.46
N ARG H 22 -29.50 25.83 22.68
CA ARG H 22 -30.16 26.37 23.87
C ARG H 22 -29.62 27.74 24.28
N TYR H 23 -28.39 28.05 23.88
CA TYR H 23 -27.77 29.34 24.17
C TYR H 23 -26.74 29.73 23.11
N PHE H 24 -26.39 31.02 23.07
CA PHE H 24 -25.34 31.53 22.17
C PHE H 24 -24.26 32.24 22.99
N ILE H 25 -23.00 32.03 22.62
CA ILE H 25 -21.87 32.67 23.30
C ILE H 25 -21.17 33.67 22.36
N PHE H 26 -21.30 34.95 22.67
CA PHE H 26 -20.72 35.99 21.82
C PHE H 26 -19.50 36.64 22.47
N VAL H 27 -18.64 37.23 21.64
CA VAL H 27 -17.50 37.96 22.16
C VAL H 27 -17.32 39.26 21.41
N LYS H 28 -16.84 40.27 22.12
CA LYS H 28 -16.62 41.56 21.52
C LYS H 28 -15.20 42.01 21.86
N LEU H 29 -14.44 42.37 20.83
CA LEU H 29 -13.09 42.89 21.04
C LEU H 29 -13.03 44.34 20.60
N VAL H 30 -12.22 45.14 21.28
CA VAL H 30 -12.03 46.54 20.90
C VAL H 30 -10.55 46.89 20.86
N THR H 31 -10.16 47.76 19.93
CA THR H 31 -8.76 48.19 19.86
C THR H 31 -8.43 49.40 20.76
N ALA H 32 -7.15 49.75 20.79
CA ALA H 32 -6.67 50.86 21.62
C ALA H 32 -7.25 52.18 21.14
N CYS H 33 -7.62 52.21 19.87
CA CYS H 33 -8.20 53.40 19.24
C CYS H 33 -9.71 53.22 19.07
N GLY H 34 -10.23 52.11 19.59
CA GLY H 34 -11.67 51.86 19.59
C GLY H 34 -12.33 51.30 18.33
N ILE H 35 -11.72 50.30 17.67
CA ILE H 35 -12.39 49.58 16.59
C ILE H 35 -13.03 48.29 17.13
N THR H 36 -14.27 48.00 16.71
CA THR H 36 -15.05 46.94 17.35
C THR H 36 -15.32 45.72 16.45
N GLY H 37 -14.87 44.54 16.89
CA GLY H 37 -15.17 43.30 16.21
C GLY H 37 -15.97 42.33 17.07
N TYR H 38 -16.91 41.63 16.45
CA TYR H 38 -17.71 40.62 17.16
C TYR H 38 -17.35 39.19 16.67
N GLY H 39 -17.67 38.18 17.48
CA GLY H 39 -17.36 36.80 17.18
C GLY H 39 -18.13 35.83 18.05
N GLU H 40 -18.20 34.57 17.64
CA GLU H 40 -18.98 33.55 18.38
C GLU H 40 -18.18 32.28 18.67
N ILE H 41 -18.50 31.64 19.78
CA ILE H 41 -17.82 30.42 20.20
C ILE H 41 -18.75 29.22 20.18
N TYR H 42 -18.37 28.17 19.46
CA TYR H 42 -19.15 26.94 19.46
C TYR H 42 -18.49 25.87 20.31
N ASN H 43 -18.96 25.74 21.54
CA ASN H 43 -18.55 24.63 22.38
C ASN H 43 -19.54 24.33 23.49
N ALA H 44 -19.82 23.04 23.69
CA ALA H 44 -20.80 22.61 24.67
C ALA H 44 -20.28 21.54 25.63
N THR H 45 -18.95 21.41 25.73
CA THR H 45 -18.36 20.47 26.68
C THR H 45 -18.48 20.98 28.11
N PHE H 46 -18.83 22.25 28.25
CA PHE H 46 -19.00 22.85 29.56
C PHE H 46 -20.15 23.84 29.53
N GLY H 47 -20.54 24.31 30.70
CA GLY H 47 -21.57 25.32 30.80
C GLY H 47 -21.05 26.61 30.22
N PRO H 48 -21.92 27.41 29.60
CA PRO H 48 -21.56 28.67 28.96
C PRO H 48 -20.89 29.69 29.89
N ASP H 49 -21.26 29.72 31.17
CA ASP H 49 -20.62 30.68 32.07
C ASP H 49 -19.14 30.32 32.26
N LEU H 50 -18.87 29.02 32.30
CA LEU H 50 -17.51 28.52 32.33
C LEU H 50 -16.80 28.81 31.01
N VAL H 51 -17.47 28.53 29.89
CA VAL H 51 -16.89 28.74 28.57
C VAL H 51 -16.58 30.23 28.34
N ALA H 52 -17.34 31.10 29.00
CA ALA H 52 -17.12 32.54 28.88
C ALA H 52 -15.91 33.00 29.67
N LYS H 53 -15.77 32.48 30.90
CA LYS H 53 -14.60 32.76 31.71
C LYS H 53 -13.32 32.39 30.94
N MET H 54 -13.35 31.20 30.32
CA MET H 54 -12.25 30.69 29.51
C MET H 54 -11.80 31.74 28.48
N ALA H 55 -12.77 32.30 27.76
CA ALA H 55 -12.49 33.30 26.73
C ALA H 55 -11.76 34.53 27.30
N GLU H 56 -12.19 35.02 28.45
CA GLU H 56 -11.49 36.10 29.13
C GLU H 56 -10.06 35.66 29.44
N ASP H 57 -9.91 34.41 29.90
CA ASP H 57 -8.59 33.86 30.22
C ASP H 57 -7.66 33.80 29.00
N VAL H 58 -8.15 33.21 27.91
CA VAL H 58 -7.37 33.16 26.67
C VAL H 58 -7.06 34.56 26.15
N PHE H 59 -8.03 35.47 26.25
CA PHE H 59 -7.81 36.85 25.85
C PHE H 59 -6.67 37.51 26.61
N ALA H 60 -6.67 37.32 27.93
CA ALA H 60 -5.61 37.82 28.79
C ALA H 60 -4.22 37.33 28.31
N ARG H 61 -4.01 36.03 28.41
CA ARG H 61 -2.71 35.42 28.10
C ARG H 61 -2.20 35.61 26.67
N GLN H 62 -3.10 35.71 25.70
CA GLN H 62 -2.67 35.68 24.30
C GLN H 62 -3.01 36.91 23.47
N PHE H 63 -4.21 37.45 23.64
CA PHE H 63 -4.69 38.45 22.68
C PHE H 63 -4.50 39.90 23.10
N ALA H 64 -4.70 40.18 24.39
CA ALA H 64 -4.52 41.52 24.93
C ALA H 64 -3.11 42.05 24.63
N GLY H 65 -3.04 43.26 24.05
CA GLY H 65 -1.77 43.90 23.73
C GLY H 65 -1.26 43.65 22.31
N GLU H 66 -1.96 42.78 21.57
CA GLU H 66 -1.51 42.33 20.26
C GLU H 66 -2.17 43.04 19.07
N ASP H 67 -1.50 43.00 17.93
CA ASP H 67 -2.00 43.59 16.68
C ASP H 67 -2.85 42.54 15.96
N PRO H 68 -4.19 42.69 15.98
CA PRO H 68 -5.10 41.63 15.55
C PRO H 68 -4.92 41.20 14.09
N HIS H 69 -4.16 41.95 13.31
CA HIS H 69 -3.75 41.49 11.99
C HIS H 69 -2.85 40.25 12.12
N HIS H 70 -2.27 40.09 13.30
CA HIS H 70 -1.30 39.04 13.57
C HIS H 70 -2.00 37.75 14.01
N ILE H 71 -2.66 37.11 13.05
CA ILE H 71 -3.44 35.91 13.30
C ILE H 71 -2.56 34.71 13.51
N GLU H 72 -1.63 34.50 12.59
CA GLU H 72 -0.71 33.36 12.70
C GLU H 72 -0.03 33.37 14.04
N LYS H 73 0.29 34.56 14.54
CA LYS H 73 0.90 34.67 15.85
C LYS H 73 -0.09 34.38 16.98
N LEU H 74 -1.29 34.93 16.89
CA LEU H 74 -2.28 34.72 17.95
C LEU H 74 -2.72 33.26 18.02
N TRP H 75 -3.03 32.69 16.85
CA TRP H 75 -3.49 31.31 16.74
C TRP H 75 -2.48 30.34 17.36
N HIS H 76 -1.21 30.53 17.04
CA HIS H 76 -0.14 29.70 17.60
C HIS H 76 0.17 29.89 19.09
N LYS H 77 -0.14 31.05 19.64
CA LYS H 77 0.10 31.22 21.05
C LYS H 77 -0.95 30.43 21.82
N THR H 78 -2.18 30.51 21.34
CA THR H 78 -3.27 29.78 21.97
C THR H 78 -3.09 28.28 21.78
N TYR H 79 -2.76 27.91 20.55
CA TYR H 79 -2.73 26.50 20.18
C TYR H 79 -1.78 25.73 21.05
N GLY H 80 -0.65 26.36 21.37
CA GLY H 80 0.42 25.71 22.09
C GLY H 80 0.41 26.00 23.57
N ALA H 81 -0.52 26.84 24.00
CA ALA H 81 -0.64 27.21 25.40
C ALA H 81 -0.67 25.98 26.29
N GLY H 82 0.13 26.02 27.35
CA GLY H 82 0.23 24.92 28.30
C GLY H 82 0.79 23.67 27.66
N TYR H 83 1.81 23.86 26.81
CA TYR H 83 2.49 22.81 26.06
C TYR H 83 1.57 21.66 25.55
N THR H 84 0.63 22.03 24.68
CA THR H 84 -0.24 21.05 24.07
C THR H 84 0.01 20.96 22.55
N GLN H 85 -0.49 21.92 21.78
CA GLN H 85 -0.25 21.99 20.33
C GLN H 85 -0.80 20.76 19.61
N ARG H 86 -2.08 20.50 19.81
CA ARG H 86 -2.74 19.36 19.20
C ARG H 86 -4.23 19.69 19.22
N PRO H 87 -4.99 19.14 18.25
CA PRO H 87 -6.41 19.53 18.14
C PRO H 87 -7.13 19.30 19.46
N ASP H 88 -8.03 20.20 19.80
CA ASP H 88 -8.72 20.21 21.09
C ASP H 88 -9.92 21.15 20.93
N VAL H 89 -11.14 20.62 21.01
CA VAL H 89 -12.32 21.41 20.67
C VAL H 89 -12.60 22.52 21.66
N THR H 90 -12.42 22.22 22.95
CA THR H 90 -12.65 23.18 24.02
C THR H 90 -11.82 24.44 23.82
N VAL H 91 -10.59 24.27 23.35
CA VAL H 91 -9.72 25.41 23.08
C VAL H 91 -10.08 26.10 21.78
N MET H 92 -10.10 25.32 20.71
CA MET H 92 -10.31 25.81 19.37
C MET H 92 -11.69 26.45 19.21
N GLY H 93 -12.62 26.15 20.11
CA GLY H 93 -13.91 26.81 20.11
C GLY H 93 -13.79 28.25 20.63
N VAL H 94 -12.98 28.41 21.68
CA VAL H 94 -12.66 29.73 22.20
C VAL H 94 -11.83 30.51 21.20
N LEU H 95 -10.83 29.86 20.62
CA LEU H 95 -9.95 30.47 19.63
C LEU H 95 -10.72 30.91 18.37
N SER H 96 -11.74 30.15 18.02
CA SER H 96 -12.49 30.42 16.80
C SER H 96 -13.30 31.71 16.87
N GLY H 97 -13.84 32.01 18.04
CA GLY H 97 -14.56 33.26 18.25
C GLY H 97 -13.64 34.46 18.30
N LEU H 98 -12.54 34.32 19.04
CA LEU H 98 -11.56 35.39 19.15
C LEU H 98 -11.00 35.78 17.79
N GLU H 99 -10.73 34.77 16.96
CA GLU H 99 -10.15 35.00 15.65
C GLU H 99 -11.14 35.73 14.72
N MET H 100 -12.37 35.23 14.63
CA MET H 100 -13.43 35.88 13.88
C MET H 100 -13.49 37.37 14.13
N ALA H 101 -13.52 37.75 15.41
CA ALA H 101 -13.58 39.15 15.79
C ALA H 101 -12.41 39.97 15.23
N CYS H 102 -11.21 39.39 15.21
CA CYS H 102 -10.06 40.07 14.62
C CYS H 102 -10.29 40.31 13.13
N TRP H 103 -10.88 39.34 12.45
CA TRP H 103 -11.18 39.53 11.04
C TRP H 103 -12.26 40.59 10.80
N ASP H 104 -13.16 40.75 11.78
CA ASP H 104 -14.12 41.84 11.71
C ASP H 104 -13.37 43.16 11.85
N ILE H 105 -12.49 43.21 12.85
CA ILE H 105 -11.64 44.37 13.09
C ILE H 105 -10.71 44.67 11.91
N ILE H 106 -10.07 43.64 11.37
CA ILE H 106 -9.17 43.81 10.23
C ILE H 106 -9.93 44.38 9.04
N GLY H 107 -11.14 43.87 8.82
CA GLY H 107 -11.95 44.29 7.69
C GLY H 107 -12.53 45.68 7.88
N LYS H 108 -12.94 45.97 9.10
CA LYS H 108 -13.46 47.30 9.44
C LYS H 108 -12.39 48.38 9.24
N ALA H 109 -11.16 48.07 9.60
CA ALA H 109 -10.05 48.99 9.46
C ALA H 109 -9.68 49.19 8.00
N ALA H 110 -9.80 48.13 7.22
CA ALA H 110 -9.36 48.20 5.82
C ALA H 110 -10.49 48.67 4.89
N GLY H 111 -11.66 48.91 5.47
CA GLY H 111 -12.81 49.40 4.74
C GLY H 111 -13.27 48.44 3.67
N LYS H 112 -13.29 47.15 4.01
CA LYS H 112 -13.55 46.07 3.08
C LYS H 112 -14.11 44.86 3.83
N PRO H 113 -14.97 44.07 3.18
CA PRO H 113 -15.45 42.85 3.84
C PRO H 113 -14.30 41.86 4.03
N ALA H 114 -14.42 40.99 5.04
CA ALA H 114 -13.43 39.94 5.29
C ALA H 114 -13.11 39.15 4.03
N TYR H 115 -14.12 38.88 3.23
CA TYR H 115 -13.95 38.06 2.04
C TYR H 115 -13.20 38.72 0.88
N GLU H 116 -12.93 40.01 0.95
CA GLU H 116 -12.18 40.66 -0.11
C GLU H 116 -10.72 40.82 0.29
N LEU H 117 -10.35 40.14 1.35
CA LEU H 117 -8.95 40.11 1.78
C LEU H 117 -8.44 38.67 1.69
N LEU H 118 -9.37 37.72 1.72
CA LEU H 118 -9.04 36.31 1.68
C LEU H 118 -9.36 35.66 0.33
N GLY H 119 -8.99 36.30 -0.77
CA GLY H 119 -9.22 35.72 -2.08
C GLY H 119 -10.28 36.39 -2.92
N GLY H 120 -11.13 37.20 -2.28
CA GLY H 120 -12.13 37.98 -2.99
C GLY H 120 -13.44 37.26 -3.28
N LYS H 121 -14.50 38.03 -3.52
CA LYS H 121 -15.81 37.50 -3.89
C LYS H 121 -15.66 36.51 -5.03
N VAL H 122 -16.40 35.41 -4.94
CA VAL H 122 -16.46 34.43 -6.01
C VAL H 122 -17.92 34.19 -6.36
N HIS H 123 -18.77 34.39 -5.35
CA HIS H 123 -20.20 34.13 -5.45
C HIS H 123 -21.00 35.37 -5.12
N GLU H 124 -22.04 35.64 -5.92
CA GLU H 124 -22.96 36.73 -5.62
C GLU H 124 -24.12 36.19 -4.79
N ARG H 125 -24.36 34.89 -4.87
CA ARG H 125 -25.37 34.25 -4.04
C ARG H 125 -24.87 32.94 -3.45
N LEU H 126 -25.38 32.60 -2.26
CA LEU H 126 -25.00 31.35 -1.60
C LEU H 126 -26.21 30.44 -1.47
N ARG H 127 -26.12 29.28 -2.11
CA ARG H 127 -27.16 28.27 -2.00
C ARG H 127 -27.35 27.86 -0.55
N SER H 128 -28.59 27.84 -0.10
CA SER H 128 -28.83 27.44 1.28
C SER H 128 -29.75 26.24 1.39
N TYR H 129 -29.75 25.65 2.57
CA TYR H 129 -30.66 24.57 2.92
C TYR H 129 -31.11 24.73 4.36
N THR H 130 -32.14 23.97 4.74
CA THR H 130 -32.64 23.98 6.11
C THR H 130 -33.06 22.58 6.54
N TYR H 131 -33.08 22.33 7.84
CA TYR H 131 -33.76 21.17 8.40
C TYR H 131 -35.24 21.19 8.07
N LEU H 132 -35.89 20.03 8.11
CA LEU H 132 -37.34 19.98 8.01
C LEU H 132 -37.88 20.17 9.42
N TYR H 133 -38.52 21.32 9.64
CA TYR H 133 -39.11 21.65 10.94
C TYR H 133 -40.64 21.58 10.85
N PRO H 134 -41.32 21.42 12.00
CA PRO H 134 -42.79 21.34 12.09
C PRO H 134 -43.52 22.67 11.89
N ASN H 147 -45.39 13.39 13.91
CA ASN H 147 -44.57 14.54 13.54
C ASN H 147 -43.54 14.36 12.40
N VAL H 148 -42.71 15.38 12.22
CA VAL H 148 -41.87 15.49 11.03
C VAL H 148 -40.52 14.83 11.25
N TYR H 149 -40.26 14.36 12.46
CA TYR H 149 -38.99 13.73 12.77
C TYR H 149 -39.10 12.23 12.68
N ASN H 150 -40.33 11.74 12.75
CA ASN H 150 -40.59 10.30 12.83
C ASN H 150 -41.55 9.75 11.78
N ASP H 151 -42.03 10.62 10.89
CA ASP H 151 -43.01 10.21 9.90
C ASP H 151 -42.70 10.74 8.51
N ALA H 152 -42.54 9.82 7.57
CA ALA H 152 -42.08 10.17 6.23
C ALA H 152 -43.03 11.11 5.48
N ASP H 153 -44.32 10.91 5.66
CA ASP H 153 -45.32 11.69 4.92
C ASP H 153 -45.41 13.15 5.36
N MET H 154 -45.33 13.40 6.68
CA MET H 154 -45.28 14.77 7.19
C MET H 154 -44.01 15.49 6.73
N ALA H 155 -42.92 14.75 6.65
CA ALA H 155 -41.65 15.31 6.23
C ALA H 155 -41.70 15.69 4.75
N ALA H 156 -42.40 14.87 3.97
CA ALA H 156 -42.55 15.16 2.55
C ALA H 156 -43.33 16.46 2.38
N GLU H 157 -44.35 16.64 3.21
CA GLU H 157 -45.10 17.89 3.16
C GLU H 157 -44.18 19.06 3.46
N ALA H 158 -43.49 19.00 4.61
CA ALA H 158 -42.56 20.05 4.99
C ALA H 158 -41.52 20.30 3.89
N ALA H 159 -41.10 19.22 3.23
CA ALA H 159 -40.10 19.32 2.17
C ALA H 159 -40.62 20.14 1.01
N ALA H 160 -41.92 19.99 0.70
CA ALA H 160 -42.53 20.71 -0.40
C ALA H 160 -42.71 22.18 -0.05
N LYS H 161 -43.04 22.43 1.22
CA LYS H 161 -43.18 23.80 1.73
C LYS H 161 -41.85 24.53 1.62
N ALA H 162 -40.77 23.81 1.89
CA ALA H 162 -39.44 24.38 1.75
C ALA H 162 -39.14 24.76 0.30
N VAL H 163 -39.46 23.89 -0.64
CA VAL H 163 -39.23 24.19 -2.05
C VAL H 163 -40.20 25.26 -2.52
N ASP H 164 -41.29 25.44 -1.79
CA ASP H 164 -42.21 26.54 -2.07
C ASP H 164 -41.52 27.86 -1.77
N GLN H 165 -40.83 27.92 -0.63
CA GLN H 165 -40.10 29.11 -0.22
C GLN H 165 -38.91 29.43 -1.13
N GLY H 166 -38.42 28.43 -1.83
CA GLY H 166 -37.36 28.64 -2.81
C GLY H 166 -36.14 27.80 -2.54
N PHE H 167 -36.18 27.06 -1.43
CA PHE H 167 -35.09 26.19 -1.04
C PHE H 167 -34.76 25.22 -2.17
N THR H 168 -33.49 24.85 -2.25
CA THR H 168 -33.03 23.94 -3.29
C THR H 168 -32.37 22.72 -2.65
N ALA H 169 -32.64 22.54 -1.37
CA ALA H 169 -32.02 21.47 -0.59
C ALA H 169 -32.67 21.45 0.80
N VAL H 170 -33.04 20.28 1.26
CA VAL H 170 -33.47 20.12 2.64
C VAL H 170 -32.63 19.06 3.32
N LYS H 171 -32.64 19.07 4.66
CA LYS H 171 -31.87 18.11 5.44
C LYS H 171 -32.76 17.45 6.48
N PHE H 172 -32.49 16.18 6.77
CA PHE H 172 -33.28 15.47 7.75
C PHE H 172 -32.51 14.28 8.32
N ASP H 173 -32.79 13.91 9.57
CA ASP H 173 -32.22 12.70 10.17
C ASP H 173 -33.27 11.78 10.81
N PRO H 174 -33.71 10.74 10.09
CA PRO H 174 -34.68 9.78 10.59
C PRO H 174 -34.02 8.46 10.92
N ALA H 175 -32.71 8.45 11.04
CA ALA H 175 -31.96 7.22 11.28
C ALA H 175 -31.89 6.79 12.76
N GLY H 176 -32.75 7.38 13.59
CA GLY H 176 -32.87 6.97 14.97
C GLY H 176 -31.91 7.64 15.95
N ALA H 177 -32.22 7.47 17.23
CA ALA H 177 -31.46 8.08 18.32
C ALA H 177 -29.97 7.75 18.29
N TYR H 178 -29.14 8.72 18.69
CA TYR H 178 -27.70 8.51 18.83
C TYR H 178 -27.31 8.50 20.30
N THR H 179 -26.65 7.43 20.71
CA THR H 179 -26.37 7.20 22.11
C THR H 179 -24.92 7.53 22.42
N ILE H 180 -24.57 7.51 23.70
CA ILE H 180 -23.20 7.81 24.11
C ILE H 180 -22.26 6.63 23.87
N TYR H 181 -22.83 5.49 23.47
CA TYR H 181 -22.07 4.25 23.25
C TYR H 181 -21.90 3.94 21.77
N ASP H 182 -22.23 4.92 20.92
CA ASP H 182 -22.03 4.85 19.47
C ASP H 182 -20.60 4.41 19.13
N GLY H 183 -20.40 3.75 18.00
CA GLY H 183 -21.47 3.44 17.07
C GLY H 183 -22.15 2.10 17.28
N HIS H 184 -23.40 2.00 16.86
CA HIS H 184 -24.19 0.78 16.93
C HIS H 184 -24.70 0.38 15.54
N GLN H 185 -25.58 -0.61 15.49
CA GLN H 185 -26.10 -1.11 14.23
C GLN H 185 -27.56 -0.68 14.07
N PRO H 186 -27.97 -0.30 12.85
CA PRO H 186 -29.33 0.17 12.63
C PRO H 186 -30.36 -0.96 12.76
N SER H 187 -31.47 -0.64 13.39
CA SER H 187 -32.56 -1.61 13.52
C SER H 187 -33.26 -1.68 12.18
N LEU H 188 -33.86 -2.82 11.89
CA LEU H 188 -34.61 -2.98 10.64
C LEU H 188 -35.67 -1.89 10.48
N GLU H 189 -36.17 -1.40 11.61
CA GLU H 189 -37.11 -0.28 11.59
C GLU H 189 -36.40 1.05 11.30
N ASP H 190 -35.17 1.19 11.79
CA ASP H 190 -34.37 2.37 11.47
C ASP H 190 -34.15 2.42 9.95
N LEU H 191 -33.83 1.26 9.35
CA LEU H 191 -33.59 1.18 7.91
C LEU H 191 -34.85 1.47 7.13
N GLU H 192 -35.92 0.73 7.43
CA GLU H 192 -37.19 0.88 6.73
C GLU H 192 -37.71 2.31 6.76
N ARG H 193 -37.59 2.99 7.91
CA ARG H 193 -38.03 4.38 8.02
C ARG H 193 -37.15 5.32 7.20
N SER H 194 -35.84 5.13 7.28
CA SER H 194 -34.90 6.01 6.57
C SER H 194 -35.11 5.97 5.07
N GLU H 195 -35.44 4.80 4.55
CA GLU H 195 -35.68 4.66 3.12
C GLU H 195 -36.95 5.39 2.79
N ALA H 196 -37.92 5.26 3.71
CA ALA H 196 -39.23 5.84 3.53
C ALA H 196 -39.16 7.35 3.39
N PHE H 197 -38.38 7.98 4.27
CA PHE H 197 -38.18 9.43 4.21
C PHE H 197 -37.68 9.89 2.83
N CYS H 198 -36.69 9.18 2.30
CA CYS H 198 -36.14 9.54 1.00
C CYS H 198 -37.12 9.32 -0.13
N LYS H 199 -37.84 8.19 -0.11
CA LYS H 199 -38.75 7.87 -1.21
C LYS H 199 -39.89 8.88 -1.27
N GLN H 200 -40.41 9.21 -0.11
CA GLN H 200 -41.50 10.16 0.01
C GLN H 200 -41.03 11.56 -0.32
N ILE H 201 -39.98 12.02 0.35
CA ILE H 201 -39.49 13.38 0.13
C ILE H 201 -39.05 13.58 -1.31
N ARG H 202 -38.41 12.57 -1.90
CA ARG H 202 -37.92 12.67 -3.28
C ARG H 202 -39.06 12.80 -4.28
N ALA H 203 -40.13 12.06 -4.04
CA ALA H 203 -41.29 12.08 -4.90
C ALA H 203 -42.06 13.39 -4.71
N ALA H 204 -41.87 14.02 -3.56
CA ALA H 204 -42.49 15.31 -3.28
C ALA H 204 -41.81 16.48 -3.99
N VAL H 205 -40.47 16.46 -4.06
CA VAL H 205 -39.73 17.59 -4.59
C VAL H 205 -39.18 17.31 -5.98
N GLY H 206 -39.14 16.04 -6.37
CA GLY H 206 -38.61 15.66 -7.67
C GLY H 206 -37.20 16.14 -7.79
N THR H 207 -36.89 16.83 -8.89
CA THR H 207 -35.54 17.34 -9.09
C THR H 207 -35.33 18.77 -8.54
N LYS H 208 -36.38 19.31 -7.93
CA LYS H 208 -36.35 20.69 -7.43
C LYS H 208 -35.51 20.88 -6.17
N ALA H 209 -35.28 19.82 -5.42
CA ALA H 209 -34.51 19.95 -4.18
C ALA H 209 -33.65 18.73 -3.88
N ASP H 210 -32.40 18.98 -3.50
CA ASP H 210 -31.50 17.90 -3.16
C ASP H 210 -31.81 17.35 -1.79
N LEU H 211 -31.51 16.07 -1.58
CA LEU H 211 -31.75 15.44 -0.29
C LEU H 211 -30.47 15.35 0.51
N LEU H 212 -30.45 16.00 1.68
CA LEU H 212 -29.29 15.95 2.56
C LEU H 212 -29.57 15.06 3.75
N PHE H 213 -29.06 13.84 3.70
CA PHE H 213 -29.25 12.86 4.77
C PHE H 213 -28.28 13.17 5.90
N GLY H 214 -28.81 13.51 7.07
CA GLY H 214 -27.99 14.08 8.11
C GLY H 214 -27.86 13.33 9.42
N THR H 215 -27.29 12.14 9.39
CA THR H 215 -27.01 11.37 10.60
C THR H 215 -26.10 12.07 11.64
N HIS H 216 -25.90 11.42 12.77
CA HIS H 216 -25.08 11.99 13.84
C HIS H 216 -24.13 10.94 14.40
N GLY H 217 -23.46 10.25 13.49
CA GLY H 217 -22.46 9.25 13.83
C GLY H 217 -23.02 8.03 14.52
N GLN H 218 -24.31 7.75 14.28
CA GLN H 218 -24.97 6.64 14.96
C GLN H 218 -24.31 5.29 14.74
N PHE H 219 -23.77 5.08 13.55
CA PHE H 219 -23.45 3.72 13.12
C PHE H 219 -21.97 3.36 13.08
N THR H 220 -21.70 2.08 12.87
CA THR H 220 -20.36 1.61 12.65
C THR H 220 -20.15 1.51 11.14
N VAL H 221 -18.97 1.11 10.71
CA VAL H 221 -18.71 1.03 9.28
C VAL H 221 -19.66 0.06 8.61
N SER H 222 -19.84 -1.12 9.20
CA SER H 222 -20.74 -2.12 8.63
C SER H 222 -22.18 -1.62 8.63
N GLY H 223 -22.55 -0.98 9.74
CA GLY H 223 -23.87 -0.40 9.93
C GLY H 223 -24.17 0.64 8.88
N ALA H 224 -23.22 1.54 8.66
CA ALA H 224 -23.45 2.62 7.72
C ALA H 224 -23.66 2.08 6.31
N LYS H 225 -22.91 1.04 5.96
CA LYS H 225 -23.01 0.47 4.60
C LYS H 225 -24.40 -0.13 4.34
N ARG H 226 -24.94 -0.84 5.32
CA ARG H 226 -26.26 -1.44 5.18
C ARG H 226 -27.28 -0.34 4.88
N LEU H 227 -27.09 0.82 5.48
CA LEU H 227 -28.01 1.94 5.32
C LEU H 227 -27.89 2.57 3.95
N ALA H 228 -26.65 2.90 3.58
CA ALA H 228 -26.37 3.50 2.29
C ALA H 228 -26.95 2.68 1.13
N ARG H 229 -26.69 1.37 1.15
CA ARG H 229 -27.28 0.45 0.18
C ARG H 229 -28.74 0.79 -0.14
N ARG H 230 -29.54 1.02 0.90
CA ARG H 230 -30.94 1.31 0.67
C ARG H 230 -31.25 2.79 0.40
N LEU H 231 -30.22 3.62 0.35
CA LEU H 231 -30.42 5.06 0.15
C LEU H 231 -29.91 5.57 -1.19
N GLU H 232 -29.14 4.75 -1.89
CA GLU H 232 -28.50 5.17 -3.14
C GLU H 232 -29.52 5.49 -4.22
N ALA H 233 -30.62 4.74 -4.25
CA ALA H 233 -31.62 4.85 -5.31
C ALA H 233 -32.27 6.23 -5.41
N TYR H 234 -32.14 7.03 -4.36
CA TYR H 234 -32.83 8.31 -4.25
C TYR H 234 -31.89 9.50 -4.47
N ASP H 235 -30.64 9.20 -4.81
CA ASP H 235 -29.62 10.20 -5.14
C ASP H 235 -29.44 11.29 -4.09
N PRO H 236 -29.28 10.91 -2.81
CA PRO H 236 -29.08 11.97 -1.81
C PRO H 236 -27.77 12.67 -2.10
N LEU H 237 -27.68 13.96 -1.79
CA LEU H 237 -26.48 14.74 -2.06
C LEU H 237 -25.36 14.31 -1.13
N TRP H 238 -25.67 14.04 0.13
CA TRP H 238 -24.65 13.52 1.01
C TRP H 238 -25.18 12.62 2.11
N PHE H 239 -24.22 11.97 2.79
CA PHE H 239 -24.46 11.10 3.92
C PHE H 239 -23.64 11.68 5.06
N GLU H 240 -24.30 12.48 5.92
CA GLU H 240 -23.62 13.25 6.97
C GLU H 240 -23.15 12.41 8.14
N GLU H 241 -21.85 12.45 8.41
CA GLU H 241 -21.23 11.76 9.54
C GLU H 241 -21.80 10.38 9.80
N PRO H 242 -21.55 9.42 8.90
CA PRO H 242 -22.23 8.13 9.07
C PRO H 242 -21.71 7.41 10.30
N ILE H 243 -20.45 7.64 10.65
CA ILE H 243 -19.79 7.01 11.80
C ILE H 243 -19.11 8.07 12.67
N PRO H 244 -18.67 7.68 13.89
CA PRO H 244 -18.02 8.66 14.78
C PRO H 244 -16.69 9.25 14.26
N PRO H 245 -16.31 10.44 14.76
CA PRO H 245 -15.17 11.24 14.26
C PRO H 245 -13.79 10.64 14.45
N GLU H 246 -13.61 9.85 15.50
CA GLU H 246 -12.26 9.44 15.94
C GLU H 246 -11.28 8.85 14.89
N LYS H 247 -11.80 8.06 13.95
CA LYS H 247 -10.95 7.41 12.94
C LYS H 247 -11.44 7.65 11.51
N PRO H 248 -10.98 8.73 10.86
CA PRO H 248 -11.39 9.05 9.49
C PRO H 248 -11.09 7.90 8.53
N GLU H 249 -10.09 7.10 8.87
CA GLU H 249 -9.75 5.88 8.13
C GLU H 249 -10.95 4.93 7.97
N ASP H 250 -11.71 4.73 9.04
CA ASP H 250 -12.83 3.80 8.97
C ASP H 250 -14.01 4.39 8.19
N MET H 251 -14.13 5.71 8.19
CA MET H 251 -15.14 6.38 7.40
C MET H 251 -14.83 6.25 5.91
N ALA H 252 -13.55 6.32 5.56
CA ALA H 252 -13.14 6.15 4.17
C ALA H 252 -13.69 4.85 3.59
N GLU H 253 -13.81 3.84 4.45
CA GLU H 253 -14.32 2.54 4.05
C GLU H 253 -15.78 2.66 3.63
N VAL H 254 -16.52 3.49 4.36
CA VAL H 254 -17.92 3.75 4.05
C VAL H 254 -18.00 4.54 2.76
N ALA H 255 -17.18 5.59 2.66
CA ALA H 255 -17.17 6.46 1.49
C ALA H 255 -16.91 5.69 0.19
N ARG H 256 -15.93 4.80 0.23
CA ARG H 256 -15.58 3.97 -0.94
C ARG H 256 -16.69 3.02 -1.39
N TYR H 257 -17.40 2.39 -0.46
CA TYR H 257 -18.49 1.47 -0.81
C TYR H 257 -19.62 2.14 -1.56
N THR H 258 -20.03 3.32 -1.08
CA THR H 258 -21.29 3.94 -1.49
C THR H 258 -21.12 4.96 -2.63
N SER H 259 -22.22 5.25 -3.33
CA SER H 259 -22.17 6.24 -4.39
C SER H 259 -22.49 7.62 -3.83
N ILE H 260 -23.23 7.62 -2.73
CA ILE H 260 -23.57 8.83 -2.02
C ILE H 260 -22.32 9.45 -1.46
N PRO H 261 -22.16 10.77 -1.65
CA PRO H 261 -20.99 11.41 -1.07
C PRO H 261 -21.09 11.44 0.44
N VAL H 262 -19.95 11.31 1.12
CA VAL H 262 -19.92 11.40 2.56
C VAL H 262 -19.49 12.80 3.00
N ALA H 263 -20.19 13.34 3.99
CA ALA H 263 -19.89 14.67 4.51
C ALA H 263 -19.69 14.63 6.02
N THR H 264 -18.52 15.05 6.50
CA THR H 264 -18.30 15.11 7.94
C THR H 264 -17.56 16.39 8.27
N GLY H 265 -17.32 16.61 9.56
CA GLY H 265 -16.46 17.71 9.96
C GLY H 265 -16.94 18.53 11.15
N GLU H 266 -18.24 18.54 11.42
CA GLU H 266 -18.79 19.37 12.48
C GLU H 266 -18.15 19.14 13.85
N ARG H 267 -17.57 17.96 14.06
CA ARG H 267 -16.90 17.70 15.32
C ARG H 267 -15.39 17.71 15.15
N LEU H 268 -14.90 18.52 14.22
CA LEU H 268 -13.46 18.56 13.94
C LEU H 268 -12.86 19.96 14.10
N CYS H 269 -11.54 20.02 14.26
CA CYS H 269 -10.86 21.32 14.36
C CYS H 269 -9.40 21.22 13.94
N THR H 270 -8.82 22.38 13.64
CA THR H 270 -7.46 22.49 13.08
C THR H 270 -7.31 21.78 11.75
N LYS H 271 -6.45 22.34 10.90
CA LYS H 271 -6.16 21.78 9.59
C LYS H 271 -5.72 20.33 9.68
N TYR H 272 -5.21 19.92 10.84
CA TYR H 272 -4.63 18.60 10.98
C TYR H 272 -5.66 17.49 10.82
N GLU H 273 -6.77 17.59 11.54
CA GLU H 273 -7.80 16.57 11.48
C GLU H 273 -8.43 16.57 10.07
N PHE H 274 -8.55 17.75 9.49
CA PHE H 274 -9.14 17.88 8.15
C PHE H 274 -8.25 17.34 7.06
N SER H 275 -6.94 17.49 7.23
CA SER H 275 -6.00 16.91 6.28
C SER H 275 -6.15 15.38 6.27
N ARG H 276 -6.26 14.79 7.46
CA ARG H 276 -6.44 13.34 7.58
C ARG H 276 -7.75 12.85 6.97
N VAL H 277 -8.80 13.67 7.03
CA VAL H 277 -10.06 13.34 6.37
C VAL H 277 -9.89 13.37 4.86
N LEU H 278 -9.19 14.38 4.36
CA LEU H 278 -9.11 14.58 2.92
C LEU H 278 -8.24 13.53 2.25
N GLU H 279 -7.21 13.07 2.97
CA GLU H 279 -6.21 12.19 2.39
C GLU H 279 -6.57 10.71 2.51
N THR H 280 -7.48 10.41 3.43
CA THR H 280 -7.97 9.05 3.58
C THR H 280 -9.13 8.78 2.64
N GLY H 281 -9.90 9.82 2.33
CA GLY H 281 -11.08 9.67 1.49
C GLY H 281 -12.38 9.71 2.31
N ALA H 282 -12.22 9.91 3.61
CA ALA H 282 -13.31 9.86 4.56
C ALA H 282 -14.54 10.65 4.11
N ALA H 283 -14.30 11.82 3.54
CA ALA H 283 -15.39 12.70 3.15
C ALA H 283 -15.02 13.49 1.89
N SER H 284 -16.02 13.92 1.14
CA SER H 284 -15.75 14.73 -0.04
C SER H 284 -16.50 16.06 0.08
N ILE H 285 -17.26 16.18 1.17
CA ILE H 285 -17.84 17.46 1.55
C ILE H 285 -17.52 17.79 2.99
N LEU H 286 -16.77 18.86 3.21
CA LEU H 286 -16.36 19.23 4.56
C LEU H 286 -17.41 20.09 5.21
N GLN H 287 -17.78 19.71 6.43
CA GLN H 287 -18.73 20.49 7.22
C GLN H 287 -18.05 21.18 8.39
N MET H 288 -17.24 22.20 8.10
CA MET H 288 -16.62 23.02 9.14
C MET H 288 -17.65 23.87 9.87
N ASN H 289 -17.46 24.01 11.17
CA ASN H 289 -18.12 25.07 11.93
C ASN H 289 -17.09 26.10 12.35
N LEU H 290 -17.29 27.35 11.96
CA LEU H 290 -16.28 28.40 12.18
C LEU H 290 -16.15 28.91 13.62
N GLY H 291 -17.01 28.41 14.50
CA GLY H 291 -16.92 28.71 15.92
C GLY H 291 -16.25 27.57 16.66
N ARG H 292 -15.53 26.74 15.90
CA ARG H 292 -14.88 25.57 16.47
C ARG H 292 -13.71 25.15 15.60
N VAL H 293 -13.85 25.31 14.29
CA VAL H 293 -12.83 24.85 13.36
C VAL H 293 -11.47 25.53 13.52
N GLY H 294 -11.42 26.65 14.26
CA GLY H 294 -10.16 27.35 14.51
C GLY H 294 -10.10 28.72 13.88
N GLY H 295 -11.22 29.18 13.35
CA GLY H 295 -11.30 30.54 12.85
C GLY H 295 -11.34 30.67 11.34
N LEU H 296 -11.66 31.88 10.88
CA LEU H 296 -11.82 32.17 9.47
C LEU H 296 -10.60 31.84 8.61
N LEU H 297 -9.41 32.19 9.10
CA LEU H 297 -8.19 31.92 8.34
C LEU H 297 -7.88 30.41 8.26
N GLU H 298 -8.11 29.71 9.38
CA GLU H 298 -7.90 28.28 9.38
C GLU H 298 -8.85 27.60 8.40
N ALA H 299 -10.08 28.13 8.30
CA ALA H 299 -11.09 27.59 7.41
C ALA H 299 -10.71 27.80 5.94
N LYS H 300 -10.11 28.95 5.64
CA LYS H 300 -9.58 29.16 4.30
C LYS H 300 -8.57 28.08 3.99
N LYS H 301 -7.59 27.90 4.87
CA LYS H 301 -6.54 26.91 4.67
C LYS H 301 -7.12 25.53 4.46
N ILE H 302 -8.18 25.21 5.22
CA ILE H 302 -8.83 23.91 5.06
C ILE H 302 -9.52 23.77 3.70
N ALA H 303 -10.29 24.78 3.30
CA ALA H 303 -10.98 24.74 2.00
C ALA H 303 -10.00 24.61 0.84
N ALA H 304 -8.87 25.31 0.95
CA ALA H 304 -7.80 25.21 -0.03
C ALA H 304 -7.33 23.78 -0.14
N MET H 305 -7.13 23.13 1.00
CA MET H 305 -6.74 21.73 1.01
C MET H 305 -7.77 20.89 0.28
N ALA H 306 -9.04 21.18 0.51
CA ALA H 306 -10.12 20.45 -0.13
C ALA H 306 -10.08 20.58 -1.64
N GLU H 307 -9.47 21.66 -2.12
CA GLU H 307 -9.37 21.90 -3.56
C GLU H 307 -8.40 20.88 -4.16
N CYS H 308 -7.60 20.26 -3.32
CA CYS H 308 -6.56 19.37 -3.78
C CYS H 308 -7.00 17.91 -3.74
N HIS H 309 -8.22 17.67 -3.26
CA HIS H 309 -8.72 16.30 -3.12
C HIS H 309 -10.16 16.10 -3.62
N SER H 310 -10.57 16.98 -4.53
CA SER H 310 -11.94 16.95 -5.08
C SER H 310 -12.96 17.00 -3.96
N ALA H 311 -12.64 17.79 -2.94
CA ALA H 311 -13.54 17.99 -1.83
C ALA H 311 -14.15 19.40 -1.90
N GLN H 312 -15.40 19.52 -1.44
CA GLN H 312 -16.07 20.82 -1.34
C GLN H 312 -16.31 21.19 0.12
N ILE H 313 -16.61 22.47 0.37
CA ILE H 313 -17.04 22.88 1.70
C ILE H 313 -18.55 23.13 1.76
N ALA H 314 -19.11 22.85 2.93
CA ALA H 314 -20.51 23.15 3.23
C ALA H 314 -20.59 23.40 4.72
N PRO H 315 -20.34 24.66 5.11
CA PRO H 315 -20.10 25.08 6.49
C PRO H 315 -21.27 24.75 7.41
N HIS H 316 -20.92 24.30 8.60
CA HIS H 316 -21.90 23.87 9.59
C HIS H 316 -22.59 25.06 10.23
N LEU H 317 -23.81 24.83 10.71
CA LEU H 317 -24.47 25.82 11.54
C LEU H 317 -25.51 25.20 12.46
N TYR H 318 -25.20 25.19 13.76
CA TYR H 318 -26.21 24.98 14.80
C TYR H 318 -25.88 25.81 16.03
N CYS H 319 -25.71 27.11 15.79
CA CYS H 319 -25.45 28.09 16.82
C CYS H 319 -25.92 29.47 16.33
N GLY H 320 -25.49 30.53 17.00
CA GLY H 320 -25.98 31.87 16.69
C GLY H 320 -25.61 32.45 15.33
N PRO H 321 -26.12 33.66 15.04
CA PRO H 321 -25.98 34.36 13.75
C PRO H 321 -24.57 34.89 13.46
N LEU H 322 -23.70 34.89 14.45
CA LEU H 322 -22.34 35.39 14.25
C LEU H 322 -21.45 34.32 13.64
N VAL H 323 -21.66 33.07 14.03
CA VAL H 323 -21.05 31.97 13.29
C VAL H 323 -21.60 32.00 11.86
N ALA H 324 -22.86 32.38 11.73
CA ALA H 324 -23.49 32.48 10.41
C ALA H 324 -22.83 33.54 9.52
N LEU H 325 -22.39 34.66 10.10
CA LEU H 325 -21.61 35.63 9.33
C LEU H 325 -20.29 35.04 8.87
N ALA H 326 -19.53 34.51 9.83
CA ALA H 326 -18.25 33.86 9.54
C ALA H 326 -18.35 32.81 8.44
N ASN H 327 -19.37 31.96 8.53
CA ASN H 327 -19.64 30.96 7.50
C ASN H 327 -19.89 31.60 6.14
N ILE H 328 -20.69 32.66 6.11
CA ILE H 328 -21.01 33.35 4.86
C ILE H 328 -19.74 33.96 4.28
N GLN H 329 -18.89 34.47 5.18
CA GLN H 329 -17.63 35.09 4.79
C GLN H 329 -16.73 34.11 4.07
N LEU H 330 -16.52 32.95 4.70
CA LEU H 330 -15.74 31.88 4.09
C LEU H 330 -16.31 31.47 2.74
N ALA H 331 -17.59 31.13 2.74
CA ALA H 331 -18.28 30.70 1.53
C ALA H 331 -18.14 31.66 0.35
N THR H 332 -18.18 32.95 0.62
CA THR H 332 -18.22 33.94 -0.45
C THR H 332 -16.95 33.91 -1.31
N CYS H 333 -15.84 33.51 -0.71
CA CYS H 333 -14.57 33.58 -1.42
C CYS H 333 -14.01 32.18 -1.75
N SER H 334 -14.81 31.14 -1.49
CA SER H 334 -14.37 29.78 -1.73
C SER H 334 -14.94 29.26 -3.04
N PRO H 335 -14.07 28.86 -3.98
CA PRO H 335 -14.52 28.35 -5.28
C PRO H 335 -15.08 26.93 -5.20
N ASN H 336 -14.67 26.18 -4.17
CA ASN H 336 -15.27 24.88 -3.96
C ASN H 336 -16.40 24.88 -2.94
N PHE H 337 -17.17 25.97 -2.92
CA PHE H 337 -18.34 26.08 -2.05
C PHE H 337 -19.50 25.30 -2.66
N LEU H 338 -20.25 24.60 -1.82
CA LEU H 338 -21.36 23.77 -2.30
C LEU H 338 -22.69 24.32 -1.86
N VAL H 339 -22.90 24.31 -0.55
CA VAL H 339 -24.16 24.72 0.03
C VAL H 339 -23.94 25.25 1.45
N LEU H 340 -24.74 26.21 1.87
CA LEU H 340 -24.60 26.78 3.20
C LEU H 340 -25.83 26.49 4.07
N GLU H 341 -25.59 25.97 5.26
CA GLU H 341 -26.66 25.65 6.21
C GLU H 341 -27.37 26.92 6.69
N SER H 342 -28.69 26.88 6.79
CA SER H 342 -29.46 28.05 7.22
C SER H 342 -30.46 27.70 8.31
N ILE H 343 -31.34 28.65 8.62
CA ILE H 343 -32.41 28.43 9.59
C ILE H 343 -33.78 28.91 9.06
N GLY H 348 -36.03 34.88 12.73
CA GLY H 348 -36.78 35.43 13.86
C GLY H 348 -35.90 36.16 14.87
N PHE H 349 -35.44 35.43 15.88
CA PHE H 349 -34.52 36.00 16.87
C PHE H 349 -33.16 36.26 16.23
N PHE H 350 -32.84 35.50 15.19
CA PHE H 350 -31.58 35.67 14.48
C PHE H 350 -31.49 37.04 13.82
N ALA H 351 -32.63 37.58 13.40
CA ALA H 351 -32.67 38.87 12.70
C ALA H 351 -32.48 40.05 13.66
N GLU H 352 -33.06 39.92 14.85
CA GLU H 352 -32.96 40.97 15.87
C GLU H 352 -31.52 41.24 16.28
N LEU H 353 -30.79 40.16 16.54
CA LEU H 353 -29.44 40.22 17.09
C LEU H 353 -28.43 40.96 16.23
N LEU H 354 -28.85 41.43 15.07
CA LEU H 354 -27.92 42.13 14.18
C LEU H 354 -28.38 43.55 13.83
N THR H 355 -27.40 44.44 13.64
CA THR H 355 -27.63 45.80 13.19
C THR H 355 -28.50 45.80 11.95
N THR H 356 -28.12 44.95 11.00
CA THR H 356 -28.89 44.70 9.78
C THR H 356 -29.00 43.19 9.68
N PRO H 357 -30.19 42.68 9.31
CA PRO H 357 -30.38 41.21 9.30
C PRO H 357 -29.73 40.57 8.06
N ILE H 358 -29.50 39.26 8.13
CA ILE H 358 -28.95 38.56 6.97
C ILE H 358 -29.95 38.51 5.83
N ARG H 359 -29.45 38.75 4.62
CA ARG H 359 -30.29 38.85 3.43
C ARG H 359 -30.54 37.47 2.78
N TRP H 360 -31.81 37.04 2.78
CA TRP H 360 -32.25 35.76 2.19
C TRP H 360 -33.29 35.98 1.08
N GLU H 361 -33.06 35.39 -0.09
CA GLU H 361 -33.97 35.56 -1.22
C GLU H 361 -34.08 34.29 -2.04
N ASN H 362 -35.28 33.73 -2.12
CA ASN H 362 -35.56 32.57 -2.98
C ASN H 362 -34.51 31.46 -2.93
N GLY H 363 -34.05 31.15 -1.72
CA GLY H 363 -33.15 30.03 -1.52
C GLY H 363 -31.67 30.35 -1.57
N TYR H 364 -31.33 31.64 -1.51
CA TYR H 364 -29.93 32.04 -1.45
C TYR H 364 -29.69 33.11 -0.40
N ILE H 365 -28.53 33.03 0.26
CA ILE H 365 -28.07 34.12 1.10
C ILE H 365 -27.35 35.12 0.21
N ILE H 366 -27.67 36.39 0.38
CA ILE H 366 -26.93 37.42 -0.32
C ILE H 366 -25.91 38.06 0.62
N PRO H 367 -24.61 37.86 0.33
CA PRO H 367 -23.51 38.36 1.16
C PRO H 367 -23.57 39.88 1.29
N SER H 368 -23.26 40.38 2.49
CA SER H 368 -23.11 41.80 2.72
C SER H 368 -21.87 42.36 2.03
N GLN H 369 -21.90 43.65 1.75
CA GLN H 369 -20.76 44.33 1.14
C GLN H 369 -20.15 45.30 2.16
N GLU H 370 -20.61 45.20 3.40
CA GLU H 370 -20.15 46.09 4.44
C GLU H 370 -18.87 45.50 5.01
N PRO H 371 -17.93 46.37 5.42
CA PRO H 371 -16.63 45.96 5.94
C PRO H 371 -16.73 44.96 7.11
N GLY H 372 -15.75 44.06 7.19
CA GLY H 372 -15.65 43.11 8.27
C GLY H 372 -16.40 41.80 8.06
N LEU H 373 -17.12 41.36 9.09
CA LEU H 373 -18.01 40.23 8.99
C LEU H 373 -19.29 40.62 8.27
N GLY H 374 -19.43 41.91 7.99
CA GLY H 374 -20.52 42.43 7.17
C GLY H 374 -21.69 42.93 8.00
N HIS H 375 -21.63 42.61 9.28
CA HIS H 375 -22.67 43.01 10.22
C HIS H 375 -22.06 43.50 11.54
N ASP H 376 -22.93 43.98 12.43
CA ASP H 376 -22.57 44.36 13.79
C ASP H 376 -23.56 43.70 14.74
N LEU H 377 -23.08 43.21 15.88
CA LEU H 377 -23.99 42.66 16.88
C LEU H 377 -24.81 43.78 17.56
N ASN H 378 -26.04 43.46 17.93
CA ASN H 378 -26.83 44.37 18.75
C ASN H 378 -26.57 44.03 20.21
N GLU H 379 -25.73 44.83 20.87
CA GLU H 379 -25.31 44.49 22.21
C GLU H 379 -26.47 44.55 23.20
N ASP H 380 -27.46 45.39 22.89
CA ASP H 380 -28.59 45.55 23.80
C ASP H 380 -29.52 44.34 23.82
N VAL H 381 -29.94 43.90 22.64
CA VAL H 381 -30.76 42.68 22.52
C VAL H 381 -30.09 41.48 23.21
N ALA H 382 -28.78 41.36 22.97
CA ALA H 382 -27.96 40.33 23.59
C ALA H 382 -28.15 40.22 25.11
N ARG H 383 -28.07 41.35 25.81
CA ARG H 383 -28.16 41.37 27.28
C ARG H 383 -29.58 41.15 27.77
N ALA H 384 -30.56 41.64 27.03
CA ALA H 384 -31.94 41.60 27.48
C ALA H 384 -32.54 40.21 27.32
N ASN H 385 -31.70 39.26 26.93
CA ASN H 385 -32.16 37.88 26.83
C ASN H 385 -31.08 36.88 27.17
N PRO H 386 -30.68 36.83 28.45
CA PRO H 386 -29.60 35.94 28.91
C PRO H 386 -30.09 34.50 29.15
N TYR H 387 -29.18 33.53 29.11
CA TYR H 387 -29.54 32.13 29.34
C TYR H 387 -29.74 31.80 30.82
N THR H 388 -30.87 31.17 31.11
CA THR H 388 -31.23 30.83 32.49
C THR H 388 -31.36 29.32 32.71
#